data_8Q5V
#
_entry.id   8Q5V
#
_cell.length_a   61.478
_cell.length_b   87.594
_cell.length_c   182.048
_cell.angle_alpha   93.98
_cell.angle_beta   98.58
_cell.angle_gamma   109.65
#
_symmetry.space_group_name_H-M   'P 1'
#
loop_
_entity.id
_entity.type
_entity.pdbx_description
1 polymer 'Nitrogenase iron protein 1'
2 non-polymer "ADENOSINE-5'-DIPHOSPHATE"
3 non-polymer 'MAGNESIUM ION'
4 non-polymer 'IRON/SULFUR CLUSTER'
5 non-polymer GLYCEROL
6 non-polymer 'CHLORIDE ION'
7 non-polymer 1,2-ETHANEDIOL
8 water water
#
_entity_poly.entity_id   1
_entity_poly.type   'polypeptide(L)'
_entity_poly.pdbx_seq_one_letter_code
;MSFDEIAPDAKKVAIYGKGGIGKSTTTQNTAAALAYFFDKKVMIHGCDPKADSTRMILHGKPQDTVMDVLREEGEEAVTL
EKVRKIGFKDILCVESGGPEPGVGCAGRGVITAVDMMRELEGYPDDLDNLFFDVLGDVVCGGFAMPLRDGLAQEIYIVTS
GEMMALYAANNIAKGILKYAEQSGVRLGGIICNARNVDGEKELMDEFCDKLGTKLIHYVPRDNIVQKAEFNKMTVIEFDP
ECNQAKEYRTLAKNIDENDELVKPTPMTMDELEELVVKYGLIDL
;
_entity_poly.pdbx_strand_id   A,B,C,D,E,F,G,H,J,K,L,M
#
# COMPACT_ATOMS: atom_id res chain seq x y z
N PHE A 3 -53.34 -30.62 60.94
CA PHE A 3 -52.31 -29.75 61.49
C PHE A 3 -51.99 -30.03 62.97
N ASP A 4 -52.88 -30.73 63.67
CA ASP A 4 -52.67 -31.07 65.08
C ASP A 4 -51.63 -32.19 65.26
N GLU A 5 -51.31 -32.94 64.18
CA GLU A 5 -50.33 -34.01 64.23
C GLU A 5 -48.89 -33.50 64.35
N ILE A 6 -48.62 -32.23 63.98
CA ILE A 6 -47.27 -31.70 64.10
C ILE A 6 -46.93 -31.56 65.58
N ALA A 7 -46.01 -32.40 66.11
CA ALA A 7 -45.60 -32.36 67.53
C ALA A 7 -46.80 -32.11 68.47
N PRO A 8 -47.64 -33.12 68.73
CA PRO A 8 -48.81 -32.88 69.57
C PRO A 8 -48.52 -32.52 71.02
N ASP A 9 -47.51 -33.16 71.64
CA ASP A 9 -47.16 -32.88 73.03
C ASP A 9 -46.24 -31.66 73.19
N ALA A 10 -46.00 -30.89 72.10
CA ALA A 10 -45.13 -29.72 72.17
C ALA A 10 -45.93 -28.41 72.19
N LYS A 11 -45.32 -27.38 72.79
CA LYS A 11 -45.94 -26.04 72.84
C LYS A 11 -45.51 -25.29 71.58
N LYS A 12 -46.42 -25.14 70.61
CA LYS A 12 -46.11 -24.48 69.35
C LYS A 12 -46.31 -22.97 69.49
N VAL A 13 -45.20 -22.22 69.42
CA VAL A 13 -45.21 -20.77 69.58
C VAL A 13 -44.63 -20.08 68.34
N ALA A 14 -45.11 -18.87 68.02
CA ALA A 14 -44.62 -18.08 66.89
C ALA A 14 -44.32 -16.67 67.36
N ILE A 15 -43.11 -16.18 67.09
CA ILE A 15 -42.67 -14.85 67.49
C ILE A 15 -42.78 -13.89 66.31
N TYR A 16 -43.60 -12.84 66.44
CA TYR A 16 -43.80 -11.83 65.41
C TYR A 16 -43.25 -10.48 65.87
N GLY A 17 -43.05 -9.57 64.94
CA GLY A 17 -42.56 -8.23 65.27
C GLY A 17 -41.93 -7.50 64.12
N LYS A 18 -41.69 -6.20 64.31
CA LYS A 18 -41.08 -5.34 63.31
C LYS A 18 -39.66 -5.82 62.99
N GLY A 19 -39.17 -5.50 61.79
CA GLY A 19 -37.83 -5.89 61.40
C GLY A 19 -36.77 -5.27 62.27
N GLY A 20 -35.81 -6.08 62.71
CA GLY A 20 -34.71 -5.62 63.56
C GLY A 20 -35.12 -5.22 64.96
N ILE A 21 -36.31 -5.64 65.40
CA ILE A 21 -36.78 -5.30 66.75
C ILE A 21 -36.25 -6.28 67.83
N GLY A 22 -35.67 -7.40 67.41
CA GLY A 22 -35.10 -8.39 68.32
C GLY A 22 -35.93 -9.63 68.49
N LYS A 23 -36.39 -10.19 67.37
CA LYS A 23 -37.17 -11.46 67.41
C LYS A 23 -36.18 -12.63 67.35
N SER A 24 -35.24 -12.59 66.41
CA SER A 24 -34.25 -13.66 66.27
C SER A 24 -33.43 -13.80 67.56
N THR A 25 -33.08 -12.68 68.21
CA THR A 25 -32.31 -12.70 69.45
C THR A 25 -33.17 -13.29 70.57
N THR A 26 -34.41 -12.83 70.71
CA THR A 26 -35.29 -13.35 71.74
C THR A 26 -35.61 -14.83 71.50
N THR A 27 -36.02 -15.21 70.28
CA THR A 27 -36.35 -16.59 69.97
C THR A 27 -35.19 -17.55 70.27
N GLN A 28 -33.97 -17.20 69.85
CA GLN A 28 -32.81 -18.06 70.08
C GLN A 28 -32.46 -18.19 71.56
N ASN A 29 -32.41 -17.08 72.30
CA ASN A 29 -32.09 -17.11 73.72
C ASN A 29 -33.17 -17.78 74.55
N THR A 30 -34.46 -17.69 74.13
CA THR A 30 -35.53 -18.35 74.88
C THR A 30 -35.43 -19.85 74.66
N ALA A 31 -35.16 -20.29 73.41
CA ALA A 31 -35.01 -21.70 73.12
C ALA A 31 -33.78 -22.26 73.84
N ALA A 32 -32.69 -21.48 73.90
CA ALA A 32 -31.46 -21.90 74.56
C ALA A 32 -31.69 -22.04 76.07
N ALA A 33 -32.50 -21.15 76.67
CA ALA A 33 -32.81 -21.21 78.09
C ALA A 33 -33.65 -22.43 78.40
N LEU A 34 -34.62 -22.75 77.54
CA LEU A 34 -35.48 -23.92 77.74
C LEU A 34 -34.67 -25.22 77.62
N ALA A 35 -33.67 -25.26 76.73
CA ALA A 35 -32.84 -26.45 76.53
C ALA A 35 -31.75 -26.61 77.59
N TYR A 36 -31.03 -25.53 77.92
CA TYR A 36 -29.94 -25.58 78.90
C TYR A 36 -30.44 -25.63 80.35
N PHE A 37 -31.41 -24.79 80.70
CA PHE A 37 -31.92 -24.74 82.07
C PHE A 37 -33.06 -25.72 82.39
N PHE A 38 -34.04 -25.89 81.48
CA PHE A 38 -35.16 -26.80 81.76
C PHE A 38 -35.12 -28.12 80.99
N ASP A 39 -33.99 -28.44 80.35
CA ASP A 39 -33.80 -29.70 79.60
C ASP A 39 -34.98 -30.03 78.68
N LYS A 40 -35.39 -29.08 77.84
CA LYS A 40 -36.48 -29.27 76.91
C LYS A 40 -35.94 -29.47 75.50
N LYS A 41 -36.59 -30.34 74.72
CA LYS A 41 -36.18 -30.58 73.34
C LYS A 41 -36.85 -29.47 72.53
N VAL A 42 -36.08 -28.50 72.02
CA VAL A 42 -36.63 -27.36 71.28
C VAL A 42 -36.21 -27.36 69.81
N MET A 43 -37.01 -26.72 68.95
CA MET A 43 -36.73 -26.59 67.52
C MET A 43 -37.13 -25.20 67.07
N ILE A 44 -36.32 -24.59 66.20
CA ILE A 44 -36.59 -23.25 65.68
C ILE A 44 -36.77 -23.32 64.17
N HIS A 45 -37.85 -22.71 63.67
CA HIS A 45 -38.11 -22.65 62.23
C HIS A 45 -38.14 -21.18 61.84
N GLY A 46 -37.06 -20.73 61.23
CA GLY A 46 -36.95 -19.35 60.79
C GLY A 46 -37.85 -19.03 59.61
N CYS A 47 -38.85 -18.19 59.84
CA CYS A 47 -39.80 -17.79 58.80
C CYS A 47 -39.57 -16.30 58.47
N ASP A 48 -38.29 -15.89 58.38
CA ASP A 48 -37.91 -14.51 58.07
C ASP A 48 -36.96 -14.56 56.86
N PRO A 49 -37.21 -13.77 55.80
CA PRO A 49 -36.31 -13.83 54.63
C PRO A 49 -34.87 -13.41 54.92
N LYS A 50 -34.56 -12.86 56.12
CA LYS A 50 -33.20 -12.47 56.45
C LYS A 50 -32.28 -13.70 56.56
N ALA A 51 -32.85 -14.87 56.94
CA ALA A 51 -32.14 -16.14 57.05
C ALA A 51 -31.04 -16.20 58.11
N ASP A 52 -31.24 -15.54 59.24
CA ASP A 52 -30.27 -15.55 60.34
C ASP A 52 -30.95 -15.79 61.70
N SER A 53 -32.14 -16.41 61.69
CA SER A 53 -32.89 -16.69 62.90
C SER A 53 -32.29 -17.84 63.72
N THR A 54 -31.41 -18.66 63.12
CA THR A 54 -30.76 -19.78 63.81
C THR A 54 -29.21 -19.67 63.75
N ARG A 55 -28.69 -18.46 63.58
CA ARG A 55 -27.24 -18.25 63.47
C ARG A 55 -26.46 -18.52 64.76
N MET A 56 -26.92 -18.01 65.90
CA MET A 56 -26.10 -18.15 67.13
C MET A 56 -26.28 -19.55 67.73
N ILE A 57 -27.42 -20.21 67.50
CA ILE A 57 -27.59 -21.62 67.99
C ILE A 57 -26.70 -22.54 67.14
N LEU A 58 -26.47 -22.18 65.88
CA LEU A 58 -25.62 -23.00 64.97
C LEU A 58 -24.19 -22.46 65.01
N HIS A 59 -23.91 -21.52 65.91
CA HIS A 59 -22.51 -21.00 66.09
C HIS A 59 -21.96 -20.19 64.91
N GLY A 60 -22.67 -19.12 64.53
CA GLY A 60 -22.17 -18.22 63.46
C GLY A 60 -22.06 -19.01 62.17
N LYS A 61 -22.98 -19.95 61.94
CA LYS A 61 -22.98 -20.75 60.69
C LYS A 61 -24.31 -20.52 59.98
N PRO A 62 -24.45 -19.51 59.10
CA PRO A 62 -25.73 -19.22 58.45
C PRO A 62 -26.31 -20.53 57.92
N GLN A 63 -27.58 -20.83 58.26
CA GLN A 63 -28.19 -22.11 57.86
C GLN A 63 -28.66 -22.04 56.41
N ASP A 64 -28.13 -22.91 55.54
CA ASP A 64 -28.62 -22.97 54.14
C ASP A 64 -30.13 -23.03 54.19
N THR A 65 -30.81 -22.05 53.60
CA THR A 65 -32.27 -22.04 53.69
C THR A 65 -32.85 -23.14 52.79
N VAL A 66 -34.12 -23.49 53.03
CA VAL A 66 -34.82 -24.50 52.24
C VAL A 66 -34.92 -24.00 50.80
N MET A 67 -35.24 -22.71 50.61
CA MET A 67 -35.37 -22.11 49.29
C MET A 67 -34.03 -22.15 48.54
N ASP A 68 -32.91 -21.90 49.24
CA ASP A 68 -31.58 -21.92 48.62
C ASP A 68 -31.24 -23.33 48.13
N VAL A 69 -31.51 -24.36 48.94
CA VAL A 69 -31.22 -25.74 48.56
C VAL A 69 -32.13 -26.18 47.41
N LEU A 70 -33.43 -25.89 47.54
CA LEU A 70 -34.40 -26.27 46.52
C LEU A 70 -34.10 -25.60 45.18
N ARG A 71 -33.76 -24.31 45.19
CA ARG A 71 -33.47 -23.56 43.97
C ARG A 71 -32.30 -24.12 43.16
N GLU A 72 -31.15 -24.37 43.81
CA GLU A 72 -29.97 -24.87 43.11
C GLU A 72 -29.88 -26.38 42.96
N GLU A 73 -30.15 -27.13 44.03
CA GLU A 73 -30.02 -28.58 44.02
C GLU A 73 -31.23 -29.33 43.42
N GLY A 74 -32.45 -28.91 43.75
CA GLY A 74 -33.67 -29.54 43.26
C GLY A 74 -34.55 -30.09 44.37
N GLU A 75 -35.77 -30.52 44.02
CA GLU A 75 -36.73 -31.06 44.99
C GLU A 75 -36.24 -32.39 45.59
N GLU A 76 -35.78 -33.32 44.76
CA GLU A 76 -35.29 -34.62 45.23
C GLU A 76 -34.06 -34.47 46.14
N ALA A 77 -33.26 -33.41 45.93
CA ALA A 77 -32.05 -33.17 46.72
C ALA A 77 -32.31 -32.56 48.10
N VAL A 78 -33.54 -32.12 48.40
CA VAL A 78 -33.81 -31.54 49.73
C VAL A 78 -33.94 -32.68 50.74
N THR A 79 -32.99 -32.76 51.69
CA THR A 79 -33.00 -33.82 52.71
C THR A 79 -33.00 -33.19 54.11
N LEU A 80 -33.52 -33.93 55.10
CA LEU A 80 -33.58 -33.45 56.49
C LEU A 80 -32.19 -33.19 57.05
N GLU A 81 -31.21 -33.99 56.64
CA GLU A 81 -29.84 -33.83 57.13
C GLU A 81 -29.25 -32.50 56.64
N LYS A 82 -29.59 -32.09 55.41
CA LYS A 82 -29.09 -30.84 54.84
C LYS A 82 -29.79 -29.58 55.37
N VAL A 83 -31.13 -29.53 55.30
CA VAL A 83 -31.89 -28.35 55.73
C VAL A 83 -32.04 -28.21 57.25
N ARG A 84 -32.15 -29.34 57.95
CA ARG A 84 -32.32 -29.34 59.41
C ARG A 84 -31.00 -29.69 60.09
N LYS A 85 -30.36 -28.70 60.74
CA LYS A 85 -29.09 -28.89 61.43
C LYS A 85 -29.28 -28.81 62.95
N ILE A 86 -28.36 -29.43 63.70
CA ILE A 86 -28.42 -29.45 65.17
C ILE A 86 -27.44 -28.42 65.73
N GLY A 87 -27.85 -27.72 66.79
CA GLY A 87 -27.01 -26.71 67.41
C GLY A 87 -26.88 -26.90 68.91
N PHE A 88 -26.71 -25.78 69.64
CA PHE A 88 -26.57 -25.77 71.10
C PHE A 88 -27.63 -26.61 71.80
N LYS A 89 -27.22 -27.42 72.79
CA LYS A 89 -28.17 -28.32 73.52
C LYS A 89 -29.14 -28.99 72.54
N ASP A 90 -28.61 -29.71 71.55
CA ASP A 90 -29.42 -30.46 70.60
C ASP A 90 -30.67 -29.71 70.09
N ILE A 91 -30.57 -28.38 69.87
CA ILE A 91 -31.71 -27.61 69.37
C ILE A 91 -31.74 -27.76 67.85
N LEU A 92 -32.87 -28.24 67.31
CA LEU A 92 -33.03 -28.42 65.86
C LEU A 92 -33.27 -27.08 65.20
N CYS A 93 -32.65 -26.84 64.03
CA CYS A 93 -32.77 -25.57 63.33
C CYS A 93 -33.15 -25.74 61.87
N VAL A 94 -34.09 -24.91 61.40
CA VAL A 94 -34.54 -24.93 60.01
C VAL A 94 -34.74 -23.47 59.58
N GLU A 95 -34.35 -23.13 58.35
CA GLU A 95 -34.51 -21.77 57.85
C GLU A 95 -35.29 -21.82 56.54
N SER A 96 -36.43 -21.14 56.46
CA SER A 96 -37.25 -21.13 55.27
C SER A 96 -36.62 -20.33 54.13
N GLY A 97 -36.17 -19.12 54.44
CA GLY A 97 -35.58 -18.25 53.43
C GLY A 97 -36.69 -17.61 52.61
N GLY A 98 -36.41 -17.38 51.34
CA GLY A 98 -37.40 -16.77 50.45
C GLY A 98 -36.87 -16.52 49.06
N PRO A 99 -37.72 -16.11 48.11
CA PRO A 99 -37.22 -15.80 46.77
C PRO A 99 -36.36 -14.53 46.81
N GLU A 100 -35.53 -14.31 45.80
CA GLU A 100 -34.69 -13.10 45.78
C GLU A 100 -35.58 -11.86 45.69
N PRO A 101 -35.22 -10.71 46.31
CA PRO A 101 -36.09 -9.52 46.23
C PRO A 101 -36.61 -9.20 44.84
N GLY A 102 -37.93 -9.06 44.74
CA GLY A 102 -38.61 -8.74 43.48
C GLY A 102 -39.08 -9.95 42.69
N VAL A 103 -38.46 -11.13 42.90
CA VAL A 103 -38.82 -12.34 42.16
C VAL A 103 -40.32 -12.70 42.31
N GLY A 104 -40.76 -12.85 43.55
CA GLY A 104 -42.15 -13.19 43.83
C GLY A 104 -42.54 -12.91 45.27
N CYS A 105 -43.65 -13.50 45.71
CA CYS A 105 -44.12 -13.31 47.11
C CYS A 105 -42.98 -13.60 48.08
N ALA A 106 -42.68 -12.63 48.97
CA ALA A 106 -41.62 -12.82 49.97
C ALA A 106 -41.92 -13.96 50.94
N GLY A 107 -43.19 -14.18 51.23
CA GLY A 107 -43.61 -15.24 52.15
C GLY A 107 -43.65 -16.63 51.54
N ARG A 108 -43.45 -16.74 50.22
CA ARG A 108 -43.53 -18.06 49.55
C ARG A 108 -42.58 -19.03 50.27
N GLY A 109 -41.37 -18.57 50.61
CA GLY A 109 -40.38 -19.43 51.25
C GLY A 109 -40.90 -20.14 52.48
N VAL A 110 -41.84 -19.52 53.19
CA VAL A 110 -42.43 -20.09 54.39
C VAL A 110 -43.41 -21.20 53.99
N ILE A 111 -44.20 -20.99 52.93
CA ILE A 111 -45.16 -22.00 52.49
C ILE A 111 -44.42 -23.28 52.08
N THR A 112 -43.41 -23.17 51.20
CA THR A 112 -42.67 -24.33 50.74
C THR A 112 -41.92 -25.04 51.87
N ALA A 113 -41.23 -24.29 52.77
CA ALA A 113 -40.48 -24.93 53.86
C ALA A 113 -41.37 -25.67 54.85
N VAL A 114 -42.52 -25.11 55.22
CA VAL A 114 -43.43 -25.76 56.16
C VAL A 114 -44.03 -27.00 55.51
N ASP A 115 -44.51 -26.88 54.26
CA ASP A 115 -45.10 -28.02 53.55
C ASP A 115 -44.07 -29.13 53.37
N MET A 116 -42.82 -28.79 53.03
CA MET A 116 -41.77 -29.80 52.83
C MET A 116 -41.39 -30.44 54.16
N MET A 117 -41.37 -29.65 55.25
CA MET A 117 -41.04 -30.18 56.57
C MET A 117 -42.10 -31.19 57.05
N ARG A 118 -43.34 -31.07 56.56
CA ARG A 118 -44.40 -32.00 56.93
C ARG A 118 -44.24 -33.29 56.13
N GLU A 119 -44.00 -33.17 54.81
CA GLU A 119 -43.81 -34.32 53.94
C GLU A 119 -42.54 -35.09 54.31
N LEU A 120 -41.52 -34.41 54.85
CA LEU A 120 -40.27 -35.05 55.27
C LEU A 120 -40.28 -35.44 56.76
N GLU A 121 -41.33 -35.09 57.50
CA GLU A 121 -41.45 -35.42 58.92
C GLU A 121 -40.29 -34.83 59.72
N GLY A 122 -40.07 -33.52 59.56
CA GLY A 122 -38.99 -32.83 60.25
C GLY A 122 -39.34 -32.31 61.63
N TYR A 123 -40.62 -32.37 62.02
CA TYR A 123 -41.03 -31.91 63.34
C TYR A 123 -41.18 -33.14 64.25
N PRO A 124 -40.16 -33.48 65.07
CA PRO A 124 -40.29 -34.68 65.91
C PRO A 124 -41.49 -34.67 66.84
N ASP A 125 -42.06 -35.85 67.08
CA ASP A 125 -43.22 -35.99 67.96
C ASP A 125 -42.82 -35.72 69.41
N ASP A 126 -41.60 -36.15 69.80
CA ASP A 126 -41.10 -35.97 71.16
C ASP A 126 -40.65 -34.54 71.48
N LEU A 127 -40.99 -33.56 70.62
CA LEU A 127 -40.59 -32.17 70.88
C LEU A 127 -41.33 -31.62 72.09
N ASP A 128 -40.70 -30.67 72.78
CA ASP A 128 -41.31 -30.03 73.94
C ASP A 128 -41.77 -28.62 73.55
N ASN A 129 -40.95 -27.90 72.77
CA ASN A 129 -41.27 -26.55 72.32
C ASN A 129 -40.85 -26.36 70.88
N LEU A 130 -41.69 -25.68 70.08
CA LEU A 130 -41.40 -25.40 68.68
C LEU A 130 -41.61 -23.91 68.47
N PHE A 131 -40.61 -23.21 67.93
CA PHE A 131 -40.70 -21.77 67.71
C PHE A 131 -40.67 -21.42 66.22
N PHE A 132 -41.41 -20.38 65.86
CA PHE A 132 -41.48 -19.88 64.48
C PHE A 132 -41.14 -18.39 64.50
N ASP A 133 -39.92 -18.04 64.07
CA ASP A 133 -39.50 -16.63 64.03
C ASP A 133 -40.07 -16.06 62.73
N VAL A 134 -41.22 -15.35 62.79
CA VAL A 134 -41.84 -14.82 61.57
C VAL A 134 -41.69 -13.30 61.39
N LEU A 135 -41.62 -12.87 60.12
CA LEU A 135 -41.52 -11.46 59.75
C LEU A 135 -42.86 -10.80 60.05
N GLY A 136 -42.84 -9.66 60.74
CA GLY A 136 -44.07 -8.95 61.12
C GLY A 136 -44.31 -7.60 60.47
N ASP A 137 -43.47 -7.21 59.51
CA ASP A 137 -43.63 -5.92 58.83
C ASP A 137 -44.90 -5.94 57.96
N VAL A 138 -45.26 -7.11 57.41
CA VAL A 138 -46.47 -7.31 56.61
C VAL A 138 -47.07 -8.64 57.07
N VAL A 139 -48.39 -8.68 57.26
CA VAL A 139 -49.07 -9.90 57.68
C VAL A 139 -49.84 -10.43 56.49
N CYS A 140 -49.16 -11.24 55.67
CA CYS A 140 -49.81 -11.77 54.47
C CYS A 140 -49.01 -12.92 53.88
N GLY A 141 -49.65 -13.73 53.06
CA GLY A 141 -49.01 -14.87 52.41
C GLY A 141 -48.41 -15.84 53.39
N GLY A 142 -47.16 -16.20 53.18
CA GLY A 142 -46.46 -17.13 54.04
C GLY A 142 -46.27 -16.61 55.46
N PHE A 143 -46.17 -15.29 55.62
CA PHE A 143 -46.00 -14.69 56.94
C PHE A 143 -47.28 -14.78 57.78
N ALA A 144 -48.45 -14.91 57.12
CA ALA A 144 -49.72 -15.07 57.83
C ALA A 144 -50.09 -16.56 58.00
N MET A 145 -49.36 -17.49 57.33
CA MET A 145 -49.65 -18.92 57.42
C MET A 145 -49.72 -19.45 58.86
N PRO A 146 -48.76 -19.15 59.77
CA PRO A 146 -48.89 -19.67 61.13
C PRO A 146 -50.20 -19.28 61.82
N LEU A 147 -50.82 -18.16 61.41
CA LEU A 147 -52.10 -17.73 61.99
C LEU A 147 -53.25 -18.38 61.23
N ARG A 148 -53.20 -18.33 59.90
CA ARG A 148 -54.22 -18.87 59.01
C ARG A 148 -54.39 -20.40 59.18
N ASP A 149 -53.28 -21.16 59.03
CA ASP A 149 -53.29 -22.61 59.13
C ASP A 149 -53.18 -23.14 60.58
N GLY A 150 -52.87 -22.28 61.53
CA GLY A 150 -52.76 -22.69 62.94
C GLY A 150 -51.55 -23.54 63.26
N LEU A 151 -50.37 -23.17 62.74
CA LEU A 151 -49.13 -23.91 63.02
C LEU A 151 -48.80 -23.74 64.49
N ALA A 152 -48.93 -22.50 64.99
CA ALA A 152 -48.64 -22.18 66.39
C ALA A 152 -49.92 -21.65 67.03
N GLN A 153 -50.24 -22.13 68.23
CA GLN A 153 -51.44 -21.68 68.93
C GLN A 153 -51.14 -20.45 69.77
N GLU A 154 -49.91 -20.33 70.33
CA GLU A 154 -49.54 -19.18 71.15
C GLU A 154 -48.67 -18.23 70.34
N ILE A 155 -49.06 -16.95 70.28
CA ILE A 155 -48.32 -15.96 69.53
C ILE A 155 -47.76 -14.91 70.48
N TYR A 156 -46.51 -14.52 70.29
CA TYR A 156 -45.89 -13.50 71.13
C TYR A 156 -45.30 -12.43 70.22
N ILE A 157 -45.58 -11.15 70.49
CA ILE A 157 -45.08 -10.06 69.63
C ILE A 157 -44.03 -9.21 70.33
N VAL A 158 -42.77 -9.38 69.91
CA VAL A 158 -41.65 -8.54 70.43
C VAL A 158 -41.84 -7.12 69.91
N THR A 159 -41.72 -6.13 70.79
CA THR A 159 -41.80 -4.75 70.33
C THR A 159 -41.08 -3.81 71.29
N SER A 160 -40.59 -2.67 70.77
CA SER A 160 -39.92 -1.65 71.56
C SER A 160 -40.91 -0.48 71.73
N GLY A 161 -40.48 0.61 72.36
CA GLY A 161 -41.34 1.77 72.59
C GLY A 161 -41.62 2.62 71.37
N GLU A 162 -40.74 2.59 70.35
CA GLU A 162 -40.94 3.41 69.15
C GLU A 162 -42.28 3.16 68.47
N MET A 163 -42.83 4.21 67.86
CA MET A 163 -44.14 4.22 67.21
C MET A 163 -44.30 3.11 66.19
N MET A 164 -43.33 2.95 65.30
CA MET A 164 -43.40 1.94 64.26
C MET A 164 -43.46 0.52 64.84
N ALA A 165 -42.73 0.26 65.91
CA ALA A 165 -42.73 -1.06 66.54
C ALA A 165 -44.11 -1.36 67.12
N LEU A 166 -44.76 -0.34 67.68
CA LEU A 166 -46.12 -0.53 68.27
C LEU A 166 -47.14 -0.66 67.13
N TYR A 167 -46.96 0.08 66.04
CA TYR A 167 -47.87 0.03 64.90
C TYR A 167 -47.86 -1.38 64.32
N ALA A 168 -46.66 -1.95 64.11
CA ALA A 168 -46.52 -3.30 63.58
C ALA A 168 -47.17 -4.31 64.53
N ALA A 169 -46.95 -4.14 65.85
CA ALA A 169 -47.54 -5.01 66.86
C ALA A 169 -49.07 -4.94 66.80
N ASN A 170 -49.63 -3.74 66.63
CA ASN A 170 -51.07 -3.57 66.55
C ASN A 170 -51.62 -4.26 65.29
N ASN A 171 -50.89 -4.19 64.17
CA ASN A 171 -51.32 -4.85 62.93
C ASN A 171 -51.26 -6.36 63.10
N ILE A 172 -50.25 -6.88 63.81
CA ILE A 172 -50.14 -8.32 64.05
C ILE A 172 -51.34 -8.77 64.88
N ALA A 173 -51.75 -7.97 65.87
CA ALA A 173 -52.92 -8.26 66.71
C ALA A 173 -54.18 -8.36 65.84
N LYS A 174 -54.29 -7.49 64.81
CA LYS A 174 -55.44 -7.51 63.89
C LYS A 174 -55.48 -8.84 63.13
N GLY A 175 -54.30 -9.31 62.71
CA GLY A 175 -54.18 -10.58 61.99
C GLY A 175 -54.50 -11.77 62.88
N ILE A 176 -54.14 -11.68 64.17
CA ILE A 176 -54.42 -12.75 65.13
C ILE A 176 -55.94 -12.84 65.31
N LEU A 177 -56.60 -11.69 65.49
CA LEU A 177 -58.05 -11.63 65.67
C LEU A 177 -58.79 -12.20 64.46
N LYS A 178 -58.27 -11.93 63.25
CA LYS A 178 -58.85 -12.42 62.01
C LYS A 178 -58.95 -13.95 61.99
N TYR A 179 -57.89 -14.65 62.42
CA TYR A 179 -57.85 -16.12 62.43
C TYR A 179 -58.04 -16.75 63.81
N ALA A 180 -58.42 -15.97 64.83
CA ALA A 180 -58.59 -16.51 66.19
C ALA A 180 -59.68 -17.58 66.24
N GLU A 181 -60.84 -17.31 65.64
CA GLU A 181 -61.94 -18.26 65.63
C GLU A 181 -61.72 -19.35 64.58
N GLN A 182 -61.15 -18.97 63.43
CA GLN A 182 -60.88 -19.88 62.32
C GLN A 182 -59.89 -21.01 62.66
N SER A 183 -58.74 -20.69 63.27
CA SER A 183 -57.73 -21.72 63.58
C SER A 183 -57.37 -21.87 65.06
N GLY A 184 -58.14 -21.24 65.95
CA GLY A 184 -57.87 -21.32 67.38
C GLY A 184 -56.57 -20.68 67.81
N VAL A 185 -56.02 -19.78 66.98
CA VAL A 185 -54.77 -19.08 67.30
C VAL A 185 -55.08 -17.98 68.32
N ARG A 186 -54.15 -17.75 69.26
CA ARG A 186 -54.35 -16.75 70.31
C ARG A 186 -53.06 -15.99 70.60
N LEU A 187 -53.19 -14.79 71.18
CA LEU A 187 -52.05 -13.96 71.55
C LEU A 187 -51.67 -14.29 72.98
N GLY A 188 -50.50 -14.89 73.16
CA GLY A 188 -50.02 -15.27 74.48
C GLY A 188 -49.70 -14.06 75.32
N GLY A 189 -48.85 -13.19 74.78
CA GLY A 189 -48.44 -11.97 75.45
C GLY A 189 -47.58 -11.09 74.58
N ILE A 190 -47.12 -9.96 75.14
CA ILE A 190 -46.26 -9.02 74.43
C ILE A 190 -44.90 -9.00 75.11
N ILE A 191 -43.82 -9.21 74.34
CA ILE A 191 -42.46 -9.17 74.87
C ILE A 191 -41.92 -7.79 74.55
N CYS A 192 -41.33 -7.09 75.54
CA CYS A 192 -40.79 -5.76 75.28
C CYS A 192 -39.28 -5.79 75.23
N ASN A 193 -38.70 -5.75 74.03
CA ASN A 193 -37.25 -5.69 73.89
C ASN A 193 -36.91 -4.22 74.08
N ALA A 194 -36.72 -3.81 75.33
CA ALA A 194 -36.46 -2.42 75.71
C ALA A 194 -35.24 -1.80 75.04
N ARG A 195 -35.27 -0.47 74.91
CA ARG A 195 -34.16 0.31 74.33
C ARG A 195 -33.67 1.32 75.40
N ASN A 196 -33.77 0.97 76.69
CA ASN A 196 -33.34 1.79 77.82
C ASN A 196 -33.84 3.24 77.74
N VAL A 197 -35.16 3.42 77.88
CA VAL A 197 -35.80 4.73 77.84
C VAL A 197 -36.73 4.84 79.05
N ASP A 198 -36.74 6.00 79.71
CA ASP A 198 -37.58 6.21 80.88
C ASP A 198 -39.05 6.25 80.49
N GLY A 199 -39.89 5.52 81.23
CA GLY A 199 -41.32 5.47 80.96
C GLY A 199 -41.74 4.43 79.92
N GLU A 200 -40.77 3.70 79.36
CA GLU A 200 -41.06 2.68 78.35
C GLU A 200 -41.85 1.53 78.97
N LYS A 201 -41.42 1.08 80.17
CA LYS A 201 -42.06 0.01 80.92
C LYS A 201 -43.51 0.37 81.29
N GLU A 202 -43.79 1.67 81.51
CA GLU A 202 -45.13 2.14 81.84
C GLU A 202 -46.00 2.18 80.58
N LEU A 203 -45.39 2.60 79.45
CA LEU A 203 -46.08 2.70 78.16
C LEU A 203 -46.55 1.33 77.71
N MET A 204 -45.70 0.31 77.86
CA MET A 204 -46.02 -1.06 77.47
C MET A 204 -47.16 -1.64 78.32
N ASP A 205 -47.23 -1.26 79.61
CA ASP A 205 -48.29 -1.74 80.50
C ASP A 205 -49.65 -1.25 80.00
N GLU A 206 -49.73 0.02 79.58
CA GLU A 206 -50.98 0.59 79.08
C GLU A 206 -51.30 0.04 77.69
N PHE A 207 -50.28 -0.18 76.86
CA PHE A 207 -50.46 -0.72 75.51
C PHE A 207 -51.06 -2.12 75.60
N CYS A 208 -50.51 -2.98 76.47
CA CYS A 208 -51.02 -4.34 76.64
C CYS A 208 -52.42 -4.31 77.26
N ASP A 209 -52.66 -3.36 78.16
CA ASP A 209 -53.99 -3.26 78.82
C ASP A 209 -55.04 -2.95 77.75
N LYS A 210 -54.76 -1.99 76.87
CA LYS A 210 -55.70 -1.60 75.82
C LYS A 210 -55.91 -2.73 74.81
N LEU A 211 -54.86 -3.55 74.59
CA LEU A 211 -54.91 -4.70 73.63
C LEU A 211 -55.64 -5.88 74.26
N GLY A 212 -55.88 -5.85 75.59
CA GLY A 212 -56.51 -6.97 76.29
C GLY A 212 -55.56 -8.12 76.52
N THR A 213 -54.26 -7.84 76.63
CA THR A 213 -53.24 -8.86 76.85
C THR A 213 -52.30 -8.44 78.01
N LYS A 214 -51.25 -9.23 78.29
CA LYS A 214 -50.31 -8.95 79.38
C LYS A 214 -48.88 -8.79 78.88
N LEU A 215 -48.06 -8.06 79.64
CA LEU A 215 -46.64 -7.88 79.32
C LEU A 215 -45.95 -9.11 79.87
N ILE A 216 -45.69 -10.12 79.02
CA ILE A 216 -45.05 -11.35 79.46
C ILE A 216 -43.69 -11.09 80.10
N HIS A 217 -42.89 -10.15 79.54
CA HIS A 217 -41.59 -9.85 80.09
C HIS A 217 -40.99 -8.57 79.50
N TYR A 218 -40.15 -7.89 80.28
CA TYR A 218 -39.47 -6.67 79.87
C TYR A 218 -38.00 -7.04 79.69
N VAL A 219 -37.59 -7.37 78.46
CA VAL A 219 -36.21 -7.76 78.18
C VAL A 219 -35.36 -6.49 78.08
N PRO A 220 -34.39 -6.28 79.00
CA PRO A 220 -33.58 -5.05 78.91
C PRO A 220 -32.50 -5.10 77.82
N ARG A 221 -32.02 -3.91 77.39
CA ARG A 221 -30.98 -3.80 76.37
C ARG A 221 -29.62 -4.00 77.05
N ASP A 222 -28.90 -5.08 76.70
CA ASP A 222 -27.61 -5.40 77.33
C ASP A 222 -26.52 -5.63 76.31
N ASN A 223 -25.32 -5.06 76.56
CA ASN A 223 -24.17 -5.21 75.68
C ASN A 223 -23.67 -6.66 75.60
N ILE A 224 -23.97 -7.49 76.62
CA ILE A 224 -23.54 -8.89 76.60
C ILE A 224 -24.09 -9.64 75.38
N VAL A 225 -25.21 -9.18 74.81
CA VAL A 225 -25.80 -9.81 73.63
C VAL A 225 -24.79 -9.70 72.48
N GLN A 226 -24.26 -8.50 72.27
CA GLN A 226 -23.25 -8.29 71.19
C GLN A 226 -21.99 -9.09 71.52
N LYS A 227 -21.55 -9.04 72.78
CA LYS A 227 -20.33 -9.76 73.18
C LYS A 227 -20.46 -11.25 72.86
N ALA A 228 -21.62 -11.84 73.17
CA ALA A 228 -21.88 -13.24 72.90
C ALA A 228 -21.95 -13.48 71.39
N GLU A 229 -22.56 -12.53 70.64
CA GLU A 229 -22.68 -12.65 69.19
C GLU A 229 -21.31 -12.67 68.52
N PHE A 230 -20.41 -11.75 68.93
CA PHE A 230 -19.08 -11.69 68.34
C PHE A 230 -18.23 -12.93 68.64
N ASN A 231 -18.67 -13.78 69.58
CA ASN A 231 -17.97 -15.02 69.91
C ASN A 231 -18.75 -16.24 69.34
N LYS A 232 -19.57 -16.02 68.28
CA LYS A 232 -20.37 -17.05 67.62
C LYS A 232 -21.21 -17.86 68.62
N MET A 233 -21.93 -17.19 69.53
CA MET A 233 -22.73 -17.88 70.53
C MET A 233 -23.92 -17.06 71.04
N THR A 234 -24.83 -17.73 71.78
CA THR A 234 -26.02 -17.12 72.37
C THR A 234 -25.65 -16.63 73.79
N VAL A 235 -26.49 -15.79 74.41
CA VAL A 235 -26.17 -15.31 75.77
C VAL A 235 -26.16 -16.48 76.77
N ILE A 236 -27.11 -17.41 76.65
CA ILE A 236 -27.18 -18.56 77.56
C ILE A 236 -25.90 -19.42 77.43
N GLU A 237 -25.46 -19.71 76.21
CA GLU A 237 -24.26 -20.51 75.99
C GLU A 237 -22.99 -19.76 76.40
N PHE A 238 -22.96 -18.45 76.17
CA PHE A 238 -21.78 -17.64 76.50
C PHE A 238 -21.59 -17.50 78.01
N ASP A 239 -22.62 -17.04 78.73
CA ASP A 239 -22.52 -16.86 80.18
C ASP A 239 -23.91 -17.07 80.80
N PRO A 240 -24.25 -18.31 81.19
CA PRO A 240 -25.59 -18.53 81.79
C PRO A 240 -25.78 -17.92 83.17
N GLU A 241 -24.72 -17.32 83.74
CA GLU A 241 -24.78 -16.72 85.07
C GLU A 241 -24.99 -15.19 85.01
N CYS A 242 -24.87 -14.56 83.83
CA CYS A 242 -25.03 -13.11 83.72
C CYS A 242 -26.50 -12.70 83.91
N ASN A 243 -26.75 -11.43 84.24
CA ASN A 243 -28.12 -10.95 84.47
C ASN A 243 -29.00 -11.11 83.25
N GLN A 244 -28.48 -10.85 82.04
CA GLN A 244 -29.26 -10.99 80.81
C GLN A 244 -29.73 -12.44 80.61
N ALA A 245 -28.88 -13.42 80.95
CA ALA A 245 -29.26 -14.83 80.82
C ALA A 245 -30.41 -15.16 81.77
N LYS A 246 -30.39 -14.58 82.98
CA LYS A 246 -31.45 -14.78 83.97
C LYS A 246 -32.75 -14.11 83.50
N GLU A 247 -32.66 -13.02 82.69
CA GLU A 247 -33.83 -12.35 82.15
C GLU A 247 -34.49 -13.27 81.11
N TYR A 248 -33.68 -13.87 80.22
CA TYR A 248 -34.20 -14.78 79.21
C TYR A 248 -34.75 -16.06 79.86
N ARG A 249 -34.15 -16.50 80.99
CA ARG A 249 -34.61 -17.69 81.71
C ARG A 249 -36.02 -17.42 82.27
N THR A 250 -36.25 -16.21 82.82
CA THR A 250 -37.54 -15.83 83.37
C THR A 250 -38.59 -15.81 82.25
N LEU A 251 -38.23 -15.22 81.11
CA LEU A 251 -39.12 -15.15 79.94
C LEU A 251 -39.46 -16.57 79.45
N ALA A 252 -38.45 -17.45 79.34
CA ALA A 252 -38.65 -18.83 78.89
C ALA A 252 -39.64 -19.57 79.78
N LYS A 253 -39.54 -19.38 81.11
CA LYS A 253 -40.43 -20.03 82.06
C LYS A 253 -41.84 -19.45 81.95
N ASN A 254 -41.95 -18.14 81.79
CA ASN A 254 -43.24 -17.47 81.66
C ASN A 254 -43.99 -17.95 80.40
N ILE A 255 -43.27 -18.09 79.27
CA ILE A 255 -43.89 -18.55 78.01
C ILE A 255 -44.36 -19.99 78.14
N ASP A 256 -43.48 -20.87 78.64
CA ASP A 256 -43.81 -22.28 78.80
C ASP A 256 -44.84 -22.60 79.88
N GLU A 257 -45.11 -21.63 80.78
CA GLU A 257 -46.08 -21.84 81.86
C GLU A 257 -47.23 -20.85 81.62
N ASN A 258 -47.37 -20.31 80.41
CA ASN A 258 -48.44 -19.36 80.13
C ASN A 258 -49.74 -20.07 79.76
N ASP A 259 -50.82 -19.66 80.42
CA ASP A 259 -52.16 -20.20 80.19
C ASP A 259 -53.16 -19.10 79.80
N GLU A 260 -52.80 -17.81 79.97
CA GLU A 260 -53.67 -16.68 79.63
C GLU A 260 -53.59 -16.35 78.13
N LEU A 261 -54.22 -17.17 77.29
CA LEU A 261 -54.27 -16.96 75.85
C LEU A 261 -55.54 -16.15 75.57
N VAL A 262 -55.44 -15.00 74.88
CA VAL A 262 -56.60 -14.13 74.65
C VAL A 262 -56.77 -13.63 73.21
N LYS A 263 -58.00 -13.18 72.89
CA LYS A 263 -58.34 -12.58 71.60
C LYS A 263 -58.03 -11.09 71.77
N PRO A 264 -57.07 -10.51 71.03
CA PRO A 264 -56.76 -9.09 71.27
C PRO A 264 -57.83 -8.12 70.81
N THR A 265 -57.76 -6.88 71.31
CA THR A 265 -58.67 -5.80 70.95
C THR A 265 -57.81 -4.68 70.35
N PRO A 266 -57.40 -4.80 69.07
CA PRO A 266 -56.55 -3.76 68.47
C PRO A 266 -57.09 -2.35 68.61
N MET A 267 -56.18 -1.36 68.59
CA MET A 267 -56.53 0.04 68.74
C MET A 267 -56.62 0.75 67.40
N THR A 268 -57.30 1.91 67.37
CA THR A 268 -57.40 2.70 66.15
C THR A 268 -56.10 3.52 66.02
N MET A 269 -55.85 4.13 64.86
CA MET A 269 -54.64 4.93 64.67
C MET A 269 -54.60 6.09 65.65
N ASP A 270 -55.75 6.76 65.86
CA ASP A 270 -55.83 7.89 66.79
C ASP A 270 -55.49 7.43 68.21
N GLU A 271 -56.03 6.27 68.63
CA GLU A 271 -55.77 5.74 69.97
C GLU A 271 -54.28 5.46 70.16
N LEU A 272 -53.63 4.86 69.15
CA LEU A 272 -52.22 4.53 69.24
C LEU A 272 -51.36 5.79 69.24
N GLU A 273 -51.72 6.77 68.41
CA GLU A 273 -50.98 8.03 68.33
C GLU A 273 -51.11 8.80 69.65
N GLU A 274 -52.31 8.80 70.25
CA GLU A 274 -52.55 9.49 71.51
C GLU A 274 -51.73 8.85 72.65
N LEU A 275 -51.48 7.54 72.58
CA LEU A 275 -50.71 6.85 73.60
C LEU A 275 -49.22 7.19 73.53
N VAL A 276 -48.60 7.16 72.33
CA VAL A 276 -47.17 7.47 72.22
C VAL A 276 -46.84 8.88 72.71
N VAL A 277 -47.73 9.88 72.48
CA VAL A 277 -47.46 11.24 72.94
C VAL A 277 -47.52 11.32 74.47
N LYS A 278 -48.38 10.50 75.12
CA LYS A 278 -48.49 10.49 76.58
C LYS A 278 -47.26 9.83 77.20
N SER B 2 -49.91 3.91 28.45
CA SER B 2 -48.68 3.21 28.79
C SER B 2 -48.03 3.79 30.06
N PHE B 3 -46.94 3.17 30.54
CA PHE B 3 -46.25 3.63 31.74
C PHE B 3 -45.49 4.92 31.44
N ASP B 4 -44.82 4.97 30.29
CA ASP B 4 -44.09 6.17 29.88
C ASP B 4 -45.07 7.33 29.56
N GLU B 5 -46.33 7.00 29.26
CA GLU B 5 -47.34 8.05 28.96
C GLU B 5 -47.68 8.82 30.24
N ILE B 6 -47.58 8.16 31.40
CA ILE B 6 -47.88 8.80 32.69
C ILE B 6 -46.91 9.96 32.87
N ALA B 7 -47.42 11.22 32.84
CA ALA B 7 -46.59 12.43 33.00
C ALA B 7 -45.25 12.32 32.27
N PRO B 8 -45.23 12.47 30.93
CA PRO B 8 -43.96 12.31 30.20
C PRO B 8 -42.87 13.33 30.52
N ASP B 9 -43.25 14.60 30.71
CA ASP B 9 -42.28 15.64 31.01
C ASP B 9 -41.92 15.73 32.51
N ALA B 10 -42.38 14.77 33.33
CA ALA B 10 -42.10 14.77 34.76
C ALA B 10 -41.02 13.78 35.15
N LYS B 11 -40.33 14.05 36.26
CA LYS B 11 -39.31 13.16 36.77
C LYS B 11 -40.02 12.21 37.73
N LYS B 12 -40.16 10.94 37.34
CA LYS B 12 -40.84 9.94 38.15
C LYS B 12 -39.86 9.27 39.09
N VAL B 13 -40.00 9.52 40.40
CA VAL B 13 -39.12 8.98 41.43
C VAL B 13 -39.89 8.13 42.44
N ALA B 14 -39.23 7.11 43.02
CA ALA B 14 -39.84 6.26 44.04
C ALA B 14 -38.87 6.14 45.21
N ILE B 15 -39.38 6.39 46.42
CA ILE B 15 -38.60 6.33 47.66
C ILE B 15 -38.85 5.02 48.38
N TYR B 16 -37.82 4.22 48.54
CA TYR B 16 -37.92 2.92 49.23
C TYR B 16 -37.10 2.96 50.51
N GLY B 17 -37.36 2.03 51.41
CA GLY B 17 -36.63 1.95 52.66
C GLY B 17 -37.33 1.16 53.74
N LYS B 18 -36.59 0.89 54.82
CA LYS B 18 -37.14 0.12 55.95
C LYS B 18 -38.28 0.91 56.59
N GLY B 19 -39.17 0.21 57.29
CA GLY B 19 -40.29 0.85 57.97
C GLY B 19 -39.84 1.78 59.07
N GLY B 20 -40.39 2.99 59.08
CA GLY B 20 -40.05 4.00 60.09
C GLY B 20 -38.68 4.59 59.94
N ILE B 21 -38.06 4.45 58.76
CA ILE B 21 -36.73 5.01 58.51
C ILE B 21 -36.79 6.50 58.11
N GLY B 22 -37.98 6.99 57.76
CA GLY B 22 -38.16 8.38 57.38
C GLY B 22 -38.46 8.61 55.91
N LYS B 23 -39.07 7.63 55.24
CA LYS B 23 -39.44 7.78 53.81
C LYS B 23 -40.54 8.83 53.66
N SER B 24 -41.59 8.74 54.47
CA SER B 24 -42.72 9.69 54.39
C SER B 24 -42.26 11.11 54.73
N THR B 25 -41.39 11.26 55.73
CA THR B 25 -40.89 12.58 56.12
C THR B 25 -39.99 13.15 55.01
N THR B 26 -39.05 12.36 54.52
CA THR B 26 -38.15 12.80 53.45
C THR B 26 -38.93 13.14 52.18
N THR B 27 -39.84 12.25 51.75
CA THR B 27 -40.61 12.48 50.52
C THR B 27 -41.47 13.74 50.60
N GLN B 28 -42.21 13.92 51.70
CA GLN B 28 -43.07 15.10 51.86
C GLN B 28 -42.25 16.40 51.85
N ASN B 29 -41.17 16.46 52.63
CA ASN B 29 -40.34 17.65 52.69
C ASN B 29 -39.62 17.88 51.35
N THR B 30 -39.20 16.79 50.66
CA THR B 30 -38.54 16.92 49.36
C THR B 30 -39.51 17.56 48.36
N ALA B 31 -40.77 17.05 48.30
CA ALA B 31 -41.80 17.58 47.41
C ALA B 31 -42.15 19.03 47.78
N ALA B 32 -42.20 19.34 49.08
CA ALA B 32 -42.52 20.69 49.54
C ALA B 32 -41.45 21.68 49.12
N ALA B 33 -40.17 21.26 49.13
CA ALA B 33 -39.07 22.13 48.71
C ALA B 33 -39.07 22.29 47.19
N LEU B 34 -39.54 21.28 46.45
CA LEU B 34 -39.58 21.37 44.97
C LEU B 34 -40.71 22.32 44.55
N ALA B 35 -41.82 22.31 45.31
CA ALA B 35 -42.96 23.18 45.02
C ALA B 35 -42.78 24.62 45.52
N TYR B 36 -42.22 24.80 46.72
CA TYR B 36 -42.04 26.12 47.32
C TYR B 36 -40.82 26.87 46.80
N PHE B 37 -39.62 26.30 46.92
CA PHE B 37 -38.39 26.98 46.47
C PHE B 37 -38.19 26.99 44.95
N PHE B 38 -38.54 25.89 44.27
CA PHE B 38 -38.31 25.81 42.83
C PHE B 38 -39.58 25.87 41.96
N ASP B 39 -40.73 26.18 42.56
CA ASP B 39 -42.00 26.32 41.83
C ASP B 39 -42.33 25.16 40.88
N LYS B 40 -42.19 23.93 41.38
CA LYS B 40 -42.49 22.74 40.58
C LYS B 40 -43.86 22.18 40.93
N LYS B 41 -44.56 21.63 39.93
CA LYS B 41 -45.86 21.00 40.16
C LYS B 41 -45.54 19.56 40.58
N VAL B 42 -45.73 19.21 41.87
CA VAL B 42 -45.39 17.88 42.38
C VAL B 42 -46.63 17.10 42.83
N MET B 43 -46.52 15.76 42.82
CA MET B 43 -47.59 14.86 43.24
C MET B 43 -46.97 13.71 44.03
N ILE B 44 -47.64 13.28 45.10
CA ILE B 44 -47.15 12.18 45.93
C ILE B 44 -48.18 11.04 45.91
N HIS B 45 -47.71 9.81 45.65
CA HIS B 45 -48.56 8.63 45.65
C HIS B 45 -48.05 7.69 46.74
N GLY B 46 -48.74 7.67 47.87
CA GLY B 46 -48.35 6.82 48.99
C GLY B 46 -48.60 5.35 48.72
N CYS B 47 -47.53 4.57 48.62
CA CYS B 47 -47.64 3.13 48.38
C CYS B 47 -47.19 2.36 49.62
N ASP B 48 -47.59 2.84 50.81
CA ASP B 48 -47.24 2.24 52.09
C ASP B 48 -48.56 1.94 52.81
N PRO B 49 -48.77 0.70 53.31
CA PRO B 49 -50.04 0.43 54.00
C PRO B 49 -50.28 1.24 55.27
N LYS B 50 -49.28 2.01 55.76
CA LYS B 50 -49.47 2.83 56.94
C LYS B 50 -50.47 3.96 56.68
N ALA B 51 -50.56 4.43 55.42
CA ALA B 51 -51.51 5.47 54.97
C ALA B 51 -51.31 6.85 55.61
N ASP B 52 -50.04 7.25 55.82
CA ASP B 52 -49.73 8.56 56.37
C ASP B 52 -48.61 9.25 55.59
N SER B 53 -48.40 8.85 54.32
CA SER B 53 -47.35 9.41 53.48
C SER B 53 -47.65 10.83 52.98
N THR B 54 -48.92 11.25 53.05
CA THR B 54 -49.33 12.59 52.62
C THR B 54 -50.01 13.36 53.75
N ARG B 55 -49.75 12.97 55.01
CA ARG B 55 -50.34 13.57 56.19
C ARG B 55 -49.98 15.05 56.40
N MET B 56 -48.68 15.37 56.40
CA MET B 56 -48.22 16.73 56.64
C MET B 56 -48.40 17.67 55.46
N ILE B 57 -48.57 17.14 54.25
CA ILE B 57 -48.82 17.99 53.08
C ILE B 57 -50.30 18.42 53.13
N LEU B 58 -51.18 17.49 53.51
CA LEU B 58 -52.62 17.82 53.68
C LEU B 58 -52.77 18.51 55.02
N HIS B 59 -51.75 18.42 55.88
CA HIS B 59 -51.75 19.15 57.18
C HIS B 59 -52.43 18.37 58.31
N GLY B 60 -51.74 17.40 58.90
CA GLY B 60 -52.30 16.73 60.10
C GLY B 60 -53.13 15.48 59.88
N LYS B 61 -54.29 15.60 59.23
CA LYS B 61 -55.20 14.44 59.13
C LYS B 61 -54.80 13.41 58.06
N PRO B 62 -54.69 12.10 58.38
CA PRO B 62 -54.36 11.13 57.32
C PRO B 62 -55.42 11.08 56.22
N GLN B 63 -54.97 10.93 54.97
CA GLN B 63 -55.81 10.87 53.77
C GLN B 63 -56.61 9.58 53.66
N ASP B 64 -57.85 9.66 53.10
CA ASP B 64 -58.67 8.48 52.87
C ASP B 64 -57.98 7.71 51.74
N THR B 65 -57.65 6.44 51.96
CA THR B 65 -56.95 5.65 50.95
C THR B 65 -57.90 5.20 49.86
N VAL B 66 -57.33 4.78 48.71
CA VAL B 66 -58.12 4.28 47.59
C VAL B 66 -58.83 2.99 48.03
N MET B 67 -58.13 2.10 48.76
CA MET B 67 -58.73 0.86 49.26
C MET B 67 -59.87 1.13 50.24
N ASP B 68 -59.75 2.16 51.08
CA ASP B 68 -60.80 2.50 52.04
C ASP B 68 -62.07 2.95 51.32
N VAL B 69 -61.95 3.87 50.34
CA VAL B 69 -63.12 4.35 49.61
C VAL B 69 -63.75 3.21 48.80
N LEU B 70 -62.93 2.24 48.34
CA LEU B 70 -63.41 1.09 47.59
C LEU B 70 -64.14 0.12 48.53
N ARG B 71 -63.57 -0.10 49.73
CA ARG B 71 -64.15 -0.99 50.73
C ARG B 71 -65.44 -0.43 51.37
N GLU B 72 -65.68 0.88 51.26
CA GLU B 72 -66.86 1.48 51.87
C GLU B 72 -67.88 1.94 50.83
N GLU B 73 -67.44 2.68 49.81
CA GLU B 73 -68.38 3.21 48.78
C GLU B 73 -68.55 2.18 47.66
N GLY B 74 -67.45 1.79 47.03
CA GLY B 74 -67.54 0.90 45.86
C GLY B 74 -66.65 1.29 44.69
N GLU B 75 -66.66 0.47 43.63
CA GLU B 75 -65.85 0.70 42.43
C GLU B 75 -66.28 1.96 41.63
N GLU B 76 -67.55 2.05 41.23
CA GLU B 76 -68.01 3.22 40.46
C GLU B 76 -68.12 4.47 41.35
N ALA B 77 -68.37 4.29 42.66
CA ALA B 77 -68.49 5.40 43.58
C ALA B 77 -67.15 6.09 43.91
N VAL B 78 -66.01 5.48 43.53
CA VAL B 78 -64.71 6.10 43.79
C VAL B 78 -64.41 7.08 42.64
N THR B 79 -64.13 8.35 42.98
CA THR B 79 -63.85 9.37 41.96
C THR B 79 -62.49 10.02 42.20
N LEU B 80 -61.95 10.66 41.15
CA LEU B 80 -60.66 11.35 41.25
C LEU B 80 -60.67 12.43 42.34
N GLU B 81 -61.85 13.00 42.66
CA GLU B 81 -61.97 14.03 43.67
C GLU B 81 -61.83 13.46 45.07
N LYS B 82 -62.43 12.28 45.30
CA LYS B 82 -62.38 11.62 46.61
C LYS B 82 -61.02 11.05 46.99
N VAL B 83 -60.22 10.59 45.99
CA VAL B 83 -58.93 9.95 46.29
C VAL B 83 -57.71 10.85 46.08
N ARG B 84 -57.81 11.90 45.27
CA ARG B 84 -56.69 12.81 45.03
C ARG B 84 -57.01 14.17 45.67
N LYS B 85 -56.24 14.58 46.69
CA LYS B 85 -56.48 15.84 47.38
C LYS B 85 -55.28 16.78 47.32
N ILE B 86 -55.54 18.08 47.15
CA ILE B 86 -54.49 19.09 47.05
C ILE B 86 -54.05 19.57 48.44
N GLY B 87 -52.76 19.79 48.61
CA GLY B 87 -52.17 20.25 49.86
C GLY B 87 -51.29 21.47 49.69
N PHE B 88 -50.27 21.59 50.55
CA PHE B 88 -49.33 22.72 50.55
C PHE B 88 -48.74 22.99 49.15
N LYS B 89 -48.75 24.24 48.70
CA LYS B 89 -48.24 24.64 47.38
C LYS B 89 -48.81 23.79 46.24
N ASP B 90 -50.12 23.60 46.23
CA ASP B 90 -50.82 22.82 45.21
C ASP B 90 -50.20 21.43 44.93
N ILE B 91 -49.70 20.74 45.97
CA ILE B 91 -49.12 19.41 45.79
C ILE B 91 -50.26 18.39 45.80
N LEU B 92 -50.38 17.59 44.74
CA LEU B 92 -51.44 16.57 44.64
C LEU B 92 -51.07 15.37 45.51
N CYS B 93 -52.04 14.80 46.21
CA CYS B 93 -51.80 13.68 47.10
C CYS B 93 -52.75 12.53 46.86
N VAL B 94 -52.23 11.30 46.87
CA VAL B 94 -53.01 10.07 46.69
C VAL B 94 -52.45 9.02 47.65
N GLU B 95 -53.31 8.23 48.30
CA GLU B 95 -52.85 7.19 49.21
C GLU B 95 -53.45 5.86 48.78
N SER B 96 -52.60 4.86 48.50
CA SER B 96 -53.06 3.55 48.06
C SER B 96 -53.72 2.76 49.18
N GLY B 97 -53.08 2.69 50.32
CA GLY B 97 -53.59 1.93 51.45
C GLY B 97 -53.33 0.45 51.23
N GLY B 98 -54.22 -0.40 51.71
CA GLY B 98 -54.07 -1.83 51.55
C GLY B 98 -55.16 -2.64 52.22
N PRO B 99 -55.14 -3.97 52.07
CA PRO B 99 -56.17 -4.79 52.72
C PRO B 99 -55.94 -4.89 54.24
N GLU B 100 -56.97 -5.35 54.99
CA GLU B 100 -56.83 -5.47 56.45
C GLU B 100 -55.77 -6.55 56.76
N PRO B 101 -54.93 -6.40 57.81
CA PRO B 101 -53.90 -7.42 58.07
C PRO B 101 -54.38 -8.87 58.04
N GLY B 102 -53.74 -9.68 57.21
CA GLY B 102 -54.06 -11.08 57.07
C GLY B 102 -55.03 -11.41 55.96
N VAL B 103 -55.85 -10.43 55.54
CA VAL B 103 -56.85 -10.65 54.48
C VAL B 103 -56.21 -11.17 53.18
N GLY B 104 -55.25 -10.42 52.65
CA GLY B 104 -54.57 -10.80 51.42
C GLY B 104 -53.27 -10.06 51.24
N CYS B 105 -52.69 -10.12 50.02
CA CYS B 105 -51.43 -9.46 49.69
C CYS B 105 -51.41 -7.99 50.14
N ALA B 106 -50.46 -7.62 51.01
CA ALA B 106 -50.35 -6.25 51.52
C ALA B 106 -50.14 -5.22 50.41
N GLY B 107 -49.46 -5.62 49.35
CA GLY B 107 -49.19 -4.74 48.22
C GLY B 107 -50.32 -4.59 47.24
N ARG B 108 -51.41 -5.37 47.39
CA ARG B 108 -52.53 -5.29 46.46
C ARG B 108 -53.14 -3.89 46.38
N GLY B 109 -53.05 -3.11 47.47
CA GLY B 109 -53.56 -1.75 47.50
C GLY B 109 -52.84 -0.85 46.53
N VAL B 110 -51.54 -1.10 46.31
CA VAL B 110 -50.72 -0.31 45.39
C VAL B 110 -51.18 -0.57 43.96
N ILE B 111 -51.34 -1.86 43.56
CA ILE B 111 -51.79 -2.22 42.20
C ILE B 111 -53.15 -1.56 41.91
N THR B 112 -54.13 -1.78 42.80
CA THR B 112 -55.47 -1.24 42.62
C THR B 112 -55.46 0.27 42.45
N ALA B 113 -54.68 0.97 43.29
CA ALA B 113 -54.61 2.44 43.23
C ALA B 113 -53.92 2.96 41.98
N VAL B 114 -52.83 2.32 41.55
CA VAL B 114 -52.09 2.76 40.36
C VAL B 114 -52.95 2.52 39.12
N ASP B 115 -53.56 1.33 39.00
CA ASP B 115 -54.41 1.02 37.86
C ASP B 115 -55.63 1.95 37.84
N MET B 116 -56.23 2.19 39.01
CA MET B 116 -57.39 3.08 39.11
C MET B 116 -56.97 4.52 38.76
N MET B 117 -55.73 4.91 39.11
CA MET B 117 -55.25 6.25 38.81
C MET B 117 -55.05 6.42 37.30
N ARG B 118 -54.62 5.35 36.60
CA ARG B 118 -54.43 5.39 35.16
C ARG B 118 -55.80 5.56 34.50
N GLU B 119 -56.80 4.76 34.93
CA GLU B 119 -58.14 4.83 34.36
C GLU B 119 -58.81 6.18 34.62
N LEU B 120 -58.62 6.76 35.82
CA LEU B 120 -59.20 8.07 36.13
C LEU B 120 -58.34 9.22 35.61
N GLU B 121 -57.14 8.95 35.06
CA GLU B 121 -56.23 9.98 34.54
C GLU B 121 -55.87 10.96 35.65
N GLY B 122 -55.39 10.42 36.77
CA GLY B 122 -55.02 11.21 37.92
C GLY B 122 -53.61 11.76 37.92
N TYR B 123 -52.78 11.35 36.96
CA TYR B 123 -51.41 11.84 36.87
C TYR B 123 -51.37 12.93 35.80
N PRO B 124 -51.45 14.23 36.17
CA PRO B 124 -51.45 15.28 35.14
C PRO B 124 -50.23 15.25 34.23
N ASP B 125 -50.44 15.63 32.96
CA ASP B 125 -49.36 15.66 31.99
C ASP B 125 -48.37 16.78 32.30
N ASP B 126 -48.89 17.93 32.79
CA ASP B 126 -48.06 19.08 33.12
C ASP B 126 -47.27 18.92 34.44
N LEU B 127 -47.18 17.70 34.99
CA LEU B 127 -46.43 17.49 36.23
C LEU B 127 -44.94 17.69 36.01
N ASP B 128 -44.23 18.11 37.05
CA ASP B 128 -42.79 18.31 36.98
C ASP B 128 -42.10 17.16 37.72
N ASN B 129 -42.64 16.75 38.88
CA ASN B 129 -42.09 15.66 39.69
C ASN B 129 -43.21 14.80 40.26
N LEU B 130 -43.01 13.48 40.24
CA LEU B 130 -43.98 12.52 40.78
C LEU B 130 -43.23 11.61 41.74
N PHE B 131 -43.71 11.48 42.98
CA PHE B 131 -43.05 10.64 43.98
C PHE B 131 -43.93 9.48 44.40
N PHE B 132 -43.30 8.34 44.68
CA PHE B 132 -43.98 7.14 45.15
C PHE B 132 -43.30 6.74 46.45
N ASP B 133 -43.98 6.88 47.58
CA ASP B 133 -43.44 6.49 48.88
C ASP B 133 -43.77 5.00 49.05
N VAL B 134 -42.82 4.10 48.76
CA VAL B 134 -43.08 2.65 48.81
C VAL B 134 -42.49 1.93 50.03
N LEU B 135 -43.19 0.90 50.50
CA LEU B 135 -42.75 0.07 51.63
C LEU B 135 -41.56 -0.77 51.14
N GLY B 136 -40.47 -0.77 51.91
CA GLY B 136 -39.27 -1.49 51.52
C GLY B 136 -38.87 -2.66 52.39
N ASP B 137 -39.72 -3.05 53.35
CA ASP B 137 -39.42 -4.19 54.22
C ASP B 137 -39.44 -5.50 53.41
N VAL B 138 -40.31 -5.57 52.39
CA VAL B 138 -40.43 -6.72 51.49
C VAL B 138 -40.55 -6.15 50.07
N VAL B 139 -39.82 -6.73 49.12
CA VAL B 139 -39.86 -6.27 47.74
C VAL B 139 -40.64 -7.31 46.95
N CYS B 140 -41.97 -7.18 46.91
CA CYS B 140 -42.81 -8.14 46.22
C CYS B 140 -44.21 -7.59 46.01
N GLY B 141 -44.93 -8.18 45.06
CA GLY B 141 -46.30 -7.77 44.76
C GLY B 141 -46.41 -6.33 44.36
N GLY B 142 -47.33 -5.62 45.00
CA GLY B 142 -47.55 -4.20 44.72
C GLY B 142 -46.36 -3.34 45.07
N PHE B 143 -45.58 -3.75 46.07
CA PHE B 143 -44.40 -2.98 46.48
C PHE B 143 -43.29 -3.07 45.44
N ALA B 144 -43.27 -4.13 44.61
CA ALA B 144 -42.28 -4.27 43.56
C ALA B 144 -42.80 -3.71 42.21
N MET B 145 -44.10 -3.36 42.11
CA MET B 145 -44.68 -2.83 40.86
C MET B 145 -43.93 -1.61 40.29
N PRO B 146 -43.57 -0.57 41.08
CA PRO B 146 -42.83 0.55 40.49
C PRO B 146 -41.53 0.12 39.81
N LEU B 147 -40.93 -0.98 40.25
CA LEU B 147 -39.69 -1.47 39.65
C LEU B 147 -40.03 -2.31 38.42
N ARG B 148 -40.95 -3.27 38.58
CA ARG B 148 -41.37 -4.18 37.52
C ARG B 148 -42.03 -3.47 36.34
N ASP B 149 -43.08 -2.69 36.59
CA ASP B 149 -43.79 -1.97 35.53
C ASP B 149 -43.09 -0.69 35.08
N GLY B 150 -42.10 -0.22 35.84
CA GLY B 150 -41.36 0.98 35.48
C GLY B 150 -42.14 2.26 35.66
N LEU B 151 -42.88 2.40 36.78
CA LEU B 151 -43.64 3.64 37.05
C LEU B 151 -42.64 4.75 37.28
N ALA B 152 -41.59 4.48 38.06
CA ALA B 152 -40.55 5.45 38.37
C ALA B 152 -39.22 4.95 37.82
N GLN B 153 -38.48 5.82 37.14
CA GLN B 153 -37.18 5.44 36.57
C GLN B 153 -36.06 5.65 37.60
N GLU B 154 -36.18 6.67 38.46
CA GLU B 154 -35.15 6.94 39.46
C GLU B 154 -35.62 6.46 40.83
N ILE B 155 -34.81 5.61 41.48
CA ILE B 155 -35.16 5.10 42.81
C ILE B 155 -34.17 5.64 43.82
N TYR B 156 -34.67 6.03 44.99
CA TYR B 156 -33.81 6.52 46.06
C TYR B 156 -34.14 5.75 47.31
N ILE B 157 -33.13 5.23 48.00
CA ILE B 157 -33.34 4.45 49.21
C ILE B 157 -32.95 5.25 50.43
N VAL B 158 -33.87 5.37 51.40
CA VAL B 158 -33.59 6.09 52.64
C VAL B 158 -33.09 5.06 53.63
N THR B 159 -31.92 5.30 54.24
CA THR B 159 -31.34 4.36 55.20
C THR B 159 -30.47 5.09 56.23
N SER B 160 -30.09 4.40 57.31
CA SER B 160 -29.23 4.94 58.36
C SER B 160 -28.11 3.91 58.63
N GLY B 161 -27.26 4.16 59.62
CA GLY B 161 -26.17 3.24 59.94
C GLY B 161 -26.64 1.93 60.54
N GLU B 162 -27.93 1.84 60.92
CA GLU B 162 -28.53 0.64 61.53
C GLU B 162 -28.37 -0.56 60.59
N MET B 163 -27.96 -1.72 61.13
CA MET B 163 -27.76 -2.93 60.33
C MET B 163 -29.00 -3.28 59.52
N MET B 164 -30.17 -3.30 60.17
CA MET B 164 -31.41 -3.64 59.50
C MET B 164 -31.75 -2.66 58.38
N ALA B 165 -31.48 -1.36 58.59
CA ALA B 165 -31.76 -0.36 57.57
C ALA B 165 -30.88 -0.59 56.34
N LEU B 166 -29.61 -0.96 56.55
CA LEU B 166 -28.70 -1.22 55.44
C LEU B 166 -29.05 -2.55 54.77
N TYR B 167 -29.53 -3.54 55.54
CA TYR B 167 -29.93 -4.84 54.99
C TYR B 167 -31.11 -4.63 54.04
N ALA B 168 -32.13 -3.86 54.48
CA ALA B 168 -33.31 -3.58 53.65
C ALA B 168 -32.89 -2.82 52.40
N ALA B 169 -31.98 -1.85 52.54
CA ALA B 169 -31.49 -1.07 51.40
C ALA B 169 -30.77 -1.97 50.40
N ASN B 170 -29.98 -2.93 50.90
CA ASN B 170 -29.26 -3.85 50.03
C ASN B 170 -30.25 -4.75 49.28
N ASN B 171 -31.33 -5.17 49.95
CA ASN B 171 -32.35 -6.01 49.31
C ASN B 171 -33.09 -5.21 48.23
N ILE B 172 -33.36 -3.92 48.49
CA ILE B 172 -34.03 -3.07 47.51
C ILE B 172 -33.13 -2.95 46.26
N ALA B 173 -31.81 -2.82 46.47
CA ALA B 173 -30.85 -2.75 45.37
C ALA B 173 -30.92 -4.02 44.53
N LYS B 174 -31.11 -5.19 45.18
CA LYS B 174 -31.22 -6.46 44.47
C LYS B 174 -32.45 -6.45 43.56
N GLY B 175 -33.57 -5.91 44.08
CA GLY B 175 -34.81 -5.80 43.33
C GLY B 175 -34.70 -4.84 42.17
N ILE B 176 -33.92 -3.77 42.33
CA ILE B 176 -33.71 -2.79 41.27
C ILE B 176 -32.92 -3.46 40.14
N LEU B 177 -31.86 -4.20 40.51
CA LEU B 177 -31.01 -4.90 39.54
C LEU B 177 -31.84 -5.94 38.76
N LYS B 178 -32.81 -6.59 39.42
CA LYS B 178 -33.67 -7.60 38.80
C LYS B 178 -34.46 -7.01 37.61
N TYR B 179 -35.07 -5.84 37.81
CA TYR B 179 -35.88 -5.18 36.78
C TYR B 179 -35.16 -4.05 36.05
N ALA B 180 -33.85 -3.89 36.24
CA ALA B 180 -33.11 -2.82 35.59
C ALA B 180 -33.18 -2.93 34.06
N GLU B 181 -32.92 -4.12 33.51
CA GLU B 181 -32.95 -4.32 32.07
C GLU B 181 -34.38 -4.45 31.57
N GLN B 182 -35.24 -5.10 32.35
CA GLN B 182 -36.64 -5.31 31.99
C GLN B 182 -37.45 -4.00 31.83
N SER B 183 -37.36 -3.07 32.79
CA SER B 183 -38.14 -1.83 32.72
C SER B 183 -37.32 -0.55 32.73
N GLY B 184 -36.01 -0.63 32.55
CA GLY B 184 -35.16 0.55 32.54
C GLY B 184 -35.11 1.30 33.86
N VAL B 185 -35.47 0.63 34.96
CA VAL B 185 -35.46 1.26 36.28
C VAL B 185 -34.03 1.28 36.80
N ARG B 186 -33.65 2.35 37.50
CA ARG B 186 -32.29 2.49 38.00
C ARG B 186 -32.22 3.09 39.39
N LEU B 187 -31.07 2.96 40.03
CA LEU B 187 -30.87 3.52 41.36
C LEU B 187 -30.22 4.89 41.23
N GLY B 188 -30.94 5.93 41.64
CA GLY B 188 -30.45 7.29 41.57
C GLY B 188 -29.41 7.60 42.64
N GLY B 189 -29.66 7.13 43.86
CA GLY B 189 -28.75 7.35 44.97
C GLY B 189 -29.28 6.85 46.29
N ILE B 190 -28.54 7.13 47.37
CA ILE B 190 -28.92 6.73 48.72
C ILE B 190 -29.08 7.96 49.60
N ILE B 191 -30.23 8.09 50.27
CA ILE B 191 -30.47 9.21 51.18
C ILE B 191 -30.20 8.69 52.58
N CYS B 192 -29.40 9.41 53.38
CA CYS B 192 -29.12 8.95 54.74
C CYS B 192 -29.87 9.77 55.75
N ASN B 193 -30.96 9.22 56.31
CA ASN B 193 -31.71 9.90 57.35
C ASN B 193 -30.93 9.57 58.63
N ALA B 194 -29.91 10.40 58.93
CA ALA B 194 -29.02 10.21 60.06
C ALA B 194 -29.71 10.13 61.42
N ARG B 195 -29.05 9.45 62.37
CA ARG B 195 -29.54 9.34 63.73
C ARG B 195 -28.52 9.91 64.72
N ASN B 196 -27.73 10.91 64.26
CA ASN B 196 -26.71 11.62 65.04
C ASN B 196 -25.74 10.68 65.75
N VAL B 197 -24.94 9.96 64.96
CA VAL B 197 -23.94 9.01 65.48
C VAL B 197 -22.60 9.29 64.79
N ASP B 198 -21.50 9.23 65.56
CA ASP B 198 -20.17 9.48 65.02
C ASP B 198 -19.76 8.34 64.06
N GLY B 199 -19.24 8.70 62.90
CA GLY B 199 -18.81 7.72 61.91
C GLY B 199 -19.90 7.23 60.99
N GLU B 200 -21.15 7.70 61.18
CA GLU B 200 -22.27 7.27 60.34
C GLU B 200 -22.09 7.77 58.91
N LYS B 201 -21.69 9.03 58.71
CA LYS B 201 -21.50 9.57 57.37
C LYS B 201 -20.43 8.77 56.64
N GLU B 202 -19.30 8.49 57.33
CA GLU B 202 -18.20 7.73 56.73
C GLU B 202 -18.65 6.33 56.35
N LEU B 203 -19.50 5.71 57.17
CA LEU B 203 -20.03 4.38 56.89
C LEU B 203 -20.86 4.42 55.60
N MET B 204 -21.73 5.44 55.48
CA MET B 204 -22.59 5.59 54.32
C MET B 204 -21.79 5.83 53.04
N ASP B 205 -20.67 6.55 53.14
CA ASP B 205 -19.84 6.81 51.97
C ASP B 205 -19.26 5.50 51.43
N GLU B 206 -18.83 4.61 52.32
CA GLU B 206 -18.27 3.31 51.90
C GLU B 206 -19.40 2.38 51.42
N PHE B 207 -20.58 2.45 52.06
CA PHE B 207 -21.71 1.63 51.66
C PHE B 207 -22.15 1.97 50.23
N CYS B 208 -22.25 3.26 49.91
CA CYS B 208 -22.62 3.70 48.57
C CYS B 208 -21.54 3.37 47.57
N ASP B 209 -20.26 3.52 47.98
CA ASP B 209 -19.09 3.21 47.10
C ASP B 209 -19.14 1.73 46.69
N LYS B 210 -19.33 0.84 47.67
CA LYS B 210 -19.38 -0.58 47.38
C LYS B 210 -20.62 -0.93 46.55
N LEU B 211 -21.72 -0.20 46.73
CA LEU B 211 -23.00 -0.47 46.01
C LEU B 211 -22.94 0.11 44.59
N GLY B 212 -21.90 0.88 44.26
CA GLY B 212 -21.76 1.51 42.97
C GLY B 212 -22.66 2.70 42.76
N THR B 213 -23.04 3.38 43.85
CA THR B 213 -23.93 4.54 43.79
C THR B 213 -23.34 5.70 44.64
N LYS B 214 -24.08 6.80 44.81
CA LYS B 214 -23.59 7.94 45.58
C LYS B 214 -24.57 8.33 46.69
N LEU B 215 -24.02 8.94 47.75
CA LEU B 215 -24.83 9.40 48.87
C LEU B 215 -25.41 10.74 48.41
N ILE B 216 -26.63 10.72 47.87
CA ILE B 216 -27.28 11.93 47.36
C ILE B 216 -27.35 13.04 48.42
N HIS B 217 -27.58 12.66 49.69
CA HIS B 217 -27.65 13.68 50.77
C HIS B 217 -27.62 13.06 52.17
N TYR B 218 -27.06 13.76 53.15
CA TYR B 218 -27.00 13.33 54.54
C TYR B 218 -28.02 14.17 55.31
N VAL B 219 -29.25 13.67 55.46
CA VAL B 219 -30.29 14.41 56.17
C VAL B 219 -30.07 14.27 57.67
N PRO B 220 -29.77 15.35 58.40
CA PRO B 220 -29.54 15.21 59.84
C PRO B 220 -30.83 15.05 60.67
N ARG B 221 -30.69 14.50 61.89
CA ARG B 221 -31.84 14.32 62.78
C ARG B 221 -32.09 15.66 63.47
N ASP B 222 -33.29 16.26 63.27
CA ASP B 222 -33.61 17.55 63.86
C ASP B 222 -34.97 17.55 64.54
N ASN B 223 -35.05 18.14 65.75
CA ASN B 223 -36.29 18.21 66.51
C ASN B 223 -37.35 19.08 65.83
N ILE B 224 -36.93 20.00 64.92
CA ILE B 224 -37.89 20.85 64.21
C ILE B 224 -38.90 20.00 63.41
N VAL B 225 -38.53 18.77 63.02
CA VAL B 225 -39.43 17.89 62.28
C VAL B 225 -40.65 17.59 63.15
N GLN B 226 -40.42 17.20 64.40
CA GLN B 226 -41.53 16.92 65.33
C GLN B 226 -42.31 18.20 65.61
N LYS B 227 -41.60 19.32 65.82
CA LYS B 227 -42.25 20.60 66.08
C LYS B 227 -43.22 20.94 64.95
N ALA B 228 -42.77 20.79 63.70
CA ALA B 228 -43.60 21.07 62.53
C ALA B 228 -44.75 20.07 62.45
N GLU B 229 -44.50 18.80 62.81
CA GLU B 229 -45.53 17.76 62.80
C GLU B 229 -46.65 18.10 63.78
N PHE B 230 -46.30 18.61 64.98
CA PHE B 230 -47.32 18.99 65.96
C PHE B 230 -48.17 20.17 65.48
N ASN B 231 -47.62 21.01 64.57
CA ASN B 231 -48.38 22.13 64.01
C ASN B 231 -49.07 21.74 62.69
N LYS B 232 -49.27 20.43 62.43
CA LYS B 232 -49.92 19.94 61.21
C LYS B 232 -49.24 20.49 59.94
N MET B 233 -47.91 20.50 59.93
CA MET B 233 -47.20 21.10 58.77
C MET B 233 -45.89 20.37 58.46
N THR B 234 -45.37 20.56 57.24
CA THR B 234 -44.09 19.98 56.80
C THR B 234 -43.03 21.02 57.25
N VAL B 235 -41.75 20.63 57.38
CA VAL B 235 -40.70 21.57 57.82
C VAL B 235 -40.63 22.81 56.91
N ILE B 236 -40.74 22.61 55.60
CA ILE B 236 -40.69 23.71 54.62
C ILE B 236 -41.80 24.73 54.88
N GLU B 237 -43.03 24.25 55.09
CA GLU B 237 -44.18 25.12 55.35
C GLU B 237 -44.08 25.77 56.73
N PHE B 238 -43.56 25.05 57.73
CA PHE B 238 -43.45 25.58 59.08
C PHE B 238 -42.40 26.70 59.19
N ASP B 239 -41.17 26.44 58.76
CA ASP B 239 -40.10 27.44 58.82
C ASP B 239 -39.13 27.20 57.65
N PRO B 240 -39.35 27.83 56.49
CA PRO B 240 -38.43 27.60 55.36
C PRO B 240 -37.04 28.19 55.53
N GLU B 241 -36.80 28.91 56.63
CA GLU B 241 -35.51 29.53 56.90
C GLU B 241 -34.65 28.70 57.87
N CYS B 242 -35.21 27.67 58.52
CA CYS B 242 -34.43 26.85 59.47
C CYS B 242 -33.40 25.98 58.72
N ASN B 243 -32.36 25.52 59.42
CA ASN B 243 -31.33 24.70 58.78
C ASN B 243 -31.89 23.42 58.19
N GLN B 244 -32.83 22.76 58.88
CA GLN B 244 -33.40 21.51 58.36
C GLN B 244 -34.11 21.75 57.03
N ALA B 245 -34.78 22.90 56.87
CA ALA B 245 -35.46 23.22 55.61
C ALA B 245 -34.43 23.36 54.49
N LYS B 246 -33.28 23.96 54.80
CA LYS B 246 -32.22 24.15 53.82
C LYS B 246 -31.60 22.80 53.44
N GLU B 247 -31.61 21.83 54.37
CA GLU B 247 -31.07 20.50 54.11
C GLU B 247 -32.00 19.81 53.10
N TYR B 248 -33.33 19.90 53.32
CA TYR B 248 -34.28 19.29 52.40
C TYR B 248 -34.28 19.99 51.05
N ARG B 249 -33.99 21.29 51.03
CA ARG B 249 -33.92 22.05 49.78
C ARG B 249 -32.74 21.55 48.96
N THR B 250 -31.58 21.31 49.62
CA THR B 250 -30.40 20.82 48.93
C THR B 250 -30.69 19.43 48.34
N LEU B 251 -31.33 18.57 49.13
CA LEU B 251 -31.70 17.23 48.67
C LEU B 251 -32.65 17.31 47.47
N ALA B 252 -33.66 18.17 47.55
CA ALA B 252 -34.64 18.33 46.47
C ALA B 252 -33.98 18.70 45.15
N LYS B 253 -33.02 19.63 45.16
CA LYS B 253 -32.37 20.02 43.92
C LYS B 253 -31.39 18.94 43.46
N ASN B 254 -30.70 18.24 44.40
CA ASN B 254 -29.80 17.15 44.00
C ASN B 254 -30.58 16.05 43.28
N ILE B 255 -31.78 15.69 43.77
CA ILE B 255 -32.60 14.66 43.14
C ILE B 255 -33.05 15.14 41.76
N ASP B 256 -33.61 16.35 41.68
CA ASP B 256 -34.09 16.90 40.42
C ASP B 256 -32.95 17.05 39.38
N GLU B 257 -31.76 17.42 39.83
CA GLU B 257 -30.60 17.61 38.96
C GLU B 257 -29.72 16.35 38.85
N ASN B 258 -30.24 15.18 39.25
CA ASN B 258 -29.44 13.98 39.21
C ASN B 258 -29.47 13.31 37.84
N ASP B 259 -28.30 12.90 37.37
CA ASP B 259 -28.23 12.14 36.09
C ASP B 259 -27.56 10.81 36.34
N GLU B 260 -26.70 10.76 37.37
CA GLU B 260 -25.94 9.53 37.60
C GLU B 260 -26.86 8.37 38.01
N LEU B 261 -27.61 7.80 37.05
CA LEU B 261 -28.47 6.66 37.33
C LEU B 261 -27.66 5.40 37.07
N VAL B 262 -27.61 4.48 38.05
CA VAL B 262 -26.77 3.29 37.91
C VAL B 262 -27.49 1.98 38.25
N LYS B 263 -26.86 0.88 37.82
CA LYS B 263 -27.30 -0.49 38.10
C LYS B 263 -26.50 -0.83 39.36
N PRO B 264 -27.12 -1.01 40.53
CA PRO B 264 -26.31 -1.28 41.74
C PRO B 264 -25.59 -2.61 41.75
N THR B 265 -24.60 -2.75 42.64
CA THR B 265 -23.83 -3.97 42.82
C THR B 265 -24.06 -4.40 44.26
N PRO B 266 -25.21 -5.03 44.58
CA PRO B 266 -25.46 -5.42 45.97
C PRO B 266 -24.32 -6.23 46.60
N MET B 267 -24.24 -6.16 47.93
CA MET B 267 -23.19 -6.84 48.69
C MET B 267 -23.69 -8.16 49.26
N THR B 268 -22.77 -9.05 49.62
CA THR B 268 -23.13 -10.32 50.24
C THR B 268 -23.39 -10.04 51.73
N MET B 269 -23.97 -10.98 52.47
CA MET B 269 -24.23 -10.75 53.89
C MET B 269 -22.92 -10.59 54.66
N ASP B 270 -21.89 -11.37 54.31
CA ASP B 270 -20.60 -11.25 54.98
C ASP B 270 -20.00 -9.86 54.74
N GLU B 271 -20.09 -9.35 53.51
CA GLU B 271 -19.57 -8.02 53.17
C GLU B 271 -20.28 -6.94 53.96
N LEU B 272 -21.61 -7.04 54.09
CA LEU B 272 -22.39 -6.06 54.83
C LEU B 272 -22.12 -6.14 56.33
N GLU B 273 -22.05 -7.33 56.91
CA GLU B 273 -21.71 -7.37 58.35
C GLU B 273 -20.33 -6.76 58.56
N GLU B 274 -19.37 -7.24 57.78
CA GLU B 274 -18.00 -6.77 57.97
C GLU B 274 -17.93 -5.25 57.97
N LEU B 275 -18.78 -4.59 57.18
CA LEU B 275 -18.81 -3.14 57.11
C LEU B 275 -19.38 -2.54 58.40
N VAL B 276 -20.48 -3.12 58.92
CA VAL B 276 -21.11 -2.61 60.14
C VAL B 276 -20.18 -2.81 61.35
N VAL B 277 -19.48 -3.95 61.42
CA VAL B 277 -18.56 -4.22 62.52
C VAL B 277 -17.33 -3.30 62.46
N LYS B 278 -16.89 -2.94 61.24
CA LYS B 278 -15.72 -2.06 61.04
C LYS B 278 -15.95 -0.70 61.70
N TYR B 279 -17.08 -0.05 61.42
CA TYR B 279 -17.37 1.26 61.98
C TYR B 279 -17.98 1.16 63.38
N GLY B 280 -19.11 0.48 63.51
CA GLY B 280 -19.78 0.35 64.80
C GLY B 280 -18.94 -0.42 65.79
N SER C 2 -36.10 -3.06 27.63
CA SER C 2 -37.56 -3.21 27.60
C SER C 2 -37.98 -4.41 26.75
N PHE C 3 -39.27 -4.76 26.78
CA PHE C 3 -39.83 -5.88 26.02
C PHE C 3 -39.76 -5.68 24.51
N ASP C 4 -39.61 -4.44 24.04
CA ASP C 4 -39.52 -4.16 22.60
C ASP C 4 -38.20 -4.70 22.03
N GLU C 5 -37.13 -4.76 22.84
CA GLU C 5 -35.83 -5.27 22.41
C GLU C 5 -35.87 -6.80 22.12
N ILE C 6 -36.88 -7.52 22.64
CA ILE C 6 -37.03 -8.96 22.42
C ILE C 6 -37.37 -9.14 20.93
N ALA C 7 -36.50 -9.76 20.10
CA ALA C 7 -36.76 -9.94 18.66
C ALA C 7 -37.50 -8.73 18.06
N PRO C 8 -36.82 -7.59 17.84
CA PRO C 8 -37.52 -6.40 17.34
C PRO C 8 -38.14 -6.51 15.97
N ASP C 9 -37.46 -7.16 15.03
CA ASP C 9 -38.01 -7.30 13.68
C ASP C 9 -38.99 -8.49 13.53
N ALA C 10 -39.35 -9.15 14.63
CA ALA C 10 -40.27 -10.29 14.59
C ALA C 10 -41.69 -9.90 14.99
N LYS C 11 -42.70 -10.61 14.46
CA LYS C 11 -44.11 -10.36 14.77
C LYS C 11 -44.47 -11.19 15.99
N LYS C 12 -44.56 -10.56 17.15
CA LYS C 12 -44.86 -11.24 18.41
C LYS C 12 -46.36 -11.44 18.55
N VAL C 13 -46.80 -12.71 18.48
CA VAL C 13 -48.21 -13.09 18.56
C VAL C 13 -48.44 -14.06 19.73
N ALA C 14 -49.66 -14.07 20.29
CA ALA C 14 -50.02 -14.97 21.39
C ALA C 14 -51.39 -15.61 21.12
N ILE C 15 -51.46 -16.96 21.15
CA ILE C 15 -52.69 -17.69 20.91
C ILE C 15 -53.39 -18.04 22.23
N TYR C 16 -54.59 -17.50 22.45
CA TYR C 16 -55.36 -17.76 23.66
C TYR C 16 -56.60 -18.57 23.30
N GLY C 17 -57.21 -19.19 24.30
CA GLY C 17 -58.42 -19.97 24.08
C GLY C 17 -58.71 -20.97 25.17
N LYS C 18 -59.92 -21.53 25.11
CA LYS C 18 -60.36 -22.54 26.12
C LYS C 18 -59.47 -23.78 26.01
N GLY C 19 -59.40 -24.55 27.09
CA GLY C 19 -58.61 -25.76 27.12
C GLY C 19 -59.12 -26.80 26.14
N GLY C 20 -58.22 -27.38 25.36
CA GLY C 20 -58.58 -28.40 24.38
C GLY C 20 -59.32 -27.88 23.18
N ILE C 21 -59.30 -26.57 22.94
CA ILE C 21 -59.99 -25.98 21.80
C ILE C 21 -59.15 -26.07 20.51
N GLY C 22 -57.86 -26.38 20.63
CA GLY C 22 -56.98 -26.51 19.48
C GLY C 22 -55.93 -25.43 19.35
N LYS C 23 -55.51 -24.83 20.45
CA LYS C 23 -54.47 -23.77 20.42
C LYS C 23 -53.12 -24.39 19.99
N SER C 24 -52.73 -25.48 20.66
CA SER C 24 -51.45 -26.13 20.38
C SER C 24 -51.40 -26.64 18.93
N THR C 25 -52.52 -27.19 18.43
CA THR C 25 -52.57 -27.70 17.06
C THR C 25 -52.49 -26.55 16.07
N THR C 26 -53.29 -25.50 16.28
CA THR C 26 -53.29 -24.34 15.38
C THR C 26 -51.92 -23.64 15.38
N THR C 27 -51.35 -23.38 16.57
CA THR C 27 -50.07 -22.69 16.69
C THR C 27 -48.94 -23.48 16.01
N GLN C 28 -48.83 -24.79 16.29
CA GLN C 28 -47.77 -25.61 15.69
C GLN C 28 -47.88 -25.65 14.17
N ASN C 29 -49.08 -25.90 13.64
CA ASN C 29 -49.28 -25.96 12.19
C ASN C 29 -49.10 -24.59 11.53
N THR C 30 -49.43 -23.50 12.23
CA THR C 30 -49.26 -22.15 11.69
C THR C 30 -47.77 -21.85 11.59
N ALA C 31 -47.01 -22.18 12.66
CA ALA C 31 -45.57 -21.98 12.71
C ALA C 31 -44.89 -22.83 11.64
N ALA C 32 -45.35 -24.07 11.46
CA ALA C 32 -44.80 -24.98 10.46
C ALA C 32 -45.04 -24.46 9.05
N ALA C 33 -46.22 -23.87 8.80
CA ALA C 33 -46.54 -23.33 7.49
C ALA C 33 -45.66 -22.11 7.18
N LEU C 34 -45.42 -21.25 8.17
CA LEU C 34 -44.58 -20.07 7.98
C LEU C 34 -43.13 -20.46 7.72
N ALA C 35 -42.63 -21.49 8.41
CA ALA C 35 -41.26 -21.95 8.25
C ALA C 35 -41.05 -22.73 6.95
N TYR C 36 -42.01 -23.60 6.59
CA TYR C 36 -41.88 -24.41 5.37
C TYR C 36 -42.29 -23.66 4.09
N PHE C 37 -43.52 -23.13 4.01
CA PHE C 37 -43.98 -22.45 2.80
C PHE C 37 -43.37 -21.05 2.60
N PHE C 38 -43.20 -20.27 3.67
CA PHE C 38 -42.68 -18.91 3.55
C PHE C 38 -41.22 -18.73 4.02
N ASP C 39 -40.53 -19.82 4.38
CA ASP C 39 -39.13 -19.78 4.83
C ASP C 39 -38.88 -18.70 5.91
N LYS C 40 -39.73 -18.71 6.95
CA LYS C 40 -39.64 -17.76 8.06
C LYS C 40 -38.99 -18.41 9.28
N LYS C 41 -38.28 -17.61 10.10
CA LYS C 41 -37.64 -18.12 11.32
C LYS C 41 -38.68 -17.99 12.43
N VAL C 42 -39.29 -19.12 12.83
CA VAL C 42 -40.34 -19.10 13.85
C VAL C 42 -39.89 -19.78 15.15
N MET C 43 -40.41 -19.30 16.28
CA MET C 43 -40.13 -19.84 17.62
C MET C 43 -41.46 -19.93 18.37
N ILE C 44 -41.65 -21.01 19.12
CA ILE C 44 -42.89 -21.21 19.88
C ILE C 44 -42.58 -21.37 21.36
N HIS C 45 -43.24 -20.57 22.20
CA HIS C 45 -43.06 -20.59 23.64
C HIS C 45 -44.36 -21.06 24.27
N GLY C 46 -44.39 -22.32 24.70
CA GLY C 46 -45.57 -22.90 25.31
C GLY C 46 -45.83 -22.35 26.70
N CYS C 47 -46.93 -21.62 26.86
CA CYS C 47 -47.31 -21.04 28.15
C CYS C 47 -48.58 -21.72 28.66
N ASP C 48 -48.65 -23.05 28.51
CA ASP C 48 -49.79 -23.85 28.94
C ASP C 48 -49.24 -24.93 29.88
N PRO C 49 -49.82 -25.12 31.09
CA PRO C 49 -49.29 -26.14 31.99
C PRO C 49 -49.39 -27.58 31.46
N LYS C 50 -50.08 -27.80 30.33
CA LYS C 50 -50.19 -29.15 29.77
C LYS C 50 -48.82 -29.64 29.27
N ALA C 51 -47.95 -28.72 28.85
CA ALA C 51 -46.58 -28.99 28.38
C ALA C 51 -46.50 -29.85 27.10
N ASP C 52 -47.42 -29.63 26.16
CA ASP C 52 -47.40 -30.36 24.88
C ASP C 52 -47.64 -29.41 23.70
N SER C 53 -47.34 -28.12 23.87
CA SER C 53 -47.53 -27.11 22.84
C SER C 53 -46.48 -27.22 21.72
N THR C 54 -45.36 -27.91 21.97
CA THR C 54 -44.29 -28.09 20.99
C THR C 54 -44.01 -29.58 20.73
N ARG C 55 -44.99 -30.46 21.03
CA ARG C 55 -44.84 -31.91 20.87
C ARG C 55 -44.66 -32.36 19.42
N MET C 56 -45.53 -31.91 18.51
CA MET C 56 -45.47 -32.32 17.11
C MET C 56 -44.35 -31.64 16.31
N ILE C 57 -43.85 -30.49 16.77
CA ILE C 57 -42.74 -29.82 16.09
C ILE C 57 -41.44 -30.59 16.43
N LEU C 58 -41.31 -31.09 17.68
CA LEU C 58 -40.15 -31.86 18.11
C LEU C 58 -40.36 -33.39 17.88
N HIS C 59 -41.35 -33.76 17.06
CA HIS C 59 -41.67 -35.14 16.68
C HIS C 59 -42.15 -36.15 17.72
N GLY C 60 -43.26 -35.85 18.38
CA GLY C 60 -43.88 -36.71 19.39
C GLY C 60 -43.09 -36.72 20.68
N LYS C 61 -42.10 -35.84 20.81
CA LYS C 61 -41.25 -35.76 22.00
C LYS C 61 -41.70 -34.58 22.87
N PRO C 62 -42.48 -34.79 23.95
CA PRO C 62 -42.86 -33.64 24.78
C PRO C 62 -41.60 -33.14 25.48
N GLN C 63 -41.14 -31.94 25.12
CA GLN C 63 -39.92 -31.41 25.69
C GLN C 63 -40.00 -31.16 27.18
N ASP C 64 -38.84 -31.11 27.79
CA ASP C 64 -38.68 -30.87 29.21
C ASP C 64 -39.01 -29.41 29.45
N THR C 65 -39.91 -29.12 30.39
CA THR C 65 -40.30 -27.74 30.66
C THR C 65 -39.23 -27.02 31.48
N VAL C 66 -39.28 -25.68 31.51
CA VAL C 66 -38.31 -24.88 32.27
C VAL C 66 -38.48 -25.20 33.76
N MET C 67 -39.73 -25.31 34.21
CA MET C 67 -40.01 -25.62 35.61
C MET C 67 -39.48 -26.99 35.99
N ASP C 68 -39.61 -27.98 35.10
CA ASP C 68 -39.10 -29.33 35.37
C ASP C 68 -37.59 -29.32 35.53
N VAL C 69 -36.87 -28.60 34.67
CA VAL C 69 -35.41 -28.53 34.75
C VAL C 69 -35.01 -27.82 36.06
N LEU C 70 -35.82 -26.86 36.48
CA LEU C 70 -35.53 -26.09 37.70
C LEU C 70 -35.93 -26.87 38.96
N ARG C 71 -36.76 -27.90 38.80
CA ARG C 71 -37.29 -28.67 39.92
C ARG C 71 -36.53 -29.98 40.15
N GLU C 72 -36.44 -30.83 39.12
CA GLU C 72 -35.76 -32.12 39.25
C GLU C 72 -34.25 -31.96 39.42
N GLU C 73 -33.61 -31.15 38.55
CA GLU C 73 -32.16 -30.94 38.62
C GLU C 73 -31.75 -29.56 39.18
N GLY C 74 -32.71 -28.67 39.38
CA GLY C 74 -32.44 -27.35 39.91
C GLY C 74 -31.84 -26.39 38.91
N GLU C 75 -31.29 -25.26 39.38
CA GLU C 75 -30.66 -24.26 38.53
C GLU C 75 -29.24 -24.65 38.07
N GLU C 76 -28.63 -25.68 38.69
CA GLU C 76 -27.29 -26.12 38.31
C GLU C 76 -27.28 -26.66 36.88
N ALA C 77 -28.38 -27.30 36.44
CA ALA C 77 -28.47 -27.87 35.09
C ALA C 77 -29.24 -26.99 34.09
N VAL C 78 -29.76 -25.82 34.51
CA VAL C 78 -30.52 -24.96 33.59
C VAL C 78 -29.58 -24.30 32.57
N THR C 79 -29.73 -24.68 31.29
CA THR C 79 -28.95 -24.15 30.18
C THR C 79 -29.88 -23.91 29.00
N LEU C 80 -29.61 -22.89 28.18
CA LEU C 80 -30.46 -22.59 27.03
C LEU C 80 -30.59 -23.77 26.08
N GLU C 81 -29.49 -24.50 25.85
CA GLU C 81 -29.52 -25.65 24.93
C GLU C 81 -30.46 -26.77 25.44
N LYS C 82 -30.72 -26.82 26.75
CA LYS C 82 -31.59 -27.84 27.34
C LYS C 82 -33.07 -27.46 27.22
N VAL C 83 -33.43 -26.24 27.66
CA VAL C 83 -34.82 -25.78 27.63
C VAL C 83 -35.31 -25.39 26.22
N ARG C 84 -34.41 -24.94 25.33
CA ARG C 84 -34.79 -24.55 23.97
C ARG C 84 -34.29 -25.61 22.99
N LYS C 85 -35.20 -26.34 22.33
CA LYS C 85 -34.80 -27.38 21.38
C LYS C 85 -35.33 -27.07 19.99
N ILE C 86 -34.56 -27.41 18.94
CA ILE C 86 -34.94 -27.17 17.55
C ILE C 86 -35.76 -28.34 17.00
N GLY C 87 -36.76 -28.03 16.17
CA GLY C 87 -37.63 -29.01 15.56
C GLY C 87 -37.75 -28.86 14.06
N PHE C 88 -38.91 -29.23 13.51
CA PHE C 88 -39.19 -29.17 12.07
C PHE C 88 -38.85 -27.80 11.47
N LYS C 89 -38.10 -27.79 10.36
CA LYS C 89 -37.66 -26.57 9.67
C LYS C 89 -37.07 -25.53 10.64
N ASP C 90 -36.10 -25.97 11.44
CA ASP C 90 -35.39 -25.13 12.40
C ASP C 90 -36.29 -24.26 13.29
N ILE C 91 -37.46 -24.77 13.70
CA ILE C 91 -38.35 -23.99 14.56
C ILE C 91 -37.88 -24.18 16.00
N LEU C 92 -37.60 -23.06 16.71
CA LEU C 92 -37.14 -23.12 18.09
C LEU C 92 -38.33 -23.38 19.00
N CYS C 93 -38.15 -24.23 20.02
CA CYS C 93 -39.23 -24.60 20.93
C CYS C 93 -38.83 -24.44 22.37
N VAL C 94 -39.75 -23.88 23.19
CA VAL C 94 -39.53 -23.70 24.63
C VAL C 94 -40.86 -24.00 25.32
N GLU C 95 -40.83 -24.70 26.47
CA GLU C 95 -42.04 -25.01 27.21
C GLU C 95 -41.90 -24.50 28.64
N SER C 96 -42.82 -23.63 29.06
CA SER C 96 -42.77 -23.07 30.40
C SER C 96 -43.12 -24.09 31.47
N GLY C 97 -44.21 -24.81 31.28
CA GLY C 97 -44.67 -25.78 32.26
C GLY C 97 -45.37 -25.08 33.39
N GLY C 98 -45.27 -25.62 34.59
CA GLY C 98 -45.89 -25.02 35.76
C GLY C 98 -45.71 -25.83 37.03
N PRO C 99 -46.18 -25.32 38.16
CA PRO C 99 -46.02 -26.07 39.41
C PRO C 99 -46.94 -27.27 39.48
N GLU C 100 -46.67 -28.20 40.42
CA GLU C 100 -47.50 -29.39 40.56
C GLU C 100 -48.90 -28.96 41.02
N PRO C 101 -49.99 -29.59 40.53
CA PRO C 101 -51.33 -29.15 40.95
C PRO C 101 -51.49 -28.93 42.45
N GLY C 102 -51.92 -27.73 42.81
CA GLY C 102 -52.15 -27.35 44.20
C GLY C 102 -50.99 -26.66 44.88
N VAL C 103 -49.76 -26.86 44.38
CA VAL C 103 -48.56 -26.27 44.99
C VAL C 103 -48.66 -24.73 45.06
N GLY C 104 -48.88 -24.09 43.92
CA GLY C 104 -48.98 -22.64 43.85
C GLY C 104 -49.62 -22.16 42.56
N CYS C 105 -49.50 -20.85 42.27
CA CYS C 105 -50.07 -20.23 41.07
C CYS C 105 -49.71 -21.02 39.79
N ALA C 106 -50.73 -21.49 39.06
CA ALA C 106 -50.51 -22.26 37.83
C ALA C 106 -49.73 -21.49 36.77
N GLY C 107 -49.90 -20.17 36.74
CA GLY C 107 -49.21 -19.32 35.77
C GLY C 107 -47.78 -18.98 36.13
N ARG C 108 -47.32 -19.35 37.34
CA ARG C 108 -45.95 -19.04 37.77
C ARG C 108 -44.87 -19.64 36.86
N GLY C 109 -45.19 -20.71 36.16
CA GLY C 109 -44.27 -21.32 35.23
C GLY C 109 -43.98 -20.42 34.03
N VAL C 110 -44.98 -19.64 33.61
CA VAL C 110 -44.84 -18.73 32.48
C VAL C 110 -43.90 -17.59 32.84
N ILE C 111 -44.10 -16.96 34.00
CA ILE C 111 -43.25 -15.84 34.43
C ILE C 111 -41.80 -16.28 34.56
N THR C 112 -41.56 -17.37 35.28
CA THR C 112 -40.20 -17.88 35.48
C THR C 112 -39.52 -18.20 34.13
N ALA C 113 -40.23 -18.83 33.18
CA ALA C 113 -39.67 -19.18 31.88
C ALA C 113 -39.38 -17.96 30.99
N VAL C 114 -40.29 -16.97 30.99
CA VAL C 114 -40.08 -15.77 30.18
C VAL C 114 -38.90 -14.97 30.74
N ASP C 115 -38.87 -14.77 32.06
CA ASP C 115 -37.76 -14.02 32.67
C ASP C 115 -36.42 -14.76 32.45
N MET C 116 -36.40 -16.09 32.58
CA MET C 116 -35.17 -16.88 32.37
C MET C 116 -34.77 -16.89 30.89
N MET C 117 -35.75 -16.85 29.98
CA MET C 117 -35.49 -16.83 28.55
C MET C 117 -34.83 -15.51 28.11
N ARG C 118 -34.84 -14.48 28.96
CA ARG C 118 -34.23 -13.19 28.66
C ARG C 118 -32.83 -13.11 29.24
N GLU C 119 -32.60 -13.72 30.41
CA GLU C 119 -31.27 -13.73 31.03
C GLU C 119 -30.34 -14.59 30.15
N LEU C 120 -30.86 -15.68 29.57
CA LEU C 120 -30.09 -16.55 28.70
C LEU C 120 -30.13 -16.12 27.22
N GLU C 121 -30.88 -15.06 26.88
CA GLU C 121 -30.95 -14.55 25.50
C GLU C 121 -31.47 -15.65 24.56
N GLY C 122 -32.63 -16.20 24.90
CA GLY C 122 -33.23 -17.28 24.14
C GLY C 122 -34.09 -16.84 22.97
N TYR C 123 -34.41 -15.55 22.88
CA TYR C 123 -35.21 -15.03 21.77
C TYR C 123 -34.27 -14.41 20.73
N PRO C 124 -33.94 -15.11 19.62
CA PRO C 124 -33.00 -14.51 18.65
C PRO C 124 -33.48 -13.22 18.01
N ASP C 125 -32.55 -12.34 17.67
CA ASP C 125 -32.89 -11.06 17.05
C ASP C 125 -33.37 -11.24 15.61
N ASP C 126 -32.76 -12.18 14.89
CA ASP C 126 -33.11 -12.46 13.50
C ASP C 126 -34.50 -13.10 13.32
N LEU C 127 -35.16 -13.51 14.41
CA LEU C 127 -36.48 -14.12 14.32
C LEU C 127 -37.50 -13.33 13.49
N ASP C 128 -38.39 -14.04 12.78
CA ASP C 128 -39.42 -13.42 11.94
C ASP C 128 -40.78 -13.46 12.62
N ASN C 129 -41.10 -14.61 13.24
CA ASN C 129 -42.44 -14.75 13.89
C ASN C 129 -42.28 -15.47 15.24
N LEU C 130 -42.84 -14.90 16.30
CA LEU C 130 -42.77 -15.55 17.65
C LEU C 130 -44.19 -15.85 18.13
N PHE C 131 -44.40 -17.07 18.64
CA PHE C 131 -45.72 -17.45 19.13
C PHE C 131 -45.71 -17.83 20.60
N PHE C 132 -46.80 -17.50 21.30
CA PHE C 132 -46.99 -17.83 22.71
C PHE C 132 -48.30 -18.58 22.86
N ASP C 133 -48.26 -19.90 23.05
CA ASP C 133 -49.47 -20.70 23.22
C ASP C 133 -49.88 -20.58 24.68
N VAL C 134 -50.84 -19.69 24.99
CA VAL C 134 -51.24 -19.45 26.38
C VAL C 134 -52.58 -20.07 26.76
N LEU C 135 -52.70 -20.46 28.04
CA LEU C 135 -53.92 -21.02 28.61
C LEU C 135 -54.93 -19.88 28.74
N GLY C 136 -56.15 -20.10 28.26
CA GLY C 136 -57.19 -19.07 28.29
C GLY C 136 -58.38 -19.34 29.19
N ASP C 137 -58.35 -20.42 29.98
CA ASP C 137 -59.46 -20.74 30.89
C ASP C 137 -59.56 -19.69 32.00
N VAL C 138 -58.42 -19.12 32.41
CA VAL C 138 -58.35 -18.07 33.42
C VAL C 138 -57.33 -17.04 32.91
N VAL C 139 -57.66 -15.74 33.02
CA VAL C 139 -56.76 -14.69 32.56
C VAL C 139 -56.19 -14.03 33.80
N CYS C 140 -55.10 -14.57 34.33
CA CYS C 140 -54.49 -14.04 35.55
C CYS C 140 -53.08 -14.58 35.74
N GLY C 141 -52.29 -13.89 36.53
CA GLY C 141 -50.93 -14.29 36.82
C GLY C 141 -50.07 -14.41 35.58
N GLY C 142 -49.38 -15.52 35.45
CA GLY C 142 -48.52 -15.74 34.29
C GLY C 142 -49.26 -15.81 32.99
N PHE C 143 -50.52 -16.25 33.00
CA PHE C 143 -51.33 -16.34 31.79
C PHE C 143 -51.71 -14.95 31.27
N ALA C 144 -51.75 -13.94 32.15
CA ALA C 144 -52.07 -12.57 31.75
C ALA C 144 -50.78 -11.76 31.45
N MET C 145 -49.58 -12.31 31.76
CA MET C 145 -48.31 -11.61 31.52
C MET C 145 -48.14 -11.15 30.05
N PRO C 146 -48.38 -11.98 29.01
CA PRO C 146 -48.21 -11.47 27.65
C PRO C 146 -49.06 -10.22 27.35
N LEU C 147 -50.18 -10.06 28.06
CA LEU C 147 -51.04 -8.90 27.85
C LEU C 147 -50.52 -7.73 28.70
N ARG C 148 -50.27 -7.96 30.00
CA ARG C 148 -49.80 -6.92 30.92
C ARG C 148 -48.41 -6.37 30.56
N ASP C 149 -47.42 -7.25 30.38
CA ASP C 149 -46.06 -6.84 30.04
C ASP C 149 -45.85 -6.53 28.55
N GLY C 150 -46.80 -6.90 27.70
CA GLY C 150 -46.72 -6.64 26.27
C GLY C 150 -45.68 -7.48 25.54
N LEU C 151 -45.60 -8.78 25.85
CA LEU C 151 -44.65 -9.65 25.17
C LEU C 151 -45.09 -9.81 23.71
N ALA C 152 -46.41 -10.00 23.50
CA ALA C 152 -47.02 -10.15 22.18
C ALA C 152 -47.88 -8.92 21.93
N GLN C 153 -47.87 -8.41 20.70
CA GLN C 153 -48.66 -7.24 20.35
C GLN C 153 -49.97 -7.64 19.68
N GLU C 154 -49.96 -8.74 18.91
CA GLU C 154 -51.15 -9.26 18.24
C GLU C 154 -51.64 -10.49 18.97
N ILE C 155 -52.93 -10.52 19.36
CA ILE C 155 -53.51 -11.66 20.07
C ILE C 155 -54.57 -12.29 19.17
N TYR C 156 -54.60 -13.63 19.10
CA TYR C 156 -55.60 -14.35 18.31
C TYR C 156 -56.24 -15.37 19.22
N ILE C 157 -57.57 -15.40 19.25
CA ILE C 157 -58.30 -16.33 20.12
C ILE C 157 -58.88 -17.47 19.31
N VAL C 158 -58.58 -18.71 19.69
CA VAL C 158 -59.11 -19.88 19.00
C VAL C 158 -60.40 -20.25 19.73
N THR C 159 -61.52 -20.37 18.99
CA THR C 159 -62.81 -20.71 19.59
C THR C 159 -63.70 -21.46 18.58
N SER C 160 -64.80 -22.04 19.07
CA SER C 160 -65.77 -22.76 18.26
C SER C 160 -67.18 -22.24 18.62
N GLY C 161 -68.22 -22.82 18.03
CA GLY C 161 -69.58 -22.40 18.32
C GLY C 161 -70.06 -22.73 19.73
N GLU C 162 -69.33 -23.60 20.46
CA GLU C 162 -69.73 -23.99 21.82
C GLU C 162 -69.78 -22.77 22.73
N MET C 163 -70.78 -22.72 23.62
CA MET C 163 -70.96 -21.60 24.53
C MET C 163 -69.74 -21.36 25.38
N MET C 164 -69.19 -22.40 26.01
CA MET C 164 -68.01 -22.24 26.87
C MET C 164 -66.82 -21.69 26.11
N ALA C 165 -66.63 -22.11 24.85
CA ALA C 165 -65.51 -21.63 24.04
C ALA C 165 -65.68 -20.13 23.75
N LEU C 166 -66.93 -19.70 23.52
CA LEU C 166 -67.20 -18.27 23.25
C LEU C 166 -67.06 -17.48 24.55
N TYR C 167 -67.51 -18.06 25.67
CA TYR C 167 -67.43 -17.37 26.97
C TYR C 167 -65.97 -17.09 27.29
N ALA C 168 -65.09 -18.09 27.13
CA ALA C 168 -63.66 -17.93 27.39
C ALA C 168 -63.08 -16.87 26.45
N ALA C 169 -63.48 -16.90 25.17
CA ALA C 169 -63.01 -15.92 24.19
C ALA C 169 -63.44 -14.51 24.58
N ASN C 170 -64.67 -14.35 25.07
CA ASN C 170 -65.18 -13.05 25.49
C ASN C 170 -64.39 -12.55 26.70
N ASN C 171 -64.02 -13.46 27.64
CA ASN C 171 -63.24 -13.08 28.82
C ASN C 171 -61.83 -12.68 28.40
N ILE C 172 -61.25 -13.37 27.42
CA ILE C 172 -59.90 -12.99 26.92
C ILE C 172 -59.98 -11.58 26.35
N ALA C 173 -61.03 -11.28 25.59
CA ALA C 173 -61.22 -9.95 25.01
C ALA C 173 -61.26 -8.88 26.11
N LYS C 174 -61.88 -9.20 27.26
CA LYS C 174 -61.95 -8.27 28.39
C LYS C 174 -60.55 -7.98 28.92
N GLY C 175 -59.71 -9.03 29.01
CA GLY C 175 -58.34 -8.91 29.47
C GLY C 175 -57.49 -8.11 28.50
N ILE C 176 -57.75 -8.26 27.20
CA ILE C 176 -57.01 -7.52 26.18
C ILE C 176 -57.34 -6.03 26.32
N LEU C 177 -58.63 -5.70 26.47
CA LEU C 177 -59.08 -4.33 26.62
C LEU C 177 -58.47 -3.67 27.87
N LYS C 178 -58.32 -4.43 28.96
CA LYS C 178 -57.75 -3.90 30.20
C LYS C 178 -56.31 -3.41 29.99
N TYR C 179 -55.49 -4.18 29.27
CA TYR C 179 -54.09 -3.81 29.03
C TYR C 179 -53.83 -3.20 27.64
N ALA C 180 -54.88 -2.87 26.88
CA ALA C 180 -54.70 -2.31 25.54
C ALA C 180 -53.95 -0.98 25.58
N GLU C 181 -54.34 -0.06 26.45
CA GLU C 181 -53.69 1.24 26.55
C GLU C 181 -52.37 1.14 27.34
N GLN C 182 -52.37 0.29 28.38
CA GLN C 182 -51.21 0.09 29.24
C GLN C 182 -49.98 -0.48 28.51
N SER C 183 -50.14 -1.53 27.70
CA SER C 183 -49.00 -2.14 27.00
C SER C 183 -49.12 -2.18 25.47
N GLY C 184 -50.08 -1.47 24.91
CA GLY C 184 -50.25 -1.43 23.46
C GLY C 184 -50.65 -2.77 22.84
N VAL C 185 -51.20 -3.68 23.66
CA VAL C 185 -51.62 -4.99 23.16
C VAL C 185 -52.97 -4.84 22.46
N ARG C 186 -53.19 -5.56 21.35
CA ARG C 186 -54.43 -5.48 20.59
C ARG C 186 -54.89 -6.85 20.11
N LEU C 187 -56.18 -6.98 19.77
CA LEU C 187 -56.76 -8.22 19.28
C LEU C 187 -56.65 -8.22 17.75
N GLY C 188 -55.89 -9.17 17.22
CA GLY C 188 -55.69 -9.30 15.79
C GLY C 188 -56.90 -9.90 15.09
N GLY C 189 -57.47 -10.94 15.67
CA GLY C 189 -58.64 -11.60 15.10
C GLY C 189 -59.09 -12.83 15.86
N ILE C 190 -60.06 -13.55 15.29
CA ILE C 190 -60.60 -14.76 15.89
C ILE C 190 -60.39 -15.94 14.96
N ILE C 191 -59.77 -17.01 15.47
CA ILE C 191 -59.58 -18.24 14.65
C ILE C 191 -60.64 -19.26 15.08
N CYS C 192 -61.42 -19.76 14.12
CA CYS C 192 -62.49 -20.69 14.47
C CYS C 192 -62.08 -22.12 14.19
N ASN C 193 -61.71 -22.89 15.22
CA ASN C 193 -61.37 -24.28 15.03
C ASN C 193 -62.72 -24.99 15.02
N ALA C 194 -63.33 -25.08 13.84
CA ALA C 194 -64.65 -25.66 13.64
C ALA C 194 -64.79 -27.10 14.16
N ARG C 195 -66.02 -27.45 14.58
CA ARG C 195 -66.33 -28.77 15.15
C ARG C 195 -67.16 -29.61 14.17
N ASN C 196 -66.90 -29.47 12.85
CA ASN C 196 -67.60 -30.21 11.78
C ASN C 196 -69.14 -30.05 11.87
N VAL C 197 -69.62 -28.85 12.25
CA VAL C 197 -71.04 -28.56 12.36
C VAL C 197 -71.35 -27.31 11.52
N ASP C 198 -72.49 -27.29 10.83
CA ASP C 198 -72.88 -26.15 9.99
C ASP C 198 -73.50 -25.01 10.82
N GLY C 199 -73.53 -23.83 10.22
CA GLY C 199 -74.07 -22.61 10.85
C GLY C 199 -73.15 -21.97 11.88
N GLU C 200 -72.06 -22.67 12.27
CA GLU C 200 -71.13 -22.10 13.23
C GLU C 200 -70.28 -21.00 12.54
N LYS C 201 -70.09 -21.08 11.21
CA LYS C 201 -69.34 -20.09 10.46
C LYS C 201 -70.12 -18.76 10.50
N GLU C 202 -71.44 -18.83 10.29
CA GLU C 202 -72.33 -17.69 10.35
C GLU C 202 -72.40 -17.14 11.77
N LEU C 203 -72.38 -18.03 12.78
CA LEU C 203 -72.39 -17.63 14.19
C LEU C 203 -71.11 -16.86 14.52
N MET C 204 -69.95 -17.34 14.04
CA MET C 204 -68.68 -16.67 14.31
C MET C 204 -68.59 -15.32 13.61
N ASP C 205 -69.23 -15.15 12.44
CA ASP C 205 -69.22 -13.87 11.74
C ASP C 205 -69.92 -12.81 12.59
N GLU C 206 -71.06 -13.17 13.21
CA GLU C 206 -71.78 -12.24 14.07
C GLU C 206 -71.03 -12.02 15.38
N PHE C 207 -70.41 -13.07 15.92
CA PHE C 207 -69.66 -12.96 17.17
C PHE C 207 -68.50 -11.98 17.01
N CYS C 208 -67.75 -12.10 15.91
CA CYS C 208 -66.63 -11.21 15.63
C CYS C 208 -67.12 -9.79 15.34
N ASP C 209 -68.28 -9.70 14.68
CA ASP C 209 -68.86 -8.37 14.35
C ASP C 209 -69.16 -7.62 15.66
N LYS C 210 -69.80 -8.28 16.61
CA LYS C 210 -70.17 -7.61 17.87
C LYS C 210 -68.92 -7.28 18.69
N LEU C 211 -67.89 -8.12 18.58
CA LEU C 211 -66.64 -7.88 19.36
C LEU C 211 -65.83 -6.75 18.71
N GLY C 212 -66.17 -6.35 17.49
CA GLY C 212 -65.43 -5.33 16.77
C GLY C 212 -64.15 -5.85 16.15
N THR C 213 -64.12 -7.16 15.80
CA THR C 213 -62.96 -7.79 15.20
C THR C 213 -63.37 -8.61 13.96
N LYS C 214 -62.45 -9.37 13.35
CA LYS C 214 -62.75 -10.17 12.16
C LYS C 214 -62.38 -11.64 12.35
N LEU C 215 -63.07 -12.52 11.63
CA LEU C 215 -62.80 -13.95 11.66
C LEU C 215 -61.60 -14.17 10.76
N ILE C 216 -60.39 -14.19 11.32
CA ILE C 216 -59.16 -14.35 10.54
C ILE C 216 -59.20 -15.62 9.66
N HIS C 217 -59.80 -16.72 10.14
CA HIS C 217 -59.88 -17.95 9.35
C HIS C 217 -60.81 -18.98 10.00
N TYR C 218 -61.41 -19.84 9.18
CA TYR C 218 -62.30 -20.90 9.63
C TYR C 218 -61.55 -22.22 9.41
N VAL C 219 -60.86 -22.71 10.45
CA VAL C 219 -60.10 -23.94 10.36
C VAL C 219 -61.05 -25.14 10.46
N PRO C 220 -61.22 -25.96 9.40
CA PRO C 220 -62.15 -27.10 9.51
C PRO C 220 -61.61 -28.27 10.32
N ARG C 221 -62.52 -29.11 10.82
CA ARG C 221 -62.12 -30.32 11.59
C ARG C 221 -61.74 -31.42 10.61
N ASP C 222 -60.48 -31.86 10.63
CA ASP C 222 -60.01 -32.87 9.68
C ASP C 222 -59.31 -34.02 10.40
N ASN C 223 -59.60 -35.26 9.99
CA ASN C 223 -58.99 -36.45 10.58
C ASN C 223 -57.48 -36.54 10.31
N ILE C 224 -56.99 -35.84 9.27
CA ILE C 224 -55.55 -35.87 8.95
C ILE C 224 -54.72 -35.32 10.13
N VAL C 225 -55.29 -34.42 10.93
CA VAL C 225 -54.59 -33.88 12.12
C VAL C 225 -54.21 -35.07 13.01
N GLN C 226 -55.19 -35.90 13.36
CA GLN C 226 -54.98 -37.04 14.26
C GLN C 226 -54.04 -38.05 13.62
N LYS C 227 -54.14 -38.27 12.30
CA LYS C 227 -53.26 -39.21 11.60
C LYS C 227 -51.81 -38.72 11.63
N ALA C 228 -51.58 -37.41 11.40
CA ALA C 228 -50.24 -36.84 11.45
C ALA C 228 -49.71 -36.96 12.89
N GLU C 229 -50.58 -36.78 13.90
CA GLU C 229 -50.20 -36.88 15.31
C GLU C 229 -49.69 -38.29 15.63
N PHE C 230 -50.37 -39.33 15.12
CA PHE C 230 -49.93 -40.72 15.36
C PHE C 230 -48.56 -40.98 14.73
N ASN C 231 -48.21 -40.26 13.65
CA ASN C 231 -46.90 -40.42 13.00
C ASN C 231 -45.85 -39.49 13.62
N LYS C 232 -46.09 -38.94 14.82
CA LYS C 232 -45.16 -38.03 15.49
C LYS C 232 -44.75 -36.86 14.57
N MET C 233 -45.76 -36.24 13.92
CA MET C 233 -45.49 -35.14 12.95
C MET C 233 -46.65 -34.15 12.92
N THR C 234 -46.44 -32.94 12.38
CA THR C 234 -47.50 -31.90 12.23
C THR C 234 -48.10 -32.06 10.83
N VAL C 235 -49.28 -31.50 10.57
CA VAL C 235 -49.94 -31.71 9.28
C VAL C 235 -49.05 -31.22 8.13
N ILE C 236 -48.37 -30.09 8.32
CA ILE C 236 -47.49 -29.52 7.29
C ILE C 236 -46.36 -30.49 6.96
N GLU C 237 -45.71 -31.04 7.99
CA GLU C 237 -44.61 -31.97 7.81
C GLU C 237 -45.09 -33.33 7.28
N PHE C 238 -46.27 -33.78 7.70
CA PHE C 238 -46.81 -35.07 7.27
C PHE C 238 -47.22 -35.06 5.79
N ASP C 239 -48.07 -34.11 5.39
CA ASP C 239 -48.52 -34.01 4.00
C ASP C 239 -48.79 -32.54 3.67
N PRO C 240 -47.79 -31.79 3.16
CA PRO C 240 -48.05 -30.38 2.84
C PRO C 240 -48.96 -30.15 1.63
N GLU C 241 -49.36 -31.22 0.95
CA GLU C 241 -50.24 -31.12 -0.22
C GLU C 241 -51.72 -31.37 0.15
N CYS C 242 -51.98 -31.74 1.42
CA CYS C 242 -53.32 -31.99 1.92
C CYS C 242 -54.12 -30.68 1.89
N ASN C 243 -55.44 -30.78 1.71
CA ASN C 243 -56.29 -29.59 1.67
C ASN C 243 -56.24 -28.85 3.02
N GLN C 244 -56.07 -29.58 4.13
CA GLN C 244 -55.98 -28.99 5.47
C GLN C 244 -54.68 -28.20 5.62
N ALA C 245 -53.58 -28.69 5.01
CA ALA C 245 -52.29 -28.00 5.06
C ALA C 245 -52.42 -26.63 4.36
N LYS C 246 -53.21 -26.57 3.27
CA LYS C 246 -53.46 -25.32 2.54
C LYS C 246 -54.29 -24.35 3.40
N GLU C 247 -55.17 -24.87 4.27
CA GLU C 247 -55.97 -24.04 5.17
C GLU C 247 -55.05 -23.42 6.20
N TYR C 248 -54.14 -24.21 6.79
CA TYR C 248 -53.18 -23.67 7.76
C TYR C 248 -52.24 -22.69 7.07
N ARG C 249 -51.96 -22.89 5.77
CA ARG C 249 -51.10 -22.00 5.01
C ARG C 249 -51.82 -20.66 4.81
N THR C 250 -53.11 -20.71 4.49
CA THR C 250 -53.95 -19.51 4.29
C THR C 250 -53.97 -18.71 5.59
N LEU C 251 -54.21 -19.39 6.73
CA LEU C 251 -54.25 -18.75 8.04
C LEU C 251 -52.88 -18.13 8.37
N ALA C 252 -51.78 -18.87 8.13
CA ALA C 252 -50.43 -18.37 8.39
C ALA C 252 -50.17 -17.07 7.64
N LYS C 253 -50.60 -16.99 6.38
CA LYS C 253 -50.43 -15.79 5.56
C LYS C 253 -51.30 -14.65 6.10
N ASN C 254 -52.55 -14.95 6.48
CA ASN C 254 -53.47 -13.95 7.00
C ASN C 254 -52.94 -13.33 8.30
N ILE C 255 -52.39 -14.14 9.21
CA ILE C 255 -51.85 -13.64 10.47
C ILE C 255 -50.62 -12.76 10.20
N ASP C 256 -49.67 -13.26 9.40
CA ASP C 256 -48.45 -12.53 9.09
C ASP C 256 -48.74 -11.20 8.38
N GLU C 257 -49.72 -11.18 7.46
CA GLU C 257 -50.04 -9.95 6.74
C GLU C 257 -51.25 -9.21 7.35
N ASN C 258 -51.53 -9.44 8.66
CA ASN C 258 -52.64 -8.74 9.30
C ASN C 258 -52.21 -7.38 9.83
N ASP C 259 -53.00 -6.35 9.51
CA ASP C 259 -52.77 -4.98 9.95
C ASP C 259 -53.96 -4.41 10.73
N GLU C 260 -55.12 -5.10 10.70
CA GLU C 260 -56.33 -4.64 11.39
C GLU C 260 -56.32 -5.05 12.86
N LEU C 261 -55.50 -4.38 13.69
CA LEU C 261 -55.42 -4.65 15.12
C LEU C 261 -56.44 -3.74 15.80
N VAL C 262 -57.29 -4.29 16.66
CA VAL C 262 -58.36 -3.50 17.29
C VAL C 262 -58.50 -3.73 18.79
N LYS C 263 -59.16 -2.78 19.47
CA LYS C 263 -59.48 -2.86 20.89
C LYS C 263 -60.87 -3.50 20.89
N PRO C 264 -61.05 -4.72 21.43
CA PRO C 264 -62.38 -5.35 21.34
C PRO C 264 -63.47 -4.69 22.16
N THR C 265 -64.73 -5.03 21.85
CA THR C 265 -65.90 -4.53 22.58
C THR C 265 -66.61 -5.76 23.15
N PRO C 266 -66.12 -6.32 24.27
CA PRO C 266 -66.77 -7.51 24.84
C PRO C 266 -68.28 -7.34 25.07
N MET C 267 -69.03 -8.44 25.09
CA MET C 267 -70.47 -8.36 25.31
C MET C 267 -70.88 -8.91 26.68
N THR C 268 -72.07 -8.56 27.14
CA THR C 268 -72.59 -9.00 28.43
C THR C 268 -73.03 -10.46 28.32
N MET C 269 -73.30 -11.12 29.45
CA MET C 269 -73.73 -12.53 29.43
C MET C 269 -75.04 -12.67 28.65
N ASP C 270 -75.98 -11.74 28.85
CA ASP C 270 -77.26 -11.78 28.14
C ASP C 270 -77.08 -11.70 26.62
N GLU C 271 -76.21 -10.81 26.13
CA GLU C 271 -75.99 -10.69 24.68
C GLU C 271 -75.38 -11.96 24.11
N LEU C 272 -74.44 -12.58 24.83
CA LEU C 272 -73.78 -13.80 24.40
C LEU C 272 -74.76 -14.98 24.38
N GLU C 273 -75.59 -15.08 25.42
CA GLU C 273 -76.59 -16.15 25.48
C GLU C 273 -77.63 -15.95 24.37
N GLU C 274 -78.03 -14.70 24.11
CA GLU C 274 -78.99 -14.38 23.05
C GLU C 274 -78.47 -14.84 21.69
N LEU C 275 -77.16 -14.73 21.46
CA LEU C 275 -76.52 -15.12 20.20
C LEU C 275 -76.52 -16.64 20.01
N VAL C 276 -76.24 -17.42 21.06
CA VAL C 276 -76.22 -18.88 20.94
C VAL C 276 -77.63 -19.44 20.68
N VAL C 277 -78.67 -18.79 21.22
CA VAL C 277 -80.06 -19.24 21.06
C VAL C 277 -80.56 -19.02 19.62
N LYS C 278 -80.23 -17.88 19.01
CA LYS C 278 -80.68 -17.59 17.65
C LYS C 278 -80.06 -18.53 16.59
N TYR C 279 -79.00 -19.28 16.94
CA TYR C 279 -78.35 -20.18 16.00
C TYR C 279 -78.50 -21.65 16.42
N GLY C 280 -78.03 -21.98 17.63
CA GLY C 280 -78.10 -23.35 18.14
C GLY C 280 -79.50 -23.77 18.50
N SER D 2 -61.42 -24.99 64.25
CA SER D 2 -60.87 -25.62 63.06
C SER D 2 -61.89 -25.63 61.92
N PHE D 3 -61.43 -25.88 60.69
CA PHE D 3 -62.33 -25.85 59.51
C PHE D 3 -63.47 -26.88 59.65
N ASP D 4 -63.32 -27.84 60.56
CA ASP D 4 -64.33 -28.93 60.73
C ASP D 4 -65.61 -28.38 61.33
N GLU D 5 -65.51 -27.37 62.20
CA GLU D 5 -66.67 -26.84 62.92
C GLU D 5 -67.78 -26.34 61.99
N ILE D 6 -67.48 -26.13 60.70
CA ILE D 6 -68.47 -25.68 59.73
C ILE D 6 -69.37 -26.90 59.45
N ALA D 7 -70.71 -26.77 59.58
CA ALA D 7 -71.68 -27.88 59.36
C ALA D 7 -71.09 -29.26 59.74
N PRO D 8 -70.94 -29.55 61.04
CA PRO D 8 -70.31 -30.82 61.42
C PRO D 8 -71.09 -32.08 61.03
N ASP D 9 -72.41 -32.06 61.14
CA ASP D 9 -73.22 -33.24 60.79
C ASP D 9 -73.53 -33.33 59.29
N ALA D 10 -72.93 -32.47 58.46
CA ALA D 10 -73.17 -32.49 57.01
C ALA D 10 -72.05 -33.14 56.24
N LYS D 11 -72.38 -33.71 55.07
CA LYS D 11 -71.41 -34.34 54.19
C LYS D 11 -70.87 -33.24 53.27
N LYS D 12 -69.59 -32.90 53.43
CA LYS D 12 -68.91 -31.86 52.68
C LYS D 12 -68.33 -32.40 51.38
N VAL D 13 -68.93 -32.04 50.25
CA VAL D 13 -68.47 -32.55 48.96
C VAL D 13 -68.08 -31.39 48.02
N ALA D 14 -67.09 -31.61 47.17
CA ALA D 14 -66.67 -30.60 46.20
C ALA D 14 -66.55 -31.26 44.83
N ILE D 15 -67.20 -30.68 43.83
CA ILE D 15 -67.22 -31.21 42.47
C ILE D 15 -66.21 -30.44 41.60
N TYR D 16 -65.20 -31.16 41.09
CA TYR D 16 -64.16 -30.59 40.23
C TYR D 16 -64.29 -31.15 38.82
N GLY D 17 -63.65 -30.48 37.86
CA GLY D 17 -63.69 -30.93 36.48
C GLY D 17 -63.35 -29.85 35.48
N LYS D 18 -63.12 -30.26 34.23
CA LYS D 18 -62.80 -29.32 33.17
C LYS D 18 -63.97 -28.36 32.94
N GLY D 19 -63.69 -27.22 32.34
CA GLY D 19 -64.73 -26.23 32.03
C GLY D 19 -65.72 -26.75 31.02
N GLY D 20 -67.00 -26.57 31.31
CA GLY D 20 -68.08 -27.02 30.41
C GLY D 20 -68.27 -28.52 30.36
N ILE D 21 -67.73 -29.26 31.33
CA ILE D 21 -67.87 -30.71 31.36
C ILE D 21 -69.21 -31.15 32.00
N GLY D 22 -69.91 -30.23 32.66
CA GLY D 22 -71.18 -30.52 33.30
C GLY D 22 -71.12 -30.56 34.81
N LYS D 23 -70.09 -29.94 35.38
CA LYS D 23 -70.02 -29.89 36.87
C LYS D 23 -71.23 -29.15 37.41
N SER D 24 -71.62 -28.05 36.76
CA SER D 24 -72.75 -27.23 37.28
C SER D 24 -74.05 -28.04 37.22
N THR D 25 -74.38 -28.59 36.04
CA THR D 25 -75.63 -29.35 35.91
C THR D 25 -75.65 -30.57 36.84
N THR D 26 -74.53 -31.30 36.93
CA THR D 26 -74.48 -32.47 37.82
C THR D 26 -74.70 -32.05 39.27
N THR D 27 -73.99 -31.01 39.73
CA THR D 27 -74.10 -30.53 41.11
C THR D 27 -75.49 -29.94 41.41
N GLN D 28 -76.13 -29.28 40.43
CA GLN D 28 -77.46 -28.71 40.65
C GLN D 28 -78.50 -29.81 40.80
N ASN D 29 -78.48 -30.77 39.87
CA ASN D 29 -79.43 -31.88 39.85
C ASN D 29 -79.20 -32.87 40.99
N THR D 30 -77.94 -33.03 41.46
CA THR D 30 -77.64 -33.92 42.57
C THR D 30 -78.23 -33.34 43.85
N ALA D 31 -78.02 -32.04 44.08
CA ALA D 31 -78.55 -31.37 45.27
C ALA D 31 -80.08 -31.37 45.22
N ALA D 32 -80.67 -31.18 44.04
CA ALA D 32 -82.12 -31.18 43.89
C ALA D 32 -82.71 -32.55 44.20
N ALA D 33 -82.01 -33.63 43.81
CA ALA D 33 -82.46 -34.99 44.08
C ALA D 33 -82.38 -35.29 45.57
N LEU D 34 -81.32 -34.83 46.25
CA LEU D 34 -81.16 -35.06 47.68
C LEU D 34 -82.22 -34.31 48.48
N ALA D 35 -82.58 -33.09 48.05
CA ALA D 35 -83.58 -32.28 48.73
C ALA D 35 -85.01 -32.77 48.44
N TYR D 36 -85.29 -33.14 47.19
CA TYR D 36 -86.63 -33.58 46.79
C TYR D 36 -86.93 -35.05 47.14
N PHE D 37 -86.12 -36.00 46.66
CA PHE D 37 -86.34 -37.41 46.92
C PHE D 37 -85.96 -37.86 48.34
N PHE D 38 -84.84 -37.36 48.89
CA PHE D 38 -84.38 -37.77 50.21
C PHE D 38 -84.62 -36.75 51.34
N ASP D 39 -85.34 -35.65 51.08
CA ASP D 39 -85.64 -34.61 52.07
C ASP D 39 -84.41 -34.16 52.87
N LYS D 40 -83.31 -33.86 52.17
CA LYS D 40 -82.09 -33.39 52.82
C LYS D 40 -81.95 -31.87 52.69
N LYS D 41 -81.38 -31.22 53.72
CA LYS D 41 -81.15 -29.78 53.68
C LYS D 41 -79.80 -29.62 52.97
N VAL D 42 -79.81 -29.12 51.73
CA VAL D 42 -78.58 -28.98 50.94
C VAL D 42 -78.25 -27.52 50.67
N MET D 43 -76.96 -27.23 50.44
CA MET D 43 -76.46 -25.90 50.12
C MET D 43 -75.40 -26.01 49.02
N ILE D 44 -75.43 -25.06 48.08
CA ILE D 44 -74.45 -25.07 46.95
C ILE D 44 -73.63 -23.78 46.97
N HIS D 45 -72.31 -23.91 46.96
CA HIS D 45 -71.40 -22.77 46.96
C HIS D 45 -70.64 -22.80 45.65
N GLY D 46 -71.02 -21.94 44.71
CA GLY D 46 -70.37 -21.87 43.41
C GLY D 46 -68.99 -21.27 43.48
N CYS D 47 -67.96 -22.07 43.22
CA CYS D 47 -66.57 -21.62 43.24
C CYS D 47 -66.00 -21.62 41.82
N ASP D 48 -66.81 -21.15 40.85
CA ASP D 48 -66.43 -21.08 39.46
C ASP D 48 -66.62 -19.63 38.99
N PRO D 49 -65.61 -19.00 38.36
CA PRO D 49 -65.81 -17.59 37.93
C PRO D 49 -66.92 -17.38 36.89
N LYS D 50 -67.49 -18.45 36.33
CA LYS D 50 -68.62 -18.27 35.35
C LYS D 50 -69.82 -17.65 36.07
N ALA D 51 -70.03 -17.99 37.34
CA ALA D 51 -71.14 -17.47 38.15
C ALA D 51 -72.54 -17.95 37.73
N ASP D 52 -72.65 -19.22 37.32
CA ASP D 52 -73.94 -19.79 36.94
C ASP D 52 -74.16 -21.18 37.56
N SER D 53 -73.43 -21.52 38.64
CA SER D 53 -73.56 -22.82 39.30
C SER D 53 -74.87 -22.97 40.08
N THR D 54 -75.60 -21.87 40.29
CA THR D 54 -76.88 -21.87 41.02
C THR D 54 -77.97 -21.21 40.15
N ARG D 55 -77.88 -21.35 38.82
CA ARG D 55 -78.83 -20.73 37.91
C ARG D 55 -80.19 -21.44 37.88
N MET D 56 -80.19 -22.74 37.62
CA MET D 56 -81.44 -23.50 37.54
C MET D 56 -82.06 -23.84 38.90
N ILE D 57 -81.29 -23.74 40.00
CA ILE D 57 -81.82 -24.01 41.33
C ILE D 57 -82.64 -22.80 41.78
N LEU D 58 -82.20 -21.57 41.44
CA LEU D 58 -82.94 -20.36 41.79
C LEU D 58 -83.96 -20.01 40.70
N HIS D 59 -84.46 -21.02 39.95
CA HIS D 59 -85.44 -20.84 38.87
C HIS D 59 -84.93 -19.86 37.80
N GLY D 60 -83.87 -20.26 37.11
CA GLY D 60 -83.26 -19.47 36.04
C GLY D 60 -82.91 -18.04 36.41
N LYS D 61 -82.68 -17.76 37.69
CA LYS D 61 -82.34 -16.41 38.13
C LYS D 61 -80.82 -16.27 38.22
N PRO D 62 -80.19 -15.31 37.50
CA PRO D 62 -78.72 -15.17 37.59
C PRO D 62 -78.31 -14.58 38.93
N GLN D 63 -77.68 -15.40 39.79
CA GLN D 63 -77.29 -14.94 41.13
C GLN D 63 -76.16 -13.92 41.14
N ASP D 64 -76.28 -12.93 42.05
CA ASP D 64 -75.27 -11.90 42.25
C ASP D 64 -74.15 -12.53 43.07
N THR D 65 -72.91 -12.45 42.58
CA THR D 65 -71.79 -13.06 43.27
C THR D 65 -71.34 -12.24 44.47
N VAL D 66 -70.57 -12.85 45.37
CA VAL D 66 -70.05 -12.17 46.56
C VAL D 66 -69.11 -11.05 46.11
N MET D 67 -68.27 -11.31 45.10
CA MET D 67 -67.34 -10.32 44.58
C MET D 67 -68.09 -9.14 43.97
N ASP D 68 -69.19 -9.41 43.25
CA ASP D 68 -69.97 -8.34 42.63
C ASP D 68 -70.58 -7.42 43.69
N VAL D 69 -71.12 -7.99 44.77
CA VAL D 69 -71.73 -7.20 45.84
C VAL D 69 -70.65 -6.43 46.60
N LEU D 70 -69.56 -7.10 46.96
CA LEU D 70 -68.45 -6.48 47.69
C LEU D 70 -67.85 -5.34 46.87
N ARG D 71 -67.70 -5.55 45.55
CA ARG D 71 -67.13 -4.56 44.65
C ARG D 71 -68.08 -3.42 44.31
N GLU D 72 -69.39 -3.55 44.59
CA GLU D 72 -70.35 -2.49 44.27
C GLU D 72 -70.83 -1.71 45.48
N GLU D 73 -71.14 -2.39 46.59
CA GLU D 73 -71.64 -1.73 47.79
C GLU D 73 -70.58 -1.55 48.88
N GLY D 74 -69.72 -2.55 49.08
CA GLY D 74 -68.69 -2.47 50.11
C GLY D 74 -68.68 -3.66 51.05
N GLU D 75 -67.68 -3.74 51.94
CA GLU D 75 -67.52 -4.85 52.89
C GLU D 75 -68.66 -4.93 53.93
N GLU D 76 -68.86 -3.88 54.73
CA GLU D 76 -69.90 -3.91 55.78
C GLU D 76 -71.30 -3.97 55.14
N ALA D 77 -71.41 -3.62 53.86
CA ALA D 77 -72.69 -3.64 53.15
C ALA D 77 -73.02 -5.02 52.56
N VAL D 78 -72.31 -6.09 52.97
CA VAL D 78 -72.58 -7.44 52.46
C VAL D 78 -73.45 -8.17 53.48
N THR D 79 -74.75 -8.29 53.20
CA THR D 79 -75.68 -8.96 54.11
C THR D 79 -75.78 -10.45 53.75
N LEU D 80 -76.24 -11.28 54.69
CA LEU D 80 -76.36 -12.71 54.45
C LEU D 80 -77.54 -13.05 53.51
N GLU D 81 -78.40 -12.08 53.16
CA GLU D 81 -79.53 -12.35 52.27
C GLU D 81 -79.29 -11.82 50.84
N LYS D 82 -78.30 -10.94 50.64
CA LYS D 82 -78.02 -10.38 49.32
C LYS D 82 -77.19 -11.33 48.47
N VAL D 83 -76.20 -11.99 49.07
CA VAL D 83 -75.33 -12.93 48.35
C VAL D 83 -75.86 -14.36 48.41
N ARG D 84 -76.45 -14.74 49.55
CA ARG D 84 -77.00 -16.08 49.77
C ARG D 84 -78.52 -16.03 49.50
N LYS D 85 -79.04 -16.95 48.68
CA LYS D 85 -80.47 -16.97 48.36
C LYS D 85 -81.03 -18.38 48.41
N ILE D 86 -82.33 -18.51 48.69
CA ILE D 86 -83.00 -19.81 48.77
C ILE D 86 -83.68 -20.16 47.44
N GLY D 87 -83.71 -21.45 47.09
CA GLY D 87 -84.30 -21.91 45.83
C GLY D 87 -85.15 -23.15 45.96
N PHE D 88 -85.17 -23.99 44.90
CA PHE D 88 -85.97 -25.22 44.86
C PHE D 88 -85.75 -26.10 46.10
N LYS D 89 -86.85 -26.55 46.74
CA LYS D 89 -86.82 -27.38 47.94
C LYS D 89 -85.88 -26.81 49.02
N ASP D 90 -86.03 -25.52 49.32
CA ASP D 90 -85.25 -24.84 50.35
C ASP D 90 -83.72 -25.02 50.21
N ILE D 91 -83.22 -25.06 48.98
CA ILE D 91 -81.76 -25.24 48.77
C ILE D 91 -81.07 -23.89 48.87
N LEU D 92 -80.09 -23.76 49.76
CA LEU D 92 -79.36 -22.50 49.95
C LEU D 92 -78.32 -22.36 48.83
N CYS D 93 -78.18 -21.16 48.26
CA CYS D 93 -77.25 -20.91 47.16
C CYS D 93 -76.34 -19.74 47.44
N VAL D 94 -75.06 -19.86 47.04
CA VAL D 94 -74.06 -18.80 47.19
C VAL D 94 -73.15 -18.87 45.97
N GLU D 95 -72.75 -17.72 45.42
CA GLU D 95 -71.86 -17.68 44.27
C GLU D 95 -70.65 -16.82 44.60
N SER D 96 -69.44 -17.39 44.53
CA SER D 96 -68.22 -16.67 44.85
C SER D 96 -67.88 -15.62 43.79
N GLY D 97 -67.91 -16.01 42.52
CA GLY D 97 -67.55 -15.12 41.44
C GLY D 97 -66.04 -14.99 41.35
N GLY D 98 -65.56 -13.82 40.94
CA GLY D 98 -64.13 -13.61 40.83
C GLY D 98 -63.78 -12.23 40.28
N PRO D 99 -62.48 -11.90 40.23
CA PRO D 99 -62.11 -10.58 39.70
C PRO D 99 -62.28 -10.49 38.19
N GLU D 100 -62.26 -9.26 37.66
CA GLU D 100 -62.43 -9.03 36.23
C GLU D 100 -61.22 -9.65 35.49
N PRO D 101 -61.38 -10.28 34.32
CA PRO D 101 -60.22 -10.87 33.65
C PRO D 101 -58.98 -9.99 33.57
N GLY D 102 -57.86 -10.50 34.07
CA GLY D 102 -56.59 -9.79 34.06
C GLY D 102 -56.30 -8.99 35.32
N VAL D 103 -57.34 -8.63 36.09
CA VAL D 103 -57.15 -7.83 37.31
C VAL D 103 -56.22 -8.54 38.32
N GLY D 104 -56.59 -9.76 38.74
CA GLY D 104 -55.79 -10.45 39.76
C GLY D 104 -56.07 -11.94 39.81
N CYS D 105 -55.91 -12.56 40.98
CA CYS D 105 -56.11 -14.03 41.10
C CYS D 105 -57.56 -14.40 40.80
N ALA D 106 -57.78 -15.25 39.78
CA ALA D 106 -59.15 -15.69 39.42
C ALA D 106 -59.75 -16.47 40.58
N GLY D 107 -58.93 -17.23 41.32
CA GLY D 107 -59.45 -17.94 42.47
C GLY D 107 -59.66 -17.09 43.70
N ARG D 108 -59.21 -15.83 43.72
CA ARG D 108 -59.39 -14.97 44.89
C ARG D 108 -60.87 -14.83 45.28
N GLY D 109 -61.79 -14.91 44.32
CA GLY D 109 -63.21 -14.81 44.62
C GLY D 109 -63.69 -15.92 45.53
N VAL D 110 -63.08 -17.10 45.41
CA VAL D 110 -63.43 -18.26 46.24
C VAL D 110 -63.00 -18.02 47.68
N ILE D 111 -61.74 -17.58 47.88
CA ILE D 111 -61.21 -17.32 49.21
C ILE D 111 -62.04 -16.25 49.93
N THR D 112 -62.29 -15.12 49.25
CA THR D 112 -63.07 -14.03 49.83
C THR D 112 -64.47 -14.48 50.23
N ALA D 113 -65.14 -15.25 49.36
CA ALA D 113 -66.49 -15.72 49.64
C ALA D 113 -66.54 -16.76 50.77
N VAL D 114 -65.58 -17.69 50.83
CA VAL D 114 -65.57 -18.71 51.87
C VAL D 114 -65.28 -18.04 53.22
N ASP D 115 -64.28 -17.17 53.28
CA ASP D 115 -63.95 -16.47 54.52
C ASP D 115 -65.12 -15.58 54.97
N MET D 116 -65.78 -14.87 54.02
CA MET D 116 -66.92 -14.00 54.34
C MET D 116 -68.12 -14.80 54.79
N MET D 117 -68.35 -15.97 54.18
CA MET D 117 -69.48 -16.82 54.57
C MET D 117 -69.28 -17.31 56.00
N ARG D 118 -68.06 -17.68 56.37
CA ARG D 118 -67.77 -18.14 57.73
C ARG D 118 -67.97 -17.02 58.74
N GLU D 119 -67.55 -15.79 58.40
CA GLU D 119 -67.71 -14.64 59.29
C GLU D 119 -69.20 -14.32 59.51
N LEU D 120 -70.02 -14.46 58.45
CA LEU D 120 -71.45 -14.21 58.55
C LEU D 120 -72.23 -15.44 59.03
N GLU D 121 -71.56 -16.59 59.21
CA GLU D 121 -72.17 -17.85 59.64
C GLU D 121 -73.25 -18.26 58.64
N GLY D 122 -72.85 -18.37 57.37
CA GLY D 122 -73.74 -18.74 56.29
C GLY D 122 -73.90 -20.22 56.06
N TYR D 123 -73.09 -21.05 56.73
CA TYR D 123 -73.19 -22.51 56.60
C TYR D 123 -73.97 -23.04 57.81
N PRO D 124 -75.29 -23.29 57.68
CA PRO D 124 -76.05 -23.76 58.85
C PRO D 124 -75.52 -25.05 59.45
N ASP D 125 -75.72 -25.17 60.76
CA ASP D 125 -75.21 -26.33 61.53
C ASP D 125 -76.10 -27.55 61.25
N ASP D 126 -77.39 -27.35 60.97
CA ASP D 126 -78.35 -28.40 60.64
C ASP D 126 -78.22 -28.97 59.21
N LEU D 127 -77.30 -28.43 58.38
CA LEU D 127 -77.12 -28.93 57.03
C LEU D 127 -76.90 -30.43 56.94
N ASP D 128 -77.35 -31.04 55.85
CA ASP D 128 -77.18 -32.46 55.61
C ASP D 128 -76.08 -32.67 54.57
N ASN D 129 -76.08 -31.85 53.51
CA ASN D 129 -75.09 -31.93 52.44
C ASN D 129 -74.66 -30.53 52.00
N LEU D 130 -73.37 -30.33 51.76
CA LEU D 130 -72.82 -29.05 51.30
C LEU D 130 -72.00 -29.34 50.07
N PHE D 131 -72.28 -28.64 48.96
CA PHE D 131 -71.55 -28.86 47.71
C PHE D 131 -70.76 -27.63 47.29
N PHE D 132 -69.60 -27.85 46.68
CA PHE D 132 -68.73 -26.79 46.19
C PHE D 132 -68.44 -27.04 44.71
N ASP D 133 -69.05 -26.28 43.80
CA ASP D 133 -68.80 -26.44 42.36
C ASP D 133 -67.53 -25.67 42.04
N VAL D 134 -66.37 -26.36 41.96
CA VAL D 134 -65.09 -25.70 41.74
C VAL D 134 -64.53 -25.84 40.32
N LEU D 135 -63.82 -24.81 39.85
CA LEU D 135 -63.18 -24.80 38.53
C LEU D 135 -61.99 -25.76 38.59
N GLY D 136 -61.88 -26.66 37.63
CA GLY D 136 -60.82 -27.66 37.60
C GLY D 136 -59.80 -27.54 36.47
N ASP D 137 -59.86 -26.46 35.69
CA ASP D 137 -58.91 -26.26 34.59
C ASP D 137 -57.50 -26.00 35.16
N VAL D 138 -57.42 -25.34 36.33
CA VAL D 138 -56.18 -25.07 37.03
C VAL D 138 -56.42 -25.35 38.52
N VAL D 139 -55.48 -26.05 39.17
CA VAL D 139 -55.63 -26.37 40.59
C VAL D 139 -54.66 -25.48 41.34
N CYS D 140 -55.10 -24.28 41.70
CA CYS D 140 -54.25 -23.31 42.40
C CYS D 140 -55.07 -22.19 43.01
N GLY D 141 -54.49 -21.51 43.99
CA GLY D 141 -55.14 -20.40 44.66
C GLY D 141 -56.46 -20.78 45.30
N GLY D 142 -57.49 -20.01 45.02
CA GLY D 142 -58.82 -20.27 45.57
C GLY D 142 -59.42 -21.56 45.09
N PHE D 143 -59.05 -22.01 43.88
CA PHE D 143 -59.58 -23.25 43.34
C PHE D 143 -58.98 -24.47 44.09
N ALA D 144 -57.80 -24.32 44.70
CA ALA D 144 -57.19 -25.40 45.47
C ALA D 144 -57.54 -25.30 46.96
N MET D 145 -58.19 -24.20 47.42
CA MET D 145 -58.55 -24.02 48.83
C MET D 145 -59.39 -25.18 49.39
N PRO D 146 -60.45 -25.68 48.73
CA PRO D 146 -61.19 -26.80 49.33
C PRO D 146 -60.33 -28.02 49.61
N LEU D 147 -59.21 -28.17 48.88
CA LEU D 147 -58.31 -29.30 49.10
C LEU D 147 -57.31 -28.96 50.22
N ARG D 148 -56.65 -27.81 50.12
CA ARG D 148 -55.66 -27.39 51.11
C ARG D 148 -56.28 -27.15 52.50
N ASP D 149 -57.33 -26.32 52.59
CA ASP D 149 -57.96 -26.03 53.88
C ASP D 149 -58.91 -27.13 54.37
N GLY D 150 -59.26 -28.07 53.50
CA GLY D 150 -60.14 -29.16 53.87
C GLY D 150 -61.59 -28.77 54.09
N LEU D 151 -62.14 -27.92 53.20
CA LEU D 151 -63.54 -27.52 53.32
C LEU D 151 -64.42 -28.74 53.02
N ALA D 152 -64.05 -29.52 52.00
CA ALA D 152 -64.77 -30.73 51.62
C ALA D 152 -63.84 -31.93 51.76
N GLN D 153 -64.32 -33.00 52.41
CA GLN D 153 -63.53 -34.22 52.61
C GLN D 153 -63.70 -35.16 51.41
N GLU D 154 -64.89 -35.18 50.79
CA GLU D 154 -65.13 -36.05 49.64
C GLU D 154 -65.08 -35.24 48.37
N ILE D 155 -64.23 -35.65 47.42
CA ILE D 155 -64.10 -34.93 46.14
C ILE D 155 -64.59 -35.83 45.03
N TYR D 156 -65.34 -35.27 44.08
CA TYR D 156 -65.84 -36.04 42.95
C TYR D 156 -65.48 -35.28 41.69
N ILE D 157 -64.89 -35.98 40.72
CA ILE D 157 -64.46 -35.34 39.48
C ILE D 157 -65.39 -35.73 38.34
N VAL D 158 -65.96 -34.73 37.64
CA VAL D 158 -66.83 -34.98 36.50
C VAL D 158 -65.94 -34.98 35.27
N THR D 159 -66.01 -36.05 34.46
CA THR D 159 -65.19 -36.17 33.25
C THR D 159 -65.89 -37.03 32.19
N SER D 160 -65.37 -37.00 30.96
CA SER D 160 -65.89 -37.78 29.84
C SER D 160 -64.70 -38.50 29.17
N GLY D 161 -64.94 -39.22 28.08
CA GLY D 161 -63.88 -39.94 27.39
C GLY D 161 -62.88 -39.04 26.69
N GLU D 162 -63.16 -37.73 26.61
CA GLU D 162 -62.28 -36.78 25.94
C GLU D 162 -60.93 -36.74 26.62
N MET D 163 -59.85 -36.64 25.83
CA MET D 163 -58.49 -36.61 26.37
C MET D 163 -58.31 -35.48 27.36
N MET D 164 -58.71 -34.26 26.99
CA MET D 164 -58.55 -33.10 27.86
C MET D 164 -59.34 -33.25 29.15
N ALA D 165 -60.54 -33.84 29.10
CA ALA D 165 -61.34 -34.04 30.30
C ALA D 165 -60.64 -35.00 31.26
N LEU D 166 -60.01 -36.06 30.72
CA LEU D 166 -59.30 -37.03 31.54
C LEU D 166 -57.98 -36.43 32.05
N TYR D 167 -57.33 -35.56 31.26
CA TYR D 167 -56.08 -34.91 31.67
C TYR D 167 -56.37 -34.01 32.88
N ALA D 168 -57.45 -33.20 32.81
CA ALA D 168 -57.83 -32.32 33.90
C ALA D 168 -58.17 -33.14 35.15
N ALA D 169 -58.89 -34.25 34.96
CA ALA D 169 -59.25 -35.13 36.07
C ALA D 169 -58.00 -35.72 36.73
N ASN D 170 -57.01 -36.11 35.92
CA ASN D 170 -55.77 -36.67 36.44
C ASN D 170 -55.00 -35.61 37.24
N ASN D 171 -55.02 -34.35 36.76
CA ASN D 171 -54.34 -33.26 37.48
C ASN D 171 -55.05 -32.97 38.79
N ILE D 172 -56.39 -33.05 38.82
CA ILE D 172 -57.15 -32.84 40.06
C ILE D 172 -56.76 -33.92 41.07
N ALA D 173 -56.60 -35.17 40.61
CA ALA D 173 -56.20 -36.28 41.45
C ALA D 173 -54.82 -36.00 42.07
N LYS D 174 -53.92 -35.38 41.30
CA LYS D 174 -52.58 -35.04 41.80
C LYS D 174 -52.70 -34.02 42.95
N GLY D 175 -53.60 -33.05 42.79
CA GLY D 175 -53.84 -32.04 43.81
C GLY D 175 -54.45 -32.63 45.06
N ILE D 176 -55.32 -33.63 44.90
CA ILE D 176 -55.97 -34.29 46.03
C ILE D 176 -54.90 -35.04 46.83
N LEU D 177 -54.01 -35.77 46.13
CA LEU D 177 -52.94 -36.54 46.75
C LEU D 177 -51.99 -35.65 47.55
N LYS D 178 -51.68 -34.45 47.06
CA LYS D 178 -50.77 -33.57 47.77
C LYS D 178 -51.36 -33.16 49.13
N TYR D 179 -52.65 -32.82 49.19
CA TYR D 179 -53.28 -32.40 50.44
C TYR D 179 -54.04 -33.53 51.16
N ALA D 180 -53.90 -34.78 50.72
CA ALA D 180 -54.61 -35.89 51.35
C ALA D 180 -54.18 -36.07 52.81
N GLU D 181 -52.87 -36.08 53.07
CA GLU D 181 -52.36 -36.24 54.42
C GLU D 181 -52.37 -34.92 55.19
N GLN D 182 -52.31 -33.78 54.49
CA GLN D 182 -52.30 -32.46 55.14
C GLN D 182 -53.67 -32.01 55.67
N SER D 183 -54.76 -32.26 54.93
CA SER D 183 -56.10 -31.87 55.37
C SER D 183 -57.12 -33.01 55.42
N GLY D 184 -56.67 -34.25 55.29
CA GLY D 184 -57.59 -35.39 55.34
C GLY D 184 -58.58 -35.45 54.20
N VAL D 185 -58.29 -34.79 53.07
CA VAL D 185 -59.21 -34.80 51.93
C VAL D 185 -59.00 -36.10 51.14
N ARG D 186 -60.07 -36.63 50.56
CA ARG D 186 -60.00 -37.88 49.82
C ARG D 186 -60.85 -37.83 48.55
N LEU D 187 -60.51 -38.67 47.58
CA LEU D 187 -61.26 -38.77 46.33
C LEU D 187 -62.36 -39.80 46.53
N GLY D 188 -63.61 -39.35 46.46
CA GLY D 188 -64.77 -40.21 46.63
C GLY D 188 -65.02 -41.09 45.42
N GLY D 189 -64.92 -40.51 44.24
CA GLY D 189 -65.15 -41.24 43.00
C GLY D 189 -65.10 -40.38 41.76
N ILE D 190 -65.40 -40.95 40.61
CA ILE D 190 -65.40 -40.25 39.34
C ILE D 190 -66.80 -40.29 38.73
N ILE D 191 -67.36 -39.14 38.36
CA ILE D 191 -68.67 -39.07 37.72
C ILE D 191 -68.42 -38.93 36.23
N CYS D 192 -69.08 -39.75 35.39
CA CYS D 192 -68.88 -39.66 33.95
C CYS D 192 -70.06 -39.00 33.27
N ASN D 193 -69.93 -37.72 32.89
CA ASN D 193 -70.99 -37.06 32.16
C ASN D 193 -70.77 -37.47 30.70
N ALA D 194 -71.40 -38.54 30.27
CA ALA D 194 -71.08 -39.07 28.92
C ALA D 194 -71.56 -38.17 27.79
N ARG D 195 -71.01 -38.39 26.59
CA ARG D 195 -71.44 -37.64 25.39
C ARG D 195 -72.06 -38.66 24.42
N ASN D 196 -72.65 -39.74 24.95
CA ASN D 196 -73.22 -40.83 24.11
C ASN D 196 -72.09 -41.46 23.27
N LYS D 201 -67.90 -45.77 28.74
CA LYS D 201 -68.19 -46.51 29.96
C LYS D 201 -67.06 -47.47 30.28
N GLU D 202 -66.63 -48.29 29.30
CA GLU D 202 -65.52 -49.23 29.49
C GLU D 202 -64.21 -48.44 29.70
N LEU D 203 -64.06 -47.32 28.98
CA LEU D 203 -62.89 -46.45 29.08
C LEU D 203 -62.79 -45.86 30.49
N MET D 204 -63.94 -45.54 31.09
CA MET D 204 -63.95 -44.95 32.47
C MET D 204 -63.61 -46.03 33.48
N ASP D 205 -64.13 -47.25 33.29
CA ASP D 205 -63.92 -48.32 34.25
C ASP D 205 -62.41 -48.47 34.43
N GLU D 206 -61.68 -48.67 33.33
CA GLU D 206 -60.23 -48.80 33.37
C GLU D 206 -59.51 -47.56 33.94
N PHE D 207 -60.00 -46.36 33.59
CA PHE D 207 -59.44 -45.09 34.07
C PHE D 207 -59.53 -45.02 35.59
N CYS D 208 -60.71 -45.35 36.15
CA CYS D 208 -60.91 -45.34 37.60
C CYS D 208 -60.10 -46.45 38.26
N ASP D 209 -60.00 -47.59 37.57
CA ASP D 209 -59.22 -48.73 38.10
C ASP D 209 -57.77 -48.28 38.34
N LYS D 210 -57.12 -47.73 37.31
CA LYS D 210 -55.72 -47.34 37.46
C LYS D 210 -55.56 -46.18 38.45
N LEU D 211 -56.60 -45.35 38.60
CA LEU D 211 -56.54 -44.20 39.54
C LEU D 211 -56.78 -44.69 40.98
N GLY D 212 -57.16 -45.96 41.16
CA GLY D 212 -57.43 -46.53 42.46
C GLY D 212 -58.74 -46.04 43.05
N THR D 213 -59.71 -45.68 42.19
CA THR D 213 -61.02 -45.19 42.62
C THR D 213 -62.14 -45.93 41.86
N LYS D 214 -63.40 -45.52 42.03
CA LYS D 214 -64.52 -46.17 41.36
C LYS D 214 -65.37 -45.18 40.58
N LEU D 215 -66.06 -45.67 39.53
CA LEU D 215 -66.95 -44.85 38.72
C LEU D 215 -68.25 -44.76 39.50
N ILE D 216 -68.42 -43.70 40.29
CA ILE D 216 -69.61 -43.52 41.12
C ILE D 216 -70.91 -43.60 40.29
N HIS D 217 -70.91 -43.08 39.05
CA HIS D 217 -72.10 -43.14 38.19
C HIS D 217 -71.80 -42.71 36.76
N TYR D 218 -72.57 -43.25 35.81
CA TYR D 218 -72.44 -42.94 34.40
C TYR D 218 -73.66 -42.10 34.02
N VAL D 219 -73.52 -40.76 34.06
CA VAL D 219 -74.64 -39.88 33.74
C VAL D 219 -74.78 -39.79 32.22
N PRO D 220 -75.89 -40.26 31.63
CA PRO D 220 -76.02 -40.20 30.17
C PRO D 220 -76.37 -38.80 29.64
N ARG D 221 -76.10 -38.56 28.36
CA ARG D 221 -76.40 -37.28 27.73
C ARG D 221 -77.88 -37.32 27.33
N ASP D 222 -78.69 -36.39 27.88
CA ASP D 222 -80.12 -36.36 27.61
C ASP D 222 -80.59 -34.95 27.24
N ASN D 223 -81.44 -34.83 26.20
CA ASN D 223 -81.94 -33.54 25.77
C ASN D 223 -82.87 -32.89 26.81
N ILE D 224 -83.44 -33.68 27.73
CA ILE D 224 -84.32 -33.13 28.77
C ILE D 224 -83.59 -32.08 29.63
N VAL D 225 -82.27 -32.19 29.75
CA VAL D 225 -81.48 -31.19 30.51
C VAL D 225 -81.71 -29.81 29.90
N GLN D 226 -81.51 -29.68 28.58
CA GLN D 226 -81.73 -28.39 27.89
C GLN D 226 -83.21 -28.00 28.05
N LYS D 227 -84.11 -28.95 27.79
CA LYS D 227 -85.55 -28.64 27.87
C LYS D 227 -85.88 -28.00 29.23
N ALA D 228 -85.35 -28.59 30.32
CA ALA D 228 -85.56 -28.07 31.68
C ALA D 228 -84.87 -26.72 31.84
N GLU D 229 -83.69 -26.55 31.21
CA GLU D 229 -82.96 -25.29 31.27
C GLU D 229 -83.78 -24.16 30.62
N PHE D 230 -84.54 -24.50 29.57
CA PHE D 230 -85.34 -23.48 28.85
C PHE D 230 -86.54 -23.05 29.71
N ASN D 231 -87.08 -23.97 30.52
CA ASN D 231 -88.20 -23.62 31.41
C ASN D 231 -87.71 -22.98 32.73
N LYS D 232 -86.40 -22.66 32.85
CA LYS D 232 -85.80 -22.05 34.04
C LYS D 232 -85.91 -22.97 35.28
N MET D 233 -85.55 -24.26 35.12
CA MET D 233 -85.63 -25.24 36.21
C MET D 233 -84.64 -26.39 36.02
N THR D 234 -84.34 -27.13 37.09
CA THR D 234 -83.44 -28.30 37.04
C THR D 234 -84.27 -29.50 36.53
N VAL D 235 -83.62 -30.60 36.13
CA VAL D 235 -84.34 -31.78 35.63
C VAL D 235 -85.27 -32.35 36.72
N ILE D 236 -84.81 -32.39 37.98
CA ILE D 236 -85.62 -32.91 39.09
C ILE D 236 -86.90 -32.08 39.27
N GLU D 237 -86.80 -30.75 39.23
CA GLU D 237 -87.95 -29.87 39.39
C GLU D 237 -88.86 -29.89 38.15
N PHE D 238 -88.27 -30.02 36.96
CA PHE D 238 -89.04 -30.05 35.72
C PHE D 238 -89.87 -31.33 35.57
N ASP D 239 -89.23 -32.51 35.66
CA ASP D 239 -89.92 -33.78 35.54
C ASP D 239 -89.21 -34.82 36.39
N PRO D 240 -89.58 -35.00 37.67
CA PRO D 240 -88.90 -36.00 38.51
C PRO D 240 -89.18 -37.46 38.12
N GLU D 241 -90.05 -37.68 37.13
CA GLU D 241 -90.40 -39.03 36.68
C GLU D 241 -89.64 -39.45 35.41
N CYS D 242 -88.92 -38.52 34.74
CA CYS D 242 -88.17 -38.86 33.53
C CYS D 242 -86.95 -39.72 33.85
N ASN D 243 -86.41 -40.44 32.85
CA ASN D 243 -85.26 -41.32 33.05
C ASN D 243 -84.03 -40.58 33.55
N GLN D 244 -83.78 -39.36 33.05
CA GLN D 244 -82.63 -38.59 33.48
C GLN D 244 -82.73 -38.22 34.96
N ALA D 245 -83.94 -37.92 35.45
CA ALA D 245 -84.13 -37.59 36.87
C ALA D 245 -83.78 -38.82 37.73
N LYS D 246 -84.15 -40.02 37.25
CA LYS D 246 -83.86 -41.28 37.93
C LYS D 246 -82.35 -41.51 37.99
N GLU D 247 -81.62 -41.07 36.96
CA GLU D 247 -80.17 -41.22 36.89
C GLU D 247 -79.52 -40.32 37.96
N TYR D 248 -79.97 -39.07 38.06
CA TYR D 248 -79.43 -38.15 39.06
C TYR D 248 -79.79 -38.60 40.48
N ARG D 249 -80.95 -39.26 40.66
CA ARG D 249 -81.35 -39.75 41.97
C ARG D 249 -80.44 -40.90 42.41
N THR D 250 -80.05 -41.78 41.48
CA THR D 250 -79.14 -42.89 41.83
C THR D 250 -77.78 -42.30 42.21
N LEU D 251 -77.29 -41.31 41.44
CA LEU D 251 -76.02 -40.65 41.72
C LEU D 251 -76.07 -39.99 43.10
N ALA D 252 -77.18 -39.30 43.40
CA ALA D 252 -77.37 -38.63 44.68
C ALA D 252 -77.29 -39.61 45.85
N LYS D 253 -77.90 -40.80 45.69
CA LYS D 253 -77.88 -41.84 46.73
C LYS D 253 -76.47 -42.41 46.87
N ASN D 254 -75.80 -42.66 45.74
CA ASN D 254 -74.45 -43.22 45.75
C ASN D 254 -73.44 -42.31 46.45
N ILE D 255 -73.48 -41.00 46.19
CA ILE D 255 -72.54 -40.07 46.82
C ILE D 255 -72.83 -39.97 48.32
N ASP D 256 -74.10 -39.79 48.68
CA ASP D 256 -74.49 -39.70 50.08
C ASP D 256 -74.15 -40.98 50.84
N GLU D 257 -74.32 -42.13 50.17
CA GLU D 257 -74.06 -43.46 50.74
C GLU D 257 -72.65 -43.97 50.40
N ASN D 258 -71.70 -43.06 50.10
CA ASN D 258 -70.33 -43.49 49.78
C ASN D 258 -69.41 -43.49 50.99
N ASP D 259 -68.65 -44.57 51.13
CA ASP D 259 -67.66 -44.65 52.26
C ASP D 259 -66.28 -44.98 51.69
N GLU D 260 -66.20 -45.45 50.44
CA GLU D 260 -64.92 -45.80 49.84
C GLU D 260 -64.14 -44.56 49.42
N LEU D 261 -63.57 -43.85 50.40
CA LEU D 261 -62.77 -42.66 50.15
C LEU D 261 -61.32 -43.12 50.01
N VAL D 262 -60.63 -42.70 48.95
CA VAL D 262 -59.28 -43.17 48.69
C VAL D 262 -58.28 -42.07 48.30
N LYS D 263 -56.99 -42.36 48.44
CA LYS D 263 -55.89 -41.48 48.03
C LYS D 263 -55.64 -41.94 46.59
N PRO D 264 -55.87 -41.11 45.55
CA PRO D 264 -55.68 -41.61 44.18
C PRO D 264 -54.23 -41.90 43.80
N THR D 265 -54.06 -42.65 42.70
CA THR D 265 -52.74 -42.98 42.17
C THR D 265 -52.70 -42.41 40.76
N PRO D 266 -52.47 -41.09 40.59
CA PRO D 266 -52.44 -40.50 39.25
C PRO D 266 -51.52 -41.22 38.28
N MET D 267 -51.82 -41.11 36.98
CA MET D 267 -51.03 -41.78 35.96
C MET D 267 -50.10 -40.82 35.25
N THR D 268 -49.10 -41.35 34.56
CA THR D 268 -48.15 -40.53 33.82
C THR D 268 -48.79 -40.12 32.48
N MET D 269 -48.17 -39.17 31.77
CA MET D 269 -48.68 -38.70 30.48
C MET D 269 -48.77 -39.86 29.49
N ASP D 270 -47.74 -40.72 29.46
CA ASP D 270 -47.70 -41.88 28.56
C ASP D 270 -48.81 -42.88 28.89
N GLU D 271 -49.04 -43.15 30.19
CA GLU D 271 -50.08 -44.07 30.62
C GLU D 271 -51.46 -43.57 30.20
N LEU D 272 -51.72 -42.27 30.35
CA LEU D 272 -53.01 -41.70 29.98
C LEU D 272 -53.21 -41.68 28.48
N GLU D 273 -52.16 -41.33 27.71
CA GLU D 273 -52.25 -41.30 26.25
C GLU D 273 -52.49 -42.72 25.73
N GLU D 274 -51.78 -43.71 26.29
CA GLU D 274 -51.91 -45.12 25.92
C GLU D 274 -53.35 -45.61 26.12
N LEU D 275 -54.02 -45.13 27.16
CA LEU D 275 -55.39 -45.51 27.45
C LEU D 275 -56.38 -44.93 26.44
N VAL D 276 -56.21 -43.65 26.09
CA VAL D 276 -57.11 -42.99 25.14
C VAL D 276 -56.96 -43.60 23.74
N VAL D 277 -55.73 -43.91 23.32
CA VAL D 277 -55.52 -44.51 21.99
C VAL D 277 -56.08 -45.94 21.94
N LYS D 278 -56.02 -46.67 23.07
CA LYS D 278 -56.52 -48.04 23.13
C LYS D 278 -58.01 -48.10 22.77
N TYR D 279 -58.83 -47.22 23.36
CA TYR D 279 -60.27 -47.19 23.09
C TYR D 279 -60.64 -46.36 21.86
N GLY D 280 -60.22 -45.10 21.83
CA GLY D 280 -60.52 -44.20 20.72
C GLY D 280 -59.73 -44.51 19.48
N SER E 2 41.02 8.47 -23.64
CA SER E 2 41.02 7.57 -24.79
C SER E 2 39.83 7.86 -25.71
N PHE E 3 39.85 7.31 -26.93
CA PHE E 3 38.76 7.50 -27.91
C PHE E 3 37.41 7.01 -27.35
N ASP E 4 37.44 6.09 -26.38
CA ASP E 4 36.24 5.56 -25.73
C ASP E 4 35.72 6.57 -24.70
N GLU E 5 36.62 7.38 -24.09
CA GLU E 5 36.26 8.42 -23.13
C GLU E 5 35.50 9.57 -23.82
N ILE E 6 35.69 9.77 -25.15
CA ILE E 6 34.97 10.81 -25.88
C ILE E 6 33.48 10.49 -25.80
N ALA E 7 32.69 11.28 -25.06
CA ALA E 7 31.25 11.05 -24.91
C ALA E 7 30.90 9.54 -24.73
N PRO E 8 31.14 8.97 -23.54
CA PRO E 8 30.88 7.53 -23.37
C PRO E 8 29.43 7.10 -23.50
N ASP E 9 28.48 7.90 -22.98
CA ASP E 9 27.06 7.56 -23.06
C ASP E 9 26.41 7.96 -24.40
N ALA E 10 27.21 8.43 -25.37
CA ALA E 10 26.67 8.86 -26.66
C ALA E 10 26.89 7.83 -27.75
N LYS E 11 26.02 7.84 -28.76
CA LYS E 11 26.14 6.94 -29.89
C LYS E 11 27.00 7.67 -30.92
N LYS E 12 28.25 7.20 -31.11
CA LYS E 12 29.17 7.82 -32.04
C LYS E 12 28.99 7.21 -33.44
N VAL E 13 28.50 8.00 -34.39
CA VAL E 13 28.23 7.57 -35.76
C VAL E 13 29.01 8.41 -36.77
N ALA E 14 29.41 7.81 -37.91
CA ALA E 14 30.12 8.51 -38.97
C ALA E 14 29.44 8.21 -40.30
N ILE E 15 29.09 9.26 -41.05
CA ILE E 15 28.41 9.14 -42.34
C ILE E 15 29.42 9.29 -43.46
N TYR E 16 29.58 8.23 -44.27
CA TYR E 16 30.51 8.22 -45.41
C TYR E 16 29.72 8.13 -46.72
N GLY E 17 30.37 8.45 -47.82
CA GLY E 17 29.72 8.39 -49.13
C GLY E 17 30.41 9.22 -50.19
N LYS E 18 29.98 9.00 -51.43
CA LYS E 18 30.55 9.74 -52.58
C LYS E 18 30.26 11.24 -52.43
N GLY E 19 31.06 12.06 -53.08
CA GLY E 19 30.87 13.50 -53.03
C GLY E 19 29.56 13.92 -53.66
N GLY E 20 28.82 14.78 -52.97
CA GLY E 20 27.54 15.27 -53.45
C GLY E 20 26.42 14.26 -53.46
N ILE E 21 26.59 13.15 -52.72
CA ILE E 21 25.55 12.11 -52.65
C ILE E 21 24.46 12.46 -51.62
N GLY E 22 24.71 13.43 -50.75
CA GLY E 22 23.73 13.85 -49.74
C GLY E 22 24.11 13.51 -48.30
N LYS E 23 25.41 13.41 -48.00
CA LYS E 23 25.86 13.13 -46.62
C LYS E 23 25.53 14.30 -45.70
N SER E 24 25.88 15.52 -46.12
CA SER E 24 25.63 16.72 -45.32
C SER E 24 24.15 16.95 -45.09
N THR E 25 23.32 16.71 -46.11
CA THR E 25 21.88 16.88 -46.00
C THR E 25 21.30 15.82 -45.07
N THR E 26 21.65 14.55 -45.27
CA THR E 26 21.16 13.47 -44.44
C THR E 26 21.60 13.64 -42.99
N THR E 27 22.89 13.93 -42.75
CA THR E 27 23.41 14.09 -41.39
C THR E 27 22.74 15.24 -40.64
N GLN E 28 22.62 16.41 -41.28
CA GLN E 28 22.00 17.57 -40.62
C GLN E 28 20.54 17.30 -40.27
N ASN E 29 19.76 16.76 -41.22
CA ASN E 29 18.34 16.48 -40.97
C ASN E 29 18.16 15.34 -39.96
N THR E 30 19.10 14.38 -39.91
CA THR E 30 19.01 13.29 -38.95
C THR E 30 19.26 13.83 -37.55
N ALA E 31 20.30 14.68 -37.40
CA ALA E 31 20.62 15.28 -36.12
C ALA E 31 19.48 16.21 -35.68
N ALA E 32 18.87 16.94 -36.63
CA ALA E 32 17.76 17.84 -36.31
C ALA E 32 16.54 17.05 -35.84
N ALA E 33 16.28 15.89 -36.43
CA ALA E 33 15.15 15.05 -36.04
C ALA E 33 15.37 14.48 -34.63
N LEU E 34 16.62 14.07 -34.32
CA LEU E 34 16.93 13.53 -33.00
C LEU E 34 16.80 14.60 -31.92
N ALA E 35 17.23 15.83 -32.22
CA ALA E 35 17.16 16.92 -31.26
C ALA E 35 15.74 17.45 -31.10
N TYR E 36 14.99 17.58 -32.20
CA TYR E 36 13.63 18.12 -32.17
C TYR E 36 12.56 17.10 -31.72
N PHE E 37 12.45 15.98 -32.43
CA PHE E 37 11.43 14.97 -32.10
C PHE E 37 11.76 14.12 -30.88
N PHE E 38 13.02 13.75 -30.69
CA PHE E 38 13.40 12.88 -29.58
C PHE E 38 14.20 13.57 -28.45
N ASP E 39 14.30 14.90 -28.48
CA ASP E 39 14.98 15.67 -27.44
C ASP E 39 16.38 15.15 -27.07
N LYS E 40 17.20 14.87 -28.07
CA LYS E 40 18.56 14.37 -27.85
C LYS E 40 19.58 15.50 -28.00
N LYS E 41 20.66 15.47 -27.21
CA LYS E 41 21.73 16.44 -27.32
C LYS E 41 22.66 15.89 -28.41
N VAL E 42 22.67 16.53 -29.59
CA VAL E 42 23.48 16.05 -30.72
C VAL E 42 24.59 17.03 -31.09
N MET E 43 25.66 16.51 -31.71
CA MET E 43 26.80 17.31 -32.16
C MET E 43 27.25 16.79 -33.53
N ILE E 44 27.62 17.71 -34.43
CA ILE E 44 28.07 17.34 -35.77
C ILE E 44 29.50 17.83 -35.97
N HIS E 45 30.38 16.93 -36.45
CA HIS E 45 31.76 17.27 -36.73
C HIS E 45 32.00 17.05 -38.22
N GLY E 46 32.02 18.13 -38.99
CA GLY E 46 32.23 18.05 -40.42
C GLY E 46 33.65 17.66 -40.79
N CYS E 47 33.83 16.48 -41.38
CA CYS E 47 35.14 16.00 -41.79
C CYS E 47 35.21 15.94 -43.33
N ASP E 48 34.67 16.97 -43.99
CA ASP E 48 34.65 17.06 -45.45
C ASP E 48 35.32 18.39 -45.82
N PRO E 49 36.30 18.41 -46.73
CA PRO E 49 36.94 19.70 -47.08
C PRO E 49 36.00 20.73 -47.71
N LYS E 50 34.75 20.36 -48.06
CA LYS E 50 33.81 21.32 -48.64
C LYS E 50 33.42 22.40 -47.61
N ALA E 51 33.44 22.04 -46.30
CA ALA E 51 33.15 22.95 -45.19
C ALA E 51 31.72 23.50 -45.14
N ASP E 52 30.73 22.68 -45.51
CA ASP E 52 29.33 23.10 -45.47
C ASP E 52 28.45 22.02 -44.83
N SER E 53 29.05 21.15 -44.00
CA SER E 53 28.32 20.07 -43.33
C SER E 53 27.43 20.55 -42.19
N THR E 54 27.65 21.77 -41.68
CA THR E 54 26.84 22.33 -40.59
C THR E 54 26.18 23.66 -40.98
N ARG E 55 26.03 23.89 -42.27
CA ARG E 55 25.47 25.12 -42.80
C ARG E 55 24.02 25.35 -42.42
N MET E 56 23.14 24.38 -42.70
CA MET E 56 21.72 24.53 -42.43
C MET E 56 21.36 24.45 -40.97
N ILE E 57 22.23 23.88 -40.13
CA ILE E 57 21.97 23.82 -38.69
C ILE E 57 22.29 25.22 -38.11
N LEU E 58 23.34 25.90 -38.63
CA LEU E 58 23.71 27.24 -38.19
C LEU E 58 23.02 28.34 -39.04
N HIS E 59 21.97 27.96 -39.79
CA HIS E 59 21.16 28.85 -40.61
C HIS E 59 21.77 29.56 -41.82
N GLY E 60 22.20 28.74 -42.80
CA GLY E 60 22.76 29.18 -44.07
C GLY E 60 24.18 29.66 -44.00
N LYS E 61 24.71 29.81 -42.78
CA LYS E 61 26.05 30.33 -42.56
C LYS E 61 27.12 29.24 -42.67
N PRO E 62 27.95 29.21 -43.73
CA PRO E 62 29.04 28.19 -43.75
C PRO E 62 29.98 28.51 -42.58
N GLN E 63 30.18 27.53 -41.71
CA GLN E 63 30.98 27.69 -40.49
C GLN E 63 32.47 27.91 -40.74
N ASP E 64 33.12 28.71 -39.88
CA ASP E 64 34.56 28.93 -39.99
C ASP E 64 35.19 27.62 -39.57
N THR E 65 36.05 27.05 -40.43
CA THR E 65 36.66 25.76 -40.13
C THR E 65 37.80 25.91 -39.13
N VAL E 66 38.21 24.79 -38.51
CA VAL E 66 39.31 24.78 -37.56
C VAL E 66 40.60 25.19 -38.27
N MET E 67 40.81 24.69 -39.49
CA MET E 67 41.98 25.02 -40.28
C MET E 67 42.01 26.51 -40.60
N ASP E 68 40.86 27.10 -40.95
CA ASP E 68 40.79 28.51 -41.28
C ASP E 68 41.16 29.38 -40.06
N VAL E 69 40.66 29.04 -38.88
CA VAL E 69 40.97 29.81 -37.66
C VAL E 69 42.44 29.66 -37.30
N LEU E 70 42.98 28.44 -37.43
CA LEU E 70 44.38 28.19 -37.12
C LEU E 70 45.30 28.96 -38.07
N ARG E 71 45.05 28.88 -39.38
CA ARG E 71 45.86 29.54 -40.41
C ARG E 71 45.53 31.03 -40.59
N GLU E 72 44.88 31.67 -39.61
CA GLU E 72 44.53 33.09 -39.71
C GLU E 72 44.78 33.82 -38.40
N GLU E 73 44.38 33.22 -37.27
CA GLU E 73 44.53 33.83 -35.95
C GLU E 73 45.59 33.16 -35.06
N GLY E 74 45.95 31.92 -35.35
CA GLY E 74 46.95 31.20 -34.56
C GLY E 74 46.39 30.16 -33.62
N GLU E 75 47.26 29.29 -33.11
CA GLU E 75 46.90 28.21 -32.20
C GLU E 75 46.37 28.73 -30.87
N GLU E 76 46.87 29.88 -30.39
CA GLU E 76 46.40 30.44 -29.12
C GLU E 76 45.00 31.04 -29.28
N ALA E 77 44.73 31.61 -30.45
CA ALA E 77 43.42 32.27 -30.70
C ALA E 77 42.33 31.21 -30.92
N VAL E 78 42.68 30.04 -31.44
CA VAL E 78 41.63 29.03 -31.76
C VAL E 78 41.14 28.63 -30.37
N THR E 79 39.89 28.97 -30.04
CA THR E 79 39.32 28.63 -28.72
C THR E 79 38.09 27.77 -29.03
N LEU E 80 37.57 27.07 -28.02
CA LEU E 80 36.42 26.20 -28.23
C LEU E 80 35.22 26.96 -28.76
N GLU E 81 34.95 28.16 -28.25
CA GLU E 81 33.81 28.96 -28.70
C GLU E 81 33.95 29.45 -30.15
N LYS E 82 35.19 29.66 -30.62
CA LYS E 82 35.46 30.13 -31.97
C LYS E 82 35.24 29.05 -33.04
N VAL E 83 35.50 27.76 -32.71
CA VAL E 83 35.35 26.64 -33.65
C VAL E 83 34.09 25.78 -33.43
N ARG E 84 33.49 25.82 -32.23
CA ARG E 84 32.28 25.05 -31.96
C ARG E 84 31.13 26.03 -31.78
N LYS E 85 30.15 26.02 -32.70
CA LYS E 85 29.02 26.93 -32.64
C LYS E 85 27.70 26.16 -32.45
N ILE E 86 26.75 26.75 -31.69
CA ILE E 86 25.44 26.13 -31.45
C ILE E 86 24.45 26.56 -32.53
N GLY E 87 23.60 25.63 -32.95
CA GLY E 87 22.59 25.87 -33.97
C GLY E 87 21.20 25.44 -33.55
N PHE E 88 20.37 25.03 -34.52
CA PHE E 88 19.00 24.59 -34.29
C PHE E 88 18.90 23.56 -33.18
N LYS E 89 17.98 23.78 -32.23
CA LYS E 89 17.75 22.86 -31.11
C LYS E 89 19.04 22.49 -30.37
N ASP E 90 19.85 23.52 -30.03
CA ASP E 90 21.11 23.39 -29.31
C ASP E 90 22.06 22.33 -29.87
N ILE E 91 22.11 22.17 -31.20
CA ILE E 91 23.01 21.19 -31.81
C ILE E 91 24.38 21.81 -31.95
N LEU E 92 25.41 21.18 -31.38
CA LEU E 92 26.78 21.70 -31.44
C LEU E 92 27.35 21.41 -32.82
N CYS E 93 28.10 22.36 -33.39
CA CYS E 93 28.66 22.22 -34.73
C CYS E 93 30.15 22.54 -34.76
N VAL E 94 30.93 21.71 -35.48
CA VAL E 94 32.37 21.90 -35.65
C VAL E 94 32.69 21.55 -37.10
N GLU E 95 33.57 22.33 -37.75
CA GLU E 95 33.96 22.10 -39.14
C GLU E 95 35.48 21.90 -39.22
N SER E 96 35.96 20.74 -39.68
CA SER E 96 37.39 20.48 -39.79
C SER E 96 38.08 21.31 -40.87
N GLY E 97 37.50 21.30 -42.06
CA GLY E 97 38.06 22.01 -43.20
C GLY E 97 39.23 21.22 -43.76
N GLY E 98 40.21 21.93 -44.30
CA GLY E 98 41.38 21.25 -44.86
C GLY E 98 42.37 22.21 -45.50
N PRO E 99 43.52 21.70 -45.96
CA PRO E 99 44.49 22.60 -46.61
C PRO E 99 44.03 23.05 -47.98
N GLU E 100 44.61 24.14 -48.54
CA GLU E 100 44.19 24.58 -49.87
C GLU E 100 44.59 23.50 -50.91
N PRO E 101 43.78 23.27 -51.97
CA PRO E 101 44.13 22.21 -52.93
C PRO E 101 45.58 22.17 -53.38
N GLY E 102 46.20 20.99 -53.24
CA GLY E 102 47.59 20.78 -53.62
C GLY E 102 48.55 20.84 -52.45
N VAL E 103 48.29 21.71 -51.48
CA VAL E 103 49.17 21.85 -50.31
C VAL E 103 48.92 20.71 -49.32
N GLY E 104 49.71 19.65 -49.42
CA GLY E 104 49.60 18.53 -48.51
C GLY E 104 48.29 17.76 -48.54
N CYS E 105 48.24 16.77 -47.63
CA CYS E 105 47.08 15.85 -47.54
C CYS E 105 45.76 16.58 -47.30
N ALA E 106 44.72 16.17 -48.04
CA ALA E 106 43.39 16.73 -47.89
C ALA E 106 42.74 16.38 -46.55
N GLY E 107 43.05 15.20 -46.03
CA GLY E 107 42.50 14.75 -44.76
C GLY E 107 43.17 15.32 -43.53
N ARG E 108 44.26 16.09 -43.70
CA ARG E 108 44.99 16.66 -42.56
C ARG E 108 44.12 17.56 -41.68
N GLY E 109 43.12 18.19 -42.28
CA GLY E 109 42.22 19.05 -41.54
C GLY E 109 41.40 18.29 -40.52
N VAL E 110 41.08 17.01 -40.83
CA VAL E 110 40.29 16.16 -39.94
C VAL E 110 41.12 15.81 -38.71
N ILE E 111 42.36 15.37 -38.91
CA ILE E 111 43.25 14.99 -37.80
C ILE E 111 43.48 16.17 -36.87
N THR E 112 43.84 17.33 -37.43
CA THR E 112 44.09 18.54 -36.64
C THR E 112 42.87 18.94 -35.81
N ALA E 113 41.67 18.91 -36.42
CA ALA E 113 40.45 19.28 -35.73
C ALA E 113 40.02 18.28 -34.64
N VAL E 114 40.18 16.97 -34.89
CA VAL E 114 39.81 15.96 -33.90
C VAL E 114 40.77 16.11 -32.71
N ASP E 115 42.08 16.05 -32.98
CA ASP E 115 43.07 16.22 -31.91
C ASP E 115 42.87 17.49 -31.10
N MET E 116 42.50 18.60 -31.76
CA MET E 116 42.25 19.85 -31.08
C MET E 116 40.98 19.72 -30.21
N MET E 117 39.90 19.16 -30.76
CA MET E 117 38.65 18.96 -30.03
C MET E 117 38.86 18.09 -28.77
N ARG E 118 39.85 17.20 -28.81
CA ARG E 118 40.14 16.34 -27.64
C ARG E 118 40.79 17.20 -26.56
N GLU E 119 41.93 17.83 -26.87
CA GLU E 119 42.66 18.64 -25.90
C GLU E 119 41.83 19.81 -25.38
N LEU E 120 40.90 20.33 -26.19
CA LEU E 120 40.02 21.42 -25.79
C LEU E 120 38.73 20.91 -25.15
N GLU E 121 38.53 19.57 -25.06
CA GLU E 121 37.36 18.93 -24.46
C GLU E 121 36.07 19.49 -25.09
N GLY E 122 36.01 19.42 -26.42
CA GLY E 122 34.86 19.90 -27.18
C GLY E 122 33.74 18.90 -27.35
N TYR E 123 33.95 17.64 -26.94
CA TYR E 123 32.91 16.61 -27.05
C TYR E 123 32.28 16.44 -25.66
N PRO E 124 31.14 17.09 -25.37
CA PRO E 124 30.56 16.96 -24.02
C PRO E 124 30.26 15.52 -23.61
N ASP E 125 30.39 15.24 -22.31
CA ASP E 125 30.12 13.90 -21.79
C ASP E 125 28.63 13.59 -21.84
N ASP E 126 27.79 14.60 -21.59
CA ASP E 126 26.33 14.43 -21.61
C ASP E 126 25.73 14.23 -23.01
N LEU E 127 26.55 14.21 -24.07
CA LEU E 127 26.04 14.00 -25.42
C LEU E 127 25.23 12.73 -25.56
N ASP E 128 24.25 12.75 -26.47
CA ASP E 128 23.43 11.58 -26.75
C ASP E 128 23.87 10.98 -28.08
N ASN E 129 24.12 11.81 -29.08
CA ASN E 129 24.54 11.37 -30.41
C ASN E 129 25.63 12.28 -30.96
N LEU E 130 26.65 11.70 -31.60
CA LEU E 130 27.74 12.45 -32.20
C LEU E 130 27.88 11.97 -33.64
N PHE E 131 27.86 12.89 -34.61
CA PHE E 131 27.96 12.54 -36.02
C PHE E 131 29.23 13.09 -36.64
N PHE E 132 29.82 12.33 -37.59
CA PHE E 132 31.01 12.71 -38.31
C PHE E 132 30.70 12.63 -39.80
N ASP E 133 30.51 13.78 -40.48
CA ASP E 133 30.23 13.79 -41.91
C ASP E 133 31.58 13.68 -42.63
N VAL E 134 31.96 12.47 -43.06
CA VAL E 134 33.28 12.25 -43.68
C VAL E 134 33.26 12.08 -45.21
N LEU E 135 34.32 12.55 -45.88
CA LEU E 135 34.48 12.42 -47.33
C LEU E 135 34.76 10.94 -47.65
N GLY E 136 34.03 10.38 -48.61
CA GLY E 136 34.18 8.97 -48.96
C GLY E 136 34.73 8.67 -50.35
N ASP E 137 35.17 9.69 -51.08
CA ASP E 137 35.73 9.48 -52.41
C ASP E 137 37.09 8.73 -52.31
N VAL E 138 37.83 8.97 -51.22
CA VAL E 138 39.10 8.29 -50.95
C VAL E 138 39.09 7.93 -49.46
N VAL E 139 39.50 6.71 -49.12
CA VAL E 139 39.53 6.27 -47.74
C VAL E 139 40.99 6.23 -47.31
N CYS E 140 41.51 7.35 -46.82
CA CYS E 140 42.91 7.44 -46.43
C CYS E 140 43.17 8.70 -45.59
N GLY E 141 44.26 8.68 -44.84
CA GLY E 141 44.66 9.81 -44.01
C GLY E 141 43.61 10.19 -42.99
N GLY E 142 43.27 11.47 -42.94
CA GLY E 142 42.27 11.96 -42.01
C GLY E 142 40.88 11.40 -42.26
N PHE E 143 40.58 11.08 -43.52
CA PHE E 143 39.27 10.52 -43.88
C PHE E 143 39.11 9.10 -43.35
N ALA E 144 40.22 8.38 -43.14
CA ALA E 144 40.17 7.03 -42.60
C ALA E 144 40.35 7.03 -41.07
N MET E 145 40.68 8.17 -40.44
CA MET E 145 40.87 8.27 -38.98
C MET E 145 39.66 7.76 -38.18
N PRO E 146 38.41 8.14 -38.48
CA PRO E 146 37.29 7.60 -37.69
C PRO E 146 37.22 6.07 -37.68
N LEU E 147 37.75 5.43 -38.73
CA LEU E 147 37.77 3.97 -38.81
C LEU E 147 38.99 3.43 -38.06
N ARG E 148 40.19 3.97 -38.35
CA ARG E 148 41.44 3.53 -37.73
C ARG E 148 41.48 3.78 -36.22
N ASP E 149 41.23 5.02 -35.78
CA ASP E 149 41.26 5.37 -34.37
C ASP E 149 39.98 4.99 -33.60
N GLY E 150 38.92 4.64 -34.32
CA GLY E 150 37.67 4.24 -33.69
C GLY E 150 36.91 5.37 -33.03
N LEU E 151 36.82 6.53 -33.70
CA LEU E 151 36.08 7.65 -33.15
C LEU E 151 34.59 7.30 -33.14
N ALA E 152 34.11 6.67 -34.22
CA ALA E 152 32.72 6.25 -34.34
C ALA E 152 32.68 4.75 -34.48
N GLN E 153 31.78 4.09 -33.74
CA GLN E 153 31.66 2.64 -33.81
C GLN E 153 30.67 2.24 -34.91
N GLU E 154 29.63 3.05 -35.15
CA GLU E 154 28.63 2.74 -36.17
C GLU E 154 28.88 3.59 -37.40
N ILE E 155 29.01 2.96 -38.57
CA ILE E 155 29.24 3.68 -39.82
C ILE E 155 28.03 3.49 -40.73
N TYR E 156 27.59 4.56 -41.38
CA TYR E 156 26.47 4.50 -42.29
C TYR E 156 26.92 5.10 -43.62
N ILE E 157 26.67 4.40 -44.72
CA ILE E 157 27.08 4.88 -46.03
C ILE E 157 25.88 5.38 -46.82
N VAL E 158 25.94 6.61 -47.31
CA VAL E 158 24.85 7.16 -48.10
C VAL E 158 25.20 6.86 -49.56
N THR E 159 24.26 6.26 -50.31
CA THR E 159 24.50 5.91 -51.71
C THR E 159 23.17 5.89 -52.50
N SER E 160 23.26 5.84 -53.84
CA SER E 160 22.11 5.77 -54.73
C SER E 160 22.35 4.63 -55.73
N GLY E 161 21.45 4.44 -56.70
CA GLY E 161 21.59 3.39 -57.69
C GLY E 161 22.74 3.62 -58.67
N GLU E 162 23.33 4.84 -58.65
CA GLU E 162 24.43 5.22 -59.53
C GLU E 162 25.60 4.25 -59.34
N MET E 163 26.26 3.87 -60.44
CA MET E 163 27.39 2.95 -60.37
C MET E 163 28.51 3.52 -59.48
N MET E 164 28.90 4.77 -59.71
CA MET E 164 29.97 5.38 -58.93
C MET E 164 29.63 5.48 -57.44
N ALA E 165 28.36 5.75 -57.11
CA ALA E 165 27.94 5.84 -55.72
C ALA E 165 28.07 4.47 -55.04
N LEU E 166 27.72 3.39 -55.76
CA LEU E 166 27.83 2.04 -55.20
C LEU E 166 29.30 1.61 -55.14
N TYR E 167 30.13 2.05 -56.10
CA TYR E 167 31.55 1.73 -56.10
C TYR E 167 32.20 2.35 -54.87
N ALA E 168 31.93 3.63 -54.59
CA ALA E 168 32.49 4.33 -53.43
C ALA E 168 32.01 3.65 -52.15
N ALA E 169 30.73 3.25 -52.09
CA ALA E 169 30.18 2.58 -50.92
C ALA E 169 30.87 1.24 -50.69
N ASN E 170 31.16 0.50 -51.77
CA ASN E 170 31.82 -0.78 -51.67
C ASN E 170 33.26 -0.57 -51.16
N ASN E 171 33.94 0.50 -51.61
CA ASN E 171 35.31 0.79 -51.15
C ASN E 171 35.29 1.17 -49.68
N ILE E 172 34.27 1.92 -49.23
CA ILE E 172 34.16 2.30 -47.81
C ILE E 172 34.00 1.03 -46.97
N ALA E 173 33.20 0.07 -47.46
CA ALA E 173 33.01 -1.20 -46.77
C ALA E 173 34.33 -1.95 -46.63
N LYS E 174 35.21 -1.87 -47.65
CA LYS E 174 36.52 -2.50 -47.61
C LYS E 174 37.36 -1.88 -46.48
N GLY E 175 37.29 -0.55 -46.35
CA GLY E 175 38.02 0.18 -45.31
C GLY E 175 37.49 -0.12 -43.92
N ILE E 176 36.17 -0.36 -43.80
CA ILE E 176 35.57 -0.70 -42.52
C ILE E 176 36.08 -2.07 -42.11
N LEU E 177 36.08 -3.04 -43.05
CA LEU E 177 36.54 -4.40 -42.80
C LEU E 177 38.04 -4.43 -42.37
N LYS E 178 38.86 -3.54 -42.94
CA LYS E 178 40.28 -3.45 -42.61
C LYS E 178 40.51 -3.07 -41.14
N TYR E 179 39.76 -2.09 -40.60
CA TYR E 179 39.89 -1.66 -39.21
C TYR E 179 38.83 -2.23 -38.27
N ALA E 180 38.02 -3.18 -38.74
CA ALA E 180 36.96 -3.75 -37.91
C ALA E 180 37.52 -4.41 -36.66
N GLU E 181 38.54 -5.28 -36.80
CA GLU E 181 39.11 -5.94 -35.62
C GLU E 181 40.04 -5.00 -34.88
N GLN E 182 40.80 -4.17 -35.60
CA GLN E 182 41.74 -3.23 -35.01
C GLN E 182 41.09 -2.22 -34.05
N SER E 183 40.00 -1.56 -34.45
CA SER E 183 39.35 -0.56 -33.60
C SER E 183 37.89 -0.83 -33.23
N GLY E 184 37.39 -2.03 -33.52
CA GLY E 184 36.00 -2.36 -33.20
C GLY E 184 34.97 -1.57 -33.98
N VAL E 185 35.37 -0.99 -35.13
CA VAL E 185 34.45 -0.22 -35.96
C VAL E 185 33.61 -1.20 -36.81
N ARG E 186 32.32 -0.91 -36.97
CA ARG E 186 31.41 -1.79 -37.72
C ARG E 186 30.47 -0.99 -38.63
N LEU E 187 29.88 -1.67 -39.62
CA LEU E 187 28.94 -1.04 -40.54
C LEU E 187 27.53 -1.21 -40.00
N GLY E 188 26.88 -0.10 -39.68
CA GLY E 188 25.53 -0.11 -39.15
C GLY E 188 24.47 -0.38 -40.20
N GLY E 189 24.63 0.22 -41.37
CA GLY E 189 23.69 0.05 -42.47
C GLY E 189 23.98 0.95 -43.65
N ILE E 190 23.10 0.90 -44.66
CA ILE E 190 23.24 1.71 -45.87
C ILE E 190 22.03 2.62 -46.00
N ILE E 191 22.27 3.92 -46.18
CA ILE E 191 21.19 4.89 -46.37
C ILE E 191 21.10 5.14 -47.86
N CYS E 192 19.90 5.06 -48.45
CA CYS E 192 19.75 5.30 -49.88
C CYS E 192 19.14 6.67 -50.15
N ASN E 193 19.97 7.65 -50.56
CA ASN E 193 19.44 8.96 -50.92
C ASN E 193 18.99 8.79 -52.36
N ALA E 194 17.73 8.34 -52.54
CA ALA E 194 17.15 8.06 -53.85
C ALA E 194 17.15 9.22 -54.82
N ARG E 195 17.12 8.89 -56.12
CA ARG E 195 17.08 9.85 -57.23
C ARG E 195 15.78 9.65 -58.05
N ASN E 196 14.72 9.11 -57.41
CA ASN E 196 13.41 8.86 -58.02
C ASN E 196 13.53 8.07 -59.32
N VAL E 197 13.99 6.82 -59.20
CA VAL E 197 14.14 5.92 -60.34
C VAL E 197 13.46 4.60 -60.00
N ASP E 198 12.72 4.02 -60.96
CA ASP E 198 12.01 2.77 -60.73
C ASP E 198 13.02 1.62 -60.63
N GLY E 199 12.84 0.76 -59.61
CA GLY E 199 13.73 -0.36 -59.39
C GLY E 199 14.95 -0.05 -58.54
N GLU E 200 15.12 1.22 -58.13
CA GLU E 200 16.25 1.63 -57.31
C GLU E 200 16.16 1.00 -55.92
N LYS E 201 14.97 0.99 -55.31
CA LYS E 201 14.80 0.40 -53.99
C LYS E 201 15.17 -1.09 -54.01
N GLU E 202 14.71 -1.80 -55.05
CA GLU E 202 14.99 -3.22 -55.21
C GLU E 202 16.48 -3.47 -55.41
N LEU E 203 17.15 -2.57 -56.15
CA LEU E 203 18.59 -2.69 -56.38
C LEU E 203 19.34 -2.56 -55.05
N MET E 204 18.94 -1.60 -54.22
CA MET E 204 19.57 -1.37 -52.92
C MET E 204 19.36 -2.55 -51.98
N ASP E 205 18.21 -3.21 -52.04
CA ASP E 205 17.93 -4.36 -51.18
C ASP E 205 18.91 -5.48 -51.49
N GLU E 206 19.18 -5.74 -52.78
CA GLU E 206 20.11 -6.79 -53.17
C GLU E 206 21.55 -6.38 -52.87
N PHE E 207 21.88 -5.09 -53.03
CA PHE E 207 23.21 -4.57 -52.75
C PHE E 207 23.54 -4.75 -51.27
N CYS E 208 22.61 -4.41 -50.38
CA CYS E 208 22.81 -4.57 -48.93
C CYS E 208 22.85 -6.03 -48.55
N ASP E 209 22.02 -6.85 -49.20
CA ASP E 209 22.00 -8.31 -48.90
C ASP E 209 23.37 -8.91 -49.20
N LYS E 210 23.93 -8.57 -50.37
CA LYS E 210 25.23 -9.10 -50.76
C LYS E 210 26.32 -8.60 -49.81
N LEU E 211 26.19 -7.34 -49.34
CA LEU E 211 27.21 -6.72 -48.45
C LEU E 211 27.10 -7.27 -47.03
N GLY E 212 26.03 -8.01 -46.73
CA GLY E 212 25.80 -8.54 -45.40
C GLY E 212 25.31 -7.49 -44.43
N THR E 213 24.62 -6.46 -44.94
CA THR E 213 24.10 -5.38 -44.11
C THR E 213 22.62 -5.12 -44.49
N LYS E 214 22.00 -4.08 -43.92
CA LYS E 214 20.60 -3.77 -44.21
C LYS E 214 20.41 -2.35 -44.69
N LEU E 215 19.34 -2.12 -45.47
CA LEU E 215 19.01 -0.80 -45.97
C LEU E 215 18.31 -0.10 -44.81
N ILE E 216 19.07 0.67 -44.01
CA ILE E 216 18.51 1.35 -42.85
C ILE E 216 17.31 2.24 -43.22
N HIS E 217 17.32 2.89 -44.40
CA HIS E 217 16.21 3.73 -44.84
C HIS E 217 16.36 4.16 -46.30
N TYR E 218 15.22 4.40 -46.96
CA TYR E 218 15.16 4.84 -48.35
C TYR E 218 14.72 6.30 -48.32
N VAL E 219 15.67 7.24 -48.33
CA VAL E 219 15.35 8.67 -48.28
C VAL E 219 14.94 9.13 -49.68
N PRO E 220 13.67 9.55 -49.90
CA PRO E 220 13.28 9.98 -51.25
C PRO E 220 13.79 11.36 -51.62
N ARG E 221 13.85 11.65 -52.93
CA ARG E 221 14.30 12.95 -53.39
C ARG E 221 13.09 13.88 -53.31
N ASP E 222 13.20 14.99 -52.56
CA ASP E 222 12.11 15.93 -52.39
C ASP E 222 12.57 17.39 -52.57
N ASN E 223 11.77 18.19 -53.29
CA ASN E 223 12.09 19.59 -53.54
C ASN E 223 12.05 20.44 -52.27
N ILE E 224 11.35 19.97 -51.22
CA ILE E 224 11.29 20.71 -49.95
C ILE E 224 12.68 20.92 -49.37
N VAL E 225 13.65 20.04 -49.70
CA VAL E 225 15.02 20.18 -49.20
C VAL E 225 15.59 21.50 -49.71
N GLN E 226 15.41 21.77 -51.00
CA GLN E 226 15.94 23.03 -51.60
C GLN E 226 15.14 24.23 -51.06
N LYS E 227 13.83 24.08 -50.92
CA LYS E 227 13.01 25.16 -50.38
C LYS E 227 13.47 25.54 -48.96
N ALA E 228 13.76 24.53 -48.11
CA ALA E 228 14.25 24.77 -46.76
C ALA E 228 15.66 25.37 -46.80
N GLU E 229 16.51 24.92 -47.76
CA GLU E 229 17.87 25.43 -47.91
C GLU E 229 17.82 26.93 -48.24
N PHE E 230 16.87 27.33 -49.11
CA PHE E 230 16.69 28.73 -49.47
C PHE E 230 16.36 29.59 -48.23
N ASN E 231 15.64 29.01 -47.27
CA ASN E 231 15.26 29.72 -46.05
C ASN E 231 16.29 29.56 -44.92
N LYS E 232 17.54 29.14 -45.26
CA LYS E 232 18.61 28.96 -44.28
C LYS E 232 18.19 27.98 -43.16
N MET E 233 17.50 26.90 -43.52
CA MET E 233 17.03 25.96 -42.52
C MET E 233 17.08 24.52 -43.00
N THR E 234 17.04 23.58 -42.04
CA THR E 234 16.96 22.17 -42.37
C THR E 234 15.47 21.87 -42.60
N VAL E 235 15.15 20.71 -43.18
CA VAL E 235 13.76 20.34 -43.44
C VAL E 235 12.98 20.23 -42.13
N ILE E 236 13.61 19.70 -41.07
CA ILE E 236 12.96 19.56 -39.77
C ILE E 236 12.55 20.91 -39.20
N GLU E 237 13.47 21.89 -39.25
CA GLU E 237 13.21 23.23 -38.74
C GLU E 237 12.22 23.98 -39.62
N PHE E 238 12.28 23.78 -40.94
CA PHE E 238 11.40 24.47 -41.87
C PHE E 238 9.94 24.00 -41.75
N ASP E 239 9.71 22.69 -41.88
CA ASP E 239 8.35 22.14 -41.79
C ASP E 239 8.42 20.73 -41.22
N PRO E 240 8.33 20.57 -39.88
CA PRO E 240 8.40 19.22 -39.31
C PRO E 240 7.18 18.34 -39.59
N GLU E 241 6.16 18.89 -40.27
CA GLU E 241 4.95 18.14 -40.60
C GLU E 241 4.95 17.61 -42.04
N CYS E 242 5.91 18.03 -42.89
CA CYS E 242 5.96 17.56 -44.28
C CYS E 242 6.41 16.10 -44.35
N ASN E 243 6.11 15.43 -45.47
CA ASN E 243 6.47 14.03 -45.63
C ASN E 243 7.97 13.79 -45.53
N GLN E 244 8.79 14.67 -46.11
CA GLN E 244 10.24 14.51 -46.04
C GLN E 244 10.73 14.55 -44.60
N ALA E 245 10.10 15.37 -43.73
CA ALA E 245 10.50 15.43 -42.33
C ALA E 245 10.18 14.08 -41.66
N LYS E 246 9.03 13.49 -42.01
CA LYS E 246 8.61 12.19 -41.48
C LYS E 246 9.61 11.11 -41.90
N GLU E 247 10.23 11.27 -43.06
CA GLU E 247 11.20 10.31 -43.58
C GLU E 247 12.49 10.40 -42.77
N TYR E 248 12.99 11.62 -42.53
CA TYR E 248 14.21 11.80 -41.75
C TYR E 248 13.99 11.38 -40.29
N ARG E 249 12.77 11.55 -39.77
CA ARG E 249 12.46 11.16 -38.40
C ARG E 249 12.54 9.63 -38.27
N THR E 250 12.02 8.91 -39.28
CA THR E 250 12.07 7.45 -39.28
C THR E 250 13.53 7.01 -39.31
N LEU E 251 14.34 7.62 -40.18
CA LEU E 251 15.76 7.29 -40.29
C LEU E 251 16.49 7.55 -38.96
N ALA E 252 16.22 8.68 -38.34
CA ALA E 252 16.85 9.04 -37.08
C ALA E 252 16.58 7.99 -35.99
N LYS E 253 15.35 7.51 -35.87
CA LYS E 253 15.04 6.52 -34.85
C LYS E 253 15.64 5.16 -35.24
N ASN E 254 15.67 4.82 -36.53
CA ASN E 254 16.28 3.55 -36.95
C ASN E 254 17.78 3.52 -36.60
N ILE E 255 18.49 4.63 -36.83
CA ILE E 255 19.91 4.70 -36.52
C ILE E 255 20.13 4.60 -35.01
N ASP E 256 19.39 5.40 -34.23
CA ASP E 256 19.52 5.41 -32.77
C ASP E 256 19.18 4.05 -32.15
N GLU E 257 18.17 3.35 -32.69
CA GLU E 257 17.78 2.04 -32.18
C GLU E 257 18.43 0.88 -32.93
N ASN E 258 19.51 1.13 -33.67
CA ASN E 258 20.16 0.06 -34.42
C ASN E 258 21.14 -0.74 -33.57
N ASP E 259 21.04 -2.07 -33.66
CA ASP E 259 21.96 -2.97 -32.89
C ASP E 259 22.64 -3.95 -33.87
N GLU E 260 22.15 -4.05 -35.11
CA GLU E 260 22.74 -4.93 -36.10
C GLU E 260 24.00 -4.32 -36.68
N LEU E 261 25.10 -4.38 -35.93
CA LEU E 261 26.38 -3.87 -36.42
C LEU E 261 27.12 -5.07 -36.99
N VAL E 262 27.57 -4.97 -38.25
CA VAL E 262 28.21 -6.09 -38.93
C VAL E 262 29.52 -5.76 -39.61
N LYS E 263 30.30 -6.82 -39.93
CA LYS E 263 31.54 -6.73 -40.68
C LYS E 263 31.07 -6.94 -42.10
N PRO E 264 31.18 -5.95 -43.00
CA PRO E 264 30.64 -6.17 -44.35
C PRO E 264 31.41 -7.21 -45.17
N THR E 265 30.79 -7.66 -46.26
CA THR E 265 31.39 -8.61 -47.18
C THR E 265 31.43 -7.89 -48.54
N PRO E 266 32.42 -7.00 -48.77
CA PRO E 266 32.47 -6.29 -50.06
C PRO E 266 32.43 -7.20 -51.28
N MET E 267 31.96 -6.65 -52.40
CA MET E 267 31.82 -7.40 -53.65
C MET E 267 32.97 -7.12 -54.60
N THR E 268 33.17 -8.00 -55.57
CA THR E 268 34.22 -7.80 -56.57
C THR E 268 33.68 -6.82 -57.63
N MET E 269 34.54 -6.30 -58.51
CA MET E 269 34.10 -5.37 -59.54
C MET E 269 33.09 -6.05 -60.47
N ASP E 270 33.35 -7.32 -60.85
CA ASP E 270 32.43 -8.05 -61.72
C ASP E 270 31.06 -8.22 -61.05
N GLU E 271 31.05 -8.55 -59.76
CA GLU E 271 29.80 -8.73 -59.03
C GLU E 271 28.99 -7.41 -58.99
N LEU E 272 29.67 -6.29 -58.75
CA LEU E 272 29.04 -4.98 -58.70
C LEU E 272 28.51 -4.54 -60.06
N GLU E 273 29.31 -4.76 -61.13
CA GLU E 273 28.91 -4.38 -62.48
C GLU E 273 27.71 -5.23 -62.93
N GLU E 274 27.74 -6.52 -62.62
CA GLU E 274 26.65 -7.43 -62.97
C GLU E 274 25.33 -7.00 -62.31
N LEU E 275 25.42 -6.47 -61.08
CA LEU E 275 24.23 -6.02 -60.37
C LEU E 275 23.64 -4.76 -61.01
N VAL E 276 24.49 -3.80 -61.39
CA VAL E 276 24.02 -2.55 -62.00
C VAL E 276 23.38 -2.83 -63.37
N VAL E 277 23.98 -3.73 -64.18
CA VAL E 277 23.43 -4.03 -65.50
C VAL E 277 22.10 -4.81 -65.36
N LYS E 278 21.97 -5.65 -64.32
CA LYS E 278 20.76 -6.43 -64.09
C LYS E 278 19.53 -5.51 -63.98
N TYR E 279 19.63 -4.47 -63.15
CA TYR E 279 18.51 -3.53 -62.96
C TYR E 279 18.45 -2.44 -64.03
N ASP F 4 60.73 16.04 -67.77
CA ASP F 4 60.93 16.80 -69.00
C ASP F 4 61.48 15.91 -70.12
N GLU F 5 62.34 14.94 -69.78
CA GLU F 5 62.90 14.01 -70.77
C GLU F 5 61.83 12.99 -71.23
N ILE F 6 60.74 12.83 -70.45
CA ILE F 6 59.65 11.90 -70.77
C ILE F 6 58.97 12.36 -72.06
N ALA F 7 59.10 11.59 -73.15
CA ALA F 7 58.48 11.91 -74.44
C ALA F 7 58.55 13.43 -74.77
N PRO F 8 59.73 13.93 -75.19
CA PRO F 8 59.85 15.37 -75.45
C PRO F 8 58.99 15.91 -76.60
N ASP F 9 58.88 15.14 -77.70
CA ASP F 9 58.07 15.58 -78.84
C ASP F 9 56.57 15.28 -78.69
N ALA F 10 56.13 14.82 -77.51
CA ALA F 10 54.73 14.50 -77.28
C ALA F 10 54.03 15.59 -76.48
N LYS F 11 52.71 15.72 -76.67
CA LYS F 11 51.91 16.68 -75.92
C LYS F 11 51.44 15.95 -74.67
N LYS F 12 51.99 16.32 -73.51
CA LYS F 12 51.64 15.67 -72.25
C LYS F 12 50.43 16.36 -71.63
N VAL F 13 49.30 15.64 -71.57
CA VAL F 13 48.03 16.14 -71.05
C VAL F 13 47.55 15.30 -69.87
N ALA F 14 46.85 15.93 -68.91
CA ALA F 14 46.28 15.24 -67.76
C ALA F 14 44.82 15.64 -67.62
N ILE F 15 43.92 14.66 -67.53
CA ILE F 15 42.48 14.90 -67.39
C ILE F 15 42.06 14.74 -65.93
N TYR F 16 41.55 15.81 -65.33
CA TYR F 16 41.10 15.81 -63.94
C TYR F 16 39.59 16.02 -63.88
N GLY F 17 38.98 15.70 -62.75
CA GLY F 17 37.54 15.86 -62.58
C GLY F 17 36.95 15.04 -61.46
N LYS F 18 35.70 15.34 -61.14
CA LYS F 18 34.99 14.62 -60.06
C LYS F 18 34.83 13.16 -60.45
N GLY F 19 34.65 12.30 -59.45
CA GLY F 19 34.47 10.87 -59.67
C GLY F 19 33.19 10.58 -60.45
N GLY F 20 33.30 9.75 -61.48
CA GLY F 20 32.17 9.37 -62.31
C GLY F 20 31.65 10.48 -63.20
N ILE F 21 32.44 11.53 -63.42
CA ILE F 21 32.03 12.64 -64.29
C ILE F 21 32.27 12.33 -65.78
N GLY F 22 33.06 11.29 -66.09
CA GLY F 22 33.36 10.90 -67.46
C GLY F 22 34.78 11.14 -67.91
N LYS F 23 35.74 11.15 -66.99
CA LYS F 23 37.16 11.31 -67.41
C LYS F 23 37.59 10.09 -68.23
N SER F 24 37.40 8.89 -67.68
CA SER F 24 37.85 7.68 -68.35
C SER F 24 37.21 7.55 -69.74
N THR F 25 35.93 7.90 -69.87
CA THR F 25 35.23 7.84 -71.15
C THR F 25 35.80 8.89 -72.11
N THR F 26 35.91 10.14 -71.65
CA THR F 26 36.45 11.22 -72.49
C THR F 26 37.90 10.93 -72.91
N THR F 27 38.76 10.55 -71.96
CA THR F 27 40.16 10.27 -72.26
C THR F 27 40.33 9.13 -73.26
N GLN F 28 39.64 8.00 -73.06
CA GLN F 28 39.77 6.86 -73.97
C GLN F 28 39.29 7.21 -75.38
N ASN F 29 38.12 7.86 -75.51
CA ASN F 29 37.60 8.24 -76.81
C ASN F 29 38.43 9.32 -77.48
N THR F 30 39.07 10.21 -76.70
CA THR F 30 39.92 11.26 -77.25
C THR F 30 41.18 10.62 -77.81
N ALA F 31 41.79 9.71 -77.05
CA ALA F 31 43.00 9.01 -77.50
C ALA F 31 42.69 8.15 -78.72
N ALA F 32 41.50 7.51 -78.75
CA ALA F 32 41.09 6.67 -79.87
C ALA F 32 40.91 7.51 -81.14
N ALA F 33 40.36 8.73 -80.99
CA ALA F 33 40.16 9.62 -82.13
C ALA F 33 41.51 10.10 -82.67
N LEU F 34 42.46 10.39 -81.78
CA LEU F 34 43.80 10.85 -82.25
C LEU F 34 44.49 9.72 -83.00
N ALA F 35 44.42 8.49 -82.46
CA ALA F 35 45.10 7.36 -83.09
C ALA F 35 44.43 6.93 -84.39
N TYR F 36 43.09 6.92 -84.42
CA TYR F 36 42.34 6.48 -85.60
C TYR F 36 42.23 7.56 -86.69
N PHE F 37 41.66 8.73 -86.38
CA PHE F 37 41.47 9.79 -87.36
C PHE F 37 42.74 10.56 -87.75
N PHE F 38 43.54 11.02 -86.77
CA PHE F 38 44.72 11.83 -87.06
C PHE F 38 46.06 11.07 -87.10
N ASP F 39 46.05 9.72 -87.08
CA ASP F 39 47.27 8.90 -87.11
C ASP F 39 48.40 9.19 -86.11
N LYS F 40 48.05 9.26 -84.83
CA LYS F 40 49.01 9.55 -83.77
C LYS F 40 49.28 8.38 -82.82
N LYS F 41 50.52 8.30 -82.29
CA LYS F 41 50.91 7.27 -81.33
C LYS F 41 50.55 7.82 -79.95
N VAL F 42 49.50 7.26 -79.33
CA VAL F 42 49.02 7.74 -78.02
C VAL F 42 49.23 6.71 -76.92
N MET F 43 49.32 7.18 -75.67
CA MET F 43 49.49 6.33 -74.50
C MET F 43 48.63 6.87 -73.36
N ILE F 44 47.98 5.99 -72.59
CA ILE F 44 47.14 6.40 -71.49
C ILE F 44 47.71 5.82 -70.19
N HIS F 45 47.85 6.68 -69.17
CA HIS F 45 48.34 6.26 -67.86
C HIS F 45 47.23 6.56 -66.85
N GLY F 46 46.51 5.53 -66.46
CA GLY F 46 45.42 5.66 -65.50
C GLY F 46 45.92 5.95 -64.10
N CYS F 47 45.62 7.15 -63.59
CA CYS F 47 46.01 7.57 -62.25
C CYS F 47 44.78 7.69 -61.37
N ASP F 48 43.84 6.74 -61.50
CA ASP F 48 42.61 6.71 -60.73
C ASP F 48 42.55 5.36 -60.01
N PRO F 49 42.31 5.32 -58.69
CA PRO F 49 42.27 4.02 -58.01
C PRO F 49 41.16 3.08 -58.48
N LYS F 50 40.22 3.54 -59.33
CA LYS F 50 39.15 2.68 -59.83
C LYS F 50 39.72 1.58 -60.75
N ALA F 51 40.85 1.88 -61.44
CA ALA F 51 41.56 0.94 -62.31
C ALA F 51 40.78 0.49 -63.55
N ASP F 52 40.01 1.38 -64.15
CA ASP F 52 39.25 1.06 -65.38
C ASP F 52 39.39 2.17 -66.43
N SER F 53 40.46 2.96 -66.34
CA SER F 53 40.72 4.07 -67.27
C SER F 53 41.14 3.59 -68.67
N THR F 54 41.58 2.32 -68.80
CA THR F 54 42.02 1.75 -70.08
C THR F 54 41.26 0.45 -70.38
N ARG F 55 40.01 0.32 -69.91
CA ARG F 55 39.22 -0.89 -70.11
C ARG F 55 38.68 -1.01 -71.54
N MET F 56 38.08 0.05 -72.10
CA MET F 56 37.53 0.00 -73.45
C MET F 56 38.59 0.03 -74.55
N ILE F 57 39.80 0.50 -74.25
CA ILE F 57 40.87 0.51 -75.25
C ILE F 57 41.43 -0.93 -75.34
N LEU F 58 41.50 -1.65 -74.21
CA LEU F 58 41.96 -3.05 -74.18
C LEU F 58 40.80 -4.05 -74.36
N HIS F 59 39.63 -3.56 -74.82
CA HIS F 59 38.43 -4.35 -75.10
C HIS F 59 37.70 -5.05 -73.95
N GLY F 60 37.22 -4.24 -73.02
CA GLY F 60 36.46 -4.70 -71.85
C GLY F 60 37.32 -5.50 -70.90
N LYS F 61 38.65 -5.42 -71.04
CA LYS F 61 39.55 -6.17 -70.19
C LYS F 61 40.15 -5.26 -69.12
N PRO F 62 39.62 -5.23 -67.88
CA PRO F 62 40.24 -4.38 -66.84
C PRO F 62 41.71 -4.74 -66.71
N GLN F 63 42.56 -3.74 -66.85
CA GLN F 63 44.01 -3.95 -66.82
C GLN F 63 44.56 -4.21 -65.42
N ASP F 64 45.56 -5.09 -65.32
CA ASP F 64 46.22 -5.37 -64.05
C ASP F 64 47.02 -4.12 -63.71
N THR F 65 46.81 -3.56 -62.53
CA THR F 65 47.50 -2.33 -62.14
C THR F 65 48.94 -2.60 -61.72
N VAL F 66 49.76 -1.55 -61.69
CA VAL F 66 51.16 -1.66 -61.28
C VAL F 66 51.22 -2.11 -59.82
N MET F 67 50.34 -1.53 -58.99
CA MET F 67 50.31 -1.88 -57.54
C MET F 67 49.92 -3.36 -57.39
N ASP F 68 48.95 -3.84 -58.17
CA ASP F 68 48.50 -5.22 -58.05
C ASP F 68 49.64 -6.19 -58.40
N VAL F 69 50.39 -5.90 -59.47
CA VAL F 69 51.50 -6.77 -59.88
C VAL F 69 52.59 -6.70 -58.83
N LEU F 70 52.93 -5.48 -58.38
CA LEU F 70 53.97 -5.25 -57.36
C LEU F 70 53.59 -5.94 -56.05
N ARG F 71 52.38 -5.68 -55.57
CA ARG F 71 51.91 -6.24 -54.31
C ARG F 71 51.98 -7.77 -54.28
N GLU F 72 51.48 -8.44 -55.33
CA GLU F 72 51.46 -9.90 -55.37
C GLU F 72 52.80 -10.55 -55.78
N GLU F 73 53.20 -10.42 -57.06
CA GLU F 73 54.41 -11.08 -57.57
C GLU F 73 55.75 -10.52 -57.07
N GLY F 74 55.84 -9.23 -56.81
CA GLY F 74 57.09 -8.62 -56.32
C GLY F 74 57.61 -7.51 -57.20
N GLU F 75 58.52 -6.71 -56.66
CA GLU F 75 59.12 -5.58 -57.36
C GLU F 75 59.90 -6.02 -58.59
N GLU F 76 60.63 -7.12 -58.48
CA GLU F 76 61.45 -7.65 -59.60
C GLU F 76 60.54 -8.12 -60.74
N ALA F 77 59.41 -8.71 -60.39
CA ALA F 77 58.49 -9.28 -61.38
C ALA F 77 57.69 -8.21 -62.16
N VAL F 78 57.79 -6.92 -61.77
CA VAL F 78 57.05 -5.86 -62.48
C VAL F 78 57.73 -5.62 -63.83
N THR F 79 57.26 -6.30 -64.89
CA THR F 79 57.84 -6.16 -66.22
C THR F 79 56.95 -5.30 -67.10
N LEU F 80 57.56 -4.61 -68.07
CA LEU F 80 56.83 -3.74 -68.99
C LEU F 80 55.79 -4.51 -69.79
N GLU F 81 56.11 -5.76 -70.19
CA GLU F 81 55.15 -6.58 -70.94
C GLU F 81 53.91 -6.92 -70.08
N LYS F 82 54.02 -6.80 -68.74
CA LYS F 82 52.94 -7.10 -67.80
C LYS F 82 52.13 -5.87 -67.41
N VAL F 83 52.79 -4.72 -67.18
CA VAL F 83 52.08 -3.51 -66.75
C VAL F 83 51.65 -2.62 -67.93
N ARG F 84 52.29 -2.78 -69.11
CA ARG F 84 51.97 -2.00 -70.29
C ARG F 84 51.29 -2.90 -71.30
N LYS F 85 50.12 -2.49 -71.79
CA LYS F 85 49.36 -3.28 -72.76
C LYS F 85 49.09 -2.51 -74.04
N ILE F 86 48.86 -3.24 -75.13
CA ILE F 86 48.57 -2.64 -76.44
C ILE F 86 47.08 -2.81 -76.69
N GLY F 87 46.40 -1.74 -77.09
CA GLY F 87 44.99 -1.81 -77.38
C GLY F 87 44.63 -1.31 -78.76
N PHE F 88 43.41 -0.77 -78.92
CA PHE F 88 42.92 -0.25 -80.19
C PHE F 88 43.89 0.72 -80.85
N LYS F 89 44.19 0.49 -82.15
CA LYS F 89 45.11 1.30 -82.95
C LYS F 89 46.46 1.54 -82.27
N ASP F 90 47.06 0.46 -81.72
CA ASP F 90 48.35 0.48 -81.04
C ASP F 90 48.47 1.51 -79.90
N ILE F 91 47.38 1.74 -79.13
CA ILE F 91 47.43 2.69 -78.02
C ILE F 91 48.01 1.97 -76.81
N LEU F 92 49.08 2.51 -76.21
CA LEU F 92 49.72 1.92 -75.05
C LEU F 92 48.90 2.24 -73.80
N CYS F 93 48.74 1.25 -72.91
CA CYS F 93 47.94 1.43 -71.70
C CYS F 93 48.68 1.02 -70.45
N VAL F 94 48.56 1.82 -69.38
CA VAL F 94 49.18 1.55 -68.07
C VAL F 94 48.18 1.97 -67.00
N GLU F 95 48.06 1.19 -65.92
CA GLU F 95 47.14 1.53 -64.83
C GLU F 95 47.92 1.55 -63.53
N SER F 96 47.91 2.69 -62.82
CA SER F 96 48.63 2.83 -61.56
C SER F 96 47.99 2.02 -60.43
N GLY F 97 46.68 2.16 -60.28
CA GLY F 97 45.96 1.49 -59.21
C GLY F 97 46.17 2.22 -57.90
N GLY F 98 46.21 1.49 -56.80
CA GLY F 98 46.42 2.10 -55.50
C GLY F 98 46.36 1.10 -54.36
N PRO F 99 46.61 1.56 -53.12
CA PRO F 99 46.53 0.62 -51.99
C PRO F 99 45.10 0.23 -51.67
N GLU F 100 44.92 -0.83 -50.86
CA GLU F 100 43.59 -1.27 -50.47
C GLU F 100 42.92 -0.17 -49.63
N PRO F 101 41.60 0.11 -49.77
CA PRO F 101 40.99 1.18 -48.98
C PRO F 101 41.34 1.17 -47.49
N GLY F 102 41.84 2.29 -46.99
CA GLY F 102 42.22 2.44 -45.60
C GLY F 102 43.67 2.15 -45.29
N VAL F 103 44.34 1.33 -46.13
CA VAL F 103 45.74 0.95 -45.91
C VAL F 103 46.67 2.18 -45.79
N GLY F 104 46.66 3.01 -46.81
CA GLY F 104 47.51 4.19 -46.83
C GLY F 104 47.06 5.21 -47.86
N CYS F 105 47.93 6.17 -48.16
CA CYS F 105 47.61 7.25 -49.14
C CYS F 105 47.05 6.64 -50.43
N ALA F 106 45.85 7.06 -50.83
CA ALA F 106 45.24 6.59 -52.06
C ALA F 106 46.05 6.94 -53.31
N GLY F 107 46.74 8.07 -53.28
CA GLY F 107 47.56 8.51 -54.40
C GLY F 107 48.92 7.85 -54.51
N ARG F 108 49.32 7.06 -53.50
CA ARG F 108 50.63 6.43 -53.54
C ARG F 108 50.83 5.55 -54.80
N GLY F 109 49.75 4.94 -55.30
CA GLY F 109 49.83 4.11 -56.49
C GLY F 109 50.30 4.87 -57.71
N VAL F 110 49.95 6.16 -57.79
CA VAL F 110 50.34 7.01 -58.91
C VAL F 110 51.85 7.25 -58.87
N ILE F 111 52.38 7.63 -57.70
CA ILE F 111 53.81 7.90 -57.54
C ILE F 111 54.63 6.67 -57.88
N THR F 112 54.27 5.52 -57.31
CA THR F 112 54.99 4.27 -57.55
C THR F 112 54.99 3.90 -59.03
N ALA F 113 53.83 4.01 -59.70
CA ALA F 113 53.72 3.67 -61.12
C ALA F 113 54.48 4.63 -62.03
N VAL F 114 54.45 5.94 -61.75
CA VAL F 114 55.16 6.91 -62.57
C VAL F 114 56.66 6.71 -62.40
N ASP F 115 57.14 6.60 -61.16
CA ASP F 115 58.57 6.40 -60.92
C ASP F 115 59.07 5.09 -61.53
N MET F 116 58.31 4.01 -61.41
CA MET F 116 58.73 2.73 -61.98
C MET F 116 58.67 2.77 -63.50
N MET F 117 57.71 3.50 -64.08
CA MET F 117 57.60 3.62 -65.53
C MET F 117 58.84 4.32 -66.08
N ARG F 118 59.34 5.33 -65.37
CA ARG F 118 60.54 6.05 -65.80
C ARG F 118 61.74 5.11 -65.73
N GLU F 119 61.84 4.33 -64.64
CA GLU F 119 62.92 3.37 -64.42
C GLU F 119 62.90 2.32 -65.55
N LEU F 120 61.69 1.85 -65.91
CA LEU F 120 61.48 0.85 -66.95
C LEU F 120 61.47 1.46 -68.36
N GLU F 121 61.50 2.80 -68.50
CA GLU F 121 61.46 3.50 -69.78
C GLU F 121 60.21 3.10 -70.55
N GLY F 122 59.06 3.25 -69.91
CA GLY F 122 57.77 2.90 -70.49
C GLY F 122 57.13 3.99 -71.32
N TYR F 123 57.68 5.22 -71.30
CA TYR F 123 57.13 6.31 -72.09
C TYR F 123 57.99 6.46 -73.35
N PRO F 124 57.57 5.90 -74.49
CA PRO F 124 58.40 6.02 -75.70
C PRO F 124 58.71 7.46 -76.12
N ASP F 125 59.90 7.68 -76.69
CA ASP F 125 60.29 9.01 -77.15
C ASP F 125 59.47 9.42 -78.37
N ASP F 126 59.15 8.44 -79.25
CA ASP F 126 58.37 8.70 -80.47
C ASP F 126 56.90 9.03 -80.23
N LEU F 127 56.43 9.02 -78.96
CA LEU F 127 55.03 9.36 -78.66
C LEU F 127 54.57 10.70 -79.23
N ASP F 128 53.29 10.81 -79.58
CA ASP F 128 52.72 12.05 -80.10
C ASP F 128 51.96 12.80 -79.01
N ASN F 129 51.24 12.04 -78.16
CA ASN F 129 50.44 12.62 -77.05
C ASN F 129 50.37 11.63 -75.88
N LEU F 130 50.67 12.07 -74.65
CA LEU F 130 50.51 11.24 -73.46
C LEU F 130 49.34 11.75 -72.65
N PHE F 131 48.52 10.84 -72.09
CA PHE F 131 47.35 11.21 -71.30
C PHE F 131 47.43 10.62 -69.90
N PHE F 132 46.98 11.41 -68.92
CA PHE F 132 46.95 10.97 -67.51
C PHE F 132 45.53 11.15 -66.96
N ASP F 133 44.79 10.05 -66.78
CA ASP F 133 43.44 10.11 -66.24
C ASP F 133 43.58 10.17 -64.71
N VAL F 134 43.51 11.37 -64.11
CA VAL F 134 43.72 11.53 -62.67
C VAL F 134 42.44 11.78 -61.87
N LEU F 135 42.41 11.27 -60.62
CA LEU F 135 41.29 11.44 -59.70
C LEU F 135 41.29 12.91 -59.25
N GLY F 136 40.13 13.56 -59.32
CA GLY F 136 40.03 14.97 -58.96
C GLY F 136 39.18 15.30 -57.74
N ASP F 137 38.72 14.28 -57.00
CA ASP F 137 37.92 14.51 -55.80
C ASP F 137 38.78 15.17 -54.71
N VAL F 138 40.08 14.84 -54.68
CA VAL F 138 41.03 15.41 -53.73
C VAL F 138 42.31 15.71 -54.53
N VAL F 139 42.91 16.89 -54.32
CA VAL F 139 44.13 17.26 -55.02
C VAL F 139 45.26 17.18 -54.01
N CYS F 140 45.86 16.00 -53.92
CA CYS F 140 46.95 15.82 -52.92
C CYS F 140 47.68 14.51 -53.19
N GLY F 141 48.89 14.40 -52.66
CA GLY F 141 49.72 13.22 -52.82
C GLY F 141 49.99 12.87 -54.27
N GLY F 142 49.75 11.61 -54.63
CA GLY F 142 49.97 11.16 -55.99
C GLY F 142 49.05 11.82 -57.00
N PHE F 143 47.86 12.23 -56.56
CA PHE F 143 46.90 12.88 -57.47
C PHE F 143 47.36 14.30 -57.83
N ALA F 144 48.21 14.93 -56.98
CA ALA F 144 48.73 16.25 -57.27
C ALA F 144 50.11 16.18 -57.95
N MET F 145 50.73 14.98 -58.05
CA MET F 145 52.05 14.82 -58.67
C MET F 145 52.11 15.37 -60.11
N PRO F 146 51.16 15.07 -61.03
CA PRO F 146 51.28 15.64 -62.37
C PRO F 146 51.35 17.17 -62.36
N LEU F 147 50.82 17.80 -61.31
CA LEU F 147 50.84 19.24 -61.15
C LEU F 147 52.16 19.70 -60.53
N ARG F 148 52.56 19.12 -59.39
CA ARG F 148 53.80 19.49 -58.69
C ARG F 148 55.06 19.15 -59.50
N ASP F 149 55.18 17.90 -59.97
CA ASP F 149 56.36 17.48 -60.74
C ASP F 149 56.34 17.91 -62.21
N GLY F 150 55.19 18.36 -62.71
CA GLY F 150 55.08 18.80 -64.08
C GLY F 150 55.15 17.69 -65.11
N LEU F 151 54.46 16.56 -64.87
CA LEU F 151 54.44 15.46 -65.83
C LEU F 151 53.67 15.88 -67.07
N ALA F 152 52.55 16.60 -66.87
CA ALA F 152 51.74 17.10 -67.97
C ALA F 152 51.73 18.63 -67.86
N GLN F 153 52.12 19.33 -68.92
CA GLN F 153 52.15 20.80 -68.90
C GLN F 153 50.82 21.41 -69.37
N GLU F 154 49.92 20.58 -69.93
CA GLU F 154 48.61 20.99 -70.44
C GLU F 154 47.56 20.21 -69.65
N ILE F 155 46.75 20.89 -68.83
CA ILE F 155 45.73 20.23 -68.02
C ILE F 155 44.33 20.52 -68.54
N TYR F 156 43.39 19.61 -68.28
CA TYR F 156 42.00 19.75 -68.69
C TYR F 156 41.07 19.20 -67.61
N ILE F 157 39.94 19.89 -67.35
CA ILE F 157 39.00 19.42 -66.34
C ILE F 157 37.64 19.07 -66.95
N VAL F 158 37.19 17.84 -66.72
CA VAL F 158 35.84 17.41 -67.20
C VAL F 158 34.82 17.72 -66.11
N THR F 159 33.77 18.46 -66.44
CA THR F 159 32.75 18.84 -65.45
C THR F 159 31.38 19.00 -66.12
N SER F 160 30.32 19.10 -65.32
CA SER F 160 28.95 19.30 -65.79
C SER F 160 28.33 20.45 -65.00
N GLY F 161 27.04 20.74 -65.21
CA GLY F 161 26.37 21.82 -64.49
C GLY F 161 26.17 21.53 -63.02
N GLU F 162 26.43 20.27 -62.58
CA GLU F 162 26.29 19.86 -61.20
C GLU F 162 27.12 20.73 -60.27
N MET F 163 26.58 21.10 -59.11
CA MET F 163 27.32 21.92 -58.15
C MET F 163 28.62 21.25 -57.74
N MET F 164 28.56 19.98 -57.34
CA MET F 164 29.74 19.26 -56.90
C MET F 164 30.77 19.13 -58.01
N ALA F 165 30.34 18.94 -59.26
CA ALA F 165 31.26 18.84 -60.39
C ALA F 165 32.01 20.15 -60.59
N LEU F 166 31.31 21.29 -60.43
CA LEU F 166 31.94 22.60 -60.60
C LEU F 166 32.83 22.92 -59.39
N TYR F 167 32.43 22.46 -58.18
CA TYR F 167 33.23 22.68 -56.98
C TYR F 167 34.57 21.97 -57.13
N ALA F 168 34.55 20.70 -57.57
CA ALA F 168 35.76 19.92 -57.77
C ALA F 168 36.63 20.58 -58.84
N ALA F 169 36.02 21.05 -59.92
CA ALA F 169 36.75 21.71 -60.99
C ALA F 169 37.43 22.99 -60.48
N ASN F 170 36.74 23.75 -59.62
CA ASN F 170 37.28 24.98 -59.06
C ASN F 170 38.47 24.65 -58.15
N ASN F 171 38.38 23.55 -57.39
CA ASN F 171 39.48 23.13 -56.51
C ASN F 171 40.68 22.69 -57.34
N ILE F 172 40.44 22.00 -58.47
CA ILE F 172 41.54 21.58 -59.35
C ILE F 172 42.25 22.81 -59.89
N ALA F 173 41.48 23.86 -60.25
CA ALA F 173 42.05 25.11 -60.74
C ALA F 173 42.95 25.75 -59.67
N LYS F 174 42.57 25.63 -58.39
CA LYS F 174 43.37 26.16 -57.29
C LYS F 174 44.72 25.44 -57.23
N GLY F 175 44.68 24.12 -57.41
CA GLY F 175 45.89 23.30 -57.41
C GLY F 175 46.79 23.59 -58.58
N ILE F 176 46.20 23.91 -59.75
CA ILE F 176 46.97 24.25 -60.94
C ILE F 176 47.70 25.57 -60.69
N LEU F 177 46.98 26.56 -60.14
CA LEU F 177 47.56 27.87 -59.84
C LEU F 177 48.71 27.77 -58.83
N LYS F 178 48.58 26.86 -57.86
CA LYS F 178 49.62 26.64 -56.84
C LYS F 178 50.95 26.24 -57.48
N TYR F 179 50.94 25.31 -58.45
CA TYR F 179 52.15 24.84 -59.11
C TYR F 179 52.39 25.42 -60.51
N ALA F 180 51.63 26.46 -60.90
CA ALA F 180 51.80 27.06 -62.22
C ALA F 180 53.20 27.64 -62.42
N GLU F 181 53.68 28.42 -61.44
CA GLU F 181 55.00 29.04 -61.55
C GLU F 181 56.10 28.02 -61.22
N GLN F 182 55.84 27.13 -60.25
CA GLN F 182 56.79 26.11 -59.80
C GLN F 182 57.16 25.08 -60.88
N SER F 183 56.18 24.52 -61.61
CA SER F 183 56.46 23.50 -62.63
C SER F 183 56.00 23.86 -64.04
N GLY F 184 55.59 25.11 -64.28
CA GLY F 184 55.14 25.52 -65.60
C GLY F 184 53.87 24.84 -66.07
N VAL F 185 53.08 24.29 -65.14
CA VAL F 185 51.82 23.62 -65.48
C VAL F 185 50.75 24.67 -65.72
N ARG F 186 49.89 24.47 -66.72
CA ARG F 186 48.83 25.43 -67.03
C ARG F 186 47.51 24.73 -67.36
N LEU F 187 46.38 25.45 -67.25
CA LEU F 187 45.05 24.93 -67.53
C LEU F 187 44.72 25.19 -69.02
N GLY F 188 44.62 24.12 -69.80
CA GLY F 188 44.32 24.20 -71.23
C GLY F 188 42.90 24.60 -71.51
N GLY F 189 41.96 24.01 -70.78
CA GLY F 189 40.53 24.31 -70.95
C GLY F 189 39.63 23.46 -70.09
N ILE F 190 38.31 23.61 -70.29
CA ILE F 190 37.31 22.86 -69.54
C ILE F 190 36.46 22.02 -70.51
N ILE F 191 36.34 20.71 -70.27
CA ILE F 191 35.49 19.84 -71.09
C ILE F 191 34.18 19.70 -70.36
N CYS F 192 33.06 19.89 -71.06
CA CYS F 192 31.76 19.72 -70.41
C CYS F 192 31.09 18.43 -70.82
N ASN F 193 31.13 17.41 -69.95
CA ASN F 193 30.44 16.16 -70.25
C ASN F 193 29.00 16.43 -69.85
N ALA F 194 28.21 16.97 -70.79
CA ALA F 194 26.82 17.36 -70.55
C ALA F 194 25.91 16.24 -70.06
N ARG F 195 24.85 16.64 -69.34
CA ARG F 195 23.85 15.73 -68.80
C ARG F 195 22.46 16.06 -69.41
N ASN F 196 22.44 16.68 -70.63
CA ASN F 196 21.23 17.05 -71.34
C ASN F 196 20.28 17.88 -70.46
N VAL F 197 20.71 19.09 -70.09
CA VAL F 197 19.92 20.01 -69.27
C VAL F 197 19.90 21.38 -69.95
N ASP F 198 18.75 22.05 -69.95
CA ASP F 198 18.61 23.37 -70.56
C ASP F 198 19.40 24.42 -69.78
N GLY F 199 20.19 25.23 -70.49
CA GLY F 199 21.00 26.27 -69.88
C GLY F 199 22.35 25.81 -69.39
N GLU F 200 22.68 24.52 -69.55
CA GLU F 200 23.97 23.98 -69.09
C GLU F 200 25.11 24.57 -69.90
N LYS F 201 24.94 24.66 -71.23
CA LYS F 201 25.96 25.21 -72.13
C LYS F 201 26.28 26.66 -71.75
N GLU F 202 25.24 27.44 -71.45
CA GLU F 202 25.38 28.85 -71.07
C GLU F 202 26.06 28.98 -69.69
N LEU F 203 25.76 28.06 -68.77
CA LEU F 203 26.35 28.06 -67.44
C LEU F 203 27.85 27.82 -67.55
N MET F 204 28.25 26.86 -68.39
CA MET F 204 29.66 26.53 -68.59
C MET F 204 30.43 27.67 -69.22
N ASP F 205 29.80 28.43 -70.12
CA ASP F 205 30.46 29.56 -70.78
C ASP F 205 30.82 30.62 -69.73
N GLU F 206 29.91 30.90 -68.79
CA GLU F 206 30.17 31.88 -67.75
C GLU F 206 31.24 31.31 -66.80
N PHE F 207 31.06 30.07 -66.36
CA PHE F 207 32.02 29.42 -65.48
C PHE F 207 33.47 29.50 -65.99
N CYS F 208 33.68 29.15 -67.26
CA CYS F 208 35.01 29.22 -67.86
C CYS F 208 35.47 30.68 -67.95
N ASP F 209 34.53 31.58 -68.24
CA ASP F 209 34.86 33.03 -68.35
C ASP F 209 35.43 33.52 -67.01
N LYS F 210 34.75 33.20 -65.91
CA LYS F 210 35.20 33.61 -64.55
C LYS F 210 36.60 33.03 -64.29
N LEU F 211 36.81 31.74 -64.59
CA LEU F 211 38.10 31.07 -64.36
C LEU F 211 39.22 31.57 -65.28
N GLY F 212 38.90 32.38 -66.29
CA GLY F 212 39.90 32.90 -67.21
C GLY F 212 40.35 31.84 -68.20
N THR F 213 39.48 30.89 -68.54
CA THR F 213 39.80 29.81 -69.48
C THR F 213 38.67 29.68 -70.53
N LYS F 214 38.72 28.66 -71.39
CA LYS F 214 37.71 28.47 -72.42
C LYS F 214 37.09 27.08 -72.37
N LEU F 215 35.85 26.96 -72.85
CA LEU F 215 35.15 25.68 -72.90
C LEU F 215 35.68 24.99 -74.16
N ILE F 216 36.69 24.13 -74.00
CA ILE F 216 37.31 23.43 -75.14
C ILE F 216 36.27 22.65 -75.97
N HIS F 217 35.25 22.06 -75.33
CA HIS F 217 34.22 21.32 -76.05
C HIS F 217 33.04 20.95 -75.15
N TYR F 218 31.85 20.83 -75.75
CA TYR F 218 30.62 20.45 -75.07
C TYR F 218 30.29 19.04 -75.52
N VAL F 219 30.72 18.03 -74.75
CA VAL F 219 30.47 16.63 -75.10
C VAL F 219 29.04 16.26 -74.70
N PRO F 220 28.15 15.95 -75.66
CA PRO F 220 26.76 15.62 -75.29
C PRO F 220 26.59 14.22 -74.71
N ARG F 221 25.48 14.01 -74.00
CA ARG F 221 25.16 12.72 -73.40
C ARG F 221 24.56 11.85 -74.50
N ASP F 222 25.20 10.71 -74.82
CA ASP F 222 24.70 9.84 -75.88
C ASP F 222 24.66 8.39 -75.44
N ASN F 223 23.56 7.68 -75.74
CA ASN F 223 23.39 6.28 -75.40
C ASN F 223 24.38 5.37 -76.15
N ILE F 224 24.94 5.83 -77.28
CA ILE F 224 25.90 5.03 -78.04
C ILE F 224 27.13 4.69 -77.19
N VAL F 225 27.44 5.51 -76.17
CA VAL F 225 28.58 5.25 -75.28
C VAL F 225 28.34 3.92 -74.56
N GLN F 226 27.14 3.75 -73.99
CA GLN F 226 26.77 2.52 -73.29
C GLN F 226 26.73 1.36 -74.26
N LYS F 227 26.16 1.57 -75.47
CA LYS F 227 26.08 0.52 -76.49
C LYS F 227 27.48 0.03 -76.89
N ALA F 228 28.44 0.95 -77.05
CA ALA F 228 29.82 0.59 -77.38
C ALA F 228 30.48 -0.12 -76.19
N GLU F 229 30.16 0.33 -74.96
CA GLU F 229 30.72 -0.27 -73.74
C GLU F 229 30.27 -1.73 -73.59
N PHE F 230 28.98 -2.03 -73.86
CA PHE F 230 28.49 -3.41 -73.75
C PHE F 230 29.19 -4.32 -74.76
N ASN F 231 29.56 -3.79 -75.94
CA ASN F 231 30.27 -4.58 -76.94
C ASN F 231 31.81 -4.56 -76.68
N LYS F 232 32.23 -4.00 -75.53
CA LYS F 232 33.62 -3.91 -75.09
C LYS F 232 34.51 -3.15 -76.07
N MET F 233 34.06 -1.96 -76.49
CA MET F 233 34.81 -1.12 -77.44
C MET F 233 34.52 0.36 -77.16
N THR F 234 35.41 1.25 -77.59
CA THR F 234 35.21 2.69 -77.42
C THR F 234 34.24 3.14 -78.54
N VAL F 235 33.68 4.35 -78.44
CA VAL F 235 32.74 4.84 -79.46
C VAL F 235 33.44 4.93 -80.82
N ILE F 236 34.71 5.35 -80.84
CA ILE F 236 35.46 5.48 -82.09
C ILE F 236 35.60 4.12 -82.78
N GLU F 237 35.98 3.09 -82.02
CA GLU F 237 36.15 1.75 -82.56
C GLU F 237 34.81 1.10 -82.94
N PHE F 238 33.76 1.38 -82.16
CA PHE F 238 32.44 0.81 -82.42
C PHE F 238 31.79 1.38 -83.69
N ASP F 239 31.68 2.71 -83.78
CA ASP F 239 31.08 3.35 -84.95
C ASP F 239 31.72 4.72 -85.16
N PRO F 240 32.82 4.81 -85.95
CA PRO F 240 33.45 6.12 -86.15
C PRO F 240 32.64 7.11 -86.99
N GLU F 241 31.48 6.68 -87.51
CA GLU F 241 30.62 7.54 -88.32
C GLU F 241 29.46 8.14 -87.53
N CYS F 242 29.20 7.69 -86.28
CA CYS F 242 28.11 8.23 -85.49
C CYS F 242 28.40 9.67 -85.03
N ASN F 243 27.35 10.42 -84.68
CA ASN F 243 27.50 11.81 -84.23
C ASN F 243 28.39 11.96 -82.99
N GLN F 244 28.31 11.02 -82.03
CA GLN F 244 29.15 11.08 -80.83
C GLN F 244 30.63 10.92 -81.18
N ALA F 245 30.95 10.07 -82.17
CA ALA F 245 32.35 9.87 -82.58
C ALA F 245 32.90 11.17 -83.18
N LYS F 246 32.06 11.90 -83.95
CA LYS F 246 32.48 13.18 -84.54
C LYS F 246 32.70 14.22 -83.44
N GLU F 247 31.92 14.13 -82.33
CA GLU F 247 32.07 15.06 -81.21
C GLU F 247 33.43 14.84 -80.56
N TYR F 248 33.81 13.57 -80.32
CA TYR F 248 35.10 13.26 -79.74
C TYR F 248 36.23 13.62 -80.71
N ARG F 249 35.99 13.52 -82.03
CA ARG F 249 36.98 13.87 -83.05
C ARG F 249 37.26 15.36 -83.00
N THR F 250 36.21 16.18 -82.82
CA THR F 250 36.35 17.63 -82.72
C THR F 250 37.15 17.98 -81.47
N LEU F 251 36.82 17.35 -80.33
CA LEU F 251 37.52 17.57 -79.07
C LEU F 251 39.00 17.20 -79.22
N ALA F 252 39.28 16.10 -79.94
CA ALA F 252 40.63 15.61 -80.22
C ALA F 252 41.48 16.65 -80.96
N LYS F 253 40.88 17.34 -81.93
CA LYS F 253 41.61 18.35 -82.71
C LYS F 253 41.83 19.62 -81.89
N ASN F 254 40.84 20.02 -81.09
CA ASN F 254 40.96 21.21 -80.27
C ASN F 254 42.04 21.03 -79.20
N ILE F 255 42.14 19.83 -78.61
CA ILE F 255 43.13 19.55 -77.57
C ILE F 255 44.53 19.59 -78.16
N ASP F 256 44.74 18.87 -79.27
CA ASP F 256 46.04 18.81 -79.94
C ASP F 256 46.46 20.17 -80.50
N GLU F 257 45.52 20.95 -81.05
CA GLU F 257 45.83 22.26 -81.62
C GLU F 257 45.61 23.40 -80.63
N ASN F 258 45.58 23.11 -79.31
CA ASN F 258 45.37 24.16 -78.33
C ASN F 258 46.67 24.85 -77.96
N ASP F 259 46.66 26.19 -78.01
CA ASP F 259 47.82 27.01 -77.66
C ASP F 259 47.48 28.00 -76.53
N GLU F 260 46.18 28.18 -76.21
CA GLU F 260 45.75 29.10 -75.16
C GLU F 260 45.84 28.47 -73.78
N LEU F 261 47.06 28.34 -73.25
CA LEU F 261 47.30 27.80 -71.92
C LEU F 261 47.30 28.97 -70.95
N VAL F 262 46.52 28.87 -69.86
CA VAL F 262 46.39 29.99 -68.92
C VAL F 262 46.50 29.58 -67.44
N LYS F 263 46.78 30.58 -66.59
CA LYS F 263 46.83 30.43 -65.14
C LYS F 263 45.39 30.75 -64.72
N PRO F 264 44.62 29.80 -64.16
CA PRO F 264 43.22 30.13 -63.83
C PRO F 264 43.04 31.12 -62.69
N THR F 265 41.81 31.68 -62.59
CA THR F 265 41.45 32.62 -61.54
C THR F 265 40.28 31.97 -60.79
N PRO F 266 40.55 31.01 -59.88
CA PRO F 266 39.45 30.35 -59.17
C PRO F 266 38.47 31.31 -58.50
N MET F 267 37.24 30.84 -58.31
CA MET F 267 36.17 31.69 -57.72
C MET F 267 35.99 31.35 -56.24
N THR F 268 35.37 32.27 -55.48
CA THR F 268 35.11 32.04 -54.06
C THR F 268 33.86 31.15 -53.96
N MET F 269 33.58 30.61 -52.76
CA MET F 269 32.41 29.75 -52.58
C MET F 269 31.13 30.53 -52.90
N ASP F 270 31.05 31.79 -52.44
CA ASP F 270 29.87 32.63 -52.69
C ASP F 270 29.68 32.86 -54.20
N GLU F 271 30.77 33.14 -54.91
CA GLU F 271 30.71 33.36 -56.36
C GLU F 271 30.19 32.12 -57.09
N LEU F 272 30.67 30.94 -56.69
CA LEU F 272 30.26 29.70 -57.33
C LEU F 272 28.80 29.36 -57.02
N GLU F 273 28.38 29.54 -55.77
CA GLU F 273 26.99 29.26 -55.39
C GLU F 273 26.05 30.23 -56.10
N GLU F 274 26.43 31.51 -56.20
CA GLU F 274 25.61 32.50 -56.88
C GLU F 274 25.41 32.14 -58.36
N LEU F 275 26.43 31.54 -58.99
CA LEU F 275 26.36 31.14 -60.39
C LEU F 275 25.38 29.98 -60.58
N VAL F 276 25.44 28.98 -59.69
CA VAL F 276 24.56 27.81 -59.79
C VAL F 276 23.10 28.20 -59.55
N VAL F 277 22.83 29.11 -58.59
CA VAL F 277 21.45 29.54 -58.33
C VAL F 277 20.92 30.39 -59.48
N LYS F 278 21.78 31.17 -60.13
CA LYS F 278 21.38 32.02 -61.26
C LYS F 278 20.75 31.18 -62.37
N TYR F 279 21.41 30.08 -62.78
CA TYR F 279 20.89 29.22 -63.84
C TYR F 279 19.90 28.17 -63.34
N GLY F 280 20.30 27.36 -62.37
CA GLY F 280 19.45 26.30 -61.82
C GLY F 280 18.33 26.84 -60.96
N SER G 2 41.55 -4.85 -31.24
CA SER G 2 41.98 -3.91 -30.22
C SER G 2 43.41 -4.21 -29.80
N PHE G 3 44.20 -3.15 -29.52
CA PHE G 3 45.59 -3.27 -29.10
C PHE G 3 45.77 -4.19 -27.87
N ASP G 4 44.77 -4.24 -26.98
CA ASP G 4 44.83 -5.07 -25.78
C ASP G 4 44.73 -6.57 -26.08
N GLU G 5 44.24 -6.93 -27.28
CA GLU G 5 44.11 -8.33 -27.71
C GLU G 5 45.51 -8.94 -27.98
N ILE G 6 46.46 -8.11 -28.44
CA ILE G 6 47.82 -8.56 -28.73
C ILE G 6 48.48 -8.97 -27.42
N ALA G 7 48.75 -10.27 -27.21
CA ALA G 7 49.37 -10.78 -25.99
C ALA G 7 48.85 -10.09 -24.72
N PRO G 8 47.63 -10.44 -24.26
CA PRO G 8 47.08 -9.74 -23.08
C PRO G 8 47.84 -9.94 -21.78
N ASP G 9 48.35 -11.15 -21.52
CA ASP G 9 49.09 -11.42 -20.29
C ASP G 9 50.58 -11.02 -20.37
N ALA G 10 51.00 -10.35 -21.45
CA ALA G 10 52.39 -9.96 -21.62
C ALA G 10 52.61 -8.48 -21.33
N LYS G 11 53.84 -8.13 -20.92
CA LYS G 11 54.21 -6.75 -20.66
C LYS G 11 54.73 -6.20 -21.97
N LYS G 12 53.95 -5.30 -22.59
CA LYS G 12 54.32 -4.71 -23.87
C LYS G 12 55.15 -3.45 -23.63
N VAL G 13 56.45 -3.50 -24.00
CA VAL G 13 57.40 -2.40 -23.82
C VAL G 13 57.98 -1.96 -25.15
N ALA G 14 58.31 -0.65 -25.28
CA ALA G 14 58.92 -0.11 -26.48
C ALA G 14 60.14 0.71 -26.09
N ILE G 15 61.29 0.43 -26.71
CA ILE G 15 62.55 1.11 -26.42
C ILE G 15 62.82 2.17 -27.49
N TYR G 16 62.87 3.45 -27.08
CA TYR G 16 63.12 4.57 -27.98
C TYR G 16 64.47 5.20 -27.64
N GLY G 17 65.00 5.98 -28.56
CA GLY G 17 66.28 6.65 -28.34
C GLY G 17 66.95 7.11 -29.62
N LYS G 18 67.97 7.94 -29.43
CA LYS G 18 68.73 8.46 -30.59
C LYS G 18 69.41 7.31 -31.32
N GLY G 19 69.76 7.52 -32.58
CA GLY G 19 70.43 6.51 -33.39
C GLY G 19 71.81 6.17 -32.87
N GLY G 20 72.09 4.88 -32.74
CA GLY G 20 73.39 4.42 -32.25
C GLY G 20 73.62 4.63 -30.78
N ILE G 21 72.56 4.89 -30.01
CA ILE G 21 72.68 5.11 -28.58
C ILE G 21 72.73 3.78 -27.80
N GLY G 22 72.37 2.67 -28.44
CA GLY G 22 72.40 1.35 -27.81
C GLY G 22 71.04 0.74 -27.55
N LYS G 23 70.04 1.10 -28.34
CA LYS G 23 68.67 0.53 -28.18
C LYS G 23 68.70 -0.96 -28.51
N SER G 24 69.27 -1.33 -29.67
CA SER G 24 69.33 -2.72 -30.11
C SER G 24 70.13 -3.59 -29.14
N THR G 25 71.24 -3.05 -28.62
CA THR G 25 72.07 -3.80 -27.67
C THR G 25 71.33 -3.98 -26.35
N THR G 26 70.74 -2.90 -25.80
CA THR G 26 70.01 -2.97 -24.55
C THR G 26 68.80 -3.89 -24.67
N THR G 27 67.99 -3.73 -25.73
CA THR G 27 66.79 -4.55 -25.92
C THR G 27 67.12 -6.04 -26.04
N GLN G 28 68.08 -6.41 -26.89
CA GLN G 28 68.43 -7.83 -27.08
C GLN G 28 68.92 -8.44 -25.78
N ASN G 29 69.84 -7.77 -25.07
CA ASN G 29 70.40 -8.27 -23.82
C ASN G 29 69.37 -8.31 -22.69
N THR G 30 68.39 -7.39 -22.70
CA THR G 30 67.34 -7.37 -21.69
C THR G 30 66.42 -8.57 -21.94
N ALA G 31 66.05 -8.80 -23.20
CA ALA G 31 65.20 -9.93 -23.56
C ALA G 31 65.92 -11.25 -23.27
N ALA G 32 67.24 -11.31 -23.53
CA ALA G 32 68.04 -12.51 -23.27
C ALA G 32 68.09 -12.81 -21.77
N ALA G 33 68.19 -11.77 -20.94
CA ALA G 33 68.24 -11.95 -19.48
C ALA G 33 66.90 -12.45 -18.96
N LEU G 34 65.78 -11.92 -19.51
CA LEU G 34 64.45 -12.35 -19.08
C LEU G 34 64.19 -13.80 -19.47
N ALA G 35 64.65 -14.21 -20.66
CA ALA G 35 64.44 -15.58 -21.14
C ALA G 35 65.37 -16.57 -20.44
N TYR G 36 66.64 -16.19 -20.23
CA TYR G 36 67.63 -17.07 -19.61
C TYR G 36 67.54 -17.12 -18.06
N PHE G 37 67.68 -15.98 -17.38
CA PHE G 37 67.63 -15.95 -15.91
C PHE G 37 66.23 -16.11 -15.31
N PHE G 38 65.19 -15.56 -15.93
CA PHE G 38 63.84 -15.62 -15.37
C PHE G 38 62.86 -16.52 -16.16
N ASP G 39 63.36 -17.29 -17.14
CA ASP G 39 62.54 -18.21 -17.94
C ASP G 39 61.25 -17.59 -18.49
N LYS G 40 61.35 -16.42 -19.11
CA LYS G 40 60.20 -15.74 -19.69
C LYS G 40 60.15 -15.95 -21.20
N LYS G 41 58.94 -16.05 -21.77
CA LYS G 41 58.79 -16.18 -23.22
C LYS G 41 58.79 -14.75 -23.76
N VAL G 42 59.88 -14.34 -24.45
CA VAL G 42 60.02 -12.98 -24.96
C VAL G 42 60.01 -12.92 -26.49
N MET G 43 59.62 -11.76 -27.04
CA MET G 43 59.57 -11.51 -28.47
C MET G 43 60.09 -10.10 -28.76
N ILE G 44 60.87 -9.92 -29.83
CA ILE G 44 61.41 -8.61 -30.20
C ILE G 44 60.92 -8.24 -31.59
N HIS G 45 60.38 -7.03 -31.73
CA HIS G 45 59.90 -6.52 -33.01
C HIS G 45 60.72 -5.28 -33.34
N GLY G 46 61.67 -5.44 -34.24
CA GLY G 46 62.54 -4.34 -34.65
C GLY G 46 61.80 -3.32 -35.50
N CYS G 47 61.64 -2.10 -34.96
CA CYS G 47 60.98 -1.02 -35.68
C CYS G 47 62.00 0.07 -36.02
N ASP G 48 63.19 -0.34 -36.45
CA ASP G 48 64.28 0.57 -36.82
C ASP G 48 64.68 0.24 -38.25
N PRO G 49 64.76 1.22 -39.17
CA PRO G 49 65.14 0.88 -40.56
C PRO G 49 66.55 0.29 -40.72
N LYS G 50 67.37 0.29 -39.65
CA LYS G 50 68.72 -0.29 -39.74
C LYS G 50 68.64 -1.81 -39.96
N ALA G 51 67.57 -2.46 -39.46
CA ALA G 51 67.32 -3.89 -39.60
C ALA G 51 68.34 -4.82 -38.93
N ASP G 52 68.85 -4.43 -37.77
CA ASP G 52 69.81 -5.25 -37.02
C ASP G 52 69.44 -5.32 -35.53
N SER G 53 68.16 -5.11 -35.20
CA SER G 53 67.68 -5.13 -33.82
C SER G 53 67.60 -6.55 -33.25
N THR G 54 67.61 -7.59 -34.11
CA THR G 54 67.53 -8.99 -33.68
C THR G 54 68.74 -9.80 -34.21
N ARG G 55 69.86 -9.13 -34.53
CA ARG G 55 71.05 -9.77 -35.08
C ARG G 55 71.75 -10.73 -34.10
N MET G 56 72.03 -10.28 -32.88
CA MET G 56 72.72 -11.10 -31.91
C MET G 56 71.85 -12.19 -31.28
N ILE G 57 70.53 -12.05 -31.32
CA ILE G 57 69.63 -13.07 -30.79
C ILE G 57 69.58 -14.24 -31.82
N LEU G 58 69.54 -13.88 -33.11
CA LEU G 58 69.53 -14.91 -34.18
C LEU G 58 70.97 -15.32 -34.48
N HIS G 59 71.93 -14.82 -33.68
CA HIS G 59 73.35 -15.21 -33.85
C HIS G 59 74.19 -14.57 -34.97
N GLY G 60 74.13 -13.24 -35.10
CA GLY G 60 74.95 -12.53 -36.11
C GLY G 60 74.23 -12.65 -37.43
N LYS G 61 72.95 -13.06 -37.40
CA LYS G 61 72.19 -13.27 -38.66
C LYS G 61 71.17 -12.12 -38.82
N PRO G 62 71.45 -11.10 -39.65
CA PRO G 62 70.47 -10.04 -39.88
C PRO G 62 69.17 -10.69 -40.37
N GLN G 63 68.05 -10.39 -39.70
CA GLN G 63 66.76 -11.04 -40.05
C GLN G 63 66.20 -10.39 -41.32
N ASP G 64 65.76 -11.21 -42.29
CA ASP G 64 65.12 -10.65 -43.50
C ASP G 64 63.91 -9.83 -43.06
N THR G 65 63.87 -8.54 -43.40
CA THR G 65 62.78 -7.70 -42.90
C THR G 65 61.47 -8.01 -43.60
N VAL G 66 60.35 -7.57 -43.01
CA VAL G 66 59.03 -7.78 -43.58
C VAL G 66 58.95 -7.05 -44.93
N MET G 67 59.49 -5.83 -44.99
CA MET G 67 59.48 -5.04 -46.22
C MET G 67 60.30 -5.73 -47.30
N ASP G 68 61.45 -6.31 -46.95
CA ASP G 68 62.28 -7.01 -47.93
C ASP G 68 61.54 -8.21 -48.53
N VAL G 69 60.85 -8.99 -47.70
CA VAL G 69 60.11 -10.16 -48.18
C VAL G 69 58.92 -9.69 -49.02
N LEU G 70 58.21 -8.64 -48.58
CA LEU G 70 57.04 -8.09 -49.27
C LEU G 70 57.41 -7.38 -50.60
N ARG G 71 58.61 -6.82 -50.68
CA ARG G 71 59.08 -6.11 -51.87
C ARG G 71 59.69 -7.08 -52.89
N GLU G 72 60.62 -7.92 -52.45
CA GLU G 72 61.29 -8.86 -53.36
C GLU G 72 60.40 -10.03 -53.78
N GLU G 73 59.56 -10.55 -52.88
CA GLU G 73 58.70 -11.70 -53.21
C GLU G 73 57.20 -11.36 -53.24
N GLY G 74 56.80 -10.29 -52.58
CA GLY G 74 55.40 -9.87 -52.55
C GLY G 74 54.57 -10.69 -51.59
N GLU G 75 53.31 -10.27 -51.39
CA GLU G 75 52.37 -10.97 -50.50
C GLU G 75 52.19 -12.46 -50.87
N GLU G 76 52.61 -12.84 -52.10
CA GLU G 76 52.52 -14.21 -52.60
C GLU G 76 53.34 -15.19 -51.76
N ALA G 77 54.55 -14.78 -51.32
CA ALA G 77 55.43 -15.66 -50.54
C ALA G 77 55.61 -15.22 -49.08
N VAL G 78 54.61 -14.55 -48.50
CA VAL G 78 54.71 -14.09 -47.11
C VAL G 78 54.18 -15.18 -46.15
N THR G 79 55.04 -15.64 -45.23
CA THR G 79 54.66 -16.64 -44.23
C THR G 79 55.18 -16.18 -42.86
N LEU G 80 54.48 -16.57 -41.81
CA LEU G 80 54.88 -16.20 -40.45
C LEU G 80 56.26 -16.79 -40.10
N GLU G 81 56.60 -17.96 -40.65
CA GLU G 81 57.89 -18.59 -40.41
C GLU G 81 59.03 -17.83 -41.12
N LYS G 82 58.73 -17.18 -42.26
CA LYS G 82 59.72 -16.44 -43.03
C LYS G 82 60.10 -15.11 -42.37
N VAL G 83 59.12 -14.41 -41.78
CA VAL G 83 59.38 -13.11 -41.14
C VAL G 83 59.63 -13.21 -39.63
N ARG G 84 59.15 -14.28 -38.97
CA ARG G 84 59.36 -14.45 -37.54
C ARG G 84 60.32 -15.61 -37.33
N LYS G 85 61.52 -15.34 -36.78
CA LYS G 85 62.55 -16.36 -36.56
C LYS G 85 62.83 -16.57 -35.07
N ILE G 86 63.12 -17.81 -34.69
CA ILE G 86 63.43 -18.18 -33.29
C ILE G 86 64.94 -18.08 -33.05
N GLY G 87 65.34 -17.50 -31.91
CA GLY G 87 66.74 -17.33 -31.56
C GLY G 87 67.09 -17.88 -30.19
N PHE G 88 68.09 -17.28 -29.53
CA PHE G 88 68.56 -17.68 -28.19
C PHE G 88 67.40 -17.84 -27.20
N LYS G 89 67.36 -18.98 -26.49
CA LYS G 89 66.34 -19.30 -25.50
C LYS G 89 64.91 -19.05 -26.02
N ASP G 90 64.63 -19.58 -27.21
CA ASP G 90 63.33 -19.48 -27.86
C ASP G 90 62.76 -18.06 -27.94
N ILE G 91 63.60 -17.04 -28.16
CA ILE G 91 63.12 -15.67 -28.28
C ILE G 91 62.67 -15.45 -29.72
N LEU G 92 61.40 -15.02 -29.90
CA LEU G 92 60.87 -14.77 -31.24
C LEU G 92 61.38 -13.45 -31.76
N CYS G 93 61.74 -13.37 -33.04
CA CYS G 93 62.28 -12.17 -33.64
C CYS G 93 61.57 -11.78 -34.92
N VAL G 94 61.29 -10.48 -35.09
CA VAL G 94 60.64 -9.94 -36.29
C VAL G 94 61.32 -8.60 -36.59
N GLU G 95 61.57 -8.30 -37.88
CA GLU G 95 62.19 -7.03 -38.26
C GLU G 95 61.30 -6.34 -39.28
N SER G 96 60.87 -5.12 -38.98
CA SER G 96 60.00 -4.37 -39.87
C SER G 96 60.72 -3.89 -41.13
N GLY G 97 61.89 -3.27 -40.93
CA GLY G 97 62.66 -2.73 -42.04
C GLY G 97 62.05 -1.41 -42.47
N GLY G 98 62.15 -1.11 -43.77
CA GLY G 98 61.60 0.13 -44.29
C GLY G 98 61.87 0.32 -45.77
N PRO G 99 61.35 1.40 -46.36
CA PRO G 99 61.60 1.63 -47.79
C PRO G 99 63.03 2.10 -48.05
N GLU G 100 63.48 2.02 -49.31
CA GLU G 100 64.87 2.45 -49.68
C GLU G 100 64.98 3.98 -49.48
N PRO G 101 66.08 4.53 -48.90
CA PRO G 101 66.17 5.98 -48.64
C PRO G 101 65.68 6.87 -49.76
N GLY G 102 64.74 7.76 -49.44
CA GLY G 102 64.17 8.69 -50.40
C GLY G 102 62.89 8.21 -51.07
N VAL G 103 62.66 6.89 -51.12
CA VAL G 103 61.47 6.33 -51.77
C VAL G 103 60.17 6.88 -51.13
N GLY G 104 60.02 6.71 -49.82
CA GLY G 104 58.83 7.17 -49.11
C GLY G 104 59.04 7.25 -47.61
N CYS G 105 57.95 7.39 -46.84
CA CYS G 105 58.01 7.49 -45.38
C CYS G 105 58.86 6.37 -44.76
N ALA G 106 59.91 6.74 -44.02
CA ALA G 106 60.81 5.77 -43.38
C ALA G 106 60.08 4.85 -42.40
N GLY G 107 59.05 5.37 -41.73
CA GLY G 107 58.28 4.60 -40.76
C GLY G 107 57.24 3.69 -41.35
N ARG G 108 56.99 3.75 -42.67
CA ARG G 108 55.98 2.91 -43.31
C ARG G 108 56.25 1.43 -43.11
N GLY G 109 57.51 1.03 -42.95
CA GLY G 109 57.85 -0.36 -42.71
C GLY G 109 57.30 -0.88 -41.39
N VAL G 110 57.21 -0.01 -40.39
CA VAL G 110 56.70 -0.37 -39.07
C VAL G 110 55.20 -0.67 -39.16
N ILE G 111 54.44 0.23 -39.79
CA ILE G 111 52.99 0.06 -39.92
C ILE G 111 52.65 -1.23 -40.67
N THR G 112 53.27 -1.44 -41.83
CA THR G 112 53.01 -2.64 -42.62
C THR G 112 53.36 -3.92 -41.84
N ALA G 113 54.49 -3.93 -41.13
CA ALA G 113 54.88 -5.11 -40.35
C ALA G 113 53.97 -5.39 -39.16
N VAL G 114 53.53 -4.34 -38.45
CA VAL G 114 52.65 -4.53 -37.30
C VAL G 114 51.28 -5.02 -37.77
N ASP G 115 50.73 -4.38 -38.81
CA ASP G 115 49.44 -4.80 -39.36
C ASP G 115 49.53 -6.22 -39.92
N MET G 116 50.65 -6.58 -40.55
CA MET G 116 50.84 -7.92 -41.11
C MET G 116 51.14 -8.96 -40.01
N MET G 117 51.65 -8.53 -38.86
CA MET G 117 51.96 -9.44 -37.75
C MET G 117 50.66 -9.84 -37.06
N ARG G 118 49.77 -8.87 -36.78
CA ARG G 118 48.48 -9.18 -36.16
C ARG G 118 47.54 -9.93 -37.13
N GLU G 119 47.76 -9.76 -38.45
CA GLU G 119 46.95 -10.49 -39.45
C GLU G 119 47.39 -11.97 -39.41
N LEU G 120 48.69 -12.22 -39.42
CA LEU G 120 49.23 -13.57 -39.38
C LEU G 120 49.20 -14.15 -37.95
N GLU G 121 48.75 -13.38 -36.95
CA GLU G 121 48.70 -13.82 -35.54
C GLU G 121 50.12 -14.20 -35.08
N GLY G 122 51.05 -13.27 -35.27
CA GLY G 122 52.45 -13.48 -34.92
C GLY G 122 52.82 -13.15 -33.48
N TYR G 123 51.90 -12.55 -32.73
CA TYR G 123 52.15 -12.23 -31.32
C TYR G 123 51.49 -13.30 -30.46
N PRO G 124 52.21 -14.34 -30.00
CA PRO G 124 51.54 -15.38 -29.20
C PRO G 124 50.85 -14.87 -27.96
N ASP G 125 49.74 -15.51 -27.59
CA ASP G 125 48.99 -15.12 -26.40
C ASP G 125 49.76 -15.45 -25.13
N ASP G 126 50.49 -16.58 -25.13
CA ASP G 126 51.27 -17.02 -23.98
C ASP G 126 52.58 -16.22 -23.78
N LEU G 127 52.75 -15.08 -24.46
CA LEU G 127 53.96 -14.28 -24.30
C LEU G 127 54.03 -13.67 -22.90
N ASP G 128 55.24 -13.46 -22.40
CA ASP G 128 55.45 -12.85 -21.09
C ASP G 128 55.89 -11.40 -21.28
N ASN G 129 56.79 -11.15 -22.25
CA ASN G 129 57.30 -9.82 -22.55
C ASN G 129 57.42 -9.62 -24.06
N LEU G 130 57.04 -8.42 -24.54
CA LEU G 130 57.13 -8.07 -25.95
C LEU G 130 57.87 -6.75 -26.03
N PHE G 131 58.93 -6.69 -26.84
CA PHE G 131 59.72 -5.46 -26.99
C PHE G 131 59.65 -4.89 -28.40
N PHE G 132 59.66 -3.56 -28.50
CA PHE G 132 59.63 -2.86 -29.77
C PHE G 132 60.82 -1.91 -29.82
N ASP G 133 61.86 -2.26 -30.59
CA ASP G 133 63.04 -1.42 -30.71
C ASP G 133 62.71 -0.35 -31.76
N VAL G 134 62.32 0.86 -31.32
CA VAL G 134 61.90 1.92 -32.26
C VAL G 134 62.92 3.03 -32.45
N LEU G 135 62.96 3.60 -33.67
CA LEU G 135 63.84 4.72 -34.03
C LEU G 135 63.31 5.97 -33.32
N GLY G 136 64.19 6.69 -32.62
CA GLY G 136 63.80 7.88 -31.88
C GLY G 136 64.33 9.20 -32.36
N ASP G 137 64.99 9.23 -33.53
CA ASP G 137 65.53 10.47 -34.08
C ASP G 137 64.37 11.39 -34.52
N VAL G 138 63.25 10.79 -34.97
CA VAL G 138 62.05 11.52 -35.38
C VAL G 138 60.86 10.75 -34.80
N VAL G 139 59.90 11.46 -34.21
CA VAL G 139 58.72 10.82 -33.64
C VAL G 139 57.55 11.12 -34.58
N CYS G 140 57.37 10.28 -35.60
CA CYS G 140 56.31 10.49 -36.58
C CYS G 140 56.07 9.24 -37.42
N GLY G 141 54.90 9.16 -38.03
CA GLY G 141 54.54 8.03 -38.87
C GLY G 141 54.56 6.71 -38.15
N GLY G 142 55.24 5.74 -38.75
CA GLY G 142 55.35 4.42 -38.15
C GLY G 142 56.12 4.41 -36.84
N PHE G 143 57.06 5.35 -36.68
CA PHE G 143 57.84 5.44 -35.44
C PHE G 143 57.00 5.93 -34.27
N ALA G 144 55.92 6.66 -34.54
CA ALA G 144 55.02 7.14 -33.49
C ALA G 144 53.84 6.17 -33.27
N MET G 145 53.65 5.15 -34.14
CA MET G 145 52.56 4.19 -34.03
C MET G 145 52.49 3.50 -32.65
N PRO G 146 53.59 2.98 -32.07
CA PRO G 146 53.47 2.36 -30.74
C PRO G 146 52.91 3.31 -29.68
N LEU G 147 53.16 4.62 -29.85
CA LEU G 147 52.62 5.62 -28.89
C LEU G 147 51.17 5.92 -29.27
N ARG G 148 50.94 6.24 -30.54
CA ARG G 148 49.60 6.58 -31.02
C ARG G 148 48.56 5.45 -30.83
N ASP G 149 48.83 4.26 -31.40
CA ASP G 149 47.92 3.11 -31.34
C ASP G 149 47.98 2.35 -30.01
N GLY G 150 48.97 2.63 -29.17
CA GLY G 150 49.10 1.97 -27.89
C GLY G 150 49.52 0.51 -27.96
N LEU G 151 50.50 0.18 -28.83
CA LEU G 151 50.98 -1.20 -28.93
C LEU G 151 51.71 -1.55 -27.64
N ALA G 152 52.51 -0.62 -27.11
CA ALA G 152 53.25 -0.80 -25.86
C ALA G 152 52.77 0.24 -24.86
N GLN G 153 52.50 -0.18 -23.62
CA GLN G 153 52.05 0.76 -22.59
C GLN G 153 53.23 1.35 -21.83
N GLU G 154 54.33 0.59 -21.68
CA GLU G 154 55.50 1.08 -20.97
C GLU G 154 56.57 1.48 -21.98
N ILE G 155 57.06 2.72 -21.92
CA ILE G 155 58.10 3.19 -22.84
C ILE G 155 59.37 3.46 -22.04
N TYR G 156 60.52 3.07 -22.58
CA TYR G 156 61.80 3.30 -21.94
C TYR G 156 62.69 3.96 -22.94
N ILE G 157 63.34 5.06 -22.54
CA ILE G 157 64.22 5.80 -23.44
C ILE G 157 65.67 5.56 -23.08
N VAL G 158 66.49 5.13 -24.06
CA VAL G 158 67.91 4.90 -23.84
C VAL G 158 68.61 6.20 -24.20
N THR G 159 69.42 6.75 -23.28
CA THR G 159 70.14 8.00 -23.52
C THR G 159 71.46 8.05 -22.73
N SER G 160 72.32 9.02 -23.04
CA SER G 160 73.59 9.22 -22.37
C SER G 160 73.71 10.73 -22.01
N GLY G 161 74.84 11.16 -21.45
CA GLY G 161 75.03 12.56 -21.10
C GLY G 161 75.14 13.49 -22.29
N GLU G 162 75.19 12.95 -23.53
CA GLU G 162 75.30 13.76 -24.74
C GLU G 162 74.11 14.70 -24.87
N MET G 163 74.36 15.90 -25.38
CA MET G 163 73.30 16.88 -25.58
C MET G 163 72.30 16.36 -26.63
N MET G 164 72.80 15.72 -27.65
CA MET G 164 71.85 15.25 -28.67
C MET G 164 71.00 14.12 -28.10
N ALA G 165 71.64 13.22 -27.36
CA ALA G 165 70.93 12.07 -26.80
C ALA G 165 69.82 12.53 -25.84
N LEU G 166 70.09 13.57 -25.03
CA LEU G 166 69.10 14.09 -24.10
C LEU G 166 68.01 14.87 -24.85
N TYR G 167 68.38 15.57 -25.94
CA TYR G 167 67.41 16.32 -26.76
C TYR G 167 66.41 15.33 -27.36
N ALA G 168 66.91 14.23 -27.95
CA ALA G 168 66.05 13.21 -28.56
C ALA G 168 65.14 12.59 -27.49
N ALA G 169 65.69 12.31 -26.30
CA ALA G 169 64.92 11.75 -25.20
C ALA G 169 63.82 12.70 -24.77
N ASN G 170 64.11 14.01 -24.72
CA ASN G 170 63.13 15.01 -24.32
C ASN G 170 62.02 15.08 -25.37
N ASN G 171 62.36 14.96 -26.67
CA ASN G 171 61.36 14.98 -27.73
C ASN G 171 60.48 13.73 -27.66
N ILE G 172 61.06 12.57 -27.32
CA ILE G 172 60.29 11.33 -27.19
C ILE G 172 59.28 11.51 -26.04
N ALA G 173 59.70 12.15 -24.94
CA ALA G 173 58.83 12.41 -23.81
C ALA G 173 57.65 13.29 -24.24
N LYS G 174 57.89 14.25 -25.14
CA LYS G 174 56.82 15.13 -25.65
C LYS G 174 55.79 14.28 -26.42
N GLY G 175 56.27 13.34 -27.22
CA GLY G 175 55.41 12.45 -27.99
C GLY G 175 54.61 11.53 -27.10
N ILE G 176 55.21 11.09 -25.99
CA ILE G 176 54.50 10.19 -25.03
C ILE G 176 53.37 10.99 -24.36
N LEU G 177 53.66 12.23 -23.96
CA LEU G 177 52.67 13.09 -23.33
C LEU G 177 51.48 13.39 -24.25
N LYS G 178 51.72 13.58 -25.56
CA LYS G 178 50.63 13.84 -26.51
C LYS G 178 49.63 12.67 -26.52
N TYR G 179 50.14 11.42 -26.58
CA TYR G 179 49.28 10.25 -26.63
C TYR G 179 49.04 9.56 -25.26
N ALA G 180 49.47 10.18 -24.14
CA ALA G 180 49.31 9.57 -22.82
C ALA G 180 47.84 9.32 -22.46
N GLU G 181 46.97 10.32 -22.66
CA GLU G 181 45.52 10.15 -22.34
C GLU G 181 44.83 9.41 -23.49
N GLN G 182 45.24 9.68 -24.73
CA GLN G 182 44.64 9.07 -25.91
C GLN G 182 44.77 7.54 -25.96
N SER G 183 45.96 6.99 -25.70
CA SER G 183 46.17 5.54 -25.75
C SER G 183 46.70 4.92 -24.45
N GLY G 184 46.69 5.67 -23.36
CA GLY G 184 47.16 5.15 -22.07
C GLY G 184 48.64 4.83 -22.02
N VAL G 185 49.43 5.34 -22.98
CA VAL G 185 50.86 5.09 -23.03
C VAL G 185 51.56 5.94 -21.99
N ARG G 186 52.34 5.30 -21.10
CA ARG G 186 53.06 6.01 -20.00
C ARG G 186 54.57 5.73 -20.08
N LEU G 187 55.37 6.70 -19.63
CA LEU G 187 56.84 6.54 -19.64
C LEU G 187 57.25 5.75 -18.40
N GLY G 188 57.85 4.57 -18.60
CA GLY G 188 58.27 3.71 -17.51
C GLY G 188 59.53 4.20 -16.81
N GLY G 189 60.49 4.65 -17.59
CA GLY G 189 61.75 5.16 -17.03
C GLY G 189 62.78 5.51 -18.09
N ILE G 190 63.98 5.88 -17.65
CA ILE G 190 65.07 6.24 -18.55
C ILE G 190 66.25 5.30 -18.33
N ILE G 191 66.76 4.68 -19.40
CA ILE G 191 67.90 3.79 -19.30
C ILE G 191 69.11 4.60 -19.73
N CYS G 192 70.19 4.58 -18.95
CA CYS G 192 71.38 5.34 -19.32
C CYS G 192 72.49 4.43 -19.83
N ASN G 193 72.68 4.39 -21.16
CA ASN G 193 73.77 3.59 -21.73
C ASN G 193 74.98 4.50 -21.60
N ALA G 194 75.66 4.43 -20.45
CA ALA G 194 76.80 5.28 -20.13
C ALA G 194 77.95 5.19 -21.13
N ARG G 195 78.77 6.25 -21.19
CA ARG G 195 79.95 6.30 -22.09
C ARG G 195 81.23 6.44 -21.25
N ASN G 196 81.15 6.15 -19.94
CA ASN G 196 82.26 6.25 -18.98
C ASN G 196 82.77 7.68 -18.81
N VAL G 197 81.93 8.56 -18.26
CA VAL G 197 82.28 9.96 -18.02
C VAL G 197 81.91 10.31 -16.56
N ASP G 198 82.77 11.04 -15.86
CA ASP G 198 82.52 11.42 -14.47
C ASP G 198 81.37 12.44 -14.41
N GLY G 199 80.42 12.22 -13.49
CA GLY G 199 79.28 13.11 -13.34
C GLY G 199 78.10 12.78 -14.24
N GLU G 200 78.23 11.76 -15.10
CA GLU G 200 77.15 11.37 -16.00
C GLU G 200 75.97 10.81 -15.22
N LYS G 201 76.25 9.96 -14.22
CA LYS G 201 75.21 9.35 -13.39
C LYS G 201 74.40 10.44 -12.68
N GLU G 202 75.10 11.45 -12.13
CA GLU G 202 74.46 12.56 -11.42
C GLU G 202 73.64 13.42 -12.38
N LEU G 203 74.12 13.60 -13.62
CA LEU G 203 73.40 14.38 -14.63
C LEU G 203 72.07 13.68 -14.95
N MET G 204 72.11 12.36 -15.11
CA MET G 204 70.93 11.57 -15.43
C MET G 204 69.91 11.60 -14.30
N ASP G 205 70.35 11.63 -13.04
CA ASP G 205 69.45 11.67 -11.90
C ASP G 205 68.65 12.96 -11.91
N GLU G 206 69.30 14.09 -12.23
CA GLU G 206 68.61 15.38 -12.29
C GLU G 206 67.71 15.46 -13.54
N PHE G 207 68.16 14.87 -14.66
CA PHE G 207 67.38 14.87 -15.90
C PHE G 207 66.07 14.11 -15.69
N CYS G 208 66.13 12.93 -15.06
CA CYS G 208 64.94 12.14 -14.78
C CYS G 208 64.05 12.83 -13.75
N ASP G 209 64.68 13.50 -12.80
CA ASP G 209 63.92 14.21 -11.73
C ASP G 209 63.08 15.32 -12.36
N LYS G 210 63.66 16.11 -13.26
CA LYS G 210 62.93 17.19 -13.91
C LYS G 210 61.85 16.65 -14.85
N LEU G 211 62.11 15.48 -15.46
CA LEU G 211 61.14 14.85 -16.40
C LEU G 211 59.99 14.23 -15.63
N GLY G 212 60.12 14.07 -14.31
CA GLY G 212 59.11 13.42 -13.49
C GLY G 212 59.14 11.91 -13.61
N THR G 213 60.32 11.35 -13.91
CA THR G 213 60.48 9.89 -14.07
C THR G 213 61.71 9.42 -13.26
N LYS G 214 62.11 8.14 -13.39
CA LYS G 214 63.24 7.61 -12.66
C LYS G 214 64.26 6.95 -13.58
N LEU G 215 65.52 6.93 -13.13
CA LEU G 215 66.59 6.29 -13.90
C LEU G 215 66.48 4.81 -13.60
N ILE G 216 65.78 4.07 -14.47
CA ILE G 216 65.57 2.63 -14.26
C ILE G 216 66.90 1.87 -14.07
N HIS G 217 67.97 2.26 -14.78
CA HIS G 217 69.27 1.61 -14.63
C HIS G 217 70.39 2.37 -15.34
N TYR G 218 71.61 2.23 -14.82
CA TYR G 218 72.80 2.86 -15.39
C TYR G 218 73.63 1.74 -16.03
N VAL G 219 73.45 1.52 -17.33
CA VAL G 219 74.18 0.46 -18.02
C VAL G 219 75.60 0.96 -18.34
N PRO G 220 76.65 0.36 -17.76
CA PRO G 220 78.00 0.84 -18.05
C PRO G 220 78.54 0.42 -19.42
N ARG G 221 79.53 1.15 -19.94
CA ARG G 221 80.13 0.81 -21.22
C ARG G 221 81.14 -0.30 -20.96
N ASP G 222 80.98 -1.46 -21.59
CA ASP G 222 81.88 -2.59 -21.38
C ASP G 222 82.34 -3.20 -22.70
N ASN G 223 83.63 -3.52 -22.78
CA ASN G 223 84.23 -4.12 -23.97
C ASN G 223 83.64 -5.50 -24.27
N ILE G 224 83.15 -6.22 -23.25
CA ILE G 224 82.58 -7.55 -23.43
C ILE G 224 81.44 -7.56 -24.45
N VAL G 225 80.76 -6.41 -24.65
CA VAL G 225 79.67 -6.30 -25.61
C VAL G 225 80.22 -6.56 -27.02
N GLN G 226 81.32 -5.88 -27.35
CA GLN G 226 81.93 -6.03 -28.70
C GLN G 226 82.55 -7.42 -28.84
N LYS G 227 83.09 -7.99 -27.76
CA LYS G 227 83.65 -9.34 -27.81
C LYS G 227 82.54 -10.36 -28.09
N ALA G 228 81.40 -10.24 -27.39
CA ALA G 228 80.26 -11.14 -27.60
C ALA G 228 79.72 -10.94 -29.02
N GLU G 229 79.72 -9.69 -29.52
CA GLU G 229 79.24 -9.40 -30.88
C GLU G 229 80.11 -10.11 -31.92
N PHE G 230 81.44 -10.14 -31.72
CA PHE G 230 82.33 -10.83 -32.66
C PHE G 230 82.07 -12.34 -32.68
N ASN G 231 81.56 -12.91 -31.57
CA ASN G 231 81.24 -14.33 -31.49
C ASN G 231 79.76 -14.59 -31.90
N LYS G 232 79.09 -13.62 -32.56
CA LYS G 232 77.70 -13.73 -33.01
C LYS G 232 76.73 -14.11 -31.88
N MET G 233 76.89 -13.51 -30.70
CA MET G 233 76.04 -13.81 -29.55
C MET G 233 75.85 -12.58 -28.66
N THR G 234 74.81 -12.58 -27.83
CA THR G 234 74.54 -11.49 -26.90
C THR G 234 75.45 -11.70 -25.68
N VAL G 235 75.57 -10.69 -24.81
CA VAL G 235 76.42 -10.81 -23.61
C VAL G 235 75.90 -11.93 -22.70
N ILE G 236 74.57 -12.08 -22.58
CA ILE G 236 73.97 -13.11 -21.74
C ILE G 236 74.36 -14.50 -22.23
N GLU G 237 74.24 -14.74 -23.54
CA GLU G 237 74.58 -16.03 -24.14
C GLU G 237 76.10 -16.28 -24.12
N PHE G 238 76.91 -15.23 -24.30
CA PHE G 238 78.37 -15.37 -24.31
C PHE G 238 78.94 -15.69 -22.93
N ASP G 239 78.63 -14.88 -21.92
CA ASP G 239 79.13 -15.11 -20.56
C ASP G 239 78.10 -14.60 -19.55
N PRO G 240 77.14 -15.43 -19.11
CA PRO G 240 76.14 -14.94 -18.15
C PRO G 240 76.68 -14.65 -16.75
N GLU G 241 77.97 -14.92 -16.51
CA GLU G 241 78.59 -14.68 -15.21
C GLU G 241 79.39 -13.37 -15.16
N CYS G 242 79.63 -12.71 -16.30
CA CYS G 242 80.40 -11.46 -16.31
C CYS G 242 79.60 -10.31 -15.68
N ASN G 243 80.29 -9.25 -15.24
CA ASN G 243 79.63 -8.11 -14.61
C ASN G 243 78.58 -7.46 -15.50
N GLN G 244 78.87 -7.31 -16.81
CA GLN G 244 77.92 -6.70 -17.74
C GLN G 244 76.63 -7.51 -17.82
N ALA G 245 76.72 -8.84 -17.78
CA ALA G 245 75.53 -9.69 -17.84
C ALA G 245 74.66 -9.46 -16.59
N LYS G 246 75.32 -9.29 -15.42
CA LYS G 246 74.63 -9.02 -14.15
C LYS G 246 73.93 -7.65 -14.23
N GLU G 247 74.52 -6.69 -14.95
CA GLU G 247 73.94 -5.35 -15.10
C GLU G 247 72.65 -5.47 -15.91
N TYR G 248 72.67 -6.26 -17.01
CA TYR G 248 71.49 -6.45 -17.84
C TYR G 248 70.43 -7.27 -17.10
N ARG G 249 70.83 -8.17 -16.20
CA ARG G 249 69.89 -8.95 -15.40
C ARG G 249 69.12 -8.00 -14.47
N THR G 250 69.85 -7.06 -13.82
CA THR G 250 69.25 -6.10 -12.90
C THR G 250 68.23 -5.24 -13.65
N LEU G 251 68.63 -4.74 -14.83
CA LEU G 251 67.75 -3.91 -15.67
C LEU G 251 66.50 -4.69 -16.07
N ALA G 252 66.68 -5.95 -16.50
CA ALA G 252 65.57 -6.81 -16.90
C ALA G 252 64.56 -6.98 -15.77
N LYS G 253 65.04 -7.18 -14.54
CA LYS G 253 64.16 -7.34 -13.39
C LYS G 253 63.44 -6.03 -13.09
N ASN G 254 64.17 -4.92 -13.12
CA ASN G 254 63.59 -3.60 -12.84
C ASN G 254 62.46 -3.27 -13.82
N ILE G 255 62.66 -3.54 -15.12
CA ILE G 255 61.64 -3.26 -16.13
C ILE G 255 60.42 -4.14 -15.89
N ASP G 256 60.62 -5.46 -15.73
CA ASP G 256 59.52 -6.39 -15.51
C ASP G 256 58.74 -6.10 -14.23
N GLU G 257 59.44 -5.68 -13.16
CA GLU G 257 58.78 -5.37 -11.89
C GLU G 257 58.48 -3.87 -11.74
N ASN G 258 58.46 -3.10 -12.84
CA ASN G 258 58.18 -1.68 -12.75
C ASN G 258 56.69 -1.38 -12.72
N ASP G 259 56.27 -0.57 -11.76
CA ASP G 259 54.88 -0.16 -11.59
C ASP G 259 54.74 1.38 -11.62
N GLU G 260 55.86 2.12 -11.53
CA GLU G 260 55.84 3.57 -11.54
C GLU G 260 55.80 4.12 -12.96
N LEU G 261 54.62 4.05 -13.58
CA LEU G 261 54.39 4.58 -14.91
C LEU G 261 53.98 6.04 -14.72
N VAL G 262 54.51 6.96 -15.54
CA VAL G 262 54.20 8.38 -15.36
C VAL G 262 54.07 9.14 -16.67
N LYS G 263 53.28 10.22 -16.64
CA LYS G 263 53.17 11.10 -17.82
C LYS G 263 54.30 12.12 -17.66
N PRO G 264 55.33 12.14 -18.53
CA PRO G 264 56.49 13.00 -18.31
C PRO G 264 56.20 14.49 -18.36
N THR G 265 57.14 15.30 -17.85
CA THR G 265 57.04 16.75 -17.86
C THR G 265 58.26 17.24 -18.66
N PRO G 266 58.21 17.20 -20.00
CA PRO G 266 59.37 17.64 -20.79
C PRO G 266 59.86 19.03 -20.41
N MET G 267 61.14 19.28 -20.63
CA MET G 267 61.75 20.55 -20.29
C MET G 267 61.92 21.44 -21.52
N THR G 268 62.09 22.74 -21.31
CA THR G 268 62.26 23.69 -22.41
C THR G 268 63.72 23.58 -22.90
N MET G 269 64.03 24.21 -24.06
CA MET G 269 65.40 24.15 -24.57
C MET G 269 66.37 24.83 -23.62
N ASP G 270 65.96 25.95 -23.02
CA ASP G 270 66.81 26.67 -22.07
C ASP G 270 67.09 25.79 -20.85
N GLU G 271 66.05 25.10 -20.34
CA GLU G 271 66.20 24.23 -19.18
C GLU G 271 67.18 23.09 -19.47
N LEU G 272 67.08 22.49 -20.66
CA LEU G 272 67.95 21.39 -21.05
C LEU G 272 69.40 21.87 -21.27
N GLU G 273 69.57 23.01 -21.93
CA GLU G 273 70.90 23.55 -22.17
C GLU G 273 71.57 23.92 -20.85
N GLU G 274 70.80 24.52 -19.91
CA GLU G 274 71.32 24.91 -18.61
C GLU G 274 71.81 23.70 -17.83
N LEU G 275 71.14 22.56 -17.99
CA LEU G 275 71.52 21.34 -17.30
C LEU G 275 72.83 20.78 -17.84
N VAL G 276 72.99 20.77 -19.17
CA VAL G 276 74.21 20.25 -19.80
C VAL G 276 75.42 21.13 -19.45
N VAL G 277 75.25 22.46 -19.42
CA VAL G 277 76.35 23.37 -19.09
C VAL G 277 76.73 23.23 -17.61
N LYS G 278 75.75 22.97 -16.74
CA LYS G 278 76.00 22.81 -15.32
C LYS G 278 77.01 21.69 -15.05
N TYR G 279 76.80 20.52 -15.65
CA TYR G 279 77.70 19.37 -15.44
C TYR G 279 78.92 19.39 -16.38
N GLY G 280 78.68 19.47 -17.68
CA GLY G 280 79.75 19.48 -18.66
C GLY G 280 80.51 20.79 -18.73
N SER H 2 60.53 28.51 -61.18
CA SER H 2 60.99 27.12 -61.11
C SER H 2 62.13 26.97 -60.07
N PHE H 3 62.40 25.72 -59.64
CA PHE H 3 63.45 25.43 -58.65
C PHE H 3 64.85 25.90 -59.04
N ASP H 4 65.07 26.27 -60.30
CA ASP H 4 66.36 26.76 -60.77
C ASP H 4 66.39 28.29 -60.78
N GLU H 5 65.23 28.96 -60.95
CA GLU H 5 65.14 30.42 -60.96
C GLU H 5 65.62 31.00 -59.62
N ILE H 6 65.51 30.19 -58.55
CA ILE H 6 65.90 30.65 -57.18
C ILE H 6 67.39 31.00 -57.16
N ALA H 7 67.73 32.26 -56.87
CA ALA H 7 69.16 32.62 -56.70
C ALA H 7 70.14 32.04 -57.71
N PRO H 8 69.92 32.22 -59.03
CA PRO H 8 70.79 31.64 -60.05
C PRO H 8 72.31 31.75 -59.86
N ASP H 9 72.83 32.96 -59.59
CA ASP H 9 74.28 33.13 -59.49
C ASP H 9 74.89 32.37 -58.30
N ALA H 10 74.11 32.16 -57.24
CA ALA H 10 74.60 31.48 -56.04
C ALA H 10 74.88 29.98 -56.24
N LYS H 11 75.67 29.39 -55.30
CA LYS H 11 76.00 27.98 -55.29
C LYS H 11 75.11 27.35 -54.22
N LYS H 12 74.04 26.66 -54.65
CA LYS H 12 73.09 26.04 -53.71
C LYS H 12 73.62 24.71 -53.20
N VAL H 13 73.98 24.66 -51.91
CA VAL H 13 74.55 23.50 -51.24
C VAL H 13 73.65 23.03 -50.09
N ALA H 14 73.62 21.72 -49.82
CA ALA H 14 72.83 21.17 -48.72
C ALA H 14 73.72 20.24 -47.90
N ILE H 15 73.77 20.45 -46.58
CA ILE H 15 74.59 19.65 -45.68
C ILE H 15 73.72 18.62 -44.97
N TYR H 16 74.01 17.33 -45.19
CA TYR H 16 73.29 16.22 -44.59
C TYR H 16 74.20 15.47 -43.62
N GLY H 17 73.62 14.66 -42.74
CA GLY H 17 74.38 13.89 -41.78
C GLY H 17 73.59 13.42 -40.59
N LYS H 18 74.21 12.51 -39.83
CA LYS H 18 73.54 11.96 -38.63
C LYS H 18 73.31 13.09 -37.62
N GLY H 19 72.38 12.89 -36.71
CA GLY H 19 72.07 13.88 -35.67
C GLY H 19 73.23 14.08 -34.72
N GLY H 20 73.56 15.34 -34.46
CA GLY H 20 74.66 15.69 -33.55
C GLY H 20 76.04 15.39 -34.10
N ILE H 21 76.16 15.20 -35.41
CA ILE H 21 77.46 14.93 -36.02
C ILE H 21 78.25 16.21 -36.29
N GLY H 22 77.60 17.38 -36.23
CA GLY H 22 78.24 18.67 -36.45
C GLY H 22 77.84 19.38 -37.73
N LYS H 23 76.62 19.14 -38.21
CA LYS H 23 76.14 19.81 -39.46
C LYS H 23 75.95 21.31 -39.18
N SER H 24 75.27 21.66 -38.10
CA SER H 24 75.00 23.06 -37.76
C SER H 24 76.30 23.83 -37.49
N THR H 25 77.26 23.19 -36.81
CA THR H 25 78.55 23.82 -36.53
C THR H 25 79.33 24.02 -37.83
N THR H 26 79.44 22.97 -38.65
CA THR H 26 80.18 23.07 -39.91
C THR H 26 79.54 24.09 -40.85
N THR H 27 78.21 24.03 -41.04
CA THR H 27 77.50 24.96 -41.92
C THR H 27 77.66 26.42 -41.49
N GLN H 28 77.44 26.72 -40.20
CA GLN H 28 77.56 28.10 -39.72
C GLN H 28 78.97 28.65 -39.89
N ASN H 29 79.99 27.86 -39.50
CA ASN H 29 81.37 28.31 -39.62
C ASN H 29 81.82 28.41 -41.08
N THR H 30 81.29 27.56 -41.95
CA THR H 30 81.64 27.60 -43.38
C THR H 30 81.05 28.90 -43.96
N ALA H 31 79.76 29.16 -43.70
CA ALA H 31 79.09 30.37 -44.19
C ALA H 31 79.76 31.64 -43.62
N ALA H 32 80.22 31.60 -42.35
CA ALA H 32 80.91 32.72 -41.71
C ALA H 32 82.25 32.98 -42.39
N ALA H 33 82.97 31.91 -42.77
CA ALA H 33 84.25 32.05 -43.44
C ALA H 33 84.07 32.65 -44.84
N LEU H 34 83.02 32.27 -45.53
CA LEU H 34 82.82 32.80 -46.91
C LEU H 34 82.43 34.29 -46.82
N ALA H 35 81.61 34.65 -45.82
CA ALA H 35 81.17 36.04 -45.69
C ALA H 35 82.29 36.93 -45.16
N TYR H 36 83.08 36.44 -44.20
CA TYR H 36 84.15 37.23 -43.60
C TYR H 36 85.44 37.26 -44.44
N PHE H 37 86.03 36.09 -44.75
CA PHE H 37 87.27 36.04 -45.51
C PHE H 37 87.12 36.36 -47.00
N PHE H 38 86.03 35.89 -47.64
CA PHE H 38 85.88 36.05 -49.11
C PHE H 38 84.74 37.01 -49.48
N ASP H 39 84.20 37.74 -48.51
CA ASP H 39 83.15 38.74 -48.76
C ASP H 39 82.02 38.22 -49.65
N LYS H 40 81.46 37.05 -49.32
CA LYS H 40 80.36 36.47 -50.08
C LYS H 40 79.03 36.71 -49.36
N LYS H 41 77.94 36.88 -50.14
CA LYS H 41 76.60 37.07 -49.57
C LYS H 41 76.10 35.66 -49.31
N VAL H 42 76.08 35.21 -48.05
CA VAL H 42 75.65 33.85 -47.73
C VAL H 42 74.36 33.81 -46.93
N MET H 43 73.52 32.78 -47.17
CA MET H 43 72.24 32.59 -46.50
C MET H 43 72.15 31.14 -46.02
N ILE H 44 71.58 30.93 -44.82
CA ILE H 44 71.42 29.59 -44.25
C ILE H 44 69.94 29.30 -44.02
N HIS H 45 69.47 28.13 -44.48
CA HIS H 45 68.11 27.70 -44.29
C HIS H 45 68.14 26.41 -43.48
N GLY H 46 67.83 26.51 -42.19
CA GLY H 46 67.82 25.38 -41.30
C GLY H 46 66.68 24.43 -41.56
N CYS H 47 66.97 23.23 -42.03
CA CYS H 47 65.95 22.22 -42.32
C CYS H 47 66.08 21.06 -41.33
N ASP H 48 66.31 21.39 -40.06
CA ASP H 48 66.46 20.41 -38.99
C ASP H 48 65.44 20.76 -37.90
N PRO H 49 64.61 19.80 -37.43
CA PRO H 49 63.62 20.15 -36.40
C PRO H 49 64.21 20.63 -35.08
N LYS H 50 65.54 20.54 -34.89
CA LYS H 50 66.17 21.00 -33.65
C LYS H 50 66.05 22.54 -33.52
N ALA H 51 66.01 23.26 -34.67
CA ALA H 51 65.85 24.71 -34.74
C ALA H 51 67.00 25.53 -34.12
N ASP H 52 68.24 25.06 -34.29
CA ASP H 52 69.41 25.77 -33.77
C ASP H 52 70.52 25.82 -34.83
N SER H 53 70.17 25.70 -36.12
CA SER H 53 71.14 25.73 -37.21
C SER H 53 71.67 27.13 -37.49
N THR H 54 71.00 28.19 -37.00
CA THR H 54 71.42 29.58 -37.19
C THR H 54 71.60 30.31 -35.85
N ARG H 55 71.79 29.57 -34.75
CA ARG H 55 71.94 30.13 -33.40
C ARG H 55 73.21 30.97 -33.20
N MET H 56 74.38 30.47 -33.62
CA MET H 56 75.63 31.19 -33.46
C MET H 56 75.83 32.33 -34.45
N ILE H 57 75.13 32.31 -35.59
CA ILE H 57 75.23 33.39 -36.56
C ILE H 57 74.39 34.58 -36.03
N LEU H 58 73.25 34.29 -35.39
CA LEU H 58 72.39 35.32 -34.79
C LEU H 58 72.76 35.61 -33.32
N HIS H 59 73.96 35.16 -32.89
CA HIS H 59 74.51 35.37 -31.55
C HIS H 59 73.82 34.78 -30.31
N GLY H 60 73.82 33.44 -30.26
CA GLY H 60 73.28 32.68 -29.14
C GLY H 60 71.79 32.87 -28.95
N LYS H 61 71.07 33.24 -30.02
CA LYS H 61 69.63 33.44 -29.95
C LYS H 61 68.96 32.38 -30.81
N PRO H 62 68.20 31.40 -30.24
CA PRO H 62 67.54 30.42 -31.13
C PRO H 62 66.52 31.17 -31.97
N GLN H 63 66.60 31.03 -33.30
CA GLN H 63 65.70 31.73 -34.19
C GLN H 63 64.27 31.19 -34.13
N ASP H 64 63.27 32.09 -34.26
CA ASP H 64 61.87 31.68 -34.30
C ASP H 64 61.69 30.98 -35.63
N THR H 65 61.18 29.75 -35.61
CA THR H 65 61.02 28.98 -36.85
C THR H 65 59.80 29.44 -37.63
N VAL H 66 59.74 29.07 -38.91
CA VAL H 66 58.61 29.41 -39.77
C VAL H 66 57.35 28.74 -39.23
N MET H 67 57.46 27.47 -38.80
CA MET H 67 56.33 26.75 -38.24
C MET H 67 55.83 27.42 -36.98
N ASP H 68 56.73 27.89 -36.12
CA ASP H 68 56.33 28.56 -34.87
C ASP H 68 55.57 29.85 -35.15
N VAL H 69 56.03 30.65 -36.12
CA VAL H 69 55.35 31.91 -36.46
C VAL H 69 54.01 31.62 -37.13
N LEU H 70 53.99 30.70 -38.10
CA LEU H 70 52.77 30.34 -38.82
C LEU H 70 51.73 29.77 -37.86
N ARG H 71 52.17 28.91 -36.95
CA ARG H 71 51.29 28.27 -35.98
C ARG H 71 50.84 29.22 -34.88
N GLU H 72 51.65 30.24 -34.52
CA GLU H 72 51.28 31.14 -33.44
C GLU H 72 50.73 32.52 -33.88
N GLU H 73 50.84 32.89 -35.16
CA GLU H 73 50.34 34.18 -35.63
C GLU H 73 49.44 34.10 -36.86
N GLY H 74 49.67 33.11 -37.74
CA GLY H 74 48.85 32.91 -38.92
C GLY H 74 49.61 33.05 -40.23
N GLU H 75 48.96 32.72 -41.34
CA GLU H 75 49.56 32.78 -42.67
C GLU H 75 49.94 34.22 -43.10
N GLU H 76 49.02 35.18 -42.97
CA GLU H 76 49.31 36.56 -43.35
C GLU H 76 50.36 37.21 -42.45
N ALA H 77 50.50 36.76 -41.20
CA ALA H 77 51.47 37.31 -40.27
C ALA H 77 52.91 36.86 -40.57
N VAL H 78 53.11 35.85 -41.43
CA VAL H 78 54.46 35.38 -41.76
C VAL H 78 55.08 36.39 -42.74
N THR H 79 56.10 37.13 -42.31
CA THR H 79 56.77 38.12 -43.14
C THR H 79 58.27 37.82 -43.20
N LEU H 80 58.99 38.41 -44.17
CA LEU H 80 60.45 38.20 -44.28
C LEU H 80 61.12 38.69 -43.02
N GLU H 81 60.70 39.85 -42.52
CA GLU H 81 61.24 40.46 -41.30
C GLU H 81 61.20 39.52 -40.11
N LYS H 82 60.12 38.72 -39.97
CA LYS H 82 60.01 37.80 -38.83
C LYS H 82 60.81 36.51 -39.01
N VAL H 83 60.62 35.79 -40.12
CA VAL H 83 61.30 34.51 -40.33
C VAL H 83 62.72 34.62 -40.86
N ARG H 84 63.09 35.72 -41.54
CA ARG H 84 64.45 35.88 -42.06
C ARG H 84 65.17 36.98 -41.29
N LYS H 85 66.18 36.61 -40.51
CA LYS H 85 66.95 37.56 -39.71
C LYS H 85 68.40 37.62 -40.16
N ILE H 86 69.00 38.82 -40.09
CA ILE H 86 70.39 39.01 -40.48
C ILE H 86 71.30 38.78 -39.25
N GLY H 87 72.46 38.18 -39.48
CA GLY H 87 73.43 37.90 -38.44
C GLY H 87 74.83 38.38 -38.78
N PHE H 88 75.85 37.67 -38.28
CA PHE H 88 77.26 38.00 -38.50
C PHE H 88 77.58 38.20 -40.00
N LYS H 89 78.26 39.31 -40.35
CA LYS H 89 78.62 39.65 -41.73
C LYS H 89 77.42 39.55 -42.69
N ASP H 90 76.31 40.19 -42.31
CA ASP H 90 75.10 40.22 -43.12
C ASP H 90 74.64 38.85 -43.65
N ILE H 91 74.80 37.78 -42.87
CA ILE H 91 74.37 36.44 -43.30
C ILE H 91 72.88 36.30 -42.99
N LEU H 92 72.08 36.00 -44.02
CA LEU H 92 70.64 35.84 -43.86
C LEU H 92 70.36 34.48 -43.24
N CYS H 93 69.42 34.42 -42.30
CA CYS H 93 69.09 33.19 -41.59
C CYS H 93 67.59 32.90 -41.61
N VAL H 94 67.23 31.64 -41.82
CA VAL H 94 65.84 31.20 -41.79
C VAL H 94 65.80 29.80 -41.22
N GLU H 95 64.83 29.51 -40.34
CA GLU H 95 64.71 28.22 -39.68
C GLU H 95 63.34 27.63 -39.99
N SER H 96 63.31 26.42 -40.58
CA SER H 96 62.05 25.78 -40.93
C SER H 96 61.29 25.28 -39.72
N GLY H 97 61.98 24.58 -38.83
CA GLY H 97 61.35 24.01 -37.64
C GLY H 97 60.59 22.76 -38.03
N GLY H 98 59.49 22.50 -37.34
CA GLY H 98 58.68 21.33 -37.62
C GLY H 98 57.51 21.18 -36.67
N PRO H 99 56.66 20.16 -36.90
CA PRO H 99 55.53 19.95 -35.99
C PRO H 99 55.98 19.39 -34.64
N GLU H 100 55.12 19.47 -33.62
CA GLU H 100 55.43 18.98 -32.29
C GLU H 100 55.63 17.44 -32.37
N PRO H 101 56.59 16.83 -31.63
CA PRO H 101 56.77 15.37 -31.74
C PRO H 101 55.49 14.54 -31.67
N GLY H 102 55.27 13.72 -32.69
CA GLY H 102 54.11 12.85 -32.78
C GLY H 102 52.94 13.43 -33.55
N VAL H 103 52.86 14.76 -33.67
CA VAL H 103 51.74 15.41 -34.37
C VAL H 103 51.62 14.94 -35.83
N GLY H 104 52.68 15.06 -36.59
CA GLY H 104 52.68 14.65 -37.99
C GLY H 104 54.07 14.52 -38.55
N CYS H 105 54.19 14.44 -39.89
CA CYS H 105 55.48 14.30 -40.58
C CYS H 105 56.51 15.33 -40.09
N ALA H 106 57.64 14.86 -39.56
CA ALA H 106 58.69 15.73 -39.05
C ALA H 106 59.25 16.67 -40.12
N GLY H 107 59.30 16.21 -41.36
CA GLY H 107 59.81 16.99 -42.47
C GLY H 107 58.87 18.01 -43.05
N ARG H 108 57.58 18.00 -42.65
CA ARG H 108 56.60 18.97 -43.19
C ARG H 108 57.07 20.43 -42.98
N GLY H 109 57.79 20.71 -41.89
CA GLY H 109 58.28 22.05 -41.61
C GLY H 109 59.19 22.57 -42.70
N VAL H 110 59.96 21.66 -43.33
CA VAL H 110 60.89 22.02 -44.40
C VAL H 110 60.10 22.42 -45.64
N ILE H 111 59.10 21.62 -46.04
CA ILE H 111 58.27 21.91 -47.22
C ILE H 111 57.54 23.24 -47.06
N THR H 112 56.87 23.45 -45.93
CA THR H 112 56.14 24.68 -45.66
C THR H 112 57.05 25.91 -45.72
N ALA H 113 58.25 25.83 -45.11
CA ALA H 113 59.18 26.94 -45.09
C ALA H 113 59.78 27.25 -46.47
N VAL H 114 60.12 26.22 -47.25
CA VAL H 114 60.69 26.44 -48.58
C VAL H 114 59.64 27.05 -49.49
N ASP H 115 58.42 26.49 -49.50
CA ASP H 115 57.34 27.00 -50.33
C ASP H 115 56.98 28.45 -49.93
N MET H 116 56.88 28.74 -48.62
CA MET H 116 56.55 30.09 -48.16
C MET H 116 57.67 31.08 -48.49
N MET H 117 58.92 30.61 -48.49
CA MET H 117 60.06 31.45 -48.80
C MET H 117 60.03 31.90 -50.26
N ARG H 118 59.53 31.04 -51.17
CA ARG H 118 59.46 31.38 -52.60
C ARG H 118 58.33 32.37 -52.87
N GLU H 119 57.17 32.17 -52.23
CA GLU H 119 56.03 33.07 -52.42
C GLU H 119 56.38 34.48 -51.89
N LEU H 120 57.23 34.55 -50.84
CA LEU H 120 57.67 35.81 -50.24
C LEU H 120 58.97 36.36 -50.89
N GLU H 121 59.65 35.55 -51.74
CA GLU H 121 60.90 35.93 -52.40
C GLU H 121 61.99 36.21 -51.36
N GLY H 122 62.23 35.22 -50.50
CA GLY H 122 63.23 35.31 -49.45
C GLY H 122 64.63 34.92 -49.85
N TYR H 123 64.81 34.35 -51.05
CA TYR H 123 66.13 33.96 -51.53
C TYR H 123 66.61 35.05 -52.49
N PRO H 124 67.44 36.02 -52.04
CA PRO H 124 67.88 37.08 -52.95
C PRO H 124 68.61 36.57 -54.19
N ASP H 125 68.44 37.28 -55.32
CA ASP H 125 69.08 36.91 -56.58
C ASP H 125 70.58 37.15 -56.50
N ASP H 126 71.00 38.22 -55.80
CA ASP H 126 72.42 38.55 -55.65
C ASP H 126 73.18 37.66 -54.66
N LEU H 127 72.60 36.53 -54.24
CA LEU H 127 73.28 35.63 -53.31
C LEU H 127 74.48 34.98 -53.99
N ASP H 128 75.49 34.65 -53.19
CA ASP H 128 76.69 33.99 -53.69
C ASP H 128 76.66 32.51 -53.29
N ASN H 129 76.22 32.22 -52.06
CA ASN H 129 76.13 30.86 -51.55
C ASN H 129 74.86 30.69 -50.72
N LEU H 130 74.18 29.54 -50.87
CA LEU H 130 72.97 29.23 -50.11
C LEU H 130 73.16 27.86 -49.49
N PHE H 131 72.98 27.74 -48.16
CA PHE H 131 73.16 26.46 -47.47
C PHE H 131 71.86 25.96 -46.88
N PHE H 132 71.68 24.62 -46.88
CA PHE H 132 70.52 23.97 -46.32
C PHE H 132 71.01 22.93 -45.31
N ASP H 133 70.88 23.21 -44.02
CA ASP H 133 71.30 22.27 -42.96
C ASP H 133 70.15 21.28 -42.79
N VAL H 134 70.24 20.09 -43.42
CA VAL H 134 69.15 19.10 -43.38
C VAL H 134 69.41 17.90 -42.45
N LEU H 135 68.33 17.37 -41.84
CA LEU H 135 68.39 16.21 -40.96
C LEU H 135 68.65 14.98 -41.84
N GLY H 136 69.64 14.16 -41.46
CA GLY H 136 70.01 12.99 -42.24
C GLY H 136 69.76 11.64 -41.60
N ASP H 137 69.08 11.61 -40.44
CA ASP H 137 68.77 10.35 -39.77
C ASP H 137 67.76 9.53 -40.58
N VAL H 138 66.85 10.23 -41.29
CA VAL H 138 65.86 9.61 -42.17
C VAL H 138 65.83 10.44 -43.45
N VAL H 139 65.82 9.79 -44.61
CA VAL H 139 65.77 10.50 -45.88
C VAL H 139 64.36 10.32 -46.45
N CYS H 140 63.44 11.21 -46.06
CA CYS H 140 62.06 11.11 -46.50
C CYS H 140 61.31 12.41 -46.25
N GLY H 141 60.20 12.60 -46.95
CA GLY H 141 59.36 13.78 -46.80
C GLY H 141 60.11 15.07 -47.07
N GLY H 142 59.99 16.02 -46.15
CA GLY H 142 60.66 17.29 -46.29
C GLY H 142 62.18 17.20 -46.27
N PHE H 143 62.71 16.19 -45.58
CA PHE H 143 64.16 16.01 -45.50
C PHE H 143 64.72 15.54 -46.85
N ALA H 144 63.90 14.88 -47.69
CA ALA H 144 64.33 14.43 -49.00
C ALA H 144 64.01 15.44 -50.12
N MET H 145 63.20 16.48 -49.84
CA MET H 145 62.84 17.47 -50.85
C MET H 145 64.06 18.10 -51.56
N PRO H 146 65.14 18.54 -50.87
CA PRO H 146 66.27 19.13 -51.62
C PRO H 146 66.84 18.19 -52.68
N LEU H 147 66.76 16.87 -52.45
CA LEU H 147 67.26 15.88 -53.42
C LEU H 147 66.21 15.63 -54.51
N ARG H 148 64.93 15.57 -54.11
CA ARG H 148 63.82 15.32 -55.03
C ARG H 148 63.49 16.56 -55.90
N ASP H 149 63.29 17.72 -55.26
CA ASP H 149 62.96 18.97 -55.97
C ASP H 149 64.17 19.69 -56.55
N GLY H 150 65.38 19.31 -56.14
CA GLY H 150 66.60 19.92 -56.65
C GLY H 150 66.85 21.33 -56.17
N LEU H 151 66.63 21.61 -54.87
CA LEU H 151 66.88 22.94 -54.33
C LEU H 151 68.38 23.19 -54.33
N ALA H 152 69.17 22.19 -53.95
CA ALA H 152 70.63 22.28 -53.93
C ALA H 152 71.20 21.25 -54.89
N GLN H 153 72.16 21.66 -55.72
CA GLN H 153 72.78 20.75 -56.68
C GLN H 153 73.96 20.02 -56.05
N GLU H 154 74.69 20.69 -55.13
CA GLU H 154 75.84 20.06 -54.47
C GLU H 154 75.47 19.63 -53.07
N ILE H 155 75.67 18.35 -52.74
CA ILE H 155 75.36 17.82 -51.42
C ILE H 155 76.64 17.41 -50.73
N TYR H 156 76.77 17.75 -49.44
CA TYR H 156 77.95 17.39 -48.67
C TYR H 156 77.48 16.68 -47.41
N ILE H 157 78.07 15.53 -47.12
CA ILE H 157 77.68 14.75 -45.95
C ILE H 157 78.72 14.86 -44.86
N VAL H 158 78.31 15.27 -43.66
CA VAL H 158 79.24 15.37 -42.52
C VAL H 158 79.17 14.03 -41.81
N THR H 159 80.33 13.39 -41.58
CA THR H 159 80.39 12.09 -40.91
C THR H 159 81.72 11.90 -40.17
N SER H 160 81.80 10.88 -39.31
CA SER H 160 83.00 10.55 -38.55
C SER H 160 83.26 9.04 -38.72
N GLY H 161 84.28 8.51 -38.04
CA GLY H 161 84.59 7.09 -38.13
C GLY H 161 83.55 6.19 -37.49
N GLU H 162 82.60 6.77 -36.75
CA GLU H 162 81.54 6.04 -36.07
C GLU H 162 80.74 5.20 -37.08
N MET H 163 80.37 3.97 -36.71
CA MET H 163 79.61 3.10 -37.61
C MET H 163 78.27 3.75 -37.99
N MET H 164 77.51 4.24 -37.01
CA MET H 164 76.22 4.86 -37.27
C MET H 164 76.36 6.10 -38.17
N ALA H 165 77.41 6.90 -37.99
CA ALA H 165 77.63 8.09 -38.81
C ALA H 165 77.87 7.69 -40.26
N LEU H 166 78.63 6.60 -40.48
CA LEU H 166 78.91 6.13 -41.84
C LEU H 166 77.68 5.46 -42.44
N TYR H 167 76.86 4.79 -41.62
CA TYR H 167 75.64 4.14 -42.08
C TYR H 167 74.68 5.21 -42.60
N ALA H 168 74.49 6.30 -41.83
CA ALA H 168 73.61 7.41 -42.22
C ALA H 168 74.14 8.04 -43.49
N ALA H 169 75.46 8.24 -43.60
CA ALA H 169 76.07 8.83 -44.79
C ALA H 169 75.83 7.94 -46.01
N ASN H 170 75.93 6.62 -45.84
CA ASN H 170 75.70 5.69 -46.94
C ASN H 170 74.24 5.75 -47.39
N ASN H 171 73.30 5.89 -46.44
CA ASN H 171 71.88 5.98 -46.76
C ASN H 171 71.60 7.29 -47.50
N ILE H 172 72.27 8.40 -47.11
CA ILE H 172 72.09 9.69 -47.78
C ILE H 172 72.56 9.55 -49.22
N ALA H 173 73.68 8.84 -49.45
CA ALA H 173 74.21 8.60 -50.79
C ALA H 173 73.18 7.85 -51.64
N LYS H 174 72.44 6.90 -51.03
CA LYS H 174 71.42 6.14 -51.74
C LYS H 174 70.30 7.09 -52.20
N GLY H 175 69.92 8.03 -51.34
CA GLY H 175 68.90 9.02 -51.65
C GLY H 175 69.34 9.97 -52.75
N ILE H 176 70.64 10.31 -52.78
CA ILE H 176 71.18 11.20 -53.80
C ILE H 176 71.13 10.47 -55.14
N LEU H 177 71.53 9.17 -55.16
CA LEU H 177 71.55 8.34 -56.36
C LEU H 177 70.19 8.20 -57.05
N LYS H 178 69.14 7.95 -56.27
CA LYS H 178 67.79 7.74 -56.86
C LYS H 178 67.29 9.01 -57.56
N TYR H 179 67.64 10.19 -57.04
CA TYR H 179 67.16 11.46 -57.59
C TYR H 179 68.23 12.22 -58.41
N ALA H 180 69.39 11.59 -58.63
CA ALA H 180 70.49 12.21 -59.39
C ALA H 180 70.07 12.53 -60.83
N GLU H 181 69.40 11.60 -61.51
CA GLU H 181 68.96 11.81 -62.88
C GLU H 181 67.67 12.63 -62.93
N GLN H 182 66.79 12.44 -61.94
CA GLN H 182 65.52 13.16 -61.87
C GLN H 182 65.68 14.67 -61.67
N SER H 183 66.52 15.12 -60.73
CA SER H 183 66.68 16.55 -60.46
C SER H 183 68.09 17.10 -60.65
N GLY H 184 68.99 16.32 -61.23
CA GLY H 184 70.36 16.78 -61.45
C GLY H 184 71.15 17.01 -60.18
N VAL H 185 70.71 16.41 -59.05
CA VAL H 185 71.40 16.57 -57.77
C VAL H 185 72.61 15.63 -57.73
N ARG H 186 73.74 16.10 -57.19
CA ARG H 186 74.96 15.29 -57.13
C ARG H 186 75.66 15.43 -55.79
N LEU H 187 76.54 14.46 -55.47
CA LEU H 187 77.30 14.46 -54.23
C LEU H 187 78.63 15.19 -54.47
N GLY H 188 78.81 16.31 -53.79
CA GLY H 188 80.03 17.10 -53.91
C GLY H 188 81.22 16.47 -53.23
N GLY H 189 80.98 15.88 -52.07
CA GLY H 189 82.03 15.22 -51.32
C GLY H 189 81.58 14.78 -49.94
N ILE H 190 82.53 14.54 -49.04
CA ILE H 190 82.24 14.14 -47.66
C ILE H 190 83.13 14.95 -46.71
N ILE H 191 82.51 15.56 -45.70
CA ILE H 191 83.22 16.34 -44.70
C ILE H 191 83.39 15.44 -43.50
N CYS H 192 84.60 15.35 -42.95
CA CYS H 192 84.82 14.50 -41.78
C CYS H 192 84.98 15.33 -40.52
N ASN H 193 83.93 15.40 -39.69
CA ASN H 193 84.03 16.11 -38.42
C ASN H 193 84.67 15.11 -37.48
N ALA H 194 86.01 15.09 -37.46
CA ALA H 194 86.80 14.15 -36.69
C ALA H 194 86.53 14.16 -35.19
N ARG H 195 86.87 13.06 -34.50
CA ARG H 195 86.71 12.98 -33.02
C ARG H 195 88.06 12.70 -32.37
N ASN H 196 89.15 12.95 -33.10
CA ASN H 196 90.53 12.74 -32.65
C ASN H 196 90.83 11.27 -32.35
N VAL H 197 90.80 10.43 -33.40
CA VAL H 197 91.06 9.00 -33.29
C VAL H 197 92.11 8.63 -34.35
N ASP H 198 93.08 7.79 -33.98
CA ASP H 198 94.12 7.37 -34.91
C ASP H 198 93.53 6.43 -35.98
N GLY H 199 93.87 6.68 -37.23
CA GLY H 199 93.36 5.89 -38.35
C GLY H 199 92.03 6.34 -38.90
N GLU H 200 91.42 7.40 -38.31
CA GLU H 200 90.14 7.91 -38.77
C GLU H 200 90.27 8.55 -40.16
N LYS H 201 91.33 9.34 -40.41
CA LYS H 201 91.53 9.98 -41.71
C LYS H 201 91.72 8.92 -42.80
N GLU H 202 92.45 7.84 -42.49
CA GLU H 202 92.67 6.76 -43.44
C GLU H 202 91.37 6.02 -43.72
N LEU H 203 90.52 5.84 -42.71
CA LEU H 203 89.23 5.17 -42.86
C LEU H 203 88.33 5.98 -43.80
N MET H 204 88.32 7.29 -43.62
CA MET H 204 87.50 8.19 -44.44
C MET H 204 87.96 8.19 -45.89
N ASP H 205 89.28 8.09 -46.12
CA ASP H 205 89.82 8.07 -47.49
C ASP H 205 89.32 6.85 -48.24
N GLU H 206 89.28 5.68 -47.59
CA GLU H 206 88.80 4.46 -48.22
C GLU H 206 87.28 4.49 -48.36
N PHE H 207 86.57 5.08 -47.39
CA PHE H 207 85.11 5.19 -47.45
C PHE H 207 84.70 6.04 -48.64
N CYS H 208 85.36 7.19 -48.84
CA CYS H 208 85.06 8.07 -49.97
C CYS H 208 85.46 7.40 -51.29
N ASP H 209 86.56 6.65 -51.27
CA ASP H 209 87.01 5.95 -52.49
C ASP H 209 85.93 4.96 -52.93
N LYS H 210 85.45 4.15 -52.00
CA LYS H 210 84.44 3.13 -52.31
C LYS H 210 83.13 3.78 -52.78
N LEU H 211 82.82 4.97 -52.25
CA LEU H 211 81.55 5.68 -52.62
C LEU H 211 81.71 6.36 -53.98
N GLY H 212 82.93 6.49 -54.48
CA GLY H 212 83.19 7.20 -55.73
C GLY H 212 83.21 8.70 -55.56
N THR H 213 83.58 9.19 -54.36
CA THR H 213 83.64 10.62 -54.06
C THR H 213 84.98 10.97 -53.39
N LYS H 214 85.15 12.22 -52.91
CA LYS H 214 86.38 12.65 -52.26
C LYS H 214 86.14 13.25 -50.88
N LEU H 215 87.15 13.17 -50.01
CA LEU H 215 87.08 13.75 -48.68
C LEU H 215 87.39 15.23 -48.85
N ILE H 216 86.34 16.06 -48.97
CA ILE H 216 86.51 17.50 -49.18
C ILE H 216 87.38 18.15 -48.08
N HIS H 217 87.28 17.69 -46.82
CA HIS H 217 88.09 18.25 -45.74
C HIS H 217 87.97 17.42 -44.47
N TYR H 218 89.03 17.44 -43.65
CA TYR H 218 89.09 16.75 -42.38
C TYR H 218 89.02 17.80 -41.28
N VAL H 219 87.82 18.09 -40.77
CA VAL H 219 87.64 19.10 -39.73
C VAL H 219 88.05 18.51 -38.37
N PRO H 220 89.11 19.01 -37.72
CA PRO H 220 89.50 18.42 -36.42
C PRO H 220 88.60 18.85 -35.26
N ARG H 221 88.60 18.07 -34.17
CA ARG H 221 87.82 18.42 -33.00
C ARG H 221 88.63 19.42 -32.18
N ASP H 222 88.07 20.61 -31.94
CA ASP H 222 88.76 21.66 -31.20
C ASP H 222 87.87 22.27 -30.12
N ASN H 223 88.44 22.48 -28.93
CA ASN H 223 87.71 23.06 -27.80
C ASN H 223 87.27 24.50 -28.08
N ILE H 224 87.96 25.22 -28.98
CA ILE H 224 87.61 26.60 -29.30
C ILE H 224 86.16 26.71 -29.79
N VAL H 225 85.60 25.63 -30.35
CA VAL H 225 84.21 25.64 -30.83
C VAL H 225 83.29 25.90 -29.63
N GLN H 226 83.52 25.15 -28.54
CA GLN H 226 82.73 25.29 -27.30
C GLN H 226 82.98 26.67 -26.68
N LYS H 227 84.24 27.16 -26.70
CA LYS H 227 84.58 28.47 -26.15
C LYS H 227 83.80 29.57 -26.89
N ALA H 228 83.78 29.49 -28.23
CA ALA H 228 83.07 30.45 -29.07
C ALA H 228 81.56 30.35 -28.86
N GLU H 229 81.04 29.12 -28.78
CA GLU H 229 79.62 28.90 -28.61
C GLU H 229 79.14 29.44 -27.24
N PHE H 230 80.04 29.51 -26.23
CA PHE H 230 79.72 30.05 -24.91
C PHE H 230 79.58 31.58 -24.99
N ASN H 231 80.41 32.23 -25.80
CA ASN H 231 80.33 33.69 -25.95
C ASN H 231 79.28 34.12 -27.00
N LYS H 232 78.38 33.20 -27.40
CA LYS H 232 77.32 33.48 -28.38
C LYS H 232 77.88 33.87 -29.76
N MET H 233 78.92 33.14 -30.24
CA MET H 233 79.54 33.45 -31.53
C MET H 233 80.06 32.20 -32.25
N THR H 234 80.29 32.32 -33.56
CA THR H 234 80.88 31.24 -34.34
C THR H 234 82.41 31.35 -34.16
N VAL H 235 83.16 30.31 -34.53
CA VAL H 235 84.62 30.34 -34.38
C VAL H 235 85.22 31.47 -35.22
N ILE H 236 84.69 31.71 -36.42
CA ILE H 236 85.20 32.76 -37.30
C ILE H 236 85.05 34.14 -36.63
N GLU H 237 83.88 34.41 -36.06
CA GLU H 237 83.61 35.68 -35.40
C GLU H 237 84.37 35.82 -34.09
N PHE H 238 84.54 34.72 -33.36
CA PHE H 238 85.24 34.75 -32.08
C PHE H 238 86.74 34.99 -32.25
N ASP H 239 87.42 34.18 -33.07
CA ASP H 239 88.86 34.34 -33.28
C ASP H 239 89.20 33.87 -34.70
N PRO H 240 89.17 34.77 -35.71
CA PRO H 240 89.50 34.33 -37.07
C PRO H 240 90.97 33.97 -37.30
N GLU H 241 91.80 34.10 -36.25
CA GLU H 241 93.25 33.80 -36.38
C GLU H 241 93.56 32.39 -35.86
N CYS H 242 92.66 31.80 -35.06
CA CYS H 242 92.95 30.50 -34.45
C CYS H 242 93.08 29.38 -35.48
N ASN H 243 93.70 28.27 -35.03
CA ASN H 243 93.97 27.07 -35.84
C ASN H 243 92.72 26.28 -36.22
N GLN H 244 91.54 26.67 -35.72
CA GLN H 244 90.29 25.99 -36.09
C GLN H 244 89.61 26.82 -37.18
N ALA H 245 89.65 28.16 -37.06
CA ALA H 245 89.07 29.05 -38.07
C ALA H 245 89.78 28.82 -39.41
N LYS H 246 91.11 28.60 -39.38
CA LYS H 246 91.91 28.35 -40.57
C LYS H 246 91.41 27.08 -41.30
N GLU H 247 90.95 26.09 -40.53
CA GLU H 247 90.43 24.84 -41.06
C GLU H 247 89.09 25.07 -41.77
N TYR H 248 88.20 25.86 -41.15
CA TYR H 248 86.90 26.16 -41.75
C TYR H 248 87.08 27.03 -43.01
N ARG H 249 88.12 27.88 -43.04
CA ARG H 249 88.39 28.72 -44.21
C ARG H 249 88.80 27.84 -45.39
N THR H 250 89.63 26.82 -45.12
CA THR H 250 90.08 25.90 -46.16
C THR H 250 88.87 25.14 -46.72
N LEU H 251 88.00 24.65 -45.83
CA LEU H 251 86.79 23.92 -46.23
C LEU H 251 85.89 24.83 -47.07
N ALA H 252 85.73 26.09 -46.63
CA ALA H 252 84.92 27.09 -47.32
C ALA H 252 85.38 27.33 -48.74
N LYS H 253 86.69 27.30 -48.97
CA LYS H 253 87.22 27.55 -50.33
C LYS H 253 87.11 26.27 -51.17
N ASN H 254 87.32 25.11 -50.53
CA ASN H 254 87.20 23.84 -51.25
C ASN H 254 85.77 23.62 -51.76
N ILE H 255 84.76 23.92 -50.93
CA ILE H 255 83.36 23.76 -51.35
C ILE H 255 83.03 24.72 -52.48
N ASP H 256 83.37 26.01 -52.31
CA ASP H 256 83.08 27.04 -53.31
C ASP H 256 83.79 26.74 -54.64
N GLU H 257 85.02 26.23 -54.59
CA GLU H 257 85.78 25.92 -55.80
C GLU H 257 85.66 24.45 -56.21
N ASN H 258 84.63 23.73 -55.73
CA ASN H 258 84.49 22.33 -56.09
C ASN H 258 83.75 22.15 -57.41
N ASP H 259 84.33 21.35 -58.30
CA ASP H 259 83.77 21.04 -59.62
C ASP H 259 83.55 19.52 -59.80
N GLU H 260 84.13 18.69 -58.91
CA GLU H 260 84.01 17.24 -59.00
C GLU H 260 82.71 16.74 -58.36
N LEU H 261 81.57 16.95 -59.06
CA LEU H 261 80.27 16.49 -58.60
C LEU H 261 80.05 15.10 -59.17
N VAL H 262 79.68 14.13 -58.34
CA VAL H 262 79.53 12.75 -58.80
C VAL H 262 78.26 12.06 -58.30
N LYS H 263 77.86 10.98 -59.00
CA LYS H 263 76.73 10.18 -58.58
C LYS H 263 77.40 9.08 -57.74
N PRO H 264 77.07 8.96 -56.44
CA PRO H 264 77.76 7.98 -55.60
C PRO H 264 77.45 6.53 -55.88
N THR H 265 78.31 5.63 -55.36
CA THR H 265 78.14 4.19 -55.51
C THR H 265 78.02 3.62 -54.09
N PRO H 266 76.83 3.73 -53.46
CA PRO H 266 76.69 3.22 -52.09
C PRO H 266 77.15 1.77 -51.89
N MET H 267 77.53 1.45 -50.65
CA MET H 267 78.03 0.13 -50.30
C MET H 267 76.97 -0.74 -49.66
N THR H 268 77.18 -2.06 -49.64
CA THR H 268 76.25 -2.97 -49.00
C THR H 268 76.54 -2.96 -47.50
N MET H 269 75.66 -3.54 -46.67
CA MET H 269 75.89 -3.57 -45.22
C MET H 269 77.16 -4.35 -44.90
N ASP H 270 77.40 -5.48 -45.58
CA ASP H 270 78.58 -6.29 -45.35
C ASP H 270 79.84 -5.50 -45.69
N GLU H 271 79.83 -4.76 -46.82
CA GLU H 271 80.98 -3.95 -47.24
C GLU H 271 81.29 -2.87 -46.20
N LEU H 272 80.26 -2.21 -45.67
CA LEU H 272 80.45 -1.17 -44.68
C LEU H 272 80.94 -1.73 -43.35
N GLU H 273 80.36 -2.85 -42.91
CA GLU H 273 80.78 -3.47 -41.64
C GLU H 273 82.24 -3.95 -41.76
N GLU H 274 82.61 -4.54 -42.91
CA GLU H 274 83.97 -5.02 -43.13
C GLU H 274 84.98 -3.88 -43.05
N LEU H 275 84.59 -2.68 -43.52
CA LEU H 275 85.46 -1.52 -43.48
C LEU H 275 85.68 -1.03 -42.05
N VAL H 276 84.61 -0.97 -41.24
CA VAL H 276 84.72 -0.51 -39.86
C VAL H 276 85.56 -1.48 -39.01
N VAL H 277 85.37 -2.79 -39.21
CA VAL H 277 86.15 -3.79 -38.46
C VAL H 277 87.63 -3.76 -38.88
N LYS H 278 87.91 -3.47 -40.16
CA LYS H 278 89.28 -3.42 -40.66
C LYS H 278 90.11 -2.40 -39.90
N TYR H 279 89.58 -1.18 -39.70
CA TYR H 279 90.30 -0.11 -38.99
C TYR H 279 90.10 -0.17 -37.47
N GLY H 280 88.85 -0.17 -37.02
CA GLY H 280 88.54 -0.22 -35.60
C GLY H 280 88.82 -1.56 -34.97
N ASP I 4 -14.33 27.72 1.93
CA ASP I 4 -13.70 28.48 0.84
C ASP I 4 -12.48 29.26 1.37
N GLU I 5 -11.65 28.61 2.19
CA GLU I 5 -10.47 29.27 2.74
C GLU I 5 -9.38 29.50 1.68
N ILE I 6 -9.11 28.47 0.89
CA ILE I 6 -8.01 28.56 -0.12
C ILE I 6 -8.24 29.72 -1.08
N ALA I 7 -7.24 30.60 -1.20
CA ALA I 7 -7.28 31.73 -2.14
C ALA I 7 -8.69 32.35 -2.29
N PRO I 8 -9.14 33.16 -1.31
CA PRO I 8 -10.50 33.71 -1.39
C PRO I 8 -10.74 34.68 -2.56
N ASP I 9 -9.77 35.54 -2.88
CA ASP I 9 -9.92 36.51 -3.96
C ASP I 9 -9.56 35.94 -5.34
N ALA I 10 -9.36 34.61 -5.45
CA ALA I 10 -9.01 33.99 -6.72
C ALA I 10 -10.20 33.26 -7.32
N LYS I 11 -10.19 33.12 -8.64
CA LYS I 11 -11.22 32.40 -9.39
C LYS I 11 -10.79 30.93 -9.43
N LYS I 12 -11.42 30.07 -8.61
CA LYS I 12 -11.08 28.66 -8.55
C LYS I 12 -11.85 27.89 -9.62
N VAL I 13 -11.12 27.37 -10.61
CA VAL I 13 -11.71 26.64 -11.74
C VAL I 13 -11.15 25.21 -11.82
N ALA I 14 -11.95 24.26 -12.28
CA ALA I 14 -11.52 22.88 -12.45
C ALA I 14 -11.91 22.41 -13.85
N ILE I 15 -10.93 21.87 -14.59
CA ILE I 15 -11.14 21.41 -15.96
C ILE I 15 -11.29 19.89 -15.95
N TYR I 16 -12.47 19.40 -16.38
CA TYR I 16 -12.78 17.98 -16.45
C TYR I 16 -12.94 17.56 -17.91
N GLY I 17 -12.87 16.27 -18.17
CA GLY I 17 -13.04 15.76 -19.53
C GLY I 17 -12.47 14.38 -19.73
N LYS I 18 -12.80 13.81 -20.88
CA LYS I 18 -12.33 12.44 -21.22
C LYS I 18 -10.80 12.44 -21.36
N GLY I 19 -10.19 11.29 -21.17
CA GLY I 19 -8.75 11.15 -21.29
C GLY I 19 -8.25 11.46 -22.69
N GLY I 20 -7.22 12.29 -22.78
CA GLY I 20 -6.63 12.67 -24.05
C GLY I 20 -7.49 13.59 -24.89
N ILE I 21 -8.48 14.24 -24.26
CA ILE I 21 -9.35 15.17 -24.98
C ILE I 21 -8.71 16.57 -25.10
N GLY I 22 -7.66 16.85 -24.34
CA GLY I 22 -6.97 18.14 -24.38
C GLY I 22 -7.13 19.01 -23.15
N LYS I 23 -7.36 18.40 -21.99
CA LYS I 23 -7.52 19.18 -20.73
C LYS I 23 -6.18 19.83 -20.36
N SER I 24 -5.08 19.05 -20.36
CA SER I 24 -3.77 19.56 -19.98
C SER I 24 -3.31 20.64 -20.94
N THR I 25 -3.59 20.48 -22.23
CA THR I 25 -3.19 21.48 -23.22
C THR I 25 -4.02 22.76 -23.00
N THR I 26 -5.34 22.62 -22.93
CA THR I 26 -6.22 23.78 -22.73
C THR I 26 -5.91 24.52 -21.43
N THR I 27 -5.77 23.78 -20.32
CA THR I 27 -5.48 24.40 -19.01
C THR I 27 -4.15 25.15 -19.00
N GLN I 28 -3.07 24.53 -19.50
CA GLN I 28 -1.77 25.18 -19.50
C GLN I 28 -1.76 26.44 -20.36
N ASN I 29 -2.32 26.37 -21.59
CA ASN I 29 -2.37 27.53 -22.47
C ASN I 29 -3.31 28.63 -21.94
N THR I 30 -4.37 28.24 -21.22
CA THR I 30 -5.29 29.21 -20.65
C THR I 30 -4.59 29.95 -19.51
N ALA I 31 -3.90 29.20 -18.64
CA ALA I 31 -3.16 29.81 -17.54
C ALA I 31 -2.03 30.69 -18.06
N ALA I 32 -1.35 30.25 -19.14
CA ALA I 32 -0.27 31.02 -19.75
C ALA I 32 -0.80 32.33 -20.34
N ALA I 33 -1.98 32.30 -20.95
CA ALA I 33 -2.59 33.50 -21.52
C ALA I 33 -2.98 34.49 -20.43
N LEU I 34 -3.51 33.99 -19.29
CA LEU I 34 -3.89 34.85 -18.18
C LEU I 34 -2.68 35.50 -17.54
N ALA I 35 -1.57 34.74 -17.41
CA ALA I 35 -0.35 35.27 -16.80
C ALA I 35 0.40 36.21 -17.74
N TYR I 36 0.46 35.88 -19.04
CA TYR I 36 1.18 36.69 -20.01
C TYR I 36 0.40 37.90 -20.51
N PHE I 37 -0.78 37.70 -21.09
CA PHE I 37 -1.58 38.81 -21.63
C PHE I 37 -2.24 39.67 -20.57
N PHE I 38 -2.77 39.07 -19.51
CA PHE I 38 -3.51 39.81 -18.49
C PHE I 38 -2.78 39.96 -17.15
N ASP I 39 -1.50 39.56 -17.07
CA ASP I 39 -0.68 39.69 -15.85
C ASP I 39 -1.37 39.18 -14.58
N LYS I 40 -1.91 37.96 -14.65
CA LYS I 40 -2.57 37.36 -13.50
C LYS I 40 -1.66 36.36 -12.82
N LYS I 41 -1.73 36.24 -11.49
CA LYS I 41 -0.95 35.27 -10.75
C LYS I 41 -1.76 33.99 -10.80
N VAL I 42 -1.30 32.99 -11.59
CA VAL I 42 -2.04 31.73 -11.77
C VAL I 42 -1.29 30.54 -11.18
N MET I 43 -2.02 29.49 -10.81
CA MET I 43 -1.48 28.26 -10.25
C MET I 43 -2.23 27.07 -10.85
N ILE I 44 -1.51 26.00 -11.17
CA ILE I 44 -2.13 24.80 -11.74
C ILE I 44 -1.88 23.63 -10.81
N HIS I 45 -2.94 22.88 -10.49
CA HIS I 45 -2.83 21.70 -9.65
C HIS I 45 -3.30 20.50 -10.49
N GLY I 46 -2.36 19.72 -10.98
CA GLY I 46 -2.66 18.55 -11.78
C GLY I 46 -3.27 17.43 -10.97
N CYS I 47 -4.54 17.11 -11.25
CA CYS I 47 -5.25 16.05 -10.55
C CYS I 47 -5.52 14.90 -11.53
N ASP I 48 -4.53 14.58 -12.36
CA ASP I 48 -4.64 13.51 -13.35
C ASP I 48 -3.47 12.56 -13.09
N PRO I 49 -3.71 11.23 -12.96
CA PRO I 49 -2.59 10.32 -12.70
C PRO I 49 -1.53 10.26 -13.80
N LYS I 50 -1.78 10.89 -14.97
CA LYS I 50 -0.79 10.88 -16.05
C LYS I 50 0.46 11.68 -15.64
N ALA I 51 0.30 12.70 -14.75
CA ALA I 51 1.38 13.53 -14.21
C ALA I 51 2.12 14.39 -15.25
N ASP I 52 1.40 14.92 -16.24
CA ASP I 52 1.99 15.78 -17.27
C ASP I 52 1.12 17.03 -17.49
N SER I 53 0.31 17.42 -16.48
CA SER I 53 -0.58 18.57 -16.57
C SER I 53 0.17 19.91 -16.45
N THR I 54 1.47 19.89 -16.10
CA THR I 54 2.30 21.11 -15.95
C THR I 54 3.65 20.98 -16.70
N ARG I 55 3.75 20.01 -17.61
CA ARG I 55 5.03 19.77 -18.33
C ARG I 55 5.43 20.98 -19.17
N MET I 56 4.51 21.53 -19.98
CA MET I 56 4.87 22.63 -20.85
C MET I 56 5.05 23.97 -20.12
N ILE I 57 4.37 24.13 -18.99
CA ILE I 57 4.46 25.41 -18.22
C ILE I 57 5.85 25.48 -17.59
N LEU I 58 6.45 24.32 -17.33
CA LEU I 58 7.83 24.29 -16.75
C LEU I 58 8.84 24.19 -17.90
N HIS I 59 9.54 23.06 -18.02
CA HIS I 59 10.58 22.90 -19.07
C HIS I 59 10.42 21.56 -19.77
N GLY I 60 9.20 21.27 -20.26
CA GLY I 60 8.96 20.04 -21.04
C GLY I 60 9.35 18.77 -20.33
N LYS I 61 9.14 18.71 -19.01
CA LYS I 61 9.42 17.47 -18.25
C LYS I 61 8.30 17.25 -17.23
N PRO I 62 7.68 16.06 -17.16
CA PRO I 62 6.67 15.77 -16.15
C PRO I 62 7.25 16.14 -14.78
N GLN I 63 6.49 16.89 -13.97
CA GLN I 63 6.97 17.38 -12.65
C GLN I 63 6.89 16.28 -11.59
N ASP I 64 7.85 16.24 -10.66
CA ASP I 64 7.78 15.26 -9.57
C ASP I 64 6.46 15.43 -8.86
N THR I 65 5.67 14.36 -8.79
CA THR I 65 4.35 14.44 -8.16
C THR I 65 4.47 14.42 -6.63
N VAL I 66 3.40 14.82 -5.94
CA VAL I 66 3.36 14.82 -4.49
C VAL I 66 3.49 13.39 -3.98
N MET I 67 2.79 12.43 -4.63
CA MET I 67 2.84 11.02 -4.25
C MET I 67 4.26 10.50 -4.40
N ASP I 68 4.96 10.87 -5.48
CA ASP I 68 6.33 10.40 -5.71
C ASP I 68 7.27 10.90 -4.62
N VAL I 69 7.17 12.17 -4.24
CA VAL I 69 8.03 12.74 -3.20
C VAL I 69 7.70 12.16 -1.83
N LEU I 70 6.42 12.09 -1.49
CA LEU I 70 5.97 11.57 -0.20
C LEU I 70 6.45 10.13 0.01
N ARG I 71 6.36 9.27 -1.02
CA ARG I 71 6.81 7.88 -0.89
C ARG I 71 8.33 7.69 -0.98
N GLU I 72 9.10 8.76 -1.16
CA GLU I 72 10.55 8.64 -1.26
C GLU I 72 11.26 9.39 -0.13
N GLU I 73 10.90 10.66 0.11
CA GLU I 73 11.54 11.46 1.15
C GLU I 73 10.76 11.45 2.47
N GLY I 74 9.45 11.25 2.42
CA GLY I 74 8.64 11.23 3.64
C GLY I 74 7.76 12.45 3.77
N GLU I 75 6.98 12.51 4.85
CA GLU I 75 6.07 13.63 5.11
C GLU I 75 6.79 14.83 5.75
N GLU I 76 7.78 14.57 6.61
CA GLU I 76 8.50 15.65 7.28
C GLU I 76 9.52 16.37 6.37
N ALA I 77 9.96 15.70 5.29
CA ALA I 77 10.94 16.26 4.35
C ALA I 77 10.30 16.98 3.16
N VAL I 78 9.06 16.66 2.82
CA VAL I 78 8.38 17.31 1.70
C VAL I 78 8.07 18.78 2.00
N THR I 79 8.56 19.69 1.13
CA THR I 79 8.38 21.14 1.27
C THR I 79 7.83 21.74 -0.03
N LEU I 80 7.33 22.99 0.01
CA LEU I 80 6.80 23.66 -1.19
C LEU I 80 7.86 23.81 -2.28
N GLU I 81 9.14 23.90 -1.92
CA GLU I 81 10.20 24.02 -2.90
C GLU I 81 10.27 22.75 -3.77
N LYS I 82 9.94 21.59 -3.17
CA LYS I 82 9.99 20.31 -3.87
C LYS I 82 8.70 19.96 -4.66
N VAL I 83 7.49 20.31 -4.15
CA VAL I 83 6.25 19.95 -4.87
C VAL I 83 5.61 21.11 -5.65
N ARG I 84 5.87 22.36 -5.26
CA ARG I 84 5.30 23.51 -5.97
C ARG I 84 6.42 24.18 -6.76
N LYS I 85 6.35 24.14 -8.09
CA LYS I 85 7.40 24.71 -8.92
C LYS I 85 6.91 25.91 -9.74
N ILE I 86 7.80 26.91 -9.95
CA ILE I 86 7.45 28.13 -10.69
C ILE I 86 7.96 28.04 -12.14
N GLY I 87 7.05 28.11 -13.10
CA GLY I 87 7.39 28.02 -14.52
C GLY I 87 7.21 29.31 -15.29
N PHE I 88 6.70 29.20 -16.54
CA PHE I 88 6.47 30.35 -17.40
C PHE I 88 5.63 31.44 -16.72
N LYS I 89 6.14 32.67 -16.74
CA LYS I 89 5.47 33.82 -16.17
C LYS I 89 5.02 33.57 -14.73
N ASP I 90 5.96 33.09 -13.90
CA ASP I 90 5.75 32.81 -12.47
C ASP I 90 4.48 32.01 -12.17
N ILE I 91 4.11 31.04 -13.03
CA ILE I 91 2.93 30.22 -12.79
C ILE I 91 3.34 29.09 -11.84
N LEU I 92 2.63 28.96 -10.70
CA LEU I 92 2.93 27.93 -9.72
C LEU I 92 2.36 26.61 -10.24
N CYS I 93 3.11 25.51 -10.08
CA CYS I 93 2.69 24.21 -10.58
C CYS I 93 2.77 23.13 -9.50
N VAL I 94 1.72 22.31 -9.40
CA VAL I 94 1.70 21.20 -8.45
C VAL I 94 1.12 20.00 -9.17
N GLU I 95 1.69 18.81 -8.97
CA GLU I 95 1.18 17.60 -9.60
C GLU I 95 0.85 16.59 -8.51
N SER I 96 -0.40 16.14 -8.45
CA SER I 96 -0.83 15.18 -7.42
C SER I 96 -0.27 13.79 -7.67
N GLY I 97 -0.39 13.30 -8.89
CA GLY I 97 0.08 11.97 -9.23
C GLY I 97 -0.92 10.94 -8.76
N GLY I 98 -0.43 9.77 -8.36
CA GLY I 98 -1.31 8.71 -7.88
C GLY I 98 -0.57 7.42 -7.58
N PRO I 99 -1.30 6.40 -7.07
CA PRO I 99 -0.63 5.11 -6.80
C PRO I 99 -0.34 4.31 -8.08
N GLU I 100 0.50 3.28 -8.00
CA GLU I 100 0.81 2.47 -9.20
C GLU I 100 -0.45 1.71 -9.64
N PRO I 101 -0.65 1.46 -10.94
CA PRO I 101 -1.87 0.75 -11.37
C PRO I 101 -2.15 -0.56 -10.62
N GLY I 102 -3.34 -0.65 -10.06
CA GLY I 102 -3.78 -1.82 -9.31
C GLY I 102 -3.54 -1.73 -7.82
N VAL I 103 -2.57 -0.91 -7.38
CA VAL I 103 -2.26 -0.79 -5.95
C VAL I 103 -3.48 -0.35 -5.12
N GLY I 104 -4.08 0.77 -5.49
CA GLY I 104 -5.26 1.28 -4.78
C GLY I 104 -6.01 2.31 -5.58
N CYS I 105 -6.90 3.04 -4.89
CA CYS I 105 -7.73 4.09 -5.55
C CYS I 105 -6.84 5.02 -6.38
N ALA I 106 -7.16 5.17 -7.67
CA ALA I 106 -6.41 6.06 -8.55
C ALA I 106 -6.51 7.53 -8.13
N GLY I 107 -7.67 7.95 -7.64
CA GLY I 107 -7.87 9.32 -7.20
C GLY I 107 -7.25 9.65 -5.86
N ARG I 108 -6.72 8.63 -5.14
CA ARG I 108 -6.11 8.85 -3.83
C ARG I 108 -5.02 9.92 -3.81
N GLY I 109 -4.26 10.01 -4.91
CA GLY I 109 -3.19 10.99 -5.07
C GLY I 109 -3.70 12.42 -5.00
N VAL I 110 -4.94 12.64 -5.47
CA VAL I 110 -5.54 13.97 -5.47
C VAL I 110 -5.84 14.41 -4.04
N ILE I 111 -6.48 13.54 -3.24
CA ILE I 111 -6.82 13.86 -1.86
C ILE I 111 -5.58 14.15 -1.05
N THR I 112 -4.56 13.28 -1.12
CA THR I 112 -3.31 13.46 -0.39
C THR I 112 -2.64 14.79 -0.75
N ALA I 113 -2.59 15.12 -2.04
CA ALA I 113 -1.95 16.36 -2.50
C ALA I 113 -2.73 17.59 -2.03
N VAL I 114 -4.06 17.64 -2.26
CA VAL I 114 -4.83 18.80 -1.83
C VAL I 114 -4.63 18.99 -0.32
N ASP I 115 -4.99 17.99 0.48
CA ASP I 115 -4.82 18.09 1.94
C ASP I 115 -3.43 18.52 2.38
N MET I 116 -2.39 17.84 1.89
CA MET I 116 -1.02 18.17 2.27
C MET I 116 -0.62 19.55 1.75
N MET I 117 -1.30 20.04 0.72
CA MET I 117 -1.01 21.39 0.18
C MET I 117 -1.61 22.45 1.12
N ARG I 118 -2.83 22.22 1.60
CA ARG I 118 -3.48 23.18 2.48
C ARG I 118 -2.70 23.27 3.80
N GLU I 119 -2.15 22.12 4.28
CA GLU I 119 -1.34 22.04 5.49
C GLU I 119 -0.03 22.81 5.28
N LEU I 120 0.58 22.68 4.09
CA LEU I 120 1.82 23.38 3.77
C LEU I 120 1.58 24.84 3.37
N GLU I 121 0.30 25.26 3.21
CA GLU I 121 -0.04 26.63 2.81
C GLU I 121 0.51 26.92 1.42
N GLY I 122 0.23 26.02 0.47
CA GLY I 122 0.70 26.12 -0.90
C GLY I 122 -0.17 26.94 -1.83
N TYR I 123 -1.39 27.29 -1.40
CA TYR I 123 -2.29 28.09 -2.22
C TYR I 123 -2.18 29.55 -1.79
N PRO I 124 -1.38 30.41 -2.46
CA PRO I 124 -1.26 31.79 -2.00
C PRO I 124 -2.58 32.55 -1.97
N ASP I 125 -2.72 33.46 -1.00
CA ASP I 125 -3.94 34.24 -0.85
C ASP I 125 -4.06 35.26 -1.98
N ASP I 126 -2.92 35.82 -2.43
CA ASP I 126 -2.90 36.80 -3.51
C ASP I 126 -3.21 36.21 -4.89
N LEU I 127 -3.44 34.89 -5.00
CA LEU I 127 -3.76 34.26 -6.28
C LEU I 127 -4.91 34.92 -7.01
N ASP I 128 -4.83 34.96 -8.35
CA ASP I 128 -5.90 35.54 -9.17
C ASP I 128 -6.73 34.41 -9.76
N ASN I 129 -6.07 33.34 -10.24
CA ASN I 129 -6.74 32.19 -10.82
C ASN I 129 -6.07 30.90 -10.38
N LEU I 130 -6.88 29.88 -10.06
CA LEU I 130 -6.37 28.57 -9.65
C LEU I 130 -7.06 27.52 -10.51
N PHE I 131 -6.29 26.65 -11.17
CA PHE I 131 -6.85 25.61 -12.04
C PHE I 131 -6.58 24.24 -11.52
N PHE I 132 -7.54 23.32 -11.72
CA PHE I 132 -7.44 21.92 -11.31
C PHE I 132 -7.69 21.05 -12.54
N ASP I 133 -6.64 20.47 -13.12
CA ASP I 133 -6.78 19.61 -14.29
C ASP I 133 -7.15 18.23 -13.77
N VAL I 134 -8.44 17.89 -13.81
CA VAL I 134 -8.92 16.62 -13.25
C VAL I 134 -9.27 15.56 -14.31
N LEU I 135 -9.10 14.29 -13.94
CA LEU I 135 -9.44 13.15 -14.79
C LEU I 135 -10.97 13.03 -14.80
N GLY I 136 -11.57 12.92 -15.98
CA GLY I 136 -13.02 12.84 -16.11
C GLY I 136 -13.59 11.54 -16.63
N ASP I 137 -12.75 10.52 -16.78
CA ASP I 137 -13.22 9.22 -17.27
C ASP I 137 -14.12 8.55 -16.23
N VAL I 138 -13.81 8.82 -14.95
CA VAL I 138 -14.61 8.26 -13.82
C VAL I 138 -14.73 9.37 -12.77
N VAL I 139 -15.94 9.65 -12.30
CA VAL I 139 -16.20 10.73 -11.33
C VAL I 139 -16.36 10.07 -9.98
N CYS I 140 -15.26 9.87 -9.26
CA CYS I 140 -15.30 9.21 -7.96
C CYS I 140 -14.00 9.41 -7.19
N GLY I 141 -14.06 9.22 -5.88
CA GLY I 141 -12.89 9.36 -5.02
C GLY I 141 -12.26 10.73 -5.10
N GLY I 142 -10.95 10.75 -5.32
CA GLY I 142 -10.22 11.99 -5.43
C GLY I 142 -10.62 12.82 -6.63
N PHE I 143 -11.10 12.18 -7.71
CA PHE I 143 -11.52 12.92 -8.90
C PHE I 143 -12.80 13.70 -8.65
N ALA I 144 -13.63 13.22 -7.71
CA ALA I 144 -14.87 13.90 -7.38
C ALA I 144 -14.68 14.92 -6.23
N MET I 145 -13.50 14.92 -5.56
CA MET I 145 -13.23 15.85 -4.46
C MET I 145 -13.44 17.33 -4.82
N PRO I 146 -12.93 17.85 -5.94
CA PRO I 146 -13.17 19.27 -6.23
C PRO I 146 -14.66 19.64 -6.28
N LEU I 147 -15.53 18.66 -6.59
CA LEU I 147 -16.97 18.90 -6.64
C LEU I 147 -17.56 18.76 -5.22
N ARG I 148 -17.27 17.64 -4.54
CA ARG I 148 -17.78 17.36 -3.19
C ARG I 148 -17.29 18.35 -2.14
N ASP I 149 -15.98 18.59 -2.05
CA ASP I 149 -15.43 19.52 -1.06
C ASP I 149 -15.51 20.99 -1.50
N GLY I 150 -15.81 21.24 -2.77
CA GLY I 150 -15.94 22.60 -3.27
C GLY I 150 -14.62 23.34 -3.38
N LEU I 151 -13.59 22.66 -3.91
CA LEU I 151 -12.29 23.30 -4.09
C LEU I 151 -12.46 24.33 -5.21
N ALA I 152 -13.13 23.91 -6.31
CA ALA I 152 -13.40 24.79 -7.43
C ALA I 152 -14.87 25.18 -7.43
N GLN I 153 -15.18 26.40 -7.87
CA GLN I 153 -16.55 26.91 -7.93
C GLN I 153 -17.08 26.79 -9.36
N GLU I 154 -16.23 27.12 -10.33
CA GLU I 154 -16.56 27.06 -11.74
C GLU I 154 -15.94 25.82 -12.37
N ILE I 155 -16.75 25.00 -13.04
CA ILE I 155 -16.25 23.79 -13.69
C ILE I 155 -16.40 23.94 -15.20
N TYR I 156 -15.40 23.55 -15.96
CA TYR I 156 -15.45 23.61 -17.41
C TYR I 156 -15.10 22.24 -17.95
N ILE I 157 -15.93 21.72 -18.86
CA ILE I 157 -15.68 20.40 -19.43
C ILE I 157 -15.17 20.54 -20.85
N VAL I 158 -14.02 19.92 -21.13
CA VAL I 158 -13.44 19.92 -22.47
C VAL I 158 -13.99 18.69 -23.18
N THR I 159 -14.58 18.87 -24.37
CA THR I 159 -15.15 17.75 -25.13
C THR I 159 -15.12 18.04 -26.64
N SER I 160 -15.38 17.01 -27.45
CA SER I 160 -15.43 17.11 -28.91
C SER I 160 -16.73 16.44 -29.39
N GLY I 161 -16.93 16.34 -30.69
CA GLY I 161 -18.12 15.70 -31.25
C GLY I 161 -18.19 14.20 -31.04
N GLU I 162 -17.08 13.58 -30.58
CA GLU I 162 -17.04 12.13 -30.34
C GLU I 162 -18.11 11.71 -29.34
N MET I 163 -18.70 10.54 -29.55
CA MET I 163 -19.73 10.04 -28.65
C MET I 163 -19.21 9.87 -27.22
N MET I 164 -18.04 9.23 -27.07
CA MET I 164 -17.47 8.98 -25.72
C MET I 164 -17.12 10.30 -25.04
N ALA I 165 -16.64 11.29 -25.79
CA ALA I 165 -16.28 12.58 -25.21
C ALA I 165 -17.53 13.26 -24.65
N LEU I 166 -18.67 13.16 -25.39
CA LEU I 166 -19.92 13.77 -24.93
C LEU I 166 -20.54 12.94 -23.80
N TYR I 167 -20.35 11.61 -23.81
CA TYR I 167 -20.86 10.76 -22.75
C TYR I 167 -20.16 11.11 -21.44
N ALA I 168 -18.81 11.24 -21.47
CA ALA I 168 -18.03 11.59 -20.29
C ALA I 168 -18.44 12.98 -19.79
N ALA I 169 -18.66 13.93 -20.71
CA ALA I 169 -19.08 15.28 -20.34
C ALA I 169 -20.45 15.24 -19.67
N ASN I 170 -21.37 14.41 -20.17
CA ASN I 170 -22.70 14.30 -19.59
C ASN I 170 -22.62 13.70 -18.18
N ASN I 171 -21.72 12.72 -17.97
CA ASN I 171 -21.54 12.11 -16.66
C ASN I 171 -20.95 13.12 -15.68
N ILE I 172 -20.02 13.98 -16.15
CA ILE I 172 -19.42 15.00 -15.30
C ILE I 172 -20.52 15.97 -14.86
N ALA I 173 -21.44 16.33 -15.77
CA ALA I 173 -22.56 17.21 -15.47
C ALA I 173 -23.44 16.58 -14.37
N LYS I 174 -23.62 15.26 -14.39
CA LYS I 174 -24.40 14.57 -13.37
C LYS I 174 -23.72 14.71 -12.00
N GLY I 175 -22.40 14.59 -11.96
CA GLY I 175 -21.62 14.74 -10.74
C GLY I 175 -21.67 16.16 -10.22
N ILE I 176 -21.70 17.16 -11.11
CA ILE I 176 -21.77 18.56 -10.72
C ILE I 176 -23.13 18.80 -10.07
N LEU I 177 -24.21 18.31 -10.69
CA LEU I 177 -25.56 18.47 -10.17
C LEU I 177 -25.71 17.84 -8.79
N LYS I 178 -25.04 16.71 -8.54
CA LYS I 178 -25.13 16.03 -7.24
C LYS I 178 -24.58 16.91 -6.11
N TYR I 179 -23.44 17.57 -6.33
CA TYR I 179 -22.84 18.42 -5.31
C TYR I 179 -23.11 19.91 -5.49
N ALA I 180 -24.01 20.29 -6.41
CA ALA I 180 -24.29 21.70 -6.66
C ALA I 180 -24.84 22.41 -5.42
N GLU I 181 -25.83 21.80 -4.75
CA GLU I 181 -26.41 22.40 -3.55
C GLU I 181 -25.48 22.18 -2.35
N GLN I 182 -24.89 20.99 -2.26
CA GLN I 182 -24.00 20.62 -1.16
C GLN I 182 -22.78 21.53 -1.00
N SER I 183 -22.05 21.81 -2.08
CA SER I 183 -20.85 22.64 -2.00
C SER I 183 -20.85 23.90 -2.86
N GLY I 184 -21.99 24.28 -3.41
CA GLY I 184 -22.09 25.48 -4.24
C GLY I 184 -21.28 25.40 -5.53
N VAL I 185 -20.94 24.19 -5.98
CA VAL I 185 -20.18 24.01 -7.21
C VAL I 185 -21.14 24.14 -8.40
N ARG I 186 -20.74 24.83 -9.47
CA ARG I 186 -21.61 24.99 -10.65
C ARG I 186 -20.81 24.82 -11.95
N LEU I 187 -21.53 24.61 -13.07
CA LEU I 187 -20.93 24.42 -14.39
C LEU I 187 -20.83 25.76 -15.09
N GLY I 188 -19.60 26.20 -15.37
CA GLY I 188 -19.35 27.46 -16.05
C GLY I 188 -19.63 27.43 -17.53
N GLY I 189 -19.23 26.34 -18.18
CA GLY I 189 -19.44 26.19 -19.62
C GLY I 189 -18.80 24.95 -20.19
N ILE I 190 -18.85 24.82 -21.52
CA ILE I 190 -18.27 23.70 -22.23
C ILE I 190 -17.21 24.19 -23.22
N ILE I 191 -16.00 23.64 -23.14
CA ILE I 191 -14.93 24.02 -24.06
C ILE I 191 -14.89 22.94 -25.12
N CYS I 192 -14.88 23.31 -26.39
CA CYS I 192 -14.83 22.31 -27.46
C CYS I 192 -13.46 22.24 -28.10
N ASN I 193 -12.67 21.22 -27.76
CA ASN I 193 -11.36 21.05 -28.38
C ASN I 193 -11.69 20.32 -29.68
N ALA I 194 -11.97 21.09 -30.74
CA ALA I 194 -12.37 20.58 -32.04
C ALA I 194 -11.38 19.63 -32.70
N ARG I 195 -11.91 18.77 -33.56
CA ARG I 195 -11.15 17.80 -34.32
C ARG I 195 -11.29 18.05 -35.84
N ASN I 196 -11.61 19.31 -36.23
CA ASN I 196 -11.79 19.76 -37.61
C ASN I 196 -12.78 18.90 -38.39
N VAL I 197 -14.05 18.91 -37.97
CA VAL I 197 -15.12 18.14 -38.59
C VAL I 197 -16.30 19.06 -38.88
N ASP I 198 -16.93 18.91 -40.04
CA ASP I 198 -18.08 19.73 -40.42
C ASP I 198 -19.30 19.41 -39.53
N GLY I 199 -19.95 20.45 -39.03
CA GLY I 199 -21.11 20.29 -38.19
C GLY I 199 -20.80 20.09 -36.72
N GLU I 200 -19.51 20.05 -36.34
CA GLU I 200 -19.11 19.84 -34.95
C GLU I 200 -19.53 21.03 -34.09
N LYS I 201 -19.29 22.26 -34.57
CA LYS I 201 -19.66 23.48 -33.84
C LYS I 201 -21.17 23.50 -33.58
N GLU I 202 -21.97 23.16 -34.61
CA GLU I 202 -23.43 23.14 -34.51
C GLU I 202 -23.90 22.06 -33.53
N LEU I 203 -23.22 20.91 -33.51
CA LEU I 203 -23.54 19.81 -32.60
C LEU I 203 -23.32 20.28 -31.16
N MET I 204 -22.19 20.97 -30.91
CA MET I 204 -21.85 21.47 -29.58
C MET I 204 -22.85 22.52 -29.09
N ASP I 205 -23.35 23.36 -30.01
CA ASP I 205 -24.33 24.39 -29.63
C ASP I 205 -25.61 23.74 -29.11
N GLU I 206 -26.07 22.67 -29.76
CA GLU I 206 -27.28 21.97 -29.32
C GLU I 206 -27.01 21.17 -28.05
N PHE I 207 -25.81 20.58 -27.92
CA PHE I 207 -25.44 19.82 -26.73
C PHE I 207 -25.45 20.74 -25.49
N CYS I 208 -24.85 21.93 -25.61
CA CYS I 208 -24.81 22.89 -24.50
C CYS I 208 -26.22 23.41 -24.21
N ASP I 209 -27.02 23.60 -25.26
CA ASP I 209 -28.41 24.08 -25.06
C ASP I 209 -29.17 23.05 -24.21
N LYS I 210 -29.10 21.77 -24.58
CA LYS I 210 -29.81 20.71 -23.85
C LYS I 210 -29.32 20.57 -22.41
N LEU I 211 -28.03 20.89 -22.18
CA LEU I 211 -27.43 20.77 -20.82
C LEU I 211 -27.74 22.02 -20.00
N GLY I 212 -28.30 23.07 -20.63
CA GLY I 212 -28.61 24.32 -19.94
C GLY I 212 -27.38 25.16 -19.68
N THR I 213 -26.35 25.03 -20.52
CA THR I 213 -25.10 25.77 -20.38
C THR I 213 -24.70 26.40 -21.75
N LYS I 214 -23.50 27.00 -21.84
CA LYS I 214 -23.05 27.65 -23.07
C LYS I 214 -21.70 27.15 -23.54
N LEU I 215 -21.44 27.24 -24.83
CA LEU I 215 -20.17 26.83 -25.42
C LEU I 215 -19.22 28.00 -25.18
N ILE I 216 -18.45 27.96 -24.09
CA ILE I 216 -17.52 29.03 -23.74
C ILE I 216 -16.53 29.36 -24.88
N HIS I 217 -16.07 28.36 -25.65
CA HIS I 217 -15.15 28.60 -26.76
C HIS I 217 -14.98 27.36 -27.62
N TYR I 218 -14.68 27.58 -28.90
CA TYR I 218 -14.43 26.51 -29.86
C TYR I 218 -12.94 26.55 -30.18
N VAL I 219 -12.13 25.75 -29.47
CA VAL I 219 -10.69 25.73 -29.70
C VAL I 219 -10.39 24.87 -30.91
N PRO I 220 -9.82 25.44 -31.99
CA PRO I 220 -9.53 24.62 -33.18
C PRO I 220 -8.29 23.74 -33.05
N ARG I 221 -8.19 22.71 -33.91
CA ARG I 221 -7.04 21.80 -33.91
C ARG I 221 -5.92 22.45 -34.72
N ASP I 222 -4.77 22.74 -34.09
CA ASP I 222 -3.65 23.39 -34.77
C ASP I 222 -2.32 22.66 -34.53
N ASN I 223 -1.52 22.47 -35.59
CA ASN I 223 -0.22 21.79 -35.49
C ASN I 223 0.78 22.59 -34.65
N ILE I 224 0.58 23.92 -34.49
CA ILE I 224 1.50 24.73 -33.68
C ILE I 224 1.58 24.20 -32.25
N VAL I 225 0.53 23.50 -31.77
CA VAL I 225 0.53 22.94 -30.41
C VAL I 225 1.67 21.93 -30.30
N GLN I 226 1.76 21.00 -31.25
CA GLN I 226 2.83 20.01 -31.24
C GLN I 226 4.19 20.68 -31.43
N LYS I 227 4.28 21.68 -32.34
CA LYS I 227 5.54 22.38 -32.56
C LYS I 227 6.02 23.07 -31.27
N ALA I 228 5.09 23.69 -30.52
CA ALA I 228 5.40 24.31 -29.23
C ALA I 228 5.79 23.23 -28.20
N GLU I 229 5.17 22.06 -28.33
CA GLU I 229 5.48 20.93 -27.41
C GLU I 229 6.94 20.53 -27.62
N PHE I 230 7.36 20.35 -28.87
CA PHE I 230 8.73 19.90 -29.12
C PHE I 230 9.78 20.94 -28.67
N ASN I 231 9.37 22.20 -28.45
CA ASN I 231 10.29 23.22 -27.96
C ASN I 231 10.12 23.40 -26.43
N LYS I 232 9.57 22.38 -25.72
CA LYS I 232 9.34 22.40 -24.28
C LYS I 232 8.58 23.65 -23.83
N MET I 233 7.67 24.17 -24.68
CA MET I 233 6.91 25.38 -24.36
C MET I 233 5.44 25.29 -24.68
N THR I 234 4.65 26.17 -24.06
CA THR I 234 3.23 26.26 -24.36
C THR I 234 3.12 27.12 -25.63
N VAL I 235 1.94 27.14 -26.27
CA VAL I 235 1.74 27.93 -27.48
C VAL I 235 1.94 29.43 -27.17
N ILE I 236 1.48 29.89 -26.00
CA ILE I 236 1.61 31.29 -25.60
C ILE I 236 3.09 31.71 -25.51
N GLU I 237 3.90 30.88 -24.86
CA GLU I 237 5.32 31.16 -24.69
C GLU I 237 6.07 31.00 -26.01
N PHE I 238 5.67 30.05 -26.85
CA PHE I 238 6.34 29.81 -28.12
C PHE I 238 6.10 30.95 -29.13
N ASP I 239 4.84 31.27 -29.40
CA ASP I 239 4.51 32.34 -30.35
C ASP I 239 3.20 32.99 -29.92
N PRO I 240 3.24 34.05 -29.08
CA PRO I 240 1.98 34.68 -28.65
C PRO I 240 1.23 35.44 -29.75
N GLU I 241 1.82 35.52 -30.96
CA GLU I 241 1.19 36.22 -32.07
C GLU I 241 0.48 35.28 -33.05
N CYS I 242 0.66 33.94 -32.92
CA CYS I 242 0.01 33.00 -33.82
C CYS I 242 -1.50 32.94 -33.57
N ASN I 243 -2.27 32.48 -34.56
CA ASN I 243 -3.73 32.41 -34.42
C ASN I 243 -4.15 31.56 -33.23
N GLN I 244 -3.51 30.41 -33.02
CA GLN I 244 -3.87 29.53 -31.90
C GLN I 244 -3.68 30.23 -30.55
N ALA I 245 -2.64 31.05 -30.41
CA ALA I 245 -2.42 31.79 -29.15
C ALA I 245 -3.56 32.77 -28.90
N LYS I 246 -4.04 33.41 -29.96
CA LYS I 246 -5.13 34.35 -29.86
C LYS I 246 -6.43 33.62 -29.51
N GLU I 247 -6.58 32.34 -29.93
CA GLU I 247 -7.76 31.53 -29.60
C GLU I 247 -7.75 31.25 -28.08
N TYR I 248 -6.58 30.87 -27.54
CA TYR I 248 -6.46 30.60 -26.11
C TYR I 248 -6.65 31.89 -25.30
N ARG I 249 -6.22 33.04 -25.85
CA ARG I 249 -6.36 34.32 -25.16
C ARG I 249 -7.85 34.65 -25.05
N THR I 250 -8.63 34.41 -26.12
CA THR I 250 -10.08 34.67 -26.10
C THR I 250 -10.73 33.79 -25.05
N LEU I 251 -10.34 32.51 -25.02
CA LEU I 251 -10.87 31.54 -24.06
C LEU I 251 -10.57 31.99 -22.62
N ALA I 252 -9.32 32.40 -22.35
CA ALA I 252 -8.92 32.85 -21.02
C ALA I 252 -9.75 34.04 -20.57
N LYS I 253 -10.03 34.99 -21.47
CA LYS I 253 -10.82 36.17 -21.15
C LYS I 253 -12.24 35.74 -20.84
N ASN I 254 -12.81 34.84 -21.66
CA ASN I 254 -14.18 34.36 -21.47
C ASN I 254 -14.34 33.65 -20.13
N ILE I 255 -13.37 32.80 -19.74
CA ILE I 255 -13.46 32.09 -18.46
C ILE I 255 -13.35 33.08 -17.31
N ASP I 256 -12.36 33.96 -17.33
CA ASP I 256 -12.17 34.94 -16.26
C ASP I 256 -13.34 35.91 -16.14
N GLU I 257 -13.95 36.29 -17.27
CA GLU I 257 -15.10 37.21 -17.26
C GLU I 257 -16.43 36.46 -17.29
N ASN I 258 -16.47 35.17 -16.92
CA ASN I 258 -17.71 34.41 -16.94
C ASN I 258 -18.50 34.57 -15.64
N ASP I 259 -19.78 34.90 -15.79
CA ASP I 259 -20.71 35.08 -14.66
C ASP I 259 -21.93 34.15 -14.77
N GLU I 260 -22.14 33.50 -15.94
CA GLU I 260 -23.26 32.60 -16.15
C GLU I 260 -22.96 31.19 -15.63
N LEU I 261 -22.99 31.01 -14.30
CA LEU I 261 -22.75 29.72 -13.66
C LEU I 261 -24.10 29.05 -13.50
N VAL I 262 -24.24 27.79 -13.95
CA VAL I 262 -25.53 27.11 -13.90
C VAL I 262 -25.48 25.68 -13.35
N LYS I 263 -26.65 25.16 -12.96
CA LYS I 263 -26.81 23.78 -12.50
C LYS I 263 -27.20 23.07 -13.80
N PRO I 264 -26.40 22.12 -14.30
CA PRO I 264 -26.75 21.50 -15.59
C PRO I 264 -27.97 20.59 -15.55
N THR I 265 -28.51 20.28 -16.74
CA THR I 265 -29.65 19.40 -16.89
C THR I 265 -29.18 18.22 -17.76
N PRO I 266 -28.46 17.25 -17.17
CA PRO I 266 -27.95 16.13 -17.98
C PRO I 266 -29.02 15.45 -18.83
N MET I 267 -28.58 14.82 -19.92
CA MET I 267 -29.47 14.14 -20.85
C MET I 267 -29.51 12.65 -20.61
N THR I 268 -30.55 11.98 -21.10
CA THR I 268 -30.68 10.53 -20.97
C THR I 268 -29.81 9.90 -22.08
N MET I 269 -29.55 8.58 -22.01
CA MET I 269 -28.74 7.94 -23.04
C MET I 269 -29.43 8.03 -24.41
N ASP I 270 -30.76 7.88 -24.47
CA ASP I 270 -31.50 7.98 -25.71
C ASP I 270 -31.36 9.39 -26.30
N GLU I 271 -31.47 10.42 -25.46
CA GLU I 271 -31.35 11.81 -25.91
C GLU I 271 -29.96 12.07 -26.49
N LEU I 272 -28.91 11.56 -25.83
CA LEU I 272 -27.54 11.75 -26.29
C LEU I 272 -27.29 10.98 -27.57
N GLU I 273 -27.79 9.74 -27.66
CA GLU I 273 -27.63 8.91 -28.84
C GLU I 273 -28.38 9.56 -30.03
N GLU I 274 -29.57 10.09 -29.78
CA GLU I 274 -30.37 10.74 -30.82
C GLU I 274 -29.67 11.97 -31.38
N LEU I 275 -28.89 12.67 -30.54
CA LEU I 275 -28.17 13.87 -30.96
C LEU I 275 -26.96 13.53 -31.84
N VAL I 276 -26.21 12.48 -31.47
CA VAL I 276 -25.02 12.08 -32.23
C VAL I 276 -25.43 11.56 -33.62
N VAL I 277 -26.54 10.82 -33.72
CA VAL I 277 -27.00 10.29 -35.02
C VAL I 277 -27.52 11.45 -35.89
N LYS I 278 -28.19 12.43 -35.27
CA LYS I 278 -28.74 13.59 -35.98
C LYS I 278 -27.66 14.38 -36.73
N TYR I 279 -26.41 14.39 -36.22
CA TYR I 279 -25.32 15.12 -36.87
C TYR I 279 -24.31 14.17 -37.53
N ALA J 7 -17.28 -21.88 -13.23
CA ALA J 7 -17.18 -22.49 -14.56
C ALA J 7 -15.78 -23.08 -14.80
N PRO J 8 -15.47 -24.26 -14.23
CA PRO J 8 -14.12 -24.83 -14.42
C PRO J 8 -13.75 -25.21 -15.84
N ASP J 9 -14.69 -25.78 -16.60
CA ASP J 9 -14.41 -26.19 -17.99
C ASP J 9 -14.55 -25.04 -19.00
N ALA J 10 -14.74 -23.79 -18.53
CA ALA J 10 -14.90 -22.64 -19.42
C ALA J 10 -13.63 -21.81 -19.50
N LYS J 11 -13.47 -21.12 -20.64
CA LYS J 11 -12.31 -20.23 -20.84
C LYS J 11 -12.70 -18.84 -20.32
N LYS J 12 -12.20 -18.47 -19.15
CA LYS J 12 -12.54 -17.19 -18.52
C LYS J 12 -11.63 -16.09 -19.05
N VAL J 13 -12.24 -15.15 -19.77
CA VAL J 13 -11.48 -14.01 -20.37
C VAL J 13 -12.02 -12.69 -19.86
N ALA J 14 -11.18 -11.66 -19.87
CA ALA J 14 -11.59 -10.31 -19.50
C ALA J 14 -11.04 -9.33 -20.51
N ILE J 15 -11.90 -8.48 -21.07
CA ILE J 15 -11.51 -7.50 -22.07
C ILE J 15 -11.36 -6.12 -21.40
N TYR J 16 -10.14 -5.57 -21.45
CA TYR J 16 -9.84 -4.27 -20.87
C TYR J 16 -9.49 -3.27 -21.98
N GLY J 17 -9.55 -1.99 -21.67
CA GLY J 17 -9.22 -0.96 -22.64
C GLY J 17 -9.78 0.41 -22.30
N LYS J 18 -9.32 1.40 -23.06
CA LYS J 18 -9.75 2.80 -22.83
C LYS J 18 -11.25 2.92 -23.13
N GLY J 19 -11.88 3.93 -22.55
CA GLY J 19 -13.30 4.17 -22.78
C GLY J 19 -13.60 4.51 -24.21
N GLY J 20 -14.60 3.85 -24.79
CA GLY J 20 -15.00 4.06 -26.17
C GLY J 20 -14.05 3.52 -27.20
N ILE J 21 -13.13 2.63 -26.80
CA ILE J 21 -12.17 2.06 -27.73
C ILE J 21 -12.78 0.87 -28.51
N GLY J 22 -13.91 0.33 -28.06
CA GLY J 22 -14.58 -0.77 -28.74
C GLY J 22 -14.56 -2.08 -27.98
N LYS J 23 -14.49 -2.03 -26.65
CA LYS J 23 -14.50 -3.27 -25.82
C LYS J 23 -15.87 -3.94 -25.91
N SER J 24 -16.96 -3.18 -25.75
CA SER J 24 -18.31 -3.73 -25.79
C SER J 24 -18.64 -4.29 -27.17
N THR J 25 -18.21 -3.61 -28.23
CA THR J 25 -18.45 -4.08 -29.59
C THR J 25 -17.64 -5.34 -29.87
N THR J 26 -16.35 -5.35 -29.55
CA THR J 26 -15.50 -6.51 -29.76
C THR J 26 -15.99 -7.71 -28.95
N THR J 27 -16.27 -7.52 -27.65
CA THR J 27 -16.71 -8.60 -26.78
C THR J 27 -18.04 -9.22 -27.25
N GLN J 28 -19.04 -8.38 -27.56
CA GLN J 28 -20.34 -8.89 -28.00
C GLN J 28 -20.22 -9.67 -29.31
N ASN J 29 -19.51 -9.11 -30.31
CA ASN J 29 -19.35 -9.80 -31.59
C ASN J 29 -18.49 -11.05 -31.47
N THR J 30 -17.53 -11.08 -30.53
CA THR J 30 -16.68 -12.25 -30.32
C THR J 30 -17.52 -13.36 -29.70
N ALA J 31 -18.32 -13.02 -28.69
CA ALA J 31 -19.21 -14.00 -28.04
C ALA J 31 -20.25 -14.50 -29.03
N ALA J 32 -20.78 -13.61 -29.90
CA ALA J 32 -21.77 -13.98 -30.90
C ALA J 32 -21.17 -14.95 -31.92
N ALA J 33 -19.91 -14.74 -32.31
CA ALA J 33 -19.24 -15.61 -33.26
C ALA J 33 -19.02 -16.99 -32.64
N LEU J 34 -18.64 -17.05 -31.36
CA LEU J 34 -18.40 -18.33 -30.68
C LEU J 34 -19.69 -19.10 -30.52
N ALA J 35 -20.80 -18.43 -30.22
CA ALA J 35 -22.09 -19.09 -30.04
C ALA J 35 -22.72 -19.50 -31.38
N TYR J 36 -22.60 -18.65 -32.41
CA TYR J 36 -23.20 -18.93 -33.72
C TYR J 36 -22.35 -19.87 -34.60
N PHE J 37 -21.09 -19.50 -34.88
CA PHE J 37 -20.23 -20.32 -35.74
C PHE J 37 -19.69 -21.59 -35.06
N PHE J 38 -19.32 -21.51 -33.79
CA PHE J 38 -18.72 -22.66 -33.09
C PHE J 38 -19.62 -23.32 -32.04
N ASP J 39 -20.90 -22.93 -31.98
CA ASP J 39 -21.87 -23.53 -31.05
C ASP J 39 -21.39 -23.62 -29.59
N LYS J 40 -20.83 -22.52 -29.07
CA LYS J 40 -20.34 -22.48 -27.70
C LYS J 40 -21.35 -21.78 -26.77
N LYS J 41 -21.44 -22.24 -25.51
CA LYS J 41 -22.30 -21.61 -24.52
C LYS J 41 -21.49 -20.46 -23.93
N VAL J 42 -21.85 -19.23 -24.26
CA VAL J 42 -21.09 -18.05 -23.80
C VAL J 42 -21.92 -17.19 -22.85
N MET J 43 -21.23 -16.44 -21.98
CA MET J 43 -21.85 -15.53 -21.02
C MET J 43 -21.02 -14.26 -20.96
N ILE J 44 -21.68 -13.10 -20.89
CA ILE J 44 -21.00 -11.81 -20.80
C ILE J 44 -21.36 -11.12 -19.50
N HIS J 45 -20.36 -10.64 -18.76
CA HIS J 45 -20.57 -9.91 -17.51
C HIS J 45 -20.00 -8.52 -17.70
N GLY J 46 -20.87 -7.55 -17.92
CA GLY J 46 -20.48 -6.16 -18.12
C GLY J 46 -19.96 -5.52 -16.86
N CYS J 47 -18.67 -5.19 -16.81
CA CYS J 47 -18.05 -4.55 -15.66
C CYS J 47 -17.65 -3.12 -16.02
N ASP J 48 -18.53 -2.42 -16.75
CA ASP J 48 -18.29 -1.04 -17.19
C ASP J 48 -19.48 -0.21 -16.70
N PRO J 49 -19.26 0.93 -16.01
CA PRO J 49 -20.40 1.73 -15.54
C PRO J 49 -21.30 2.28 -16.63
N LYS J 50 -20.91 2.17 -17.91
CA LYS J 50 -21.75 2.66 -19.00
C LYS J 50 -23.04 1.84 -19.11
N ALA J 51 -23.00 0.55 -18.71
CA ALA J 51 -24.15 -0.36 -18.69
C ALA J 51 -24.75 -0.68 -20.08
N ASP J 52 -23.91 -0.80 -21.10
CA ASP J 52 -24.37 -1.12 -22.45
C ASP J 52 -23.50 -2.22 -23.08
N SER J 53 -22.80 -3.02 -22.26
CA SER J 53 -21.92 -4.08 -22.74
C SER J 53 -22.69 -5.28 -23.29
N THR J 54 -23.98 -5.41 -22.97
CA THR J 54 -24.82 -6.51 -23.43
C THR J 54 -26.06 -5.99 -24.19
N ARG J 55 -26.01 -4.76 -24.69
CA ARG J 55 -27.12 -4.13 -25.39
C ARG J 55 -27.49 -4.82 -26.72
N MET J 56 -26.51 -5.06 -27.60
CA MET J 56 -26.77 -5.67 -28.90
C MET J 56 -27.04 -7.17 -28.85
N ILE J 57 -26.63 -7.85 -27.78
CA ILE J 57 -26.98 -9.29 -27.61
C ILE J 57 -28.47 -9.36 -27.26
N LEU J 58 -28.89 -8.51 -26.33
CA LEU J 58 -30.29 -8.49 -25.88
C LEU J 58 -31.19 -7.65 -26.81
N HIS J 59 -30.69 -7.34 -28.02
CA HIS J 59 -31.41 -6.60 -29.06
C HIS J 59 -31.81 -5.13 -28.87
N GLY J 60 -30.81 -4.29 -28.56
CA GLY J 60 -30.97 -2.86 -28.36
C GLY J 60 -31.65 -2.58 -27.04
N LYS J 61 -31.66 -3.55 -26.12
CA LYS J 61 -32.29 -3.39 -24.82
C LYS J 61 -31.24 -3.19 -23.74
N PRO J 62 -30.87 -1.95 -23.35
CA PRO J 62 -29.87 -1.79 -22.27
C PRO J 62 -30.36 -2.50 -21.00
N GLN J 63 -29.66 -3.58 -20.62
CA GLN J 63 -30.02 -4.42 -19.48
C GLN J 63 -30.04 -3.69 -18.14
N ASP J 64 -30.99 -4.07 -17.25
CA ASP J 64 -31.08 -3.50 -15.91
C ASP J 64 -29.85 -3.99 -15.17
N THR J 65 -29.07 -3.08 -14.59
CA THR J 65 -27.84 -3.47 -13.90
C THR J 65 -28.14 -4.05 -12.52
N VAL J 66 -27.17 -4.77 -11.94
CA VAL J 66 -27.31 -5.35 -10.61
C VAL J 66 -27.48 -4.22 -9.59
N MET J 67 -26.70 -3.15 -9.73
CA MET J 67 -26.79 -2.01 -8.82
C MET J 67 -28.16 -1.35 -8.91
N ASP J 68 -28.72 -1.23 -10.12
CA ASP J 68 -30.03 -0.61 -10.30
C ASP J 68 -31.11 -1.42 -9.59
N VAL J 69 -31.07 -2.75 -9.71
CA VAL J 69 -32.06 -3.62 -9.07
C VAL J 69 -31.87 -3.58 -7.55
N LEU J 70 -30.61 -3.58 -7.07
CA LEU J 70 -30.32 -3.55 -5.65
C LEU J 70 -30.83 -2.29 -4.93
N ARG J 71 -30.57 -1.10 -5.48
CA ARG J 71 -31.00 0.15 -4.86
C ARG J 71 -32.52 0.35 -4.78
N GLU J 72 -33.26 -0.02 -5.83
CA GLU J 72 -34.72 0.17 -5.84
C GLU J 72 -35.50 -1.00 -5.22
N GLU J 73 -34.92 -2.21 -5.14
CA GLU J 73 -35.62 -3.35 -4.55
C GLU J 73 -34.97 -3.85 -3.25
N GLY J 74 -33.66 -4.12 -3.30
CA GLY J 74 -32.94 -4.56 -2.09
C GLY J 74 -32.20 -5.87 -2.34
N GLU J 75 -31.22 -6.17 -1.49
CA GLU J 75 -30.47 -7.45 -1.62
C GLU J 75 -31.46 -8.58 -1.88
N GLU J 76 -32.23 -8.97 -0.85
CA GLU J 76 -33.15 -10.09 -1.01
C GLU J 76 -33.85 -10.24 -2.37
N ALA J 77 -34.43 -9.14 -2.89
CA ALA J 77 -35.14 -9.14 -4.17
C ALA J 77 -34.22 -9.41 -5.37
N VAL J 78 -32.91 -9.22 -5.19
CA VAL J 78 -31.94 -9.50 -6.29
C VAL J 78 -31.99 -11.00 -6.61
N THR J 79 -32.65 -11.38 -7.70
CA THR J 79 -32.74 -12.79 -8.09
C THR J 79 -32.09 -13.01 -9.45
N LEU J 80 -31.76 -14.27 -9.77
CA LEU J 80 -31.14 -14.61 -11.05
C LEU J 80 -32.00 -14.20 -12.23
N GLU J 81 -33.33 -14.35 -12.11
CA GLU J 81 -34.24 -13.99 -13.19
C GLU J 81 -34.15 -12.51 -13.52
N LYS J 82 -34.03 -11.67 -12.50
CA LYS J 82 -33.97 -10.23 -12.68
C LYS J 82 -32.62 -9.70 -13.17
N VAL J 83 -31.50 -10.36 -12.83
CA VAL J 83 -30.18 -9.87 -13.24
C VAL J 83 -29.58 -10.60 -14.47
N ARG J 84 -29.80 -11.91 -14.60
CA ARG J 84 -29.26 -12.66 -15.73
C ARG J 84 -30.32 -12.84 -16.80
N LYS J 85 -30.05 -12.36 -18.04
CA LYS J 85 -31.01 -12.47 -19.14
C LYS J 85 -30.37 -13.15 -20.35
N ILE J 86 -31.17 -13.88 -21.12
CA ILE J 86 -30.68 -14.59 -22.31
C ILE J 86 -30.91 -13.74 -23.57
N GLY J 87 -29.95 -13.79 -24.48
CA GLY J 87 -30.00 -13.05 -25.74
C GLY J 87 -29.74 -13.91 -26.96
N PHE J 88 -29.21 -13.29 -28.03
CA PHE J 88 -28.90 -13.97 -29.29
C PHE J 88 -28.09 -15.25 -29.07
N LYS J 89 -28.55 -16.37 -29.67
CA LYS J 89 -27.91 -17.67 -29.54
C LYS J 89 -27.63 -18.07 -28.09
N ASP J 90 -28.67 -17.99 -27.25
CA ASP J 90 -28.67 -18.36 -25.83
C ASP J 90 -27.47 -17.84 -25.05
N ILE J 91 -27.01 -16.63 -25.35
CA ILE J 91 -25.89 -16.03 -24.64
C ILE J 91 -26.43 -15.39 -23.37
N LEU J 92 -25.86 -15.77 -22.22
CA LEU J 92 -26.29 -15.22 -20.93
C LEU J 92 -25.67 -13.83 -20.76
N CYS J 93 -26.43 -12.88 -20.23
CA CYS J 93 -25.97 -11.51 -20.05
C CYS J 93 -26.21 -11.00 -18.65
N VAL J 94 -25.20 -10.30 -18.08
CA VAL J 94 -25.28 -9.69 -16.75
C VAL J 94 -24.59 -8.34 -16.82
N GLU J 95 -25.15 -7.31 -16.17
CA GLU J 95 -24.54 -5.98 -16.16
C GLU J 95 -24.34 -5.53 -14.73
N SER J 96 -23.10 -5.22 -14.34
CA SER J 96 -22.80 -4.79 -12.98
C SER J 96 -23.32 -3.38 -12.69
N GLY J 97 -23.04 -2.44 -13.59
CA GLY J 97 -23.44 -1.05 -13.39
C GLY J 97 -22.50 -0.37 -12.42
N GLY J 98 -23.02 0.57 -11.65
CA GLY J 98 -22.21 1.29 -10.68
C GLY J 98 -22.96 2.37 -9.94
N PRO J 99 -22.31 3.07 -8.99
CA PRO J 99 -23.02 4.11 -8.25
C PRO J 99 -23.30 5.36 -9.07
N GLU J 100 -24.06 6.29 -8.47
CA GLU J 100 -24.41 7.55 -9.13
C GLU J 100 -23.11 8.37 -9.27
N PRO J 101 -22.81 8.99 -10.43
CA PRO J 101 -21.54 9.73 -10.56
C PRO J 101 -21.21 10.67 -9.41
N GLY J 102 -20.03 10.47 -8.83
CA GLY J 102 -19.54 11.28 -7.73
C GLY J 102 -19.84 10.74 -6.35
N VAL J 103 -20.90 9.92 -6.22
CA VAL J 103 -21.29 9.38 -4.91
C VAL J 103 -20.16 8.58 -4.24
N GLY J 104 -19.64 7.57 -4.94
CA GLY J 104 -18.57 6.75 -4.39
C GLY J 104 -17.79 6.01 -5.45
N CYS J 105 -17.03 5.02 -4.99
CA CYS J 105 -16.19 4.23 -5.92
C CYS J 105 -16.97 3.81 -7.17
N ALA J 106 -16.42 4.11 -8.34
CA ALA J 106 -17.06 3.68 -9.58
C ALA J 106 -17.06 2.17 -9.77
N GLY J 107 -16.02 1.51 -9.29
CA GLY J 107 -15.88 0.06 -9.40
C GLY J 107 -16.72 -0.74 -8.43
N ARG J 108 -17.43 -0.05 -7.51
CA ARG J 108 -18.30 -0.66 -6.50
C ARG J 108 -19.30 -1.62 -7.14
N GLY J 109 -19.83 -1.26 -8.31
CA GLY J 109 -20.80 -2.07 -9.03
C GLY J 109 -20.29 -3.42 -9.46
N VAL J 110 -18.98 -3.53 -9.72
CA VAL J 110 -18.39 -4.78 -10.17
C VAL J 110 -18.26 -5.79 -9.02
N ILE J 111 -17.69 -5.35 -7.87
CA ILE J 111 -17.51 -6.26 -6.73
C ILE J 111 -18.83 -6.81 -6.18
N THR J 112 -19.89 -5.97 -6.09
CA THR J 112 -21.17 -6.44 -5.58
C THR J 112 -21.82 -7.38 -6.58
N ALA J 113 -21.72 -7.10 -7.90
CA ALA J 113 -22.32 -7.98 -8.91
C ALA J 113 -21.61 -9.33 -8.99
N VAL J 114 -20.28 -9.35 -8.89
CA VAL J 114 -19.54 -10.62 -8.96
C VAL J 114 -19.82 -11.44 -7.70
N ASP J 115 -19.76 -10.81 -6.51
CA ASP J 115 -20.04 -11.53 -5.27
C ASP J 115 -21.47 -12.05 -5.24
N MET J 116 -22.44 -11.24 -5.66
CA MET J 116 -23.84 -11.71 -5.68
C MET J 116 -24.02 -12.79 -6.75
N MET J 117 -23.23 -12.71 -7.84
CA MET J 117 -23.32 -13.71 -8.93
C MET J 117 -22.75 -15.05 -8.43
N ARG J 118 -21.72 -15.00 -7.58
CA ARG J 118 -21.16 -16.23 -7.02
C ARG J 118 -22.12 -16.81 -5.99
N GLU J 119 -22.69 -15.95 -5.12
CA GLU J 119 -23.62 -16.41 -4.10
C GLU J 119 -24.92 -16.93 -4.71
N LEU J 120 -25.39 -16.36 -5.83
CA LEU J 120 -26.61 -16.84 -6.50
C LEU J 120 -26.31 -17.97 -7.51
N GLU J 121 -25.03 -18.32 -7.74
CA GLU J 121 -24.64 -19.35 -8.69
C GLU J 121 -25.16 -19.02 -10.10
N GLY J 122 -24.79 -17.83 -10.59
CA GLY J 122 -25.17 -17.36 -11.91
C GLY J 122 -24.20 -17.75 -13.02
N TYR J 123 -23.05 -18.33 -12.68
CA TYR J 123 -22.08 -18.77 -13.67
C TYR J 123 -22.25 -20.27 -13.87
N PRO J 124 -22.99 -20.72 -14.91
CA PRO J 124 -23.18 -22.17 -15.08
C PRO J 124 -21.88 -22.95 -15.22
N ASP J 125 -21.87 -24.18 -14.71
CA ASP J 125 -20.70 -25.05 -14.78
C ASP J 125 -20.46 -25.51 -16.21
N ASP J 126 -21.54 -25.75 -16.97
CA ASP J 126 -21.45 -26.19 -18.37
C ASP J 126 -20.93 -25.11 -19.35
N LEU J 127 -20.69 -23.88 -18.88
CA LEU J 127 -20.18 -22.82 -19.74
C LEU J 127 -18.96 -23.20 -20.57
N ASP J 128 -18.83 -22.59 -21.76
CA ASP J 128 -17.68 -22.84 -22.63
C ASP J 128 -16.74 -21.62 -22.58
N ASN J 129 -17.33 -20.40 -22.63
CA ASN J 129 -16.56 -19.16 -22.59
C ASN J 129 -17.28 -18.14 -21.71
N LEU J 130 -16.52 -17.39 -20.90
CA LEU J 130 -17.08 -16.36 -20.03
C LEU J 130 -16.27 -15.09 -20.28
N PHE J 131 -16.95 -13.98 -20.59
CA PHE J 131 -16.28 -12.72 -20.87
C PHE J 131 -16.62 -11.67 -19.82
N PHE J 132 -15.64 -10.80 -19.51
CA PHE J 132 -15.80 -9.70 -18.56
C PHE J 132 -15.39 -8.41 -19.27
N ASP J 133 -16.36 -7.58 -19.67
CA ASP J 133 -16.07 -6.32 -20.34
C ASP J 133 -15.75 -5.31 -19.24
N VAL J 134 -14.46 -5.08 -18.95
CA VAL J 134 -14.06 -4.19 -17.85
C VAL J 134 -13.54 -2.81 -18.30
N LEU J 135 -13.81 -1.77 -17.48
CA LEU J 135 -13.36 -0.40 -17.73
C LEU J 135 -11.86 -0.36 -17.50
N GLY J 136 -11.11 0.20 -18.45
CA GLY J 136 -9.66 0.25 -18.35
C GLY J 136 -9.04 1.63 -18.20
N ASP J 137 -9.86 2.67 -18.01
CA ASP J 137 -9.32 4.03 -17.84
C ASP J 137 -8.55 4.14 -16.51
N VAL J 138 -8.99 3.38 -15.49
CA VAL J 138 -8.35 3.32 -14.17
C VAL J 138 -8.33 1.85 -13.75
N VAL J 139 -7.18 1.40 -13.23
CA VAL J 139 -7.05 -0.01 -12.77
C VAL J 139 -7.11 -0.03 -11.25
N CYS J 140 -8.31 -0.02 -10.68
CA CYS J 140 -8.42 0.05 -9.21
C CYS J 140 -9.82 -0.36 -8.76
N GLY J 141 -9.95 -0.80 -7.51
CA GLY J 141 -11.23 -1.19 -6.95
C GLY J 141 -11.88 -2.34 -7.70
N GLY J 142 -13.14 -2.16 -8.06
CA GLY J 142 -13.91 -3.16 -8.78
C GLY J 142 -13.36 -3.47 -10.16
N PHE J 143 -12.69 -2.51 -10.78
CA PHE J 143 -12.11 -2.71 -12.10
C PHE J 143 -10.85 -3.56 -12.05
N ALA J 144 -10.17 -3.62 -10.90
CA ALA J 144 -8.98 -4.45 -10.73
C ALA J 144 -9.31 -5.86 -10.16
N MET J 145 -10.55 -6.08 -9.69
CA MET J 145 -10.95 -7.37 -9.11
C MET J 145 -10.68 -8.57 -10.04
N PRO J 146 -11.05 -8.56 -11.34
CA PRO J 146 -10.75 -9.75 -12.17
C PRO J 146 -9.28 -10.12 -12.20
N LEU J 147 -8.39 -9.16 -11.96
CA LEU J 147 -6.96 -9.42 -11.94
C LEU J 147 -6.53 -9.91 -10.55
N ARG J 148 -6.93 -9.18 -9.50
CA ARG J 148 -6.57 -9.52 -8.12
C ARG J 148 -7.16 -10.86 -7.65
N ASP J 149 -8.47 -11.07 -7.82
CA ASP J 149 -9.12 -12.32 -7.40
C ASP J 149 -8.97 -13.46 -8.42
N GLY J 150 -8.53 -13.15 -9.63
CA GLY J 150 -8.35 -14.16 -10.68
C GLY J 150 -9.64 -14.72 -11.25
N LEU J 151 -10.60 -13.84 -11.57
CA LEU J 151 -11.87 -14.29 -12.15
C LEU J 151 -11.57 -14.78 -13.57
N ALA J 152 -10.73 -14.06 -14.31
CA ALA J 152 -10.35 -14.42 -15.67
C ALA J 152 -8.86 -14.65 -15.72
N GLN J 153 -8.42 -15.74 -16.36
CA GLN J 153 -7.00 -16.05 -16.47
C GLN J 153 -6.39 -15.40 -17.71
N GLU J 154 -7.14 -15.35 -18.83
CA GLU J 154 -6.61 -14.65 -20.05
C GLU J 154 -7.19 -13.23 -20.12
N ILE J 155 -6.32 -12.24 -20.30
CA ILE J 155 -6.73 -10.85 -20.43
C ILE J 155 -6.37 -10.37 -21.82
N TYR J 156 -7.27 -9.64 -22.47
CA TYR J 156 -7.04 -9.12 -23.81
C TYR J 156 -7.31 -7.62 -23.76
N ILE J 157 -6.39 -6.81 -24.27
CA ILE J 157 -6.55 -5.36 -24.23
C ILE J 157 -6.90 -4.83 -25.61
N VAL J 158 -8.00 -4.09 -25.74
CA VAL J 158 -8.41 -3.50 -27.01
C VAL J 158 -7.78 -2.11 -27.05
N THR J 159 -7.04 -1.79 -28.12
CA THR J 159 -6.38 -0.49 -28.25
C THR J 159 -6.22 -0.10 -29.72
N SER J 160 -5.88 1.17 -29.98
CA SER J 160 -5.65 1.69 -31.32
C SER J 160 -4.30 2.47 -31.30
N GLY J 161 -3.95 3.12 -32.40
CA GLY J 161 -2.71 3.89 -32.46
C GLY J 161 -2.70 5.15 -31.61
N GLU J 162 -3.88 5.53 -31.07
CA GLU J 162 -4.03 6.72 -30.23
C GLU J 162 -3.10 6.65 -29.02
N MET J 163 -2.44 7.78 -28.66
CA MET J 163 -1.54 7.81 -27.52
C MET J 163 -2.25 7.37 -26.25
N MET J 164 -3.42 7.96 -25.99
CA MET J 164 -4.18 7.64 -24.78
C MET J 164 -4.59 6.18 -24.74
N ALA J 165 -4.95 5.59 -25.89
CA ALA J 165 -5.35 4.17 -25.96
C ALA J 165 -4.16 3.28 -25.60
N LEU J 166 -2.96 3.63 -26.06
CA LEU J 166 -1.78 2.85 -25.76
C LEU J 166 -1.33 3.08 -24.31
N TYR J 167 -1.53 4.29 -23.77
CA TYR J 167 -1.18 4.59 -22.38
C TYR J 167 -2.03 3.73 -21.46
N ALA J 168 -3.34 3.68 -21.72
CA ALA J 168 -4.26 2.87 -20.92
C ALA J 168 -3.89 1.39 -21.01
N ALA J 169 -3.55 0.93 -22.22
CA ALA J 169 -3.15 -0.46 -22.42
C ALA J 169 -1.87 -0.78 -21.64
N ASN J 170 -0.92 0.14 -21.61
CA ASN J 170 0.33 -0.05 -20.88
C ASN J 170 0.06 -0.11 -19.38
N ASN J 171 -0.87 0.73 -18.88
CA ASN J 171 -1.21 0.72 -17.46
C ASN J 171 -1.91 -0.60 -17.10
N ILE J 172 -2.76 -1.10 -18.00
CA ILE J 172 -3.44 -2.42 -17.74
C ILE J 172 -2.35 -3.49 -17.62
N ALA J 173 -1.37 -3.48 -18.51
CA ALA J 173 -0.28 -4.45 -18.48
C ALA J 173 0.44 -4.40 -17.12
N LYS J 174 0.60 -3.19 -16.54
CA LYS J 174 1.25 -3.03 -15.24
C LYS J 174 0.41 -3.73 -14.16
N GLY J 175 -0.91 -3.58 -14.24
CA GLY J 175 -1.84 -4.21 -13.30
C GLY J 175 -1.83 -5.72 -13.42
N ILE J 176 -1.67 -6.23 -14.66
CA ILE J 176 -1.64 -7.67 -14.91
C ILE J 176 -0.38 -8.23 -14.26
N LEU J 177 0.76 -7.57 -14.48
CA LEU J 177 2.06 -8.00 -13.92
C LEU J 177 2.03 -8.02 -12.39
N LYS J 178 1.37 -7.05 -11.76
CA LYS J 178 1.29 -6.99 -10.30
C LYS J 178 0.62 -8.23 -9.70
N TYR J 179 -0.47 -8.73 -10.30
CA TYR J 179 -1.19 -9.90 -9.81
C TYR J 179 -0.92 -11.18 -10.60
N ALA J 180 0.07 -11.18 -11.50
CA ALA J 180 0.38 -12.36 -12.31
C ALA J 180 0.76 -13.55 -11.43
N GLU J 181 1.66 -13.35 -10.46
CA GLU J 181 2.09 -14.43 -9.57
C GLU J 181 1.02 -14.71 -8.51
N GLN J 182 0.39 -13.64 -7.98
CA GLN J 182 -0.63 -13.73 -6.93
C GLN J 182 -1.87 -14.53 -7.33
N SER J 183 -2.45 -14.27 -8.52
CA SER J 183 -3.66 -14.98 -8.94
C SER J 183 -3.53 -15.75 -10.26
N GLY J 184 -2.30 -15.95 -10.76
CA GLY J 184 -2.09 -16.69 -11.99
C GLY J 184 -2.73 -16.06 -13.22
N VAL J 185 -2.99 -14.75 -13.17
CA VAL J 185 -3.60 -14.07 -14.31
C VAL J 185 -2.50 -13.70 -15.31
N ARG J 186 -2.79 -13.81 -16.61
CA ARG J 186 -1.81 -13.51 -17.65
C ARG J 186 -2.43 -12.74 -18.82
N LEU J 187 -1.56 -12.11 -19.62
CA LEU J 187 -1.98 -11.34 -20.80
C LEU J 187 -1.99 -12.26 -22.01
N GLY J 188 -3.18 -12.47 -22.59
CA GLY J 188 -3.34 -13.31 -23.76
C GLY J 188 -2.86 -12.68 -25.04
N GLY J 189 -3.18 -11.40 -25.22
CA GLY J 189 -2.77 -10.66 -26.41
C GLY J 189 -3.35 -9.27 -26.48
N ILE J 190 -3.12 -8.58 -27.59
CA ILE J 190 -3.61 -7.23 -27.80
C ILE J 190 -4.50 -7.21 -29.03
N ILE J 191 -5.72 -6.70 -28.89
CA ILE J 191 -6.64 -6.60 -30.02
C ILE J 191 -6.56 -5.15 -30.50
N CYS J 192 -6.43 -4.94 -31.80
CA CYS J 192 -6.35 -3.58 -32.33
C CYS J 192 -7.63 -3.19 -33.04
N ASN J 193 -8.49 -2.38 -32.39
CA ASN J 193 -9.70 -1.90 -33.03
C ASN J 193 -9.23 -0.71 -33.84
N ALA J 194 -8.79 -0.97 -35.08
CA ALA J 194 -8.25 0.04 -35.97
C ALA J 194 -9.16 1.22 -36.24
N ARG J 195 -8.55 2.37 -36.55
CA ARG J 195 -9.24 3.62 -36.87
C ARG J 195 -8.97 4.03 -38.34
N ASN J 196 -8.55 3.06 -39.20
CA ASN J 196 -8.25 3.28 -40.60
C ASN J 196 -7.20 4.33 -41.01
N VAL J 197 -5.99 4.22 -40.45
CA VAL J 197 -4.88 5.12 -40.77
C VAL J 197 -3.60 4.34 -41.14
N ASP J 198 -2.79 4.89 -42.05
CA ASP J 198 -1.58 4.20 -42.50
C ASP J 198 -0.49 4.17 -41.42
N GLY J 199 0.12 3.00 -41.24
CA GLY J 199 1.17 2.77 -40.26
C GLY J 199 0.68 2.32 -38.90
N GLU J 200 -0.65 2.18 -38.71
CA GLU J 200 -1.21 1.75 -37.43
C GLU J 200 -0.86 0.29 -37.13
N LYS J 201 -1.00 -0.62 -38.10
CA LYS J 201 -0.68 -2.03 -37.86
C LYS J 201 0.81 -2.19 -37.53
N GLU J 202 1.68 -1.41 -38.20
CA GLU J 202 3.11 -1.47 -37.91
C GLU J 202 3.40 -0.97 -36.50
N LEU J 203 2.70 0.07 -36.06
CA LEU J 203 2.87 0.63 -34.72
C LEU J 203 2.46 -0.41 -33.68
N MET J 204 1.34 -1.11 -33.91
CA MET J 204 0.86 -2.14 -32.98
C MET J 204 1.80 -3.32 -32.89
N ASP J 205 2.44 -3.69 -34.01
CA ASP J 205 3.38 -4.81 -34.01
C ASP J 205 4.56 -4.49 -33.11
N GLU J 206 5.09 -3.26 -33.16
CA GLU J 206 6.23 -2.86 -32.32
C GLU J 206 5.78 -2.69 -30.86
N PHE J 207 4.56 -2.18 -30.64
CA PHE J 207 4.04 -2.00 -29.29
C PHE J 207 3.91 -3.37 -28.58
N CYS J 208 3.33 -4.35 -29.26
CA CYS J 208 3.16 -5.70 -28.70
C CYS J 208 4.53 -6.36 -28.51
N ASP J 209 5.45 -6.12 -29.45
CA ASP J 209 6.82 -6.68 -29.34
C ASP J 209 7.46 -6.17 -28.05
N LYS J 210 7.38 -4.86 -27.80
CA LYS J 210 7.98 -4.23 -26.62
C LYS J 210 7.32 -4.74 -25.33
N LEU J 211 6.03 -5.08 -25.41
CA LEU J 211 5.28 -5.55 -24.21
C LEU J 211 5.53 -7.04 -23.97
N GLY J 212 6.12 -7.74 -24.94
CA GLY J 212 6.35 -9.18 -24.83
C GLY J 212 5.11 -9.99 -25.09
N THR J 213 4.20 -9.47 -25.93
CA THR J 213 2.96 -10.17 -26.27
C THR J 213 2.74 -10.17 -27.80
N LYS J 214 1.57 -10.64 -28.28
CA LYS J 214 1.28 -10.69 -29.71
C LYS J 214 -0.01 -9.97 -30.07
N LEU J 215 -0.09 -9.47 -31.31
CA LEU J 215 -1.28 -8.79 -31.80
C LEU J 215 -2.25 -9.91 -32.20
N ILE J 216 -3.16 -10.30 -31.30
CA ILE J 216 -4.11 -11.38 -31.55
C ILE J 216 -4.93 -11.16 -32.84
N HIS J 217 -5.29 -9.90 -33.15
CA HIS J 217 -6.06 -9.59 -34.35
C HIS J 217 -6.15 -8.10 -34.61
N TYR J 218 -6.28 -7.73 -35.89
CA TYR J 218 -6.41 -6.34 -36.32
C TYR J 218 -7.85 -6.16 -36.80
N VAL J 219 -8.73 -5.70 -35.91
CA VAL J 219 -10.15 -5.52 -36.25
C VAL J 219 -10.29 -4.22 -37.04
N PRO J 220 -10.71 -4.26 -38.32
CA PRO J 220 -10.83 -3.00 -39.07
C PRO J 220 -12.10 -2.21 -38.72
N ARG J 221 -12.10 -0.89 -38.97
CA ARG J 221 -13.27 -0.06 -38.69
C ARG J 221 -14.22 -0.21 -39.88
N ASP J 222 -15.45 -0.69 -39.64
CA ASP J 222 -16.45 -0.94 -40.69
C ASP J 222 -17.79 -0.30 -40.34
N ASN J 223 -18.43 0.35 -41.32
CA ASN J 223 -19.73 0.98 -41.13
C ASN J 223 -20.85 -0.02 -40.84
N ILE J 224 -20.67 -1.31 -41.21
CA ILE J 224 -21.68 -2.33 -40.94
C ILE J 224 -21.97 -2.45 -39.43
N VAL J 225 -21.00 -2.08 -38.57
CA VAL J 225 -21.18 -2.14 -37.13
C VAL J 225 -22.32 -1.19 -36.75
N GLN J 226 -22.27 0.05 -37.26
CA GLN J 226 -23.31 1.04 -36.99
C GLN J 226 -24.65 0.61 -37.59
N LYS J 227 -24.66 0.07 -38.82
CA LYS J 227 -25.91 -0.37 -39.42
C LYS J 227 -26.54 -1.50 -38.61
N ALA J 228 -25.72 -2.46 -38.12
CA ALA J 228 -26.24 -3.55 -37.31
C ALA J 228 -26.76 -2.98 -35.98
N GLU J 229 -26.07 -1.97 -35.41
CA GLU J 229 -26.47 -1.34 -34.16
C GLU J 229 -27.84 -0.66 -34.32
N PHE J 230 -28.05 0.02 -35.47
CA PHE J 230 -29.33 0.70 -35.75
C PHE J 230 -30.48 -0.31 -35.71
N ASN J 231 -30.27 -1.51 -36.28
CA ASN J 231 -31.30 -2.56 -36.28
C ASN J 231 -31.36 -3.34 -34.97
N LYS J 232 -30.66 -2.89 -33.91
CA LYS J 232 -30.63 -3.55 -32.60
C LYS J 232 -30.08 -4.98 -32.68
N MET J 233 -28.94 -5.15 -33.38
CA MET J 233 -28.33 -6.47 -33.54
C MET J 233 -26.80 -6.37 -33.61
N THR J 234 -26.10 -7.49 -33.31
CA THR J 234 -24.65 -7.52 -33.43
C THR J 234 -24.35 -7.78 -34.92
N VAL J 235 -23.11 -7.60 -35.36
CA VAL J 235 -22.73 -7.83 -36.76
C VAL J 235 -22.97 -9.29 -37.14
N ILE J 236 -22.67 -10.23 -36.23
CA ILE J 236 -22.86 -11.66 -36.50
C ILE J 236 -24.34 -11.96 -36.76
N GLU J 237 -25.24 -11.38 -35.95
CA GLU J 237 -26.69 -11.58 -36.09
C GLU J 237 -27.25 -10.86 -37.31
N PHE J 238 -26.76 -9.65 -37.62
CA PHE J 238 -27.25 -8.89 -38.76
C PHE J 238 -26.85 -9.53 -40.09
N ASP J 239 -25.55 -9.82 -40.29
CA ASP J 239 -25.09 -10.41 -41.54
C ASP J 239 -23.86 -11.27 -41.27
N PRO J 240 -24.02 -12.57 -40.99
CA PRO J 240 -22.83 -13.41 -40.72
C PRO J 240 -21.96 -13.68 -41.94
N GLU J 241 -22.37 -13.22 -43.14
CA GLU J 241 -21.60 -13.42 -44.37
C GLU J 241 -20.78 -12.18 -44.79
N CYS J 242 -20.94 -11.04 -44.09
CA CYS J 242 -20.17 -9.83 -44.41
C CYS J 242 -18.70 -9.98 -43.97
N ASN J 243 -17.82 -9.17 -44.55
CA ASN J 243 -16.39 -9.24 -44.22
C ASN J 243 -16.12 -9.01 -42.74
N GLN J 244 -16.79 -8.01 -42.14
CA GLN J 244 -16.58 -7.72 -40.72
C GLN J 244 -16.93 -8.91 -39.84
N ALA J 245 -17.98 -9.66 -40.20
CA ALA J 245 -18.37 -10.85 -39.42
C ALA J 245 -17.25 -11.90 -39.49
N LYS J 246 -16.61 -12.02 -40.66
CA LYS J 246 -15.50 -12.95 -40.88
C LYS J 246 -14.30 -12.53 -40.01
N GLU J 247 -14.11 -11.21 -39.83
CA GLU J 247 -13.00 -10.70 -39.02
C GLU J 247 -13.22 -11.09 -37.56
N TYR J 248 -14.46 -10.92 -37.06
CA TYR J 248 -14.77 -11.29 -35.68
C TYR J 248 -14.70 -12.81 -35.50
N ARG J 249 -15.02 -13.58 -36.56
CA ARG J 249 -14.96 -15.05 -36.51
C ARG J 249 -13.51 -15.50 -36.35
N THR J 250 -12.58 -14.84 -37.05
CA THR J 250 -11.15 -15.14 -36.96
C THR J 250 -10.66 -14.82 -35.54
N LEU J 251 -11.03 -13.65 -35.01
CA LEU J 251 -10.63 -13.23 -33.67
C LEU J 251 -11.17 -14.22 -32.62
N ALA J 252 -12.44 -14.62 -32.75
CA ALA J 252 -13.05 -15.57 -31.81
C ALA J 252 -12.30 -16.89 -31.76
N LYS J 253 -11.87 -17.39 -32.93
CA LYS J 253 -11.12 -18.64 -33.02
C LYS J 253 -9.74 -18.45 -32.40
N ASN J 254 -9.06 -17.33 -32.69
CA ASN J 254 -7.73 -17.04 -32.17
C ASN J 254 -7.75 -16.98 -30.64
N ILE J 255 -8.75 -16.32 -30.04
CA ILE J 255 -8.84 -16.21 -28.59
C ILE J 255 -9.03 -17.62 -28.04
N ASP J 256 -10.11 -18.31 -28.46
CA ASP J 256 -10.42 -19.66 -27.97
C ASP J 256 -9.24 -20.64 -28.11
N GLU J 257 -8.49 -20.56 -29.21
CA GLU J 257 -7.36 -21.45 -29.44
C GLU J 257 -6.02 -20.83 -29.00
N ASN J 258 -6.05 -19.80 -28.14
CA ASN J 258 -4.81 -19.16 -27.70
C ASN J 258 -4.21 -19.88 -26.51
N ASP J 259 -2.91 -20.19 -26.62
CA ASP J 259 -2.15 -20.86 -25.55
C ASP J 259 -0.94 -20.02 -25.11
N GLU J 260 -0.58 -18.97 -25.87
CA GLU J 260 0.56 -18.12 -25.55
C GLU J 260 0.20 -17.04 -24.52
N LEU J 261 0.06 -17.45 -23.26
CA LEU J 261 -0.25 -16.52 -22.17
C LEU J 261 1.07 -16.06 -21.58
N VAL J 262 1.26 -14.74 -21.46
CA VAL J 262 2.54 -14.19 -20.98
C VAL J 262 2.40 -13.14 -19.88
N LYS J 263 3.53 -12.88 -19.18
CA LYS J 263 3.62 -11.85 -18.17
C LYS J 263 4.17 -10.68 -18.95
N PRO J 264 3.43 -9.55 -19.10
CA PRO J 264 3.95 -8.45 -19.92
C PRO J 264 5.14 -7.70 -19.36
N THR J 265 5.81 -6.92 -20.22
CA THR J 265 6.95 -6.10 -19.85
C THR J 265 6.58 -4.66 -20.16
N PRO J 266 5.78 -4.00 -19.31
CA PRO J 266 5.37 -2.62 -19.61
C PRO J 266 6.52 -1.67 -19.92
N MET J 267 6.22 -0.60 -20.67
CA MET J 267 7.20 0.40 -21.08
C MET J 267 7.16 1.63 -20.18
N THR J 268 8.23 2.44 -20.20
CA THR J 268 8.27 3.67 -19.43
C THR J 268 7.52 4.74 -20.23
N MET J 269 7.21 5.90 -19.62
CA MET J 269 6.50 6.96 -20.34
C MET J 269 7.33 7.45 -21.51
N ASP J 270 8.65 7.61 -21.33
CA ASP J 270 9.54 8.07 -22.40
C ASP J 270 9.52 7.08 -23.55
N GLU J 271 9.58 5.77 -23.25
CA GLU J 271 9.57 4.74 -24.29
C GLU J 271 8.28 4.79 -25.10
N LEU J 272 7.14 4.96 -24.42
CA LEU J 272 5.85 5.01 -25.09
C LEU J 272 5.71 6.28 -25.93
N GLU J 273 6.13 7.43 -25.40
CA GLU J 273 6.04 8.69 -26.12
C GLU J 273 6.93 8.63 -27.37
N GLU J 274 8.14 8.07 -27.23
CA GLU J 274 9.07 7.94 -28.35
C GLU J 274 8.48 7.08 -29.46
N LEU J 275 7.72 6.04 -29.11
CA LEU J 275 7.10 5.15 -30.10
C LEU J 275 6.01 5.87 -30.88
N VAL J 276 5.17 6.65 -30.20
CA VAL J 276 4.10 7.38 -30.85
C VAL J 276 4.65 8.47 -31.78
N VAL J 277 5.71 9.18 -31.36
CA VAL J 277 6.32 10.23 -32.18
C VAL J 277 7.01 9.61 -33.41
N LYS J 278 7.59 8.41 -33.26
CA LYS J 278 8.27 7.71 -34.36
C LYS J 278 7.30 7.52 -35.54
N TYR J 279 6.10 6.96 -35.28
CA TYR J 279 5.13 6.71 -36.34
C TYR J 279 4.36 7.97 -36.71
N GLY J 280 4.05 8.80 -35.73
CA GLY J 280 3.34 10.05 -35.97
C GLY J 280 1.84 9.84 -36.14
N LEU J 281 1.41 9.47 -37.35
CA LEU J 281 -0.01 9.25 -37.66
C LEU J 281 -0.79 10.56 -37.55
N GLU K 5 27.10 -3.96 -1.11
CA GLU K 5 28.38 -3.36 -1.44
C GLU K 5 29.15 -2.86 -0.21
N ILE K 6 28.46 -2.65 0.92
CA ILE K 6 29.12 -2.17 2.13
C ILE K 6 29.91 -3.32 2.80
N ALA K 7 31.22 -3.09 3.10
CA ALA K 7 32.08 -4.09 3.77
C ALA K 7 31.98 -5.55 3.28
N PRO K 8 32.30 -5.83 2.01
CA PRO K 8 32.16 -7.22 1.51
C PRO K 8 32.72 -8.37 2.32
N ASP K 9 33.92 -8.22 2.88
CA ASP K 9 34.55 -9.29 3.66
C ASP K 9 34.08 -9.32 5.13
N ALA K 10 33.08 -8.51 5.50
CA ALA K 10 32.58 -8.46 6.86
C ALA K 10 31.27 -9.21 7.04
N LYS K 11 31.00 -9.68 8.26
CA LYS K 11 29.76 -10.38 8.59
C LYS K 11 28.78 -9.29 9.03
N LYS K 12 27.80 -8.98 8.19
CA LYS K 12 26.80 -7.96 8.47
C LYS K 12 25.64 -8.57 9.23
N VAL K 13 25.48 -8.17 10.51
CA VAL K 13 24.43 -8.68 11.39
C VAL K 13 23.53 -7.54 11.89
N ALA K 14 22.25 -7.84 12.13
CA ALA K 14 21.31 -6.85 12.66
C ALA K 14 20.57 -7.47 13.83
N ILE K 15 20.56 -6.78 14.97
CA ILE K 15 19.89 -7.26 16.18
C ILE K 15 18.55 -6.58 16.33
N TYR K 16 17.46 -7.37 16.29
CA TYR K 16 16.10 -6.86 16.42
C TYR K 16 15.50 -7.36 17.73
N GLY K 17 14.43 -6.73 18.17
CA GLY K 17 13.76 -7.13 19.40
C GLY K 17 12.88 -6.05 20.00
N LYS K 18 12.09 -6.47 20.99
CA LYS K 18 11.16 -5.52 21.65
C LYS K 18 11.96 -4.46 22.41
N GLY K 19 11.33 -3.32 22.67
CA GLY K 19 11.97 -2.22 23.40
C GLY K 19 12.33 -2.61 24.82
N GLY K 20 13.56 -2.33 25.22
CA GLY K 20 14.04 -2.63 26.56
C GLY K 20 14.27 -4.11 26.83
N ILE K 21 14.36 -4.92 25.77
CA ILE K 21 14.58 -6.36 25.92
C ILE K 21 16.07 -6.69 26.11
N GLY K 22 16.98 -5.75 25.81
CA GLY K 22 18.41 -5.96 25.97
C GLY K 22 19.21 -5.97 24.69
N LYS K 23 18.68 -5.38 23.61
CA LYS K 23 19.39 -5.35 22.32
C LYS K 23 20.68 -4.56 22.41
N SER K 24 20.63 -3.34 22.97
CA SER K 24 21.80 -2.48 23.11
C SER K 24 22.85 -3.11 24.00
N THR K 25 22.43 -3.77 25.09
CA THR K 25 23.36 -4.44 26.00
C THR K 25 24.01 -5.64 25.32
N THR K 26 23.20 -6.49 24.68
CA THR K 26 23.72 -7.67 23.99
C THR K 26 24.65 -7.27 22.84
N THR K 27 24.24 -6.32 21.99
CA THR K 27 25.05 -5.90 20.85
C THR K 27 26.39 -5.31 21.28
N GLN K 28 26.39 -4.39 22.25
CA GLN K 28 27.64 -3.77 22.71
C GLN K 28 28.59 -4.80 23.29
N ASN K 29 28.10 -5.68 24.18
CA ASN K 29 28.95 -6.70 24.79
C ASN K 29 29.41 -7.75 23.78
N THR K 30 28.61 -8.03 22.74
CA THR K 30 28.99 -9.00 21.72
C THR K 30 30.11 -8.40 20.88
N ALA K 31 29.97 -7.13 20.48
CA ALA K 31 30.99 -6.44 19.69
C ALA K 31 32.27 -6.29 20.52
N ALA K 32 32.14 -6.01 21.82
CA ALA K 32 33.29 -5.87 22.71
C ALA K 32 34.05 -7.20 22.83
N ALA K 33 33.32 -8.32 22.89
CA ALA K 33 33.93 -9.64 22.99
C ALA K 33 34.68 -9.98 21.70
N LEU K 34 34.10 -9.63 20.54
CA LEU K 34 34.76 -9.91 19.26
C LEU K 34 36.03 -9.09 19.08
N ALA K 35 36.03 -7.83 19.52
CA ALA K 35 37.20 -6.97 19.39
C ALA K 35 38.26 -7.33 20.42
N TYR K 36 37.85 -7.63 21.65
CA TYR K 36 38.80 -7.95 22.71
C TYR K 36 39.34 -9.40 22.65
N PHE K 37 38.47 -10.43 22.71
CA PHE K 37 38.91 -11.83 22.69
C PHE K 37 39.29 -12.40 21.32
N PHE K 38 38.76 -11.82 20.22
CA PHE K 38 39.05 -12.35 18.88
C PHE K 38 39.77 -11.33 17.97
N ASP K 39 40.11 -10.14 18.49
CA ASP K 39 40.82 -9.10 17.72
C ASP K 39 40.19 -8.82 16.34
N LYS K 40 38.88 -8.57 16.32
CA LYS K 40 38.15 -8.28 15.08
C LYS K 40 37.80 -6.80 14.96
N LYS K 41 37.95 -6.23 13.75
CA LYS K 41 37.60 -4.83 13.51
C LYS K 41 36.08 -4.80 13.41
N VAL K 42 35.41 -4.22 14.42
CA VAL K 42 33.91 -4.25 14.51
C VAL K 42 33.31 -2.82 14.54
N MET K 43 32.09 -2.61 14.04
CA MET K 43 31.39 -1.33 13.98
C MET K 43 29.93 -1.51 14.40
N ILE K 44 29.38 -0.55 15.14
CA ILE K 44 27.98 -0.61 15.58
C ILE K 44 27.22 0.59 15.02
N HIS K 45 26.07 0.33 14.40
CA HIS K 45 25.22 1.37 13.85
C HIS K 45 23.88 1.31 14.59
N GLY K 46 23.67 2.22 15.52
CA GLY K 46 22.45 2.28 16.31
C GLY K 46 21.26 2.75 15.53
N CYS K 47 20.31 1.86 15.25
CA CYS K 47 19.10 2.19 14.49
C CYS K 47 17.88 2.18 15.42
N ASP K 48 18.03 2.73 16.63
CA ASP K 48 16.97 2.80 17.62
C ASP K 48 16.80 4.27 18.01
N PRO K 49 15.57 4.83 18.00
CA PRO K 49 15.41 6.24 18.37
C PRO K 49 15.81 6.58 19.80
N LYS K 50 16.09 5.58 20.65
CA LYS K 50 16.49 5.86 22.03
C LYS K 50 17.86 6.56 22.06
N ALA K 51 18.73 6.28 21.06
CA ALA K 51 20.05 6.89 20.90
C ALA K 51 21.06 6.54 22.01
N ASP K 52 21.02 5.31 22.51
CA ASP K 52 21.96 4.89 23.56
C ASP K 52 22.54 3.49 23.23
N SER K 53 22.54 3.10 21.96
CA SER K 53 23.05 1.80 21.51
C SER K 53 24.58 1.72 21.56
N THR K 54 25.26 2.87 21.65
CA THR K 54 26.72 2.93 21.71
C THR K 54 27.16 3.77 22.91
N ARG K 55 26.43 3.71 24.03
CA ARG K 55 26.75 4.48 25.21
C ARG K 55 27.92 3.87 26.00
N MET K 56 27.87 2.56 26.27
CA MET K 56 28.92 1.89 27.04
C MET K 56 30.22 1.64 26.25
N ILE K 57 30.17 1.63 24.92
CA ILE K 57 31.38 1.45 24.12
C ILE K 57 32.16 2.78 24.13
N LEU K 58 31.45 3.93 24.08
CA LEU K 58 32.07 5.25 24.11
C LEU K 58 32.21 5.79 25.55
N HIS K 59 32.07 4.91 26.57
CA HIS K 59 32.23 5.23 27.98
C HIS K 59 31.23 6.27 28.55
N GLY K 60 29.97 5.88 28.63
CA GLY K 60 28.91 6.71 29.17
C GLY K 60 28.48 7.88 28.29
N LYS K 61 29.22 8.16 27.21
CA LYS K 61 28.91 9.27 26.33
C LYS K 61 27.87 8.90 25.26
N PRO K 62 26.58 9.30 25.40
CA PRO K 62 25.62 9.00 24.32
C PRO K 62 25.88 9.97 23.17
N GLN K 63 26.61 9.50 22.14
CA GLN K 63 27.02 10.32 20.99
C GLN K 63 25.90 11.10 20.30
N ASP K 64 26.32 12.15 19.57
CA ASP K 64 25.41 13.02 18.81
C ASP K 64 24.86 12.18 17.66
N THR K 65 23.54 12.14 17.50
CA THR K 65 22.94 11.33 16.43
C THR K 65 23.07 12.02 15.07
N VAL K 66 22.92 11.25 13.98
CA VAL K 66 23.01 11.77 12.62
C VAL K 66 21.89 12.78 12.40
N MET K 67 20.68 12.50 12.89
CA MET K 67 19.55 13.40 12.75
C MET K 67 19.81 14.71 13.48
N ASP K 68 20.42 14.65 14.68
CA ASP K 68 20.72 15.85 15.45
C ASP K 68 21.71 16.75 14.70
N VAL K 69 22.75 16.16 14.10
CA VAL K 69 23.75 16.94 13.37
C VAL K 69 23.13 17.51 12.08
N LEU K 70 22.42 16.67 11.33
CA LEU K 70 21.78 17.06 10.07
C LEU K 70 20.73 18.18 10.24
N ARG K 71 19.80 18.02 11.18
CA ARG K 71 18.74 19.01 11.37
C ARG K 71 19.21 20.35 11.94
N GLU K 72 20.22 20.33 12.83
CA GLU K 72 20.71 21.56 13.46
C GLU K 72 21.82 22.26 12.68
N GLU K 73 22.58 21.53 11.84
CA GLU K 73 23.67 22.16 11.08
C GLU K 73 23.44 22.16 9.56
N GLY K 74 23.16 20.99 8.99
CA GLY K 74 22.92 20.85 7.55
C GLY K 74 23.51 19.60 6.94
N GLU K 75 23.11 19.30 5.70
CA GLU K 75 23.59 18.12 4.98
C GLU K 75 25.11 18.11 4.85
N GLU K 76 25.69 19.24 4.43
CA GLU K 76 27.14 19.34 4.26
C GLU K 76 27.88 19.17 5.58
N ALA K 77 27.32 19.72 6.68
CA ALA K 77 27.94 19.61 8.00
C ALA K 77 28.07 18.16 8.48
N VAL K 78 27.28 17.22 7.93
CA VAL K 78 27.36 15.82 8.34
C VAL K 78 28.68 15.26 7.84
N THR K 79 29.63 15.00 8.76
CA THR K 79 30.94 14.46 8.40
C THR K 79 31.28 13.23 9.24
N LEU K 80 32.14 12.37 8.70
CA LEU K 80 32.56 11.12 9.35
C LEU K 80 33.24 11.34 10.69
N GLU K 81 34.07 12.37 10.81
CA GLU K 81 34.79 12.65 12.05
C GLU K 81 33.86 13.11 13.18
N LYS K 82 32.69 13.69 12.84
CA LYS K 82 31.76 14.20 13.84
C LYS K 82 30.66 13.18 14.20
N VAL K 83 30.20 12.35 13.23
CA VAL K 83 29.14 11.36 13.52
C VAL K 83 29.72 9.98 13.89
N ARG K 84 30.87 9.59 13.31
CA ARG K 84 31.49 8.31 13.61
C ARG K 84 32.55 8.49 14.70
N LYS K 85 32.31 7.91 15.88
CA LYS K 85 33.24 8.00 17.01
C LYS K 85 33.86 6.61 17.29
N ILE K 86 35.05 6.60 17.89
CA ILE K 86 35.73 5.34 18.20
C ILE K 86 35.64 5.10 19.71
N GLY K 87 35.52 3.83 20.11
CA GLY K 87 35.39 3.47 21.51
C GLY K 87 36.32 2.34 21.94
N PHE K 88 35.87 1.55 22.92
CA PHE K 88 36.64 0.43 23.47
C PHE K 88 37.20 -0.49 22.38
N LYS K 89 38.50 -0.81 22.46
CA LYS K 89 39.20 -1.68 21.50
C LYS K 89 38.91 -1.31 20.04
N ASP K 90 39.03 -0.01 19.72
CA ASP K 90 38.82 0.53 18.38
C ASP K 90 37.48 0.14 17.73
N ILE K 91 36.40 0.06 18.52
CA ILE K 91 35.08 -0.29 17.98
C ILE K 91 34.43 0.98 17.43
N LEU K 92 34.13 1.02 16.14
CA LEU K 92 33.51 2.18 15.52
C LEU K 92 32.05 2.25 15.98
N CYS K 93 31.54 3.47 16.23
CA CYS K 93 30.18 3.68 16.72
C CYS K 93 29.44 4.74 15.92
N VAL K 94 28.13 4.52 15.72
CA VAL K 94 27.24 5.45 15.00
C VAL K 94 25.86 5.33 15.63
N GLU K 95 25.07 6.42 15.63
CA GLU K 95 23.73 6.41 16.20
C GLU K 95 22.80 7.21 15.27
N SER K 96 21.76 6.57 14.74
CA SER K 96 20.83 7.22 13.82
C SER K 96 19.97 8.30 14.48
N GLY K 97 19.30 7.95 15.58
CA GLY K 97 18.41 8.88 16.27
C GLY K 97 17.04 8.84 15.61
N GLY K 98 16.41 9.99 15.48
CA GLY K 98 15.11 10.07 14.84
C GLY K 98 14.44 11.43 14.98
N PRO K 99 13.26 11.62 14.36
CA PRO K 99 12.58 12.92 14.49
C PRO K 99 11.95 13.13 15.86
N GLU K 100 11.41 14.34 16.11
CA GLU K 100 10.78 14.67 17.38
C GLU K 100 9.53 13.80 17.56
N PRO K 101 9.21 13.29 18.77
CA PRO K 101 8.01 12.45 18.90
C PRO K 101 6.73 13.06 18.32
N GLY K 102 6.11 12.33 17.39
CA GLY K 102 4.87 12.72 16.76
C GLY K 102 4.99 13.48 15.46
N VAL K 103 6.12 14.21 15.24
CA VAL K 103 6.25 15.00 14.02
C VAL K 103 6.22 14.11 12.75
N GLY K 104 7.05 13.07 12.67
CA GLY K 104 7.02 12.22 11.49
C GLY K 104 7.45 10.80 11.76
N CYS K 105 7.73 10.07 10.67
CA CYS K 105 8.17 8.64 10.78
C CYS K 105 9.31 8.48 11.78
N ALA K 106 9.08 7.62 12.77
CA ALA K 106 10.16 7.36 13.74
C ALA K 106 11.37 6.70 13.07
N GLY K 107 11.10 5.86 12.07
CA GLY K 107 12.13 5.13 11.35
C GLY K 107 12.85 5.88 10.26
N ARG K 108 12.34 7.06 9.84
CA ARG K 108 13.00 7.83 8.78
C ARG K 108 14.46 8.14 9.13
N GLY K 109 14.74 8.30 10.42
CA GLY K 109 16.09 8.57 10.90
C GLY K 109 17.06 7.47 10.54
N VAL K 110 16.58 6.22 10.39
CA VAL K 110 17.43 5.10 10.05
C VAL K 110 17.76 5.14 8.55
N ILE K 111 16.77 5.43 7.69
CA ILE K 111 17.01 5.55 6.25
C ILE K 111 18.02 6.68 6.00
N THR K 112 17.83 7.81 6.69
CA THR K 112 18.71 8.96 6.55
C THR K 112 20.13 8.50 6.90
N ALA K 113 20.35 8.03 8.14
CA ALA K 113 21.68 7.59 8.58
C ALA K 113 22.41 6.58 7.70
N VAL K 114 21.70 5.59 7.17
CA VAL K 114 22.34 4.54 6.32
C VAL K 114 22.75 5.17 4.99
N ASP K 115 21.88 5.95 4.37
CA ASP K 115 22.15 6.54 3.06
C ASP K 115 23.29 7.54 3.17
N MET K 116 23.33 8.30 4.27
CA MET K 116 24.43 9.27 4.49
C MET K 116 25.75 8.50 4.68
N MET K 117 25.71 7.40 5.43
CA MET K 117 26.92 6.62 5.68
C MET K 117 27.41 5.92 4.42
N ARG K 118 26.48 5.54 3.54
CA ARG K 118 26.88 4.89 2.27
C ARG K 118 27.51 5.95 1.36
N GLU K 119 26.97 7.16 1.34
CA GLU K 119 27.49 8.23 0.50
C GLU K 119 28.82 8.75 1.08
N LEU K 120 28.90 8.89 2.41
CA LEU K 120 30.11 9.35 3.10
C LEU K 120 31.18 8.25 3.24
N GLU K 121 30.85 7.00 2.85
CA GLU K 121 31.78 5.87 2.92
C GLU K 121 32.27 5.64 4.35
N GLY K 122 31.32 5.52 5.27
CA GLY K 122 31.59 5.29 6.69
C GLY K 122 31.75 3.84 7.08
N TYR K 123 31.47 2.90 6.18
CA TYR K 123 31.60 1.48 6.46
C TYR K 123 32.93 1.00 5.86
N PRO K 124 34.02 0.91 6.65
CA PRO K 124 35.29 0.48 6.07
C PRO K 124 35.24 -0.88 5.38
N ASP K 125 36.00 -1.04 4.31
CA ASP K 125 36.05 -2.28 3.55
C ASP K 125 36.74 -3.37 4.37
N ASP K 126 37.77 -3.00 5.15
CA ASP K 126 38.53 -3.94 5.98
C ASP K 126 37.79 -4.37 7.26
N LEU K 127 36.47 -4.10 7.37
CA LEU K 127 35.70 -4.50 8.56
C LEU K 127 35.58 -6.01 8.62
N ASP K 128 35.47 -6.55 9.84
CA ASP K 128 35.31 -7.98 10.07
C ASP K 128 33.86 -8.27 10.43
N ASN K 129 33.27 -7.40 11.26
CA ASN K 129 31.87 -7.56 11.71
C ASN K 129 31.18 -6.20 11.80
N LEU K 130 29.91 -6.10 11.36
CA LEU K 130 29.13 -4.88 11.41
C LEU K 130 27.79 -5.21 12.07
N PHE K 131 27.39 -4.44 13.10
CA PHE K 131 26.14 -4.67 13.80
C PHE K 131 25.17 -3.51 13.64
N PHE K 132 23.87 -3.83 13.57
CA PHE K 132 22.80 -2.85 13.44
C PHE K 132 21.81 -3.09 14.57
N ASP K 133 21.80 -2.24 15.61
CA ASP K 133 20.88 -2.37 16.73
C ASP K 133 19.56 -1.73 16.29
N VAL K 134 18.60 -2.52 15.81
CA VAL K 134 17.34 -1.97 15.28
C VAL K 134 16.15 -2.13 16.22
N LEU K 135 15.22 -1.15 16.17
CA LEU K 135 13.99 -1.17 16.96
C LEU K 135 13.08 -2.24 16.35
N GLY K 136 12.54 -3.11 17.19
CA GLY K 136 11.69 -4.19 16.72
C GLY K 136 10.23 -4.14 17.14
N ASP K 137 9.79 -3.04 17.78
CA ASP K 137 8.39 -2.92 18.20
C ASP K 137 7.48 -2.82 16.97
N VAL K 138 7.98 -2.20 15.89
CA VAL K 138 7.26 -2.06 14.63
C VAL K 138 8.26 -2.35 13.51
N VAL K 139 7.86 -3.19 12.55
CA VAL K 139 8.77 -3.55 11.43
C VAL K 139 8.30 -2.78 10.19
N CYS K 140 8.83 -1.59 9.98
CA CYS K 140 8.36 -0.80 8.82
C CYS K 140 9.36 0.32 8.52
N GLY K 141 9.11 1.03 7.43
CA GLY K 141 9.98 2.17 7.05
C GLY K 141 11.44 1.90 7.36
N GLY K 142 12.08 2.81 8.11
CA GLY K 142 13.51 2.67 8.40
C GLY K 142 13.83 1.37 9.12
N PHE K 143 13.04 1.00 10.13
CA PHE K 143 13.36 -0.21 10.93
C PHE K 143 13.42 -1.44 10.01
N ALA K 144 12.48 -1.54 9.05
CA ALA K 144 12.42 -2.72 8.15
C ALA K 144 13.38 -2.55 6.97
N MET K 145 14.08 -1.42 6.89
CA MET K 145 14.97 -1.17 5.72
C MET K 145 16.06 -2.24 5.65
N PRO K 146 16.83 -2.50 6.73
CA PRO K 146 17.93 -3.46 6.67
C PRO K 146 17.49 -4.79 6.01
N LEU K 147 16.19 -5.10 6.08
CA LEU K 147 15.68 -6.38 5.51
C LEU K 147 15.44 -6.21 4.00
N ARG K 148 14.87 -5.08 3.58
CA ARG K 148 14.54 -4.89 2.14
C ARG K 148 15.82 -4.72 1.33
N ASP K 149 16.65 -3.73 1.67
CA ASP K 149 17.86 -3.46 0.88
C ASP K 149 18.97 -4.51 1.09
N GLY K 150 18.86 -5.31 2.16
CA GLY K 150 19.84 -6.33 2.46
C GLY K 150 21.13 -5.80 3.03
N LEU K 151 21.03 -4.89 4.02
CA LEU K 151 22.21 -4.33 4.68
C LEU K 151 22.87 -5.44 5.48
N ALA K 152 22.07 -6.22 6.23
CA ALA K 152 22.57 -7.33 7.03
C ALA K 152 21.95 -8.62 6.51
N GLN K 153 22.78 -9.66 6.34
CA GLN K 153 22.30 -10.95 5.85
C GLN K 153 21.86 -11.83 7.01
N GLU K 154 22.54 -11.73 8.18
CA GLU K 154 22.18 -12.53 9.34
C GLU K 154 21.46 -11.68 10.37
N ILE K 155 20.24 -12.07 10.75
CA ILE K 155 19.47 -11.34 11.76
C ILE K 155 19.33 -12.18 13.00
N TYR K 156 19.43 -11.53 14.15
CA TYR K 156 19.30 -12.21 15.42
C TYR K 156 18.28 -11.45 16.24
N ILE K 157 17.30 -12.17 16.81
CA ILE K 157 16.25 -11.54 17.58
C ILE K 157 16.45 -11.79 19.07
N VAL K 158 16.50 -10.72 19.88
CA VAL K 158 16.66 -10.85 21.32
C VAL K 158 15.26 -10.90 21.90
N THR K 159 14.95 -11.92 22.70
CA THR K 159 13.62 -12.06 23.30
C THR K 159 13.70 -12.80 24.63
N SER K 160 12.60 -12.77 25.41
CA SER K 160 12.50 -13.45 26.69
C SER K 160 11.16 -14.23 26.69
N GLY K 161 10.81 -14.85 27.82
CA GLY K 161 9.56 -15.59 27.91
C GLY K 161 8.30 -14.73 27.88
N GLU K 162 8.45 -13.40 27.96
CA GLU K 162 7.31 -12.48 27.94
C GLU K 162 6.47 -12.66 26.68
N MET K 163 5.15 -12.54 26.79
CA MET K 163 4.28 -12.66 25.63
C MET K 163 4.62 -11.60 24.59
N MET K 164 4.72 -10.34 25.01
CA MET K 164 5.04 -9.25 24.11
C MET K 164 6.38 -9.41 23.43
N ALA K 165 7.38 -9.94 24.16
CA ALA K 165 8.70 -10.13 23.59
C ALA K 165 8.65 -11.19 22.49
N LEU K 166 7.87 -12.26 22.70
CA LEU K 166 7.74 -13.32 21.71
C LEU K 166 6.87 -12.85 20.53
N TYR K 167 5.85 -12.00 20.79
CA TYR K 167 4.99 -11.47 19.73
C TYR K 167 5.83 -10.62 18.78
N ALA K 168 6.66 -9.73 19.35
CA ALA K 168 7.53 -8.88 18.56
C ALA K 168 8.51 -9.72 17.76
N ALA K 169 9.08 -10.76 18.38
CA ALA K 169 10.02 -11.66 17.70
C ALA K 169 9.34 -12.38 16.54
N ASN K 170 8.10 -12.81 16.72
CA ASN K 170 7.36 -13.50 15.68
C ASN K 170 7.08 -12.54 14.51
N ASN K 171 6.77 -11.28 14.81
CA ASN K 171 6.51 -10.29 13.77
C ASN K 171 7.80 -9.99 13.01
N ILE K 172 8.95 -9.95 13.70
CA ILE K 172 10.24 -9.71 13.03
C ILE K 172 10.51 -10.86 12.06
N ALA K 173 10.20 -12.10 12.47
CA ALA K 173 10.38 -13.27 11.61
C ALA K 173 9.53 -13.13 10.35
N LYS K 174 8.32 -12.56 10.47
CA LYS K 174 7.44 -12.35 9.31
C LYS K 174 8.10 -11.38 8.33
N GLY K 175 8.72 -10.32 8.86
CA GLY K 175 9.41 -9.32 8.06
C GLY K 175 10.62 -9.90 7.37
N ILE K 176 11.32 -10.83 8.03
CA ILE K 176 12.50 -11.48 7.46
C ILE K 176 12.06 -12.36 6.28
N LEU K 177 10.99 -13.13 6.47
CA LEU K 177 10.46 -14.01 5.43
C LEU K 177 10.01 -13.22 4.19
N LYS K 178 9.40 -12.04 4.37
CA LYS K 178 8.93 -11.23 3.25
C LYS K 178 10.06 -10.83 2.28
N TYR K 179 11.25 -10.54 2.81
CA TYR K 179 12.37 -10.08 1.94
C TYR K 179 13.49 -11.13 1.88
N ALA K 180 13.23 -12.34 2.36
CA ALA K 180 14.26 -13.40 2.31
C ALA K 180 14.69 -13.70 0.88
N GLU K 181 13.74 -13.86 -0.06
CA GLU K 181 14.09 -14.13 -1.46
C GLU K 181 14.46 -12.85 -2.20
N GLN K 182 13.84 -11.72 -1.84
CA GLN K 182 14.14 -10.44 -2.47
C GLN K 182 15.58 -9.96 -2.25
N SER K 183 16.09 -10.00 -1.01
CA SER K 183 17.44 -9.52 -0.71
C SER K 183 18.39 -10.54 -0.10
N GLY K 184 18.02 -11.82 -0.12
CA GLY K 184 18.88 -12.87 0.43
C GLY K 184 19.13 -12.77 1.91
N VAL K 185 18.23 -12.11 2.63
CA VAL K 185 18.35 -11.93 4.07
C VAL K 185 17.78 -13.16 4.78
N ARG K 186 18.41 -13.60 5.88
CA ARG K 186 18.00 -14.79 6.61
C ARG K 186 18.08 -14.62 8.13
N LEU K 187 17.38 -15.48 8.87
CA LEU K 187 17.38 -15.47 10.34
C LEU K 187 18.47 -16.40 10.85
N GLY K 188 19.46 -15.83 11.52
CA GLY K 188 20.58 -16.58 12.07
C GLY K 188 20.21 -17.39 13.29
N GLY K 189 19.45 -16.78 14.20
CA GLY K 189 19.03 -17.46 15.42
C GLY K 189 18.29 -16.54 16.38
N ILE K 190 17.96 -17.06 17.57
CA ILE K 190 17.26 -16.31 18.59
C ILE K 190 18.11 -16.21 19.85
N ILE K 191 18.32 -14.99 20.36
CA ILE K 191 19.10 -14.80 21.57
C ILE K 191 18.09 -14.62 22.70
N CYS K 192 18.25 -15.34 23.81
CA CYS K 192 17.32 -15.21 24.92
C CYS K 192 17.93 -14.43 26.06
N ASN K 193 17.54 -13.15 26.22
CA ASN K 193 18.04 -12.35 27.34
C ASN K 193 17.10 -12.73 28.48
N ALA K 194 17.47 -13.79 29.22
CA ALA K 194 16.66 -14.33 30.30
C ALA K 194 16.34 -13.34 31.42
N ARG K 195 15.21 -13.59 32.10
CA ARG K 195 14.74 -12.79 33.23
C ARG K 195 14.70 -13.65 34.52
N ASN K 196 15.51 -14.74 34.57
CA ASN K 196 15.61 -15.66 35.70
C ASN K 196 14.22 -16.18 36.12
N VAL K 197 13.59 -16.95 35.23
CA VAL K 197 12.27 -17.54 35.47
C VAL K 197 12.34 -19.04 35.14
N ASP K 198 11.70 -19.87 35.98
CA ASP K 198 11.72 -21.31 35.77
C ASP K 198 10.90 -21.68 34.53
N GLY K 199 11.46 -22.54 33.69
CA GLY K 199 10.80 -22.98 32.46
C GLY K 199 11.00 -22.06 31.27
N GLU K 200 11.74 -20.96 31.45
CA GLU K 200 11.98 -20.01 30.36
C GLU K 200 12.86 -20.63 29.27
N LYS K 201 13.93 -21.35 29.63
CA LYS K 201 14.80 -21.99 28.67
C LYS K 201 14.02 -23.00 27.84
N GLU K 202 13.16 -23.79 28.49
CA GLU K 202 12.36 -24.80 27.82
C GLU K 202 11.36 -24.14 26.87
N LEU K 203 10.78 -23.00 27.27
CA LEU K 203 9.83 -22.27 26.43
C LEU K 203 10.53 -21.77 25.16
N MET K 204 11.76 -21.25 25.30
CA MET K 204 12.54 -20.75 24.17
C MET K 204 12.92 -21.85 23.21
N ASP K 205 13.21 -23.05 23.73
CA ASP K 205 13.59 -24.17 22.87
C ASP K 205 12.42 -24.55 21.96
N GLU K 206 11.18 -24.57 22.50
CA GLU K 206 10.01 -24.90 21.71
C GLU K 206 9.66 -23.77 20.75
N PHE K 207 9.85 -22.51 21.19
CA PHE K 207 9.56 -21.35 20.35
C PHE K 207 10.48 -21.35 19.12
N CYS K 208 11.79 -21.59 19.32
CA CYS K 208 12.77 -21.64 18.23
C CYS K 208 12.45 -22.81 17.31
N ASP K 209 12.08 -23.95 17.91
CA ASP K 209 11.73 -25.18 17.12
C ASP K 209 10.54 -24.85 16.20
N LYS K 210 9.51 -24.19 16.72
CA LYS K 210 8.30 -23.83 15.95
C LYS K 210 8.56 -22.74 14.90
N LEU K 211 9.65 -21.98 15.07
CA LEU K 211 10.02 -20.93 14.13
C LEU K 211 11.06 -21.45 13.09
N GLY K 212 11.51 -22.70 13.24
CA GLY K 212 12.46 -23.33 12.33
C GLY K 212 13.86 -22.78 12.45
N THR K 213 14.22 -22.31 13.65
CA THR K 213 15.54 -21.73 13.91
C THR K 213 16.13 -22.35 15.21
N LYS K 214 17.28 -21.83 15.69
CA LYS K 214 17.91 -22.35 16.90
C LYS K 214 18.16 -21.26 17.93
N LEU K 215 18.20 -21.65 19.21
CA LEU K 215 18.48 -20.73 20.29
C LEU K 215 19.99 -20.55 20.31
N ILE K 216 20.50 -19.51 19.64
CA ILE K 216 21.94 -19.25 19.55
C ILE K 216 22.60 -19.18 20.93
N HIS K 217 21.92 -18.62 21.94
CA HIS K 217 22.48 -18.54 23.29
C HIS K 217 21.44 -18.09 24.31
N TYR K 218 21.62 -18.51 25.57
CA TYR K 218 20.74 -18.15 26.67
C TYR K 218 21.54 -17.20 27.56
N VAL K 219 21.37 -15.89 27.35
CA VAL K 219 22.10 -14.89 28.12
C VAL K 219 21.42 -14.73 29.49
N PRO K 220 22.09 -15.10 30.61
CA PRO K 220 21.43 -14.95 31.91
C PRO K 220 21.39 -13.52 32.43
N ARG K 221 20.47 -13.25 33.37
CA ARG K 221 20.36 -11.92 33.95
C ARG K 221 21.42 -11.82 35.04
N ASP K 222 22.33 -10.85 34.94
CA ASP K 222 23.41 -10.68 35.92
C ASP K 222 23.54 -9.22 36.36
N ASN K 223 23.72 -9.00 37.68
CA ASN K 223 23.86 -7.65 38.23
C ASN K 223 25.16 -6.98 37.77
N ILE K 224 26.16 -7.74 37.33
CA ILE K 224 27.43 -7.17 36.86
C ILE K 224 27.19 -6.21 35.68
N VAL K 225 26.09 -6.40 34.92
CA VAL K 225 25.76 -5.53 33.80
C VAL K 225 25.48 -4.12 34.33
N GLN K 226 24.61 -4.02 35.34
CA GLN K 226 24.21 -2.76 35.94
C GLN K 226 25.38 -2.10 36.69
N LYS K 227 26.33 -2.91 37.21
CA LYS K 227 27.49 -2.36 37.92
C LYS K 227 28.48 -1.78 36.88
N ALA K 228 28.70 -2.50 35.76
CA ALA K 228 29.59 -2.02 34.70
C ALA K 228 28.98 -0.76 34.05
N GLU K 229 27.64 -0.69 33.96
CA GLU K 229 26.96 0.48 33.38
C GLU K 229 27.18 1.73 34.21
N PHE K 230 26.99 1.64 35.54
CA PHE K 230 27.19 2.78 36.44
C PHE K 230 28.65 3.27 36.33
N ASN K 231 29.58 2.35 36.03
CA ASN K 231 30.99 2.64 35.86
C ASN K 231 31.32 3.15 34.42
N LYS K 232 30.28 3.38 33.57
CA LYS K 232 30.42 3.84 32.18
C LYS K 232 31.38 2.89 31.45
N MET K 233 30.96 1.62 31.32
CA MET K 233 31.82 0.59 30.73
C MET K 233 30.99 -0.67 30.37
N THR K 234 31.40 -1.45 29.34
CA THR K 234 30.69 -2.69 29.00
C THR K 234 31.20 -3.78 29.96
N VAL K 235 30.51 -4.92 30.04
CA VAL K 235 30.93 -6.02 30.92
C VAL K 235 32.32 -6.53 30.52
N ILE K 236 32.59 -6.61 29.21
CA ILE K 236 33.88 -7.10 28.71
C ILE K 236 35.01 -6.19 29.18
N GLU K 237 34.84 -4.88 29.05
CA GLU K 237 35.85 -3.91 29.45
C GLU K 237 35.97 -3.82 30.97
N PHE K 238 34.86 -3.96 31.69
CA PHE K 238 34.88 -3.88 33.16
C PHE K 238 35.58 -5.08 33.79
N ASP K 239 35.15 -6.31 33.47
CA ASP K 239 35.76 -7.51 34.02
C ASP K 239 35.67 -8.64 33.00
N PRO K 240 36.67 -8.81 32.12
CA PRO K 240 36.57 -9.89 31.12
C PRO K 240 36.71 -11.31 31.69
N GLU K 241 36.95 -11.43 33.00
CA GLU K 241 37.09 -12.73 33.65
C GLU K 241 35.81 -13.18 34.38
N CYS K 242 34.80 -12.30 34.51
CA CYS K 242 33.55 -12.67 35.19
C CYS K 242 32.74 -13.66 34.34
N ASN K 243 31.84 -14.42 34.98
CA ASN K 243 31.02 -15.41 34.29
C ASN K 243 30.19 -14.79 33.17
N GLN K 244 29.62 -13.59 33.40
CA GLN K 244 28.81 -12.90 32.39
C GLN K 244 29.62 -12.59 31.15
N ALA K 245 30.88 -12.15 31.31
CA ALA K 245 31.75 -11.84 30.17
C ALA K 245 31.98 -13.11 29.33
N LYS K 246 32.13 -14.26 29.99
CA LYS K 246 32.32 -15.52 29.29
C LYS K 246 31.03 -15.92 28.56
N GLU K 247 29.84 -15.52 29.08
CA GLU K 247 28.56 -15.81 28.42
C GLU K 247 28.52 -15.02 27.11
N TYR K 248 28.91 -13.72 27.15
CA TYR K 248 28.93 -12.88 25.95
C TYR K 248 30.00 -13.33 24.96
N ARG K 249 31.12 -13.91 25.45
CA ARG K 249 32.17 -14.41 24.57
C ARG K 249 31.67 -15.64 23.82
N THR K 250 30.91 -16.52 24.51
CA THR K 250 30.36 -17.72 23.89
C THR K 250 29.39 -17.29 22.79
N LEU K 251 28.51 -16.32 23.10
CA LEU K 251 27.54 -15.81 22.13
C LEU K 251 28.27 -15.20 20.92
N ALA K 252 29.31 -14.39 21.17
CA ALA K 252 30.09 -13.76 20.11
C ALA K 252 30.69 -14.80 19.15
N LYS K 253 31.22 -15.90 19.69
CA LYS K 253 31.82 -16.96 18.88
C LYS K 253 30.74 -17.69 18.10
N ASN K 254 29.60 -17.96 18.74
CA ASN K 254 28.48 -18.65 18.09
C ASN K 254 27.96 -17.84 16.89
N ILE K 255 27.80 -16.51 17.06
CA ILE K 255 27.31 -15.66 15.98
C ILE K 255 28.31 -15.63 14.82
N ASP K 256 29.59 -15.36 15.13
CA ASP K 256 30.63 -15.28 14.11
C ASP K 256 30.82 -16.61 13.37
N GLU K 257 30.70 -17.74 14.09
CA GLU K 257 30.86 -19.06 13.47
C GLU K 257 29.52 -19.68 13.07
N ASN K 258 28.45 -18.88 12.94
CA ASN K 258 27.15 -19.43 12.57
C ASN K 258 27.01 -19.57 11.07
N ASP K 259 26.58 -20.75 10.63
CA ASP K 259 26.35 -21.07 9.22
C ASP K 259 24.91 -21.51 8.95
N GLU K 260 24.13 -21.81 10.01
CA GLU K 260 22.75 -22.25 9.88
C GLU K 260 21.80 -21.06 9.72
N LEU K 261 21.79 -20.44 8.53
CA LEU K 261 20.91 -19.33 8.23
C LEU K 261 19.63 -19.92 7.62
N VAL K 262 18.46 -19.53 8.15
CA VAL K 262 17.20 -20.12 7.69
C VAL K 262 16.11 -19.10 7.42
N LYS K 263 15.10 -19.50 6.64
CA LYS K 263 13.93 -18.70 6.35
C LYS K 263 12.96 -19.14 7.44
N PRO K 264 12.54 -18.26 8.36
CA PRO K 264 11.67 -18.72 9.46
C PRO K 264 10.27 -19.12 9.04
N THR K 265 9.58 -19.83 9.94
CA THR K 265 8.20 -20.26 9.73
C THR K 265 7.37 -19.64 10.85
N PRO K 266 7.02 -18.35 10.74
CA PRO K 266 6.24 -17.71 11.82
C PRO K 266 4.99 -18.48 12.22
N MET K 267 4.59 -18.36 13.50
CA MET K 267 3.43 -19.00 14.06
C MET K 267 2.22 -18.07 14.00
N THR K 268 1.02 -18.65 14.11
CA THR K 268 -0.21 -17.87 14.10
C THR K 268 -0.40 -17.31 15.53
N MET K 269 -1.34 -16.36 15.72
CA MET K 269 -1.56 -15.80 17.05
C MET K 269 -2.03 -16.89 18.01
N ASP K 270 -2.92 -17.78 17.56
CA ASP K 270 -3.42 -18.86 18.40
C ASP K 270 -2.22 -19.69 18.85
N GLU K 271 -1.42 -20.18 17.89
CA GLU K 271 -0.23 -20.98 18.20
C GLU K 271 0.67 -20.34 19.26
N LEU K 272 0.93 -19.03 19.14
CA LEU K 272 1.77 -18.33 20.09
C LEU K 272 1.11 -18.19 21.45
N GLU K 273 -0.18 -17.87 21.49
CA GLU K 273 -0.89 -17.73 22.76
C GLU K 273 -0.91 -19.07 23.49
N GLU K 274 -1.14 -20.17 22.76
CA GLU K 274 -1.18 -21.50 23.36
C GLU K 274 0.16 -21.83 24.00
N LEU K 275 1.26 -21.45 23.34
CA LEU K 275 2.58 -21.74 23.85
C LEU K 275 2.84 -21.01 25.16
N VAL K 276 2.45 -19.74 25.25
CA VAL K 276 2.66 -18.96 26.46
C VAL K 276 1.79 -19.49 27.61
N VAL K 277 0.54 -19.89 27.33
CA VAL K 277 -0.35 -20.43 28.37
C VAL K 277 0.16 -21.79 28.84
N LYS K 278 0.76 -22.60 27.94
CA LYS K 278 1.28 -23.92 28.28
C LYS K 278 2.32 -23.80 29.41
N TYR K 279 3.31 -22.91 29.25
CA TYR K 279 4.36 -22.74 30.25
C TYR K 279 3.96 -21.82 31.40
N GLY K 280 3.60 -20.58 31.07
CA GLY K 280 3.23 -19.58 32.07
C GLY K 280 1.88 -19.82 32.70
N ILE L 6 -17.28 14.50 14.44
CA ILE L 6 -17.31 13.11 14.89
C ILE L 6 -17.87 13.06 16.31
N ALA L 7 -19.09 12.50 16.49
CA ALA L 7 -19.74 12.40 17.80
C ALA L 7 -19.53 13.65 18.67
N PRO L 8 -20.26 14.76 18.39
CA PRO L 8 -20.03 15.98 19.17
C PRO L 8 -20.37 15.91 20.66
N ASP L 9 -21.46 15.23 21.01
CA ASP L 9 -21.87 15.10 22.41
C ASP L 9 -21.15 13.95 23.15
N ALA L 10 -20.14 13.34 22.53
CA ALA L 10 -19.42 12.23 23.16
C ALA L 10 -18.06 12.68 23.68
N LYS L 11 -17.56 11.97 24.71
CA LYS L 11 -16.25 12.25 25.28
C LYS L 11 -15.26 11.40 24.48
N LYS L 12 -14.45 12.04 23.64
CA LYS L 12 -13.48 11.32 22.82
C LYS L 12 -12.17 11.16 23.58
N VAL L 13 -11.82 9.92 23.93
CA VAL L 13 -10.63 9.59 24.70
C VAL L 13 -9.72 8.62 23.92
N ALA L 14 -8.40 8.72 24.13
CA ALA L 14 -7.44 7.84 23.48
C ALA L 14 -6.49 7.30 24.55
N ILE L 15 -6.33 5.96 24.61
CA ILE L 15 -5.47 5.31 25.57
C ILE L 15 -4.15 4.92 24.90
N TYR L 16 -3.05 5.48 25.40
CA TYR L 16 -1.71 5.22 24.87
C TYR L 16 -0.87 4.50 25.92
N GLY L 17 0.22 3.88 25.49
CA GLY L 17 1.10 3.17 26.41
C GLY L 17 1.98 2.14 25.74
N LYS L 18 2.94 1.64 26.53
CA LYS L 18 3.89 0.63 25.99
C LYS L 18 3.13 -0.64 25.62
N GLY L 19 3.72 -1.45 24.77
CA GLY L 19 3.12 -2.70 24.34
C GLY L 19 2.99 -3.68 25.49
N GLY L 20 1.81 -4.28 25.64
CA GLY L 20 1.55 -5.25 26.68
C GLY L 20 1.45 -4.67 28.08
N ILE L 21 1.27 -3.35 28.18
CA ILE L 21 1.15 -2.69 29.48
C ILE L 21 -0.27 -2.80 30.06
N GLY L 22 -1.26 -3.18 29.23
CA GLY L 22 -2.64 -3.34 29.66
C GLY L 22 -3.59 -2.30 29.10
N LYS L 23 -3.29 -1.77 27.91
CA LYS L 23 -4.16 -0.75 27.30
C LYS L 23 -5.47 -1.39 26.88
N SER L 24 -5.41 -2.53 26.18
CA SER L 24 -6.59 -3.24 25.68
C SER L 24 -7.46 -3.71 26.85
N THR L 25 -6.84 -4.19 27.93
CA THR L 25 -7.58 -4.66 29.09
C THR L 25 -8.26 -3.48 29.79
N THR L 26 -7.51 -2.41 30.06
CA THR L 26 -8.06 -1.22 30.71
C THR L 26 -9.17 -0.60 29.88
N THR L 27 -8.95 -0.38 28.57
CA THR L 27 -9.94 0.23 27.70
C THR L 27 -11.24 -0.59 27.62
N GLN L 28 -11.14 -1.91 27.41
CA GLN L 28 -12.33 -2.75 27.30
C GLN L 28 -13.14 -2.75 28.59
N ASN L 29 -12.48 -2.95 29.75
CA ASN L 29 -13.21 -2.97 31.02
C ASN L 29 -13.75 -1.58 31.38
N THR L 30 -13.07 -0.49 30.96
CA THR L 30 -13.54 0.86 31.24
C THR L 30 -14.81 1.09 30.43
N ALA L 31 -14.80 0.73 29.14
CA ALA L 31 -15.96 0.88 28.27
C ALA L 31 -17.11 -0.01 28.77
N ALA L 32 -16.79 -1.23 29.24
CA ALA L 32 -17.81 -2.15 29.76
C ALA L 32 -18.46 -1.58 31.03
N ALA L 33 -17.66 -0.92 31.89
CA ALA L 33 -18.19 -0.34 33.11
C ALA L 33 -19.10 0.84 32.78
N LEU L 34 -18.72 1.66 31.79
CA LEU L 34 -19.54 2.81 31.39
C LEU L 34 -20.86 2.35 30.79
N ALA L 35 -20.84 1.28 29.98
CA ALA L 35 -22.04 0.77 29.34
C ALA L 35 -22.94 0.02 30.32
N TYR L 36 -22.36 -0.78 31.20
CA TYR L 36 -23.12 -1.58 32.17
C TYR L 36 -23.59 -0.79 33.41
N PHE L 37 -22.66 -0.19 34.16
CA PHE L 37 -23.02 0.55 35.37
C PHE L 37 -23.67 1.90 35.12
N PHE L 38 -23.20 2.65 34.12
CA PHE L 38 -23.71 3.99 33.86
C PHE L 38 -24.57 4.12 32.59
N ASP L 39 -24.92 2.99 31.95
CA ASP L 39 -25.76 2.98 30.75
C ASP L 39 -25.35 3.98 29.67
N LYS L 40 -24.06 3.98 29.32
CA LYS L 40 -23.54 4.87 28.29
C LYS L 40 -23.36 4.13 26.97
N LYS L 41 -23.57 4.81 25.83
CA LYS L 41 -23.36 4.20 24.51
C LYS L 41 -21.88 4.40 24.20
N VAL L 42 -21.08 3.32 24.25
CA VAL L 42 -19.65 3.42 24.04
C VAL L 42 -19.21 2.72 22.76
N MET L 43 -18.06 3.15 22.20
CA MET L 43 -17.48 2.58 20.99
C MET L 43 -15.96 2.51 21.17
N ILE L 44 -15.34 1.42 20.72
CA ILE L 44 -13.90 1.24 20.82
C ILE L 44 -13.31 1.11 19.42
N HIS L 45 -12.26 1.88 19.13
CA HIS L 45 -11.56 1.83 17.85
C HIS L 45 -10.13 1.40 18.15
N GLY L 46 -9.83 0.15 17.88
CA GLY L 46 -8.49 -0.40 18.10
C GLY L 46 -7.49 0.13 17.11
N CYS L 47 -6.52 0.91 17.59
CA CYS L 47 -5.47 1.47 16.73
C CYS L 47 -4.13 0.82 17.08
N ASP L 48 -4.13 -0.50 17.31
CA ASP L 48 -2.94 -1.26 17.66
C ASP L 48 -2.79 -2.39 16.63
N PRO L 49 -1.61 -2.57 16.00
CA PRO L 49 -1.48 -3.65 15.01
C PRO L 49 -1.65 -5.07 15.58
N LYS L 50 -1.75 -5.23 16.91
CA LYS L 50 -1.96 -6.55 17.50
C LYS L 50 -3.35 -7.09 17.13
N ALA L 51 -4.34 -6.19 16.91
CA ALA L 51 -5.71 -6.53 16.52
C ALA L 51 -6.51 -7.36 17.53
N ASP L 52 -6.33 -7.07 18.83
CA ASP L 52 -7.08 -7.77 19.87
C ASP L 52 -7.62 -6.78 20.92
N SER L 53 -7.78 -5.51 20.54
CA SER L 53 -8.27 -4.47 21.45
C SER L 53 -9.77 -4.58 21.73
N THR L 54 -10.52 -5.33 20.92
CA THR L 54 -11.96 -5.53 21.09
C THR L 54 -12.29 -7.03 21.21
N ARG L 55 -11.33 -7.84 21.65
CA ARG L 55 -11.55 -9.31 21.71
C ARG L 55 -12.56 -9.66 22.81
N MET L 56 -12.31 -9.21 24.05
CA MET L 56 -13.19 -9.57 25.15
C MET L 56 -14.57 -8.95 25.11
N ILE L 57 -14.74 -7.84 24.38
CA ILE L 57 -16.07 -7.21 24.26
C ILE L 57 -16.88 -8.04 23.25
N LEU L 58 -16.21 -8.59 22.19
CA LEU L 58 -16.88 -9.45 21.19
C LEU L 58 -16.79 -10.94 21.58
N HIS L 59 -16.46 -11.24 22.85
CA HIS L 59 -16.39 -12.58 23.41
C HIS L 59 -15.33 -13.54 22.86
N GLY L 60 -14.05 -13.19 23.09
CA GLY L 60 -12.88 -13.95 22.70
C GLY L 60 -12.62 -13.96 21.21
N LYS L 61 -13.45 -13.24 20.45
CA LYS L 61 -13.30 -13.27 18.97
C LYS L 61 -12.39 -12.12 18.53
N PRO L 62 -11.14 -12.36 18.09
CA PRO L 62 -10.28 -11.28 17.56
C PRO L 62 -10.90 -10.77 16.27
N GLN L 63 -11.47 -9.58 16.32
CA GLN L 63 -12.16 -8.95 15.20
C GLN L 63 -11.39 -8.90 13.89
N ASP L 64 -12.13 -8.98 12.74
CA ASP L 64 -11.52 -8.84 11.43
C ASP L 64 -11.17 -7.36 11.31
N THR L 65 -9.90 -7.05 11.04
CA THR L 65 -9.48 -5.65 10.96
C THR L 65 -9.90 -5.01 9.63
N VAL L 66 -9.89 -3.67 9.58
CA VAL L 66 -10.24 -2.94 8.38
C VAL L 66 -9.23 -3.28 7.28
N MET L 67 -7.95 -3.35 7.63
CA MET L 67 -6.90 -3.67 6.67
C MET L 67 -7.08 -5.08 6.13
N ASP L 68 -7.47 -6.05 6.97
CA ASP L 68 -7.68 -7.43 6.53
C ASP L 68 -8.81 -7.49 5.51
N VAL L 69 -9.92 -6.79 5.77
CA VAL L 69 -11.06 -6.78 4.85
C VAL L 69 -10.66 -6.04 3.56
N LEU L 70 -9.88 -4.97 3.71
CA LEU L 70 -9.42 -4.18 2.55
C LEU L 70 -8.43 -5.00 1.72
N ARG L 71 -7.51 -5.69 2.37
CA ARG L 71 -6.45 -6.44 1.71
C ARG L 71 -7.00 -7.61 0.90
N GLU L 72 -8.00 -8.32 1.43
CA GLU L 72 -8.57 -9.48 0.74
C GLU L 72 -9.76 -9.12 -0.15
N GLU L 73 -10.66 -8.25 0.31
CA GLU L 73 -11.84 -7.88 -0.47
C GLU L 73 -11.63 -6.69 -1.42
N GLY L 74 -10.98 -5.62 -0.95
CA GLY L 74 -10.72 -4.46 -1.79
C GLY L 74 -10.99 -3.11 -1.16
N GLU L 75 -10.67 -2.03 -1.90
CA GLU L 75 -10.84 -0.63 -1.45
C GLU L 75 -12.27 -0.30 -1.03
N GLU L 76 -13.28 -0.69 -1.82
CA GLU L 76 -14.66 -0.37 -1.51
C GLU L 76 -15.47 -1.54 -0.94
N ALA L 77 -14.97 -2.78 -1.03
CA ALA L 77 -15.70 -3.92 -0.48
C ALA L 77 -15.96 -3.80 1.03
N VAL L 78 -15.34 -2.76 1.63
CA VAL L 78 -15.49 -2.52 3.10
C VAL L 78 -16.86 -1.91 3.41
N THR L 79 -17.64 -2.58 4.24
CA THR L 79 -18.94 -2.06 4.68
C THR L 79 -18.94 -2.01 6.22
N LEU L 80 -19.77 -1.15 6.84
CA LEU L 80 -19.81 -1.06 8.30
C LEU L 80 -20.18 -2.40 8.94
N GLU L 81 -20.98 -3.23 8.25
CA GLU L 81 -21.38 -4.52 8.79
C GLU L 81 -20.15 -5.42 8.95
N LYS L 82 -19.21 -5.36 8.00
CA LYS L 82 -18.01 -6.19 8.04
C LYS L 82 -16.90 -5.66 8.96
N VAL L 83 -16.84 -4.35 9.24
CA VAL L 83 -15.77 -3.81 10.09
C VAL L 83 -16.21 -3.31 11.47
N ARG L 84 -17.49 -2.96 11.66
CA ARG L 84 -17.98 -2.50 12.96
C ARG L 84 -18.91 -3.57 13.52
N LYS L 85 -18.50 -4.24 14.61
CA LYS L 85 -19.29 -5.31 15.22
C LYS L 85 -19.74 -4.92 16.63
N ILE L 86 -20.98 -5.28 17.02
CA ILE L 86 -21.52 -4.98 18.35
C ILE L 86 -21.15 -6.09 19.33
N GLY L 87 -20.84 -5.71 20.57
CA GLY L 87 -20.46 -6.65 21.63
C GLY L 87 -21.26 -6.46 22.91
N PHE L 88 -20.64 -6.76 24.06
CA PHE L 88 -21.27 -6.64 25.38
C PHE L 88 -21.95 -5.28 25.59
N LYS L 89 -23.21 -5.28 26.05
CA LYS L 89 -24.00 -4.08 26.30
C LYS L 89 -23.99 -3.09 25.12
N ASP L 90 -24.21 -3.62 23.91
CA ASP L 90 -24.25 -2.83 22.68
C ASP L 90 -23.03 -1.93 22.44
N ILE L 91 -21.82 -2.38 22.82
CA ILE L 91 -20.62 -1.58 22.61
C ILE L 91 -20.13 -1.82 21.18
N LEU L 92 -19.99 -0.74 20.39
CA LEU L 92 -19.53 -0.84 19.01
C LEU L 92 -18.02 -1.08 18.97
N CYS L 93 -17.54 -1.99 18.12
CA CYS L 93 -16.13 -2.35 18.02
C CYS L 93 -15.60 -2.24 16.61
N VAL L 94 -14.43 -1.62 16.45
CA VAL L 94 -13.75 -1.48 15.16
C VAL L 94 -12.27 -1.73 15.38
N GLU L 95 -11.60 -2.46 14.49
CA GLU L 95 -10.18 -2.73 14.61
C GLU L 95 -9.48 -2.26 13.35
N SER L 96 -8.49 -1.36 13.49
CA SER L 96 -7.77 -0.83 12.35
C SER L 96 -6.82 -1.87 11.74
N GLY L 97 -6.03 -2.53 12.58
CA GLY L 97 -5.06 -3.50 12.10
C GLY L 97 -3.84 -2.80 11.54
N GLY L 98 -3.22 -3.38 10.53
CA GLY L 98 -2.05 -2.78 9.91
C GLY L 98 -1.45 -3.62 8.81
N PRO L 99 -0.41 -3.11 8.13
CA PRO L 99 0.21 -3.90 7.05
C PRO L 99 1.06 -5.05 7.55
N GLU L 100 1.46 -5.94 6.62
CA GLU L 100 2.30 -7.09 6.95
C GLU L 100 3.66 -6.59 7.45
N PRO L 101 4.29 -7.21 8.46
CA PRO L 101 5.58 -6.71 8.93
C PRO L 101 6.62 -6.45 7.84
N GLY L 102 7.09 -5.22 7.78
CA GLY L 102 8.10 -4.80 6.81
C GLY L 102 7.58 -4.18 5.53
N VAL L 103 6.35 -4.51 5.10
CA VAL L 103 5.84 -3.97 3.84
C VAL L 103 5.73 -2.43 3.86
N GLY L 104 5.15 -1.82 4.91
CA GLY L 104 5.06 -0.38 4.97
C GLY L 104 4.74 0.14 6.36
N CYS L 105 4.54 1.45 6.46
CA CYS L 105 4.18 2.10 7.74
C CYS L 105 3.26 1.21 8.60
N ALA L 106 3.68 0.93 9.84
CA ALA L 106 2.83 0.17 10.76
C ALA L 106 1.55 0.92 11.15
N GLY L 107 1.64 2.24 11.22
CA GLY L 107 0.49 3.07 11.58
C GLY L 107 -0.47 3.33 10.42
N ARG L 108 -0.13 2.89 9.20
CA ARG L 108 -0.97 3.10 8.02
C ARG L 108 -2.37 2.54 8.21
N GLY L 109 -2.49 1.47 8.97
CA GLY L 109 -3.79 0.86 9.23
C GLY L 109 -4.73 1.77 10.00
N VAL L 110 -4.18 2.62 10.88
CA VAL L 110 -4.98 3.54 11.67
C VAL L 110 -5.56 4.63 10.78
N ILE L 111 -4.73 5.24 9.92
CA ILE L 111 -5.18 6.30 9.02
C ILE L 111 -6.28 5.80 8.10
N THR L 112 -6.04 4.66 7.44
CA THR L 112 -7.01 4.06 6.52
C THR L 112 -8.33 3.78 7.22
N ALA L 113 -8.29 3.22 8.43
CA ALA L 113 -9.51 2.89 9.16
C ALA L 113 -10.26 4.12 9.65
N VAL L 114 -9.56 5.15 10.15
CA VAL L 114 -10.22 6.36 10.64
C VAL L 114 -10.87 7.11 9.47
N ASP L 115 -10.12 7.28 8.36
CA ASP L 115 -10.67 7.98 7.19
C ASP L 115 -11.86 7.21 6.63
N MET L 116 -11.79 5.89 6.64
CA MET L 116 -12.89 5.06 6.17
C MET L 116 -14.08 5.19 7.11
N MET L 117 -13.81 5.29 8.41
CA MET L 117 -14.95 5.38 9.38
C MET L 117 -15.60 6.76 9.25
N ARG L 118 -14.80 7.79 8.95
CA ARG L 118 -15.34 9.13 8.76
C ARG L 118 -16.21 9.16 7.50
N GLU L 119 -15.74 8.52 6.41
CA GLU L 119 -16.48 8.46 5.15
C GLU L 119 -17.71 7.56 5.28
N LEU L 120 -17.57 6.38 5.88
CA LEU L 120 -18.67 5.44 6.07
C LEU L 120 -19.65 5.88 7.18
N GLU L 121 -19.31 6.95 7.94
CA GLU L 121 -20.14 7.45 9.03
C GLU L 121 -20.37 6.39 10.10
N GLY L 122 -19.28 5.78 10.58
CA GLY L 122 -19.38 4.75 11.59
C GLY L 122 -19.28 5.23 13.02
N TYR L 123 -19.12 6.56 13.24
CA TYR L 123 -19.10 7.11 14.59
C TYR L 123 -20.49 7.72 14.85
N PRO L 124 -21.42 7.00 15.52
CA PRO L 124 -22.75 7.58 15.74
C PRO L 124 -22.74 8.91 16.49
N ASP L 125 -23.69 9.79 16.16
CA ASP L 125 -23.79 11.10 16.81
C ASP L 125 -24.26 10.95 18.25
N ASP L 126 -25.15 9.99 18.51
CA ASP L 126 -25.70 9.75 19.86
C ASP L 126 -24.72 9.01 20.79
N LEU L 127 -23.45 8.95 20.41
CA LEU L 127 -22.43 8.26 21.24
C LEU L 127 -22.19 9.06 22.53
N ASP L 128 -21.84 8.37 23.62
CA ASP L 128 -21.56 9.02 24.90
C ASP L 128 -20.05 9.04 25.13
N ASN L 129 -19.37 7.94 24.81
CA ASN L 129 -17.93 7.83 24.98
C ASN L 129 -17.32 7.09 23.79
N LEU L 130 -16.17 7.57 23.29
CA LEU L 130 -15.47 6.94 22.19
C LEU L 130 -14.02 6.73 22.64
N PHE L 131 -13.51 5.49 22.52
CA PHE L 131 -12.14 5.18 22.95
C PHE L 131 -11.28 4.77 21.78
N PHE L 132 -10.00 5.14 21.83
CA PHE L 132 -9.01 4.79 20.81
C PHE L 132 -7.84 4.10 21.50
N ASP L 133 -7.73 2.77 21.37
CA ASP L 133 -6.63 2.02 21.97
C ASP L 133 -5.45 2.13 21.01
N VAL L 134 -4.52 3.06 21.28
CA VAL L 134 -3.38 3.30 20.37
C VAL L 134 -2.04 2.73 20.86
N LEU L 135 -1.19 2.32 19.89
CA LEU L 135 0.14 1.79 20.18
C LEU L 135 1.02 2.97 20.61
N GLY L 136 1.73 2.81 21.71
CA GLY L 136 2.57 3.88 22.24
C GLY L 136 4.07 3.63 22.23
N ASP L 137 4.52 2.54 21.61
CA ASP L 137 5.96 2.23 21.54
C ASP L 137 6.68 3.25 20.64
N VAL L 138 5.98 3.77 19.62
CA VAL L 138 6.49 4.80 18.71
C VAL L 138 5.35 5.78 18.48
N VAL L 139 5.65 7.09 18.52
CA VAL L 139 4.62 8.12 18.32
C VAL L 139 4.88 8.70 16.95
N CYS L 140 4.29 8.11 15.91
CA CYS L 140 4.50 8.59 14.55
C CYS L 140 3.48 7.99 13.60
N GLY L 141 3.30 8.64 12.46
CA GLY L 141 2.37 8.18 11.44
C GLY L 141 0.95 8.05 11.95
N GLY L 142 0.35 6.89 11.73
CA GLY L 142 -1.02 6.64 12.17
C GLY L 142 -1.17 6.63 13.68
N PHE L 143 -0.12 6.24 14.39
CA PHE L 143 -0.19 6.22 15.86
C PHE L 143 -0.27 7.65 16.41
N ALA L 144 0.30 8.63 15.70
CA ALA L 144 0.26 10.02 16.14
C ALA L 144 -1.00 10.74 15.61
N MET L 145 -1.78 10.10 14.71
CA MET L 145 -2.98 10.67 14.11
C MET L 145 -3.99 11.22 15.13
N PRO L 146 -4.39 10.48 16.20
CA PRO L 146 -5.35 11.07 17.14
C PRO L 146 -4.85 12.36 17.78
N LEU L 147 -3.53 12.55 17.87
CA LEU L 147 -2.98 13.78 18.44
C LEU L 147 -2.97 14.85 17.35
N ARG L 148 -2.31 14.54 16.22
CA ARG L 148 -2.17 15.42 15.04
C ARG L 148 -3.51 16.01 14.58
N ASP L 149 -4.49 15.14 14.29
CA ASP L 149 -5.80 15.56 13.81
C ASP L 149 -6.81 15.91 14.90
N GLY L 150 -6.52 15.59 16.16
CA GLY L 150 -7.41 15.89 17.26
C GLY L 150 -8.68 15.04 17.30
N LEU L 151 -8.54 13.72 17.08
CA LEU L 151 -9.69 12.82 17.13
C LEU L 151 -10.17 12.72 18.57
N ALA L 152 -9.24 12.63 19.52
CA ALA L 152 -9.56 12.55 20.94
C ALA L 152 -8.95 13.76 21.64
N GLN L 153 -9.73 14.41 22.49
CA GLN L 153 -9.25 15.58 23.22
C GLN L 153 -8.58 15.16 24.54
N GLU L 154 -9.08 14.09 25.18
CA GLU L 154 -8.50 13.61 26.44
C GLU L 154 -7.64 12.40 26.17
N ILE L 155 -6.36 12.48 26.54
CA ILE L 155 -5.42 11.35 26.31
C ILE L 155 -5.00 10.80 27.68
N TYR L 156 -5.03 9.47 27.83
CA TYR L 156 -4.64 8.84 29.09
C TYR L 156 -3.54 7.84 28.78
N ILE L 157 -2.50 7.81 29.60
CA ILE L 157 -1.39 6.90 29.38
C ILE L 157 -1.38 5.81 30.44
N VAL L 158 -1.37 4.54 30.01
CA VAL L 158 -1.31 3.42 30.93
C VAL L 158 0.17 3.10 31.10
N THR L 159 0.61 3.02 32.36
CA THR L 159 2.04 2.74 32.61
C THR L 159 2.23 2.12 34.00
N SER L 160 3.40 1.54 34.25
CA SER L 160 3.73 0.88 35.52
C SER L 160 5.09 1.45 36.00
N GLY L 161 5.63 0.91 37.10
CA GLY L 161 6.93 1.36 37.61
C GLY L 161 8.12 1.00 36.73
N GLU L 162 7.91 0.13 35.71
CA GLU L 162 8.96 -0.31 34.78
C GLU L 162 9.61 0.90 34.11
N MET L 163 10.95 0.88 33.92
CA MET L 163 11.66 1.99 33.28
C MET L 163 11.14 2.23 31.86
N MET L 164 11.06 1.17 31.06
CA MET L 164 10.56 1.28 29.69
C MET L 164 9.13 1.82 29.64
N ALA L 165 8.26 1.40 30.57
CA ALA L 165 6.88 1.85 30.59
C ALA L 165 6.83 3.35 30.85
N LEU L 166 7.69 3.86 31.75
CA LEU L 166 7.73 5.28 32.05
C LEU L 166 8.39 6.06 30.93
N TYR L 167 9.38 5.45 30.24
CA TYR L 167 10.06 6.11 29.12
C TYR L 167 9.05 6.32 28.00
N ALA L 168 8.26 5.28 27.66
CA ALA L 168 7.25 5.36 26.61
C ALA L 168 6.20 6.42 27.00
N ALA L 169 5.79 6.45 28.27
CA ALA L 169 4.81 7.42 28.75
C ALA L 169 5.35 8.83 28.61
N ASN L 170 6.64 9.04 28.92
CA ASN L 170 7.26 10.35 28.81
C ASN L 170 7.31 10.79 27.35
N ASN L 171 7.59 9.85 26.43
CA ASN L 171 7.63 10.17 25.00
C ASN L 171 6.24 10.51 24.50
N ILE L 172 5.22 9.81 24.98
CA ILE L 172 3.82 10.16 24.57
C ILE L 172 3.52 11.59 25.02
N ALA L 173 3.91 11.94 26.26
CA ALA L 173 3.67 13.28 26.78
C ALA L 173 4.33 14.33 25.86
N LYS L 174 5.50 14.02 25.30
CA LYS L 174 6.20 14.92 24.37
C LYS L 174 5.35 15.11 23.10
N GLY L 175 4.76 14.03 22.61
CA GLY L 175 3.90 14.07 21.43
C GLY L 175 2.63 14.85 21.68
N ILE L 176 2.09 14.78 22.91
CA ILE L 176 0.88 15.50 23.28
C ILE L 176 1.19 17.00 23.28
N LEU L 177 2.30 17.38 23.91
CA LEU L 177 2.70 18.81 24.02
C LEU L 177 2.83 19.42 22.63
N LYS L 178 3.49 18.71 21.70
CA LYS L 178 3.73 19.26 20.34
C LYS L 178 2.41 19.64 19.68
N TYR L 179 1.40 18.79 19.76
CA TYR L 179 0.14 19.04 19.07
C TYR L 179 -0.98 19.59 19.98
N ALA L 180 -0.63 20.00 21.21
CA ALA L 180 -1.59 20.54 22.18
C ALA L 180 -2.23 21.84 21.67
N GLU L 181 -1.43 22.75 21.13
CA GLU L 181 -1.93 24.04 20.66
C GLU L 181 -2.57 23.91 19.28
N GLN L 182 -1.96 23.09 18.41
CA GLN L 182 -2.45 22.87 17.05
C GLN L 182 -3.91 22.36 17.02
N SER L 183 -4.20 21.21 17.67
CA SER L 183 -5.55 20.64 17.63
C SER L 183 -6.30 20.59 18.98
N GLY L 184 -5.79 21.26 20.00
CA GLY L 184 -6.47 21.29 21.30
C GLY L 184 -6.46 19.99 22.08
N VAL L 185 -5.53 19.08 21.79
CA VAL L 185 -5.46 17.80 22.53
C VAL L 185 -4.74 18.05 23.85
N ARG L 186 -5.16 17.34 24.90
CA ARG L 186 -4.56 17.50 26.23
C ARG L 186 -4.41 16.16 26.95
N LEU L 187 -3.56 16.12 27.97
CA LEU L 187 -3.34 14.92 28.78
C LEU L 187 -4.31 14.93 29.96
N GLY L 188 -5.22 13.97 29.98
CA GLY L 188 -6.21 13.85 31.05
C GLY L 188 -5.62 13.34 32.35
N GLY L 189 -4.76 12.33 32.25
CA GLY L 189 -4.14 11.74 33.43
C GLY L 189 -3.31 10.51 33.11
N ILE L 190 -2.81 9.85 34.16
CA ILE L 190 -1.99 8.65 34.02
C ILE L 190 -2.66 7.49 34.74
N ILE L 191 -2.89 6.38 34.04
CA ILE L 191 -3.49 5.19 34.63
C ILE L 191 -2.33 4.27 34.99
N CYS L 192 -2.30 3.74 36.22
CA CYS L 192 -1.22 2.84 36.61
C CYS L 192 -1.69 1.41 36.67
N ASN L 193 -1.35 0.61 35.66
CA ASN L 193 -1.71 -0.81 35.68
C ASN L 193 -0.59 -1.43 36.50
N ALA L 194 -0.80 -1.47 37.83
CA ALA L 194 0.19 -1.98 38.77
C ALA L 194 0.63 -3.40 38.54
N ARG L 195 1.86 -3.71 38.99
CA ARG L 195 2.46 -5.04 38.89
C ARG L 195 2.74 -5.59 40.31
N ASN L 196 1.97 -5.11 41.33
CA ASN L 196 2.09 -5.52 42.72
C ASN L 196 3.54 -5.43 43.22
N VAL L 197 4.07 -4.20 43.29
CA VAL L 197 5.44 -3.94 43.74
C VAL L 197 5.39 -2.85 44.81
N ASP L 198 6.18 -3.01 45.88
CA ASP L 198 6.22 -2.02 46.96
C ASP L 198 6.86 -0.72 46.47
N GLY L 199 6.23 0.40 46.79
CA GLY L 199 6.73 1.71 46.39
C GLY L 199 6.33 2.15 45.00
N GLU L 200 5.56 1.32 44.28
CA GLU L 200 5.11 1.65 42.92
C GLU L 200 4.14 2.82 42.95
N LYS L 201 3.17 2.80 43.88
CA LYS L 201 2.18 3.86 44.04
C LYS L 201 2.87 5.20 44.29
N GLU L 202 3.87 5.19 45.16
CA GLU L 202 4.62 6.40 45.50
C GLU L 202 5.44 6.90 44.31
N LEU L 203 6.02 5.98 43.53
CA LEU L 203 6.80 6.34 42.35
C LEU L 203 5.90 7.03 41.32
N MET L 204 4.70 6.50 41.12
CA MET L 204 3.76 7.08 40.12
C MET L 204 3.34 8.47 40.58
N ASP L 205 3.09 8.66 41.88
CA ASP L 205 2.64 9.95 42.37
C ASP L 205 3.68 11.02 42.04
N GLU L 206 4.97 10.72 42.20
CA GLU L 206 6.04 11.66 41.89
C GLU L 206 6.19 11.83 40.38
N PHE L 207 6.01 10.75 39.61
CA PHE L 207 6.12 10.80 38.15
C PHE L 207 5.03 11.72 37.58
N CYS L 208 3.78 11.59 38.05
CA CYS L 208 2.66 12.43 37.59
C CYS L 208 2.88 13.87 38.05
N ASP L 209 3.40 14.04 39.27
CA ASP L 209 3.68 15.40 39.75
C ASP L 209 4.65 16.09 38.79
N LYS L 210 5.78 15.43 38.52
CA LYS L 210 6.80 16.03 37.66
C LYS L 210 6.26 16.33 36.26
N LEU L 211 5.32 15.50 35.78
CA LEU L 211 4.75 15.69 34.42
C LEU L 211 3.71 16.82 34.43
N GLY L 212 3.25 17.22 35.62
CA GLY L 212 2.21 18.23 35.74
C GLY L 212 0.82 17.67 35.53
N THR L 213 0.63 16.38 35.83
CA THR L 213 -0.66 15.71 35.67
C THR L 213 -1.02 14.93 36.95
N LYS L 214 -2.12 14.14 36.94
CA LYS L 214 -2.54 13.39 38.11
C LYS L 214 -2.69 11.90 37.82
N LEU L 215 -2.53 11.08 38.85
CA LEU L 215 -2.71 9.64 38.74
C LEU L 215 -4.23 9.40 38.79
N ILE L 216 -4.88 9.31 37.63
CA ILE L 216 -6.34 9.11 37.56
C ILE L 216 -6.80 7.87 38.35
N HIS L 217 -6.01 6.79 38.36
CA HIS L 217 -6.38 5.58 39.10
C HIS L 217 -5.23 4.58 39.16
N TYR L 218 -5.20 3.79 40.23
CA TYR L 218 -4.19 2.75 40.45
C TYR L 218 -4.89 1.41 40.25
N VAL L 219 -4.83 0.86 39.03
CA VAL L 219 -5.49 -0.41 38.73
C VAL L 219 -4.62 -1.56 39.26
N PRO L 220 -5.09 -2.34 40.26
CA PRO L 220 -4.24 -3.42 40.78
C PRO L 220 -4.18 -4.65 39.88
N ARG L 221 -3.16 -5.49 40.07
CA ARG L 221 -3.01 -6.71 39.30
C ARG L 221 -3.92 -7.78 39.94
N ASP L 222 -4.89 -8.31 39.18
CA ASP L 222 -5.81 -9.31 39.71
C ASP L 222 -5.96 -10.51 38.78
N ASN L 223 -5.93 -11.72 39.33
CA ASN L 223 -6.05 -12.95 38.55
C ASN L 223 -7.43 -13.11 37.90
N ILE L 224 -8.45 -12.41 38.43
CA ILE L 224 -9.80 -12.48 37.85
C ILE L 224 -9.80 -12.03 36.38
N VAL L 225 -8.83 -11.18 35.98
CA VAL L 225 -8.73 -10.71 34.60
C VAL L 225 -8.50 -11.92 33.70
N GLN L 226 -7.54 -12.78 34.07
CA GLN L 226 -7.22 -13.99 33.31
C GLN L 226 -8.41 -14.95 33.32
N LYS L 227 -9.08 -15.14 34.48
CA LYS L 227 -10.24 -16.03 34.58
C LYS L 227 -11.36 -15.56 33.66
N ALA L 228 -11.61 -14.25 33.62
CA ALA L 228 -12.64 -13.69 32.75
C ALA L 228 -12.23 -13.85 31.29
N GLU L 229 -10.93 -13.70 30.99
CA GLU L 229 -10.41 -13.86 29.63
C GLU L 229 -10.64 -15.28 29.12
N PHE L 230 -10.39 -16.32 29.94
CA PHE L 230 -10.63 -17.71 29.50
C PHE L 230 -12.12 -17.98 29.28
N ASN L 231 -13.02 -17.18 29.91
CA ASN L 231 -14.45 -17.33 29.68
C ASN L 231 -14.92 -16.38 28.54
N LYS L 232 -13.97 -15.88 27.71
CA LYS L 232 -14.28 -15.00 26.59
C LYS L 232 -15.09 -13.77 27.03
N MET L 233 -14.75 -13.20 28.20
CA MET L 233 -15.49 -12.05 28.71
C MET L 233 -14.60 -11.04 29.39
N THR L 234 -15.12 -9.82 29.56
CA THR L 234 -14.39 -8.78 30.29
C THR L 234 -14.71 -9.04 31.77
N VAL L 235 -13.97 -8.41 32.69
CA VAL L 235 -14.21 -8.60 34.12
C VAL L 235 -15.62 -8.11 34.51
N ILE L 236 -16.08 -7.01 33.87
CA ILE L 236 -17.40 -6.45 34.16
C ILE L 236 -18.49 -7.45 33.80
N GLU L 237 -18.39 -8.06 32.62
CA GLU L 237 -19.38 -9.04 32.16
C GLU L 237 -19.28 -10.35 32.95
N PHE L 238 -18.08 -10.75 33.33
CA PHE L 238 -17.89 -11.99 34.07
C PHE L 238 -18.42 -11.91 35.50
N ASP L 239 -17.98 -10.92 36.28
CA ASP L 239 -18.44 -10.77 37.65
C ASP L 239 -18.44 -9.29 38.01
N PRO L 240 -19.55 -8.56 37.80
CA PRO L 240 -19.56 -7.12 38.12
C PRO L 240 -19.51 -6.82 39.62
N GLU L 241 -19.55 -7.84 40.47
CA GLU L 241 -19.51 -7.64 41.92
C GLU L 241 -18.11 -7.83 42.52
N CYS L 242 -17.14 -8.37 41.75
CA CYS L 242 -15.79 -8.59 42.27
C CYS L 242 -15.05 -7.27 42.49
N ASN L 243 -14.03 -7.28 43.35
CA ASN L 243 -13.24 -6.09 43.66
C ASN L 243 -12.68 -5.43 42.38
N GLN L 244 -12.10 -6.22 41.49
CA GLN L 244 -11.49 -5.68 40.27
C GLN L 244 -12.53 -4.94 39.42
N ALA L 245 -13.77 -5.43 39.35
CA ALA L 245 -14.81 -4.76 38.58
C ALA L 245 -15.11 -3.39 39.19
N LYS L 246 -15.10 -3.29 40.53
CA LYS L 246 -15.35 -2.02 41.20
C LYS L 246 -14.15 -1.06 41.03
N GLU L 247 -12.93 -1.59 40.78
CA GLU L 247 -11.75 -0.76 40.50
C GLU L 247 -11.95 -0.12 39.11
N TYR L 248 -12.36 -0.92 38.12
CA TYR L 248 -12.60 -0.39 36.77
C TYR L 248 -13.78 0.56 36.75
N ARG L 249 -14.78 0.34 37.61
CA ARG L 249 -15.94 1.21 37.69
C ARG L 249 -15.50 2.58 38.21
N THR L 250 -14.63 2.60 39.23
CA THR L 250 -14.11 3.87 39.79
C THR L 250 -13.33 4.61 38.71
N LEU L 251 -12.46 3.91 37.98
CA LEU L 251 -11.68 4.51 36.90
C LEU L 251 -12.61 5.08 35.82
N ALA L 252 -13.65 4.32 35.42
CA ALA L 252 -14.61 4.76 34.40
C ALA L 252 -15.29 6.06 34.82
N LYS L 253 -15.67 6.18 36.10
CA LYS L 253 -16.30 7.37 36.62
C LYS L 253 -15.33 8.55 36.63
N ASN L 254 -14.08 8.31 37.06
CA ASN L 254 -13.05 9.34 37.13
C ASN L 254 -12.75 9.90 35.73
N ILE L 255 -12.64 9.04 34.72
CA ILE L 255 -12.37 9.49 33.35
C ILE L 255 -13.54 10.33 32.83
N ASP L 256 -14.76 9.80 32.95
CA ASP L 256 -15.96 10.49 32.47
C ASP L 256 -16.16 11.84 33.17
N GLU L 257 -15.87 11.90 34.48
CA GLU L 257 -16.03 13.14 35.25
C GLU L 257 -14.73 13.95 35.35
N ASN L 258 -13.75 13.70 34.46
CA ASN L 258 -12.48 14.44 34.53
C ASN L 258 -12.56 15.77 33.79
N ASP L 259 -12.14 16.83 34.47
CA ASP L 259 -12.11 18.18 33.90
C ASP L 259 -10.69 18.79 33.93
N GLU L 260 -9.75 18.16 34.67
CA GLU L 260 -8.38 18.64 34.77
C GLU L 260 -7.53 18.18 33.59
N LEU L 261 -7.72 18.81 32.42
CA LEU L 261 -6.95 18.51 31.22
C LEU L 261 -5.75 19.45 31.21
N VAL L 262 -4.53 18.92 31.05
CA VAL L 262 -3.33 19.74 31.11
C VAL L 262 -2.33 19.49 29.96
N LYS L 263 -1.42 20.44 29.78
CA LYS L 263 -0.34 20.35 28.80
C LYS L 263 0.80 19.77 29.65
N PRO L 264 1.30 18.56 29.37
CA PRO L 264 2.35 17.99 30.24
C PRO L 264 3.71 18.68 30.18
N THR L 265 4.56 18.40 31.17
CA THR L 265 5.91 18.94 31.24
C THR L 265 6.85 17.73 31.24
N PRO L 266 7.12 17.13 30.07
CA PRO L 266 8.00 15.95 30.05
C PRO L 266 9.34 16.16 30.74
N MET L 267 9.93 15.06 31.21
CA MET L 267 11.20 15.09 31.93
C MET L 267 12.37 14.76 31.00
N THR L 268 13.58 15.11 31.41
CA THR L 268 14.79 14.79 30.64
C THR L 268 15.16 13.33 30.95
N MET L 269 16.06 12.75 30.15
CA MET L 269 16.53 11.38 30.32
C MET L 269 17.12 11.19 31.72
N ASP L 270 17.94 12.15 32.17
CA ASP L 270 18.59 12.12 33.48
C ASP L 270 17.55 12.19 34.61
N GLU L 271 16.55 13.08 34.48
CA GLU L 271 15.51 13.23 35.49
C GLU L 271 14.72 11.92 35.66
N LEU L 272 14.40 11.26 34.55
CA LEU L 272 13.65 10.00 34.59
C LEU L 272 14.48 8.87 35.17
N GLU L 273 15.75 8.76 34.78
CA GLU L 273 16.62 7.71 35.30
C GLU L 273 16.83 7.91 36.81
N GLU L 274 17.03 9.16 37.24
CA GLU L 274 17.21 9.48 38.66
C GLU L 274 16.00 9.04 39.48
N LEU L 275 14.78 9.20 38.93
CA LEU L 275 13.55 8.83 39.62
C LEU L 275 13.45 7.33 39.79
N VAL L 276 13.79 6.56 38.75
CA VAL L 276 13.73 5.10 38.81
C VAL L 276 14.77 4.56 39.81
N VAL L 277 15.99 5.13 39.85
CA VAL L 277 17.03 4.68 40.77
C VAL L 277 16.64 5.01 42.22
N LYS L 278 15.97 6.16 42.43
CA LYS L 278 15.54 6.58 43.76
C LYS L 278 14.66 5.52 44.42
N TYR L 279 13.64 5.04 43.72
CA TYR L 279 12.73 4.04 44.26
C TYR L 279 13.30 2.62 44.13
N GLY L 280 13.97 2.33 43.02
CA GLY L 280 14.58 1.03 42.79
C GLY L 280 13.98 0.28 41.62
#